data_7CE1
#
_entry.id   7CE1
#
_cell.length_a   107.900
_cell.length_b   218.960
_cell.length_c   284.140
_cell.angle_alpha   90.000
_cell.angle_beta   90.000
_cell.angle_gamma   90.000
#
_symmetry.space_group_name_H-M   'P 21 21 21'
#
loop_
_entity.id
_entity.type
_entity.pdbx_description
1 polymer 'LacI-type transcription factor'
2 polymer 'promoter DNA'
3 water water
#
loop_
_entity_poly.entity_id
_entity_poly.type
_entity_poly.pdbx_seq_one_letter_code
_entity_poly.pdbx_strand_id
1 'polypeptide(L)'
;ERPTLKTIAYMTGLGITTVSRALKDAPDIGAETKERVRLIAQQIGYQPNRAGVRLRTGKTNVIALVLSVDEELMGFTSQM
VFGITEVLATTQYHLVVTPHTHAKDSMVPIRYILETGSADGVIISKIEPNDPRVRFMTERKMPFVTHGRSDMGIEHAYHD
FDNEAYAYEAVERLAQCGRKRIAIIVPPSRFAFHDHARKGFTRGIRDFGVSEFPLDAITIETPLDKIRDFGKRLMQSDDR
PDGIVSISGSSTIALVAGFEAAGVRIGKDIDIVSKQSAEFLNWIQPQIHTVNEDIKLAGRELAKALLARINGAPPETLQS
VSRPVWSSMAPKPLEHHHHHH
;
A,B,C,D,G,H,K,L,O,P,S,T
2 'polydeoxyribonucleotide' (DT)(DA)(DT)(DC)(DT)(DG)(DC)(DA)(DA)(DC)(DG)(DT)(DT)(DG)(DC)(DA)(DG)(DA) a,b,c,d,g,h,k,l,o,p,s,t
#
# COMPACT_ATOMS: atom_id res chain seq x y z
N GLU A 1 -30.70 -54.26 55.15
CA GLU A 1 -29.55 -55.04 55.54
C GLU A 1 -28.26 -54.24 55.67
N ARG A 2 -28.17 -53.12 54.97
CA ARG A 2 -26.96 -52.30 55.06
C ARG A 2 -26.82 -51.71 56.44
N PRO A 3 -25.64 -51.88 57.06
CA PRO A 3 -25.48 -51.41 58.43
C PRO A 3 -25.44 -49.90 58.53
N THR A 4 -26.06 -49.38 59.59
CA THR A 4 -26.17 -47.96 59.84
C THR A 4 -25.74 -47.73 61.27
N LEU A 5 -25.59 -46.47 61.68
CA LEU A 5 -25.26 -46.18 63.07
C LEU A 5 -26.33 -46.77 63.98
N LYS A 6 -27.58 -46.71 63.55
CA LYS A 6 -28.68 -47.33 64.27
C LYS A 6 -28.47 -48.83 64.43
N THR A 7 -28.07 -49.47 63.33
CA THR A 7 -27.85 -50.91 63.33
C THR A 7 -26.75 -51.31 64.32
N ILE A 8 -25.66 -50.55 64.34
CA ILE A 8 -24.59 -50.77 65.31
C ILE A 8 -25.06 -50.59 66.75
N ALA A 9 -25.77 -49.49 67.00
CA ALA A 9 -26.28 -49.18 68.33
C ALA A 9 -27.19 -50.26 68.88
N TYR A 10 -27.99 -50.86 68.01
CA TYR A 10 -28.92 -51.90 68.42
C TYR A 10 -28.21 -53.14 68.95
N MET A 11 -27.24 -53.63 68.19
CA MET A 11 -26.47 -54.81 68.54
C MET A 11 -25.63 -54.58 69.79
N THR A 12 -25.09 -53.38 69.93
CA THR A 12 -24.19 -53.06 71.03
C THR A 12 -25.01 -52.80 72.30
N GLY A 13 -26.32 -52.61 72.09
CA GLY A 13 -27.20 -51.86 72.97
C GLY A 13 -26.64 -50.56 73.53
N LEU A 14 -26.06 -49.75 72.64
CA LEU A 14 -25.52 -48.46 73.02
C LEU A 14 -26.39 -47.42 72.35
N GLY A 15 -26.11 -46.16 72.65
CA GLY A 15 -26.81 -45.04 72.08
C GLY A 15 -26.21 -44.64 70.74
N ILE A 16 -27.03 -44.51 69.71
CA ILE A 16 -26.56 -44.04 68.40
C ILE A 16 -25.49 -42.95 68.53
N THR A 17 -25.68 -42.02 69.44
CA THR A 17 -24.71 -40.96 69.61
C THR A 17 -23.41 -41.52 70.10
N THR A 18 -23.48 -42.46 71.00
CA THR A 18 -22.27 -43.10 71.51
C THR A 18 -21.51 -43.72 70.35
N VAL A 19 -22.22 -44.39 69.45
CA VAL A 19 -21.61 -45.05 68.31
C VAL A 19 -20.92 -44.04 67.41
N SER A 20 -21.63 -42.98 67.07
CA SER A 20 -21.10 -41.91 66.23
C SER A 20 -19.87 -41.32 66.92
N ARG A 21 -20.00 -41.06 68.21
CA ARG A 21 -18.92 -40.47 68.98
C ARG A 21 -17.78 -41.47 69.18
N ALA A 22 -18.11 -42.76 69.12
CA ALA A 22 -17.13 -43.83 69.27
C ALA A 22 -16.28 -44.05 68.03
N LEU A 23 -16.92 -44.03 66.86
CA LEU A 23 -16.23 -44.30 65.61
C LEU A 23 -15.23 -43.19 65.31
N LYS A 24 -15.57 -41.99 65.75
CA LYS A 24 -14.69 -40.84 65.57
C LYS A 24 -13.89 -40.64 66.85
N ASP A 25 -12.63 -40.25 66.71
CA ASP A 25 -11.76 -40.03 67.86
C ASP A 25 -12.38 -39.08 68.87
N ALA A 26 -12.69 -39.59 70.05
CA ALA A 26 -13.30 -38.77 71.10
C ALA A 26 -12.90 -39.19 72.50
N PRO A 27 -12.48 -38.21 73.32
CA PRO A 27 -12.07 -38.34 74.71
C PRO A 27 -13.27 -38.63 75.60
N ASP A 28 -14.41 -38.14 75.12
CA ASP A 28 -15.69 -38.21 75.80
C ASP A 28 -16.08 -39.67 76.08
N ILE A 29 -15.82 -40.56 75.12
CA ILE A 29 -16.22 -41.94 75.29
C ILE A 29 -15.19 -42.79 76.02
N GLY A 30 -15.60 -43.92 76.57
CA GLY A 30 -14.70 -44.78 77.29
C GLY A 30 -14.00 -45.76 76.40
N ALA A 31 -12.73 -45.99 76.71
CA ALA A 31 -11.86 -46.89 75.95
C ALA A 31 -12.49 -48.19 75.54
N GLU A 32 -13.06 -48.91 76.50
CA GLU A 32 -13.66 -50.19 76.19
C GLU A 32 -14.84 -50.05 75.27
N THR A 33 -15.62 -49.00 75.45
CA THR A 33 -16.77 -48.79 74.62
C THR A 33 -16.32 -48.49 73.22
N LYS A 34 -15.29 -47.68 73.11
CA LYS A 34 -14.76 -47.32 71.83
C LYS A 34 -14.33 -48.55 71.08
N GLU A 35 -13.40 -49.28 71.68
CA GLU A 35 -12.86 -50.47 71.04
C GLU A 35 -13.96 -51.47 70.69
N ARG A 36 -15.02 -51.51 71.49
CA ARG A 36 -16.16 -52.36 71.13
C ARG A 36 -16.77 -51.90 69.82
N VAL A 37 -16.97 -50.59 69.70
CA VAL A 37 -17.62 -50.04 68.52
C VAL A 37 -16.69 -50.08 67.30
N ARG A 38 -15.40 -49.81 67.48
CA ARG A 38 -14.48 -49.81 66.35
C ARG A 38 -14.35 -51.22 65.79
N LEU A 39 -14.50 -52.20 66.67
CA LEU A 39 -14.36 -53.59 66.26
C LEU A 39 -15.59 -54.15 65.59
N ILE A 40 -16.76 -53.89 66.17
CA ILE A 40 -18.02 -54.32 65.56
C ILE A 40 -18.22 -53.60 64.22
N ALA A 41 -17.77 -52.36 64.15
CA ALA A 41 -17.87 -51.58 62.92
C ALA A 41 -17.06 -52.26 61.83
N GLN A 42 -15.85 -52.70 62.15
CA GLN A 42 -14.98 -53.33 61.17
C GLN A 42 -15.56 -54.66 60.68
N GLN A 43 -16.19 -55.41 61.59
CA GLN A 43 -16.71 -56.74 61.27
C GLN A 43 -17.94 -56.75 60.37
N ILE A 44 -18.82 -55.78 60.58
CA ILE A 44 -20.03 -55.74 59.77
C ILE A 44 -19.78 -55.05 58.44
N GLY A 45 -18.79 -54.17 58.41
CA GLY A 45 -18.41 -53.55 57.16
C GLY A 45 -19.08 -52.20 57.05
N TYR A 46 -19.22 -51.50 58.18
CA TYR A 46 -19.98 -50.27 58.16
C TYR A 46 -19.23 -49.16 57.47
N GLN A 47 -19.85 -48.60 56.42
CA GLN A 47 -19.36 -47.39 55.79
C GLN A 47 -20.47 -46.36 55.86
N PRO A 48 -20.17 -45.24 56.47
CA PRO A 48 -21.07 -44.14 56.73
C PRO A 48 -21.82 -43.74 55.50
N ASN A 49 -23.11 -43.61 55.59
CA ASN A 49 -23.85 -43.20 54.42
C ASN A 49 -23.43 -41.81 54.16
N ARG A 50 -22.92 -41.54 52.97
CA ARG A 50 -22.41 -40.22 52.64
C ARG A 50 -23.45 -39.14 52.62
N ALA A 51 -24.57 -39.41 51.98
CA ALA A 51 -25.62 -38.42 51.90
C ALA A 51 -26.05 -37.99 53.26
N GLY A 52 -25.77 -38.82 54.25
CA GLY A 52 -26.15 -38.50 55.59
C GLY A 52 -25.10 -37.62 56.19
N VAL A 53 -23.85 -37.94 55.92
CA VAL A 53 -22.81 -37.14 56.49
C VAL A 53 -22.74 -35.83 55.77
N ARG A 54 -23.14 -35.82 54.52
CA ARG A 54 -23.07 -34.59 53.73
C ARG A 54 -24.21 -33.62 54.04
N LEU A 55 -25.36 -34.17 54.45
CA LEU A 55 -26.52 -33.35 54.78
C LEU A 55 -26.26 -32.52 56.04
N ARG A 56 -25.74 -33.17 57.05
CA ARG A 56 -25.46 -32.59 58.32
C ARG A 56 -24.21 -31.73 58.32
N THR A 57 -23.05 -32.35 58.22
CA THR A 57 -21.76 -31.68 58.12
C THR A 57 -21.41 -31.41 56.65
N GLY A 58 -20.82 -30.24 56.40
CA GLY A 58 -20.44 -29.84 55.06
C GLY A 58 -19.75 -30.89 54.20
N LYS A 59 -19.05 -31.84 54.84
CA LYS A 59 -18.13 -32.76 54.17
C LYS A 59 -18.77 -33.46 52.99
N THR A 60 -18.18 -33.29 51.80
CA THR A 60 -18.68 -33.98 50.62
C THR A 60 -17.91 -35.27 50.32
N ASN A 61 -16.74 -35.43 50.93
CA ASN A 61 -15.85 -36.53 50.61
C ASN A 61 -15.75 -36.75 49.10
N VAL A 62 -15.62 -35.64 48.39
CA VAL A 62 -15.49 -35.64 46.93
C VAL A 62 -14.34 -34.75 46.49
N ILE A 63 -13.51 -35.26 45.59
CA ILE A 63 -12.49 -34.44 44.96
C ILE A 63 -12.84 -34.29 43.49
N ALA A 64 -12.93 -33.04 43.03
CA ALA A 64 -13.30 -32.75 41.66
C ALA A 64 -12.09 -32.49 40.78
N LEU A 65 -11.99 -33.23 39.68
CA LEU A 65 -10.97 -32.99 38.68
C LEU A 65 -11.58 -32.29 37.47
N VAL A 66 -11.16 -31.06 37.20
CA VAL A 66 -11.67 -30.35 36.05
C VAL A 66 -10.70 -30.43 34.88
N LEU A 67 -11.27 -30.71 33.72
CA LEU A 67 -10.50 -30.99 32.52
C LEU A 67 -10.99 -30.17 31.34
N SER A 68 -10.09 -29.52 30.60
CA SER A 68 -10.49 -28.92 29.35
C SER A 68 -10.68 -30.11 28.43
N VAL A 69 -11.76 -30.14 27.67
CA VAL A 69 -11.96 -31.24 26.73
C VAL A 69 -10.93 -31.28 25.59
N ASP A 70 -10.47 -30.12 25.12
CA ASP A 70 -9.39 -30.13 24.14
C ASP A 70 -8.07 -30.41 24.88
N GLU A 71 -7.42 -31.47 24.42
CA GLU A 71 -6.21 -32.00 25.01
C GLU A 71 -5.23 -32.45 23.95
N GLU A 72 -3.96 -32.49 24.34
CA GLU A 72 -2.88 -32.97 23.52
C GLU A 72 -3.23 -34.41 23.13
N LEU A 73 -2.96 -34.78 21.88
CA LEU A 73 -3.31 -36.12 21.40
C LEU A 73 -2.60 -37.17 22.25
N MET A 74 -1.33 -36.92 22.53
CA MET A 74 -0.54 -37.84 23.35
C MET A 74 -0.42 -37.38 24.79
N GLY A 75 -1.41 -36.66 25.27
CA GLY A 75 -1.39 -36.18 26.64
C GLY A 75 -1.61 -37.24 27.70
N PHE A 76 -1.90 -38.48 27.26
CA PHE A 76 -2.27 -39.59 28.15
C PHE A 76 -2.90 -39.13 29.44
N THR A 77 -4.01 -38.41 29.30
CA THR A 77 -4.62 -37.71 30.42
C THR A 77 -5.10 -38.73 31.44
N SER A 78 -5.47 -39.90 30.92
CA SER A 78 -5.95 -41.03 31.72
C SER A 78 -4.96 -41.43 32.81
N GLN A 79 -3.67 -41.29 32.53
CA GLN A 79 -2.66 -41.64 33.52
C GLN A 79 -2.78 -40.77 34.76
N MET A 80 -3.12 -39.50 34.56
CA MET A 80 -3.32 -38.56 35.67
C MET A 80 -4.43 -39.02 36.61
N VAL A 81 -5.52 -39.49 36.03
CA VAL A 81 -6.65 -39.99 36.80
C VAL A 81 -6.24 -41.15 37.72
N PHE A 82 -5.51 -42.11 37.16
CA PHE A 82 -5.06 -43.28 37.92
C PHE A 82 -4.10 -42.94 39.05
N GLY A 83 -3.22 -41.96 38.82
CA GLY A 83 -2.35 -41.47 39.86
C GLY A 83 -3.14 -40.97 41.05
N ILE A 84 -4.20 -40.22 40.77
CA ILE A 84 -5.06 -39.66 41.81
C ILE A 84 -5.82 -40.75 42.54
N THR A 85 -6.48 -41.62 41.77
CA THR A 85 -7.34 -42.65 42.33
C THR A 85 -6.55 -43.63 43.20
N GLU A 86 -5.32 -43.93 42.79
CA GLU A 86 -4.44 -44.77 43.59
C GLU A 86 -4.27 -44.16 44.98
N VAL A 87 -4.04 -42.85 45.02
CA VAL A 87 -3.87 -42.13 46.28
C VAL A 87 -5.16 -42.12 47.08
N LEU A 88 -6.27 -41.88 46.40
CA LEU A 88 -7.56 -41.72 47.04
C LEU A 88 -8.09 -43.04 47.58
N ALA A 89 -7.52 -44.15 47.10
CA ALA A 89 -7.98 -45.49 47.45
C ALA A 89 -7.99 -45.82 48.95
N THR A 90 -7.00 -45.32 49.69
CA THR A 90 -6.98 -45.52 51.15
C THR A 90 -8.10 -44.75 51.84
N THR A 91 -8.42 -43.57 51.32
CA THR A 91 -9.37 -42.64 51.95
C THR A 91 -10.85 -42.80 51.55
N GLN A 92 -11.67 -41.91 52.10
CA GLN A 92 -13.12 -41.86 51.86
C GLN A 92 -13.54 -40.93 50.73
N TYR A 93 -12.57 -40.41 50.00
CA TYR A 93 -12.87 -39.53 48.88
C TYR A 93 -13.27 -40.26 47.61
N HIS A 94 -14.17 -39.64 46.84
CA HIS A 94 -14.54 -40.12 45.54
C HIS A 94 -13.99 -39.12 44.53
N LEU A 95 -13.81 -39.54 43.29
CA LEU A 95 -13.27 -38.62 42.29
C LEU A 95 -14.31 -38.35 41.23
N VAL A 96 -14.74 -37.10 41.14
CA VAL A 96 -15.70 -36.73 40.13
C VAL A 96 -15.00 -35.96 39.03
N VAL A 97 -15.45 -36.18 37.80
CA VAL A 97 -14.89 -35.50 36.67
C VAL A 97 -15.91 -34.50 36.20
N THR A 98 -15.44 -33.28 36.04
CA THR A 98 -16.26 -32.19 35.55
C THR A 98 -15.44 -31.47 34.52
N PRO A 99 -15.75 -31.67 33.24
CA PRO A 99 -15.02 -31.03 32.16
C PRO A 99 -15.73 -29.79 31.62
N HIS A 100 -14.94 -28.88 31.04
CA HIS A 100 -15.45 -27.73 30.33
C HIS A 100 -15.04 -27.85 28.85
N THR A 101 -15.88 -27.34 27.96
CA THR A 101 -15.72 -27.62 26.53
C THR A 101 -15.01 -26.50 25.71
N HIS A 102 -14.14 -25.72 26.39
CA HIS A 102 -13.32 -24.64 25.77
C HIS A 102 -12.80 -23.64 26.82
N ALA A 103 -11.70 -22.94 26.51
CA ALA A 103 -11.09 -21.93 27.38
C ALA A 103 -12.09 -20.82 27.71
N LYS A 104 -13.04 -20.60 26.82
CA LYS A 104 -14.07 -19.61 27.06
C LYS A 104 -14.83 -20.05 28.32
N ASP A 105 -15.19 -21.31 28.37
CA ASP A 105 -15.89 -21.88 29.53
C ASP A 105 -15.01 -22.19 30.78
N SER A 106 -13.80 -21.65 30.90
CA SER A 106 -12.90 -22.22 31.91
C SER A 106 -13.28 -21.98 33.36
N MET A 107 -14.08 -20.95 33.64
CA MET A 107 -14.49 -20.67 35.02
C MET A 107 -15.84 -21.27 35.41
N VAL A 108 -16.62 -21.71 34.41
CA VAL A 108 -17.97 -22.18 34.70
C VAL A 108 -18.02 -23.43 35.63
N PRO A 109 -17.16 -24.45 35.42
CA PRO A 109 -17.32 -25.56 36.37
C PRO A 109 -16.89 -25.17 37.78
N ILE A 110 -15.89 -24.31 37.89
CA ILE A 110 -15.39 -23.87 39.19
C ILE A 110 -16.44 -23.07 39.96
N ARG A 111 -17.18 -22.21 39.27
CA ARG A 111 -18.23 -21.48 39.98
C ARG A 111 -19.34 -22.45 40.35
N TYR A 112 -19.60 -23.43 39.49
CA TYR A 112 -20.55 -24.50 39.79
C TYR A 112 -20.20 -25.17 41.10
N ILE A 113 -18.93 -25.54 41.23
CA ILE A 113 -18.45 -26.29 42.37
C ILE A 113 -18.60 -25.49 43.65
N LEU A 114 -18.16 -24.24 43.65
CA LEU A 114 -18.23 -23.41 44.84
C LEU A 114 -19.68 -23.07 45.19
N GLU A 115 -20.48 -22.82 44.16
CA GLU A 115 -21.88 -22.46 44.34
C GLU A 115 -22.71 -23.59 44.93
N THR A 116 -22.58 -24.79 44.37
CA THR A 116 -23.35 -25.93 44.88
C THR A 116 -22.61 -26.61 46.03
N GLY A 117 -21.35 -26.25 46.23
CA GLY A 117 -20.54 -26.82 47.29
C GLY A 117 -20.36 -28.31 47.19
N SER A 118 -20.19 -28.80 45.96
CA SER A 118 -20.20 -30.22 45.66
C SER A 118 -18.81 -30.86 45.65
N ALA A 119 -17.85 -30.24 46.32
CA ALA A 119 -16.48 -30.76 46.37
C ALA A 119 -15.70 -30.22 47.57
N ASP A 120 -14.79 -31.04 48.11
CA ASP A 120 -13.92 -30.63 49.21
C ASP A 120 -12.59 -30.08 48.74
N GLY A 121 -12.22 -30.41 47.51
CA GLY A 121 -11.06 -29.83 46.86
C GLY A 121 -11.15 -29.98 45.36
N VAL A 122 -10.40 -29.15 44.65
CA VAL A 122 -10.45 -29.12 43.20
C VAL A 122 -9.06 -29.24 42.59
N ILE A 123 -8.96 -29.97 41.48
CA ILE A 123 -7.71 -30.09 40.75
C ILE A 123 -7.87 -29.45 39.39
N ILE A 124 -6.98 -28.54 39.05
CA ILE A 124 -7.07 -27.82 37.77
C ILE A 124 -5.74 -27.83 37.04
N SER A 125 -5.83 -27.68 35.72
CA SER A 125 -4.66 -27.69 34.85
C SER A 125 -4.75 -26.48 33.93
N LYS A 126 -3.78 -26.35 33.03
CA LYS A 126 -3.76 -25.25 32.07
C LYS A 126 -3.76 -23.91 32.79
N ILE A 127 -2.76 -23.73 33.64
CA ILE A 127 -2.64 -22.55 34.46
C ILE A 127 -2.02 -21.43 33.64
N GLU A 128 -2.58 -20.23 33.74
CA GLU A 128 -2.03 -19.04 33.10
C GLU A 128 -1.26 -18.20 34.12
N PRO A 129 -0.45 -17.22 33.65
CA PRO A 129 0.31 -16.40 34.58
C PRO A 129 -0.62 -15.70 35.54
N ASN A 130 -1.60 -14.96 35.01
CA ASN A 130 -2.68 -14.43 35.83
C ASN A 130 -3.95 -15.27 35.67
N ASP A 131 -4.13 -16.30 36.51
CA ASP A 131 -5.28 -17.18 36.33
C ASP A 131 -6.41 -16.82 37.29
N PRO A 132 -7.61 -16.58 36.74
CA PRO A 132 -8.80 -16.18 37.50
C PRO A 132 -9.32 -17.27 38.44
N ARG A 133 -9.23 -18.54 38.04
CA ARG A 133 -9.74 -19.63 38.87
C ARG A 133 -8.90 -19.76 40.14
N VAL A 134 -7.61 -19.48 40.01
CA VAL A 134 -6.70 -19.52 41.14
C VAL A 134 -7.11 -18.48 42.18
N ARG A 135 -7.45 -17.29 41.72
CA ARG A 135 -7.88 -16.23 42.61
C ARG A 135 -9.27 -16.44 43.13
N PHE A 136 -10.12 -17.00 42.28
CA PHE A 136 -11.49 -17.23 42.70
C PHE A 136 -11.53 -18.19 43.88
N MET A 137 -10.82 -19.31 43.77
CA MET A 137 -10.88 -20.32 44.83
C MET A 137 -10.09 -19.93 46.06
N THR A 138 -8.99 -19.20 45.89
CA THR A 138 -8.26 -18.71 47.04
C THR A 138 -9.07 -17.66 47.80
N GLU A 139 -9.75 -16.78 47.07
CA GLU A 139 -10.52 -15.75 47.75
C GLU A 139 -11.86 -16.29 48.26
N ARG A 140 -12.37 -17.35 47.64
CA ARG A 140 -13.58 -17.99 48.16
C ARG A 140 -13.23 -19.15 49.11
N LYS A 141 -11.95 -19.29 49.44
CA LYS A 141 -11.45 -20.22 50.46
C LYS A 141 -11.61 -21.72 50.15
N MET A 142 -11.63 -22.06 48.87
CA MET A 142 -11.77 -23.46 48.41
C MET A 142 -10.42 -24.17 48.26
N PRO A 143 -10.25 -25.30 48.96
CA PRO A 143 -8.98 -26.04 48.81
C PRO A 143 -8.79 -26.49 47.37
N PHE A 144 -7.58 -26.33 46.84
CA PHE A 144 -7.31 -26.72 45.46
C PHE A 144 -5.82 -26.93 45.23
N VAL A 145 -5.50 -27.54 44.09
CA VAL A 145 -4.14 -27.77 43.70
C VAL A 145 -4.07 -27.61 42.19
N THR A 146 -2.95 -27.13 41.67
CA THR A 146 -2.84 -26.85 40.25
C THR A 146 -1.75 -27.68 39.60
N HIS A 147 -2.05 -28.18 38.41
CA HIS A 147 -1.01 -28.78 37.59
C HIS A 147 -0.39 -27.65 36.78
N GLY A 148 0.64 -27.04 37.37
CA GLY A 148 1.27 -25.86 36.83
C GLY A 148 1.45 -24.82 37.93
N ARG A 149 2.17 -23.75 37.61
CA ARG A 149 2.48 -22.72 38.59
C ARG A 149 1.89 -21.37 38.16
N SER A 150 1.83 -20.42 39.09
CA SER A 150 1.20 -19.12 38.80
C SER A 150 2.11 -17.97 39.18
N ASP A 151 2.02 -16.88 38.42
CA ASP A 151 2.87 -15.71 38.64
C ASP A 151 2.10 -14.51 39.23
N MET A 152 1.11 -14.77 40.09
CA MET A 152 0.19 -13.71 40.50
C MET A 152 0.42 -13.37 41.95
N GLY A 153 1.47 -13.92 42.53
CA GLY A 153 1.76 -13.69 43.93
C GLY A 153 0.93 -14.47 44.93
N ILE A 154 0.26 -15.54 44.49
CA ILE A 154 -0.48 -16.38 45.43
C ILE A 154 0.21 -17.71 45.61
N GLU A 155 0.46 -18.08 46.86
CA GLU A 155 1.03 -19.40 47.09
C GLU A 155 -0.12 -20.38 47.30
N HIS A 156 -0.08 -21.42 46.46
CA HIS A 156 -1.04 -22.51 46.38
C HIS A 156 -0.31 -23.79 46.12
N ALA A 157 -0.95 -24.88 46.50
CA ALA A 157 -0.42 -26.21 46.28
C ALA A 157 -0.36 -26.48 44.78
N TYR A 158 0.77 -27.03 44.33
CA TYR A 158 0.89 -27.37 42.93
C TYR A 158 1.93 -28.43 42.71
N HIS A 159 1.85 -29.08 41.56
CA HIS A 159 3.00 -29.82 41.07
C HIS A 159 3.01 -29.65 39.59
N ASP A 160 4.21 -29.29 39.16
CA ASP A 160 4.57 -29.03 37.79
C ASP A 160 5.83 -29.80 37.38
N PHE A 161 6.06 -29.79 36.09
CA PHE A 161 7.26 -30.35 35.49
C PHE A 161 8.27 -29.23 35.38
N ASP A 162 9.54 -29.50 35.65
CA ASP A 162 10.51 -28.43 35.58
C ASP A 162 10.85 -28.23 34.11
N ASN A 163 10.03 -27.51 33.35
CA ASN A 163 10.38 -27.42 31.93
C ASN A 163 11.53 -26.43 31.75
N GLU A 164 11.81 -25.59 32.74
CA GLU A 164 12.93 -24.67 32.60
C GLU A 164 14.21 -25.50 32.59
N ALA A 165 14.28 -26.46 33.51
CA ALA A 165 15.39 -27.39 33.53
C ALA A 165 15.40 -28.18 32.24
N TYR A 166 14.22 -28.62 31.81
CA TYR A 166 14.13 -29.45 30.61
C TYR A 166 14.72 -28.80 29.37
N ALA A 167 14.38 -27.55 29.12
CA ALA A 167 14.88 -26.85 27.94
C ALA A 167 16.40 -26.67 27.97
N TYR A 168 16.91 -26.29 29.14
CA TYR A 168 18.34 -26.13 29.35
C TYR A 168 19.09 -27.46 29.20
N GLU A 169 18.48 -28.53 29.66
CA GLU A 169 19.07 -29.85 29.54
C GLU A 169 18.82 -30.39 28.14
N ALA A 170 17.80 -29.85 27.48
CA ALA A 170 17.44 -30.32 26.14
C ALA A 170 18.45 -30.02 25.03
N VAL A 171 18.87 -28.77 24.89
CA VAL A 171 19.90 -28.38 23.91
C VAL A 171 21.34 -28.76 24.30
N GLU A 172 21.62 -28.94 25.59
CA GLU A 172 22.96 -29.42 25.95
C GLU A 172 23.19 -30.74 25.25
N ARG A 173 22.13 -31.54 25.10
CA ARG A 173 22.30 -32.79 24.40
C ARG A 173 22.42 -32.54 22.90
N LEU A 174 21.75 -31.51 22.41
CA LEU A 174 21.90 -31.13 21.01
C LEU A 174 23.28 -30.55 20.71
N ALA A 175 23.86 -29.87 21.70
CA ALA A 175 25.22 -29.37 21.61
C ALA A 175 26.20 -30.54 21.63
N GLN A 176 25.91 -31.52 22.48
CA GLN A 176 26.70 -32.74 22.56
C GLN A 176 26.70 -33.48 21.22
N CYS A 177 25.58 -33.41 20.50
CA CYS A 177 25.52 -33.96 19.15
C CYS A 177 26.24 -33.09 18.13
N GLY A 178 26.50 -31.83 18.47
CA GLY A 178 27.24 -30.95 17.58
C GLY A 178 26.37 -29.95 16.84
N ARG A 179 25.06 -30.06 17.03
CA ARG A 179 24.12 -29.22 16.32
C ARG A 179 24.28 -27.74 16.70
N LYS A 180 24.36 -26.86 15.70
CA LYS A 180 24.70 -25.45 15.94
C LYS A 180 23.56 -24.42 15.89
N ARG A 181 22.40 -24.81 15.36
CA ARG A 181 21.28 -23.89 15.35
C ARG A 181 20.02 -24.59 15.80
N ILE A 182 19.34 -23.99 16.77
CA ILE A 182 18.27 -24.71 17.44
C ILE A 182 16.98 -23.90 17.45
N ALA A 183 15.87 -24.60 17.26
CA ALA A 183 14.56 -24.00 17.29
C ALA A 183 13.75 -24.66 18.39
N ILE A 184 12.75 -23.95 18.89
CA ILE A 184 11.94 -24.43 19.99
C ILE A 184 10.48 -24.32 19.58
N ILE A 185 9.73 -25.41 19.72
CA ILE A 185 8.31 -25.32 19.49
C ILE A 185 7.68 -24.86 20.79
N VAL A 186 7.69 -23.55 21.02
CA VAL A 186 7.28 -23.00 22.31
C VAL A 186 5.77 -23.15 22.48
N PRO A 187 5.31 -23.34 23.73
CA PRO A 187 3.90 -23.35 24.12
C PRO A 187 3.23 -21.96 24.06
N PRO A 188 1.89 -21.91 24.08
CA PRO A 188 1.13 -20.65 23.95
C PRO A 188 1.47 -19.57 24.97
N SER A 189 1.34 -18.33 24.54
CA SER A 189 1.79 -17.19 25.34
C SER A 189 0.93 -17.06 26.59
N ARG A 190 -0.36 -17.37 26.44
CA ARG A 190 -1.31 -17.46 27.55
C ARG A 190 -0.93 -18.40 28.71
N PHE A 191 -0.31 -19.54 28.44
CA PHE A 191 -0.01 -20.47 29.53
C PHE A 191 1.31 -20.17 30.24
N ALA A 192 1.41 -20.61 31.49
CA ALA A 192 2.53 -20.22 32.36
C ALA A 192 3.88 -20.81 31.95
N PHE A 193 3.89 -22.09 31.60
CA PHE A 193 5.13 -22.79 31.24
C PHE A 193 5.78 -22.31 29.94
N HIS A 194 5.06 -21.53 29.15
CA HIS A 194 5.65 -20.87 27.99
C HIS A 194 6.91 -20.13 28.36
N ASP A 195 6.81 -19.31 29.39
CA ASP A 195 7.94 -18.53 29.86
C ASP A 195 8.94 -19.42 30.58
N HIS A 196 8.45 -20.51 31.18
CA HIS A 196 9.34 -21.49 31.80
C HIS A 196 10.27 -22.09 30.75
N ALA A 197 9.68 -22.47 29.62
CA ALA A 197 10.42 -23.08 28.53
C ALA A 197 11.43 -22.11 27.94
N ARG A 198 11.00 -20.87 27.74
CA ARG A 198 11.81 -19.88 27.06
C ARG A 198 13.03 -19.45 27.89
N LYS A 199 12.88 -19.51 29.21
CA LYS A 199 13.99 -19.21 30.12
C LYS A 199 15.12 -20.22 30.04
N GLY A 200 14.75 -21.50 30.03
CA GLY A 200 15.72 -22.57 29.92
C GLY A 200 16.39 -22.58 28.57
N PHE A 201 15.63 -22.27 27.53
CA PHE A 201 16.13 -22.24 26.18
C PHE A 201 17.06 -21.03 25.99
N THR A 202 16.72 -19.91 26.62
CA THR A 202 17.54 -18.71 26.47
C THR A 202 18.86 -18.83 27.22
N ARG A 203 18.82 -19.40 28.41
CA ARG A 203 20.05 -19.67 29.16
C ARG A 203 20.80 -20.83 28.52
N GLY A 204 20.05 -21.76 27.95
CA GLY A 204 20.59 -22.90 27.26
C GLY A 204 21.41 -22.52 26.04
N ILE A 205 20.91 -21.55 25.27
CA ILE A 205 21.57 -21.10 24.06
C ILE A 205 22.78 -20.23 24.40
N ARG A 206 22.70 -19.54 25.52
CA ARG A 206 23.78 -18.71 26.05
C ARG A 206 24.98 -19.51 26.57
N ASP A 207 24.69 -20.45 27.46
CA ASP A 207 25.70 -21.27 28.12
C ASP A 207 26.34 -22.35 27.24
N PHE A 208 25.62 -22.81 26.24
CA PHE A 208 26.18 -23.81 25.34
C PHE A 208 26.82 -23.13 24.15
N GLY A 209 26.68 -21.82 24.06
CA GLY A 209 27.39 -21.03 23.08
C GLY A 209 26.95 -21.34 21.67
N VAL A 210 25.74 -21.88 21.55
CA VAL A 210 25.22 -22.30 20.25
C VAL A 210 24.23 -21.23 19.81
N SER A 211 24.03 -21.10 18.50
CA SER A 211 23.12 -20.08 18.01
C SER A 211 21.71 -20.65 17.98
N GLU A 212 20.73 -19.76 18.05
CA GLU A 212 19.37 -20.22 18.06
C GLU A 212 18.52 -19.91 16.87
N PHE A 213 18.21 -20.92 16.10
CA PHE A 213 17.32 -20.72 14.97
C PHE A 213 15.94 -20.34 15.49
N PRO A 214 15.41 -19.20 15.03
CA PRO A 214 14.10 -18.96 15.61
C PRO A 214 12.96 -19.23 14.62
N LEU A 215 11.82 -19.49 15.23
CA LEU A 215 10.55 -19.71 14.56
C LEU A 215 9.43 -19.03 15.35
N ASP A 216 8.63 -18.18 14.71
CA ASP A 216 7.53 -17.57 15.43
C ASP A 216 6.16 -17.99 14.90
N ALA A 217 6.13 -18.64 13.75
CA ALA A 217 4.86 -18.94 13.07
C ALA A 217 4.01 -20.00 13.79
N ILE A 218 4.63 -20.92 14.53
CA ILE A 218 3.88 -22.02 15.10
C ILE A 218 4.17 -22.28 16.57
N THR A 219 3.15 -22.82 17.24
CA THR A 219 3.19 -23.20 18.65
C THR A 219 2.68 -24.63 18.76
N ILE A 220 2.76 -25.21 19.95
CA ILE A 220 2.30 -26.58 20.17
C ILE A 220 0.87 -26.92 19.77
N GLU A 221 -0.07 -26.09 20.23
CA GLU A 221 -1.50 -26.31 19.94
C GLU A 221 -1.95 -25.86 18.56
N THR A 222 -1.02 -25.33 17.75
CA THR A 222 -1.34 -25.13 16.35
C THR A 222 -1.60 -26.54 15.82
N PRO A 223 -2.62 -26.69 14.95
CA PRO A 223 -3.10 -27.98 14.41
C PRO A 223 -2.02 -28.84 13.79
N LEU A 224 -2.19 -30.15 13.95
CA LEU A 224 -1.19 -31.14 13.59
C LEU A 224 -1.01 -31.34 12.09
N ASP A 225 -2.10 -31.24 11.34
CA ASP A 225 -2.03 -31.24 9.88
C ASP A 225 -1.19 -30.05 9.43
N LYS A 226 -1.44 -28.90 10.04
CA LYS A 226 -0.74 -27.66 9.71
C LYS A 226 0.72 -27.70 10.14
N ILE A 227 1.02 -28.41 11.23
CA ILE A 227 2.40 -28.57 11.66
C ILE A 227 3.15 -29.41 10.63
N ARG A 228 2.45 -30.42 10.13
CA ARG A 228 2.98 -31.31 9.09
C ARG A 228 3.47 -30.57 7.85
N ASP A 229 2.64 -29.69 7.31
CA ASP A 229 3.01 -28.91 6.15
C ASP A 229 4.14 -27.94 6.43
N PHE A 230 4.10 -27.32 7.61
CA PHE A 230 5.14 -26.37 7.96
C PHE A 230 6.47 -27.06 8.12
N GLY A 231 6.42 -28.20 8.78
CA GLY A 231 7.58 -29.02 9.03
C GLY A 231 8.20 -29.41 7.70
N LYS A 232 7.37 -29.67 6.70
CA LYS A 232 7.93 -30.12 5.45
C LYS A 232 8.80 -29.07 4.74
N ARG A 233 8.33 -27.83 4.55
CA ARG A 233 9.12 -26.76 3.86
C ARG A 233 10.30 -26.15 4.63
N LEU A 234 10.33 -26.17 5.96
CA LEU A 234 11.65 -26.04 6.53
C LEU A 234 12.28 -27.34 6.08
N MET A 235 13.53 -27.24 5.60
CA MET A 235 14.35 -28.29 4.99
C MET A 235 14.33 -27.96 3.50
N GLN A 236 13.20 -27.43 3.02
CA GLN A 236 13.06 -26.92 1.63
C GLN A 236 13.63 -25.53 1.35
N SER A 237 13.76 -24.73 2.40
CA SER A 237 14.27 -23.39 2.27
C SER A 237 15.74 -23.55 2.51
N ASP A 238 16.49 -22.54 2.13
CA ASP A 238 17.94 -22.59 2.10
C ASP A 238 18.51 -22.68 3.52
N ASP A 239 17.85 -22.04 4.47
CA ASP A 239 18.23 -22.18 5.86
C ASP A 239 17.32 -23.16 6.62
N ARG A 240 17.93 -24.22 7.13
CA ARG A 240 17.24 -25.27 7.87
C ARG A 240 17.87 -25.33 9.26
N PRO A 241 17.08 -25.63 10.29
CA PRO A 241 17.68 -25.71 11.64
C PRO A 241 18.50 -26.98 11.89
N ASP A 242 19.55 -26.84 12.71
CA ASP A 242 20.40 -27.97 13.11
C ASP A 242 19.83 -28.73 14.32
N GLY A 243 19.00 -28.06 15.12
CA GLY A 243 18.44 -28.72 16.29
C GLY A 243 17.02 -28.33 16.51
N ILE A 244 16.26 -29.23 17.10
CA ILE A 244 14.87 -28.93 17.37
C ILE A 244 14.49 -29.39 18.75
N VAL A 245 13.92 -28.47 19.52
CA VAL A 245 13.40 -28.80 20.84
C VAL A 245 11.90 -28.64 20.90
N SER A 246 11.22 -29.72 21.30
CA SER A 246 9.78 -29.73 21.39
C SER A 246 9.33 -29.85 22.83
N ILE A 247 8.26 -29.13 23.18
CA ILE A 247 7.72 -29.17 24.54
C ILE A 247 6.58 -30.18 24.63
N SER A 248 5.94 -30.44 23.49
CA SER A 248 4.88 -31.45 23.42
C SER A 248 5.14 -32.54 22.39
N GLY A 249 5.14 -33.80 22.85
CA GLY A 249 5.33 -34.93 21.95
C GLY A 249 4.25 -35.15 20.89
N SER A 250 3.07 -34.57 21.06
CA SER A 250 2.03 -34.71 20.05
C SER A 250 2.32 -33.80 18.88
N SER A 251 2.89 -32.63 19.18
CA SER A 251 3.28 -31.70 18.13
C SER A 251 4.55 -32.24 17.51
N THR A 252 5.28 -33.00 18.31
CA THR A 252 6.48 -33.64 17.85
C THR A 252 6.25 -34.66 16.71
N ILE A 253 5.21 -35.44 16.82
CA ILE A 253 4.92 -36.49 15.83
C ILE A 253 4.58 -35.88 14.49
N ALA A 254 3.86 -34.76 14.51
CA ALA A 254 3.53 -34.09 13.27
C ALA A 254 4.78 -33.44 12.65
N LEU A 255 5.74 -32.99 13.45
CA LEU A 255 6.91 -32.38 12.80
C LEU A 255 7.77 -33.40 12.03
N VAL A 256 7.96 -34.60 12.54
CA VAL A 256 8.77 -35.61 11.84
C VAL A 256 8.10 -36.06 10.54
N ALA A 257 6.78 -36.08 10.58
CA ALA A 257 5.98 -36.49 9.44
C ALA A 257 6.25 -35.66 8.21
N GLY A 258 6.37 -34.36 8.40
CA GLY A 258 6.75 -33.45 7.32
C GLY A 258 8.19 -33.60 6.88
N PHE A 259 9.08 -33.86 7.82
CA PHE A 259 10.50 -33.99 7.52
C PHE A 259 10.84 -35.14 6.59
N GLU A 260 10.25 -36.30 6.86
CA GLU A 260 10.43 -37.47 6.01
C GLU A 260 9.55 -37.37 4.79
N ALA A 261 8.52 -36.55 4.89
CA ALA A 261 7.78 -36.14 3.71
C ALA A 261 8.76 -35.31 2.87
N ALA A 262 9.53 -34.47 3.54
CA ALA A 262 10.62 -33.72 2.90
C ALA A 262 11.78 -34.65 2.53
N GLY A 263 11.85 -35.80 3.22
CA GLY A 263 12.81 -36.84 2.94
C GLY A 263 14.15 -36.76 3.66
N VAL A 264 14.16 -36.18 4.85
CA VAL A 264 15.38 -36.07 5.65
C VAL A 264 15.46 -37.13 6.77
N ARG A 265 16.65 -37.70 6.94
CA ARG A 265 16.91 -38.67 8.01
C ARG A 265 17.33 -38.02 9.32
N ILE A 266 16.69 -38.41 10.43
CA ILE A 266 16.97 -37.85 11.74
C ILE A 266 18.30 -38.50 12.18
N GLY A 267 18.92 -38.01 13.24
CA GLY A 267 20.24 -38.50 13.60
C GLY A 267 21.29 -37.80 12.74
N LYS A 268 21.35 -38.16 11.47
CA LYS A 268 22.30 -37.54 10.55
C LYS A 268 21.99 -36.10 10.12
N ASP A 269 20.77 -35.82 9.66
CA ASP A 269 20.47 -34.48 9.13
C ASP A 269 20.12 -33.47 10.23
N ILE A 270 19.22 -33.91 11.11
CA ILE A 270 18.70 -33.14 12.26
C ILE A 270 18.37 -34.10 13.40
N ASP A 271 18.70 -33.74 14.64
CA ASP A 271 18.31 -34.57 15.79
C ASP A 271 17.36 -33.77 16.65
N ILE A 272 16.40 -34.48 17.23
CA ILE A 272 15.28 -33.86 17.90
C ILE A 272 15.25 -34.28 19.36
N VAL A 273 15.01 -33.32 20.23
CA VAL A 273 14.79 -33.60 21.63
C VAL A 273 13.34 -33.25 21.97
N SER A 274 12.66 -34.18 22.63
CA SER A 274 11.24 -34.02 22.93
C SER A 274 10.81 -34.61 24.27
N LYS A 275 9.85 -33.96 24.90
CA LYS A 275 9.23 -34.48 26.12
C LYS A 275 8.08 -35.42 25.77
N GLN A 276 7.87 -36.44 26.59
CA GLN A 276 6.82 -37.43 26.33
C GLN A 276 6.09 -37.78 27.63
N SER A 277 4.76 -37.85 27.56
CA SER A 277 3.94 -38.10 28.76
C SER A 277 3.79 -39.58 29.05
N ALA A 278 4.29 -40.40 28.13
CA ALA A 278 4.51 -41.82 28.39
C ALA A 278 5.59 -42.26 27.43
N GLU A 279 6.39 -43.23 27.82
CA GLU A 279 7.47 -43.64 26.96
C GLU A 279 7.03 -44.36 25.72
N PHE A 280 6.68 -43.64 24.68
CA PHE A 280 6.28 -44.27 23.43
C PHE A 280 7.07 -43.90 22.15
N LEU A 281 7.95 -42.89 22.19
CA LEU A 281 8.35 -42.26 20.92
C LEU A 281 9.53 -42.93 20.22
N ASN A 282 10.28 -43.75 20.94
CA ASN A 282 11.50 -44.33 20.41
C ASN A 282 11.21 -45.61 19.65
N TRP A 283 9.98 -46.09 19.77
CA TRP A 283 9.55 -47.25 19.00
C TRP A 283 9.50 -46.92 17.52
N ILE A 284 9.15 -45.68 17.23
CA ILE A 284 8.95 -45.25 15.86
C ILE A 284 10.20 -44.64 15.27
N GLN A 285 10.88 -43.88 16.11
CA GLN A 285 12.15 -43.29 15.78
C GLN A 285 13.01 -43.14 17.02
N PRO A 286 13.85 -44.13 17.31
CA PRO A 286 14.71 -44.14 18.50
C PRO A 286 15.72 -42.98 18.51
N GLN A 287 15.93 -42.35 17.35
CA GLN A 287 16.84 -41.21 17.19
C GLN A 287 16.51 -40.08 18.13
N ILE A 288 15.21 -39.88 18.29
CA ILE A 288 14.68 -38.76 19.03
C ILE A 288 15.18 -38.91 20.46
N HIS A 289 15.67 -37.81 21.02
CA HIS A 289 16.19 -37.86 22.36
C HIS A 289 15.02 -37.51 23.25
N THR A 290 14.60 -38.46 24.08
CA THR A 290 13.32 -38.32 24.78
C THR A 290 13.49 -38.19 26.29
N VAL A 291 12.65 -37.34 26.86
CA VAL A 291 12.61 -37.09 28.29
C VAL A 291 11.22 -37.49 28.78
N ASN A 292 11.12 -38.20 29.89
CA ASN A 292 9.79 -38.65 30.31
C ASN A 292 9.23 -37.82 31.44
N GLU A 293 8.06 -37.27 31.15
CA GLU A 293 7.26 -36.58 32.13
C GLU A 293 6.26 -37.60 32.67
N ASP A 294 6.55 -38.08 33.87
CA ASP A 294 5.72 -39.12 34.47
C ASP A 294 4.50 -38.43 35.03
N ILE A 295 3.39 -38.49 34.30
CA ILE A 295 2.22 -37.72 34.70
C ILE A 295 1.32 -38.41 35.75
N LYS A 296 1.31 -39.73 35.83
CA LYS A 296 0.51 -40.31 36.89
C LYS A 296 1.30 -40.09 38.19
N LEU A 297 2.61 -39.83 38.08
CA LEU A 297 3.35 -39.37 39.24
C LEU A 297 2.83 -37.98 39.59
N ALA A 298 2.56 -37.19 38.56
CA ALA A 298 1.93 -35.89 38.74
C ALA A 298 0.54 -36.14 39.35
N GLY A 299 -0.15 -37.15 38.82
CA GLY A 299 -1.46 -37.52 39.33
C GLY A 299 -1.42 -37.85 40.82
N ARG A 300 -0.41 -38.60 41.23
CA ARG A 300 -0.26 -38.98 42.63
C ARG A 300 0.15 -37.83 43.53
N GLU A 301 0.94 -36.90 43.02
CA GLU A 301 1.42 -35.79 43.85
C GLU A 301 0.44 -34.64 43.93
N LEU A 302 -0.41 -34.50 42.92
CA LEU A 302 -1.53 -33.57 42.98
C LEU A 302 -2.54 -34.00 44.04
N ALA A 303 -2.81 -35.29 44.06
CA ALA A 303 -3.73 -35.88 45.02
C ALA A 303 -3.23 -35.65 46.44
N LYS A 304 -1.97 -35.99 46.68
CA LYS A 304 -1.37 -35.87 48.00
C LYS A 304 -1.35 -34.43 48.51
N ALA A 305 -1.18 -33.47 47.60
CA ALA A 305 -1.19 -32.06 47.96
C ALA A 305 -2.56 -31.61 48.44
N LEU A 306 -3.57 -31.93 47.65
CA LEU A 306 -4.92 -31.45 47.87
C LEU A 306 -5.48 -31.99 49.18
N LEU A 307 -5.15 -33.25 49.46
CA LEU A 307 -5.57 -33.89 50.70
C LEU A 307 -4.97 -33.21 51.92
N ALA A 308 -3.66 -32.99 51.87
CA ALA A 308 -2.96 -32.29 52.93
C ALA A 308 -3.55 -30.88 53.08
N ARG A 309 -3.91 -30.29 51.96
CA ARG A 309 -4.50 -28.96 51.94
C ARG A 309 -5.93 -28.96 52.49
N ILE A 310 -6.65 -30.06 52.26
CA ILE A 310 -8.00 -30.19 52.81
C ILE A 310 -7.91 -30.35 54.33
N ASN A 311 -6.83 -30.98 54.79
CA ASN A 311 -6.58 -31.06 56.23
C ASN A 311 -6.30 -29.67 56.78
N GLY A 312 -5.48 -28.92 56.04
CA GLY A 312 -5.15 -27.56 56.41
C GLY A 312 -3.67 -27.23 56.57
N ALA A 313 -2.80 -28.02 55.96
CA ALA A 313 -1.38 -27.70 55.97
C ALA A 313 -1.19 -26.51 55.04
N PRO A 314 -0.24 -25.62 55.37
CA PRO A 314 -0.02 -24.42 54.56
C PRO A 314 0.53 -24.73 53.16
N PRO A 315 0.18 -23.90 52.17
CA PRO A 315 0.47 -24.04 50.74
C PRO A 315 1.94 -24.21 50.39
N GLU A 316 2.83 -23.52 51.10
CA GLU A 316 4.23 -23.51 50.67
C GLU A 316 4.92 -24.84 50.91
N THR A 317 4.41 -25.65 51.84
CA THR A 317 4.84 -27.03 51.98
C THR A 317 4.43 -27.83 50.75
N LEU A 318 3.14 -27.79 50.46
CA LEU A 318 2.48 -28.57 49.41
C LEU A 318 2.94 -28.35 47.95
N GLN A 319 3.96 -27.51 47.76
CA GLN A 319 4.48 -27.25 46.41
C GLN A 319 5.60 -28.23 46.06
N SER A 320 5.56 -28.70 44.82
CA SER A 320 6.50 -29.70 44.35
C SER A 320 6.70 -29.55 42.85
N VAL A 321 7.91 -29.90 42.39
CA VAL A 321 8.28 -29.75 41.00
C VAL A 321 9.01 -30.99 40.55
N SER A 322 8.56 -31.57 39.44
CA SER A 322 9.17 -32.78 38.93
C SER A 322 10.34 -32.44 38.04
N ARG A 323 11.45 -33.14 38.25
CA ARG A 323 12.64 -32.96 37.44
C ARG A 323 12.67 -33.92 36.26
N PRO A 324 13.29 -33.50 35.16
CA PRO A 324 13.32 -34.36 34.00
C PRO A 324 14.20 -35.57 34.23
N VAL A 325 13.86 -36.68 33.59
CA VAL A 325 14.70 -37.86 33.62
C VAL A 325 14.82 -38.22 32.16
N TRP A 326 15.93 -38.82 31.76
CA TRP A 326 16.11 -39.08 30.34
C TRP A 326 15.74 -40.52 30.08
N SER A 327 14.83 -40.68 29.12
CA SER A 327 14.29 -41.98 28.74
C SER A 327 15.27 -43.13 28.64
N SER A 328 14.77 -44.30 29.00
CA SER A 328 15.47 -45.55 28.83
C SER A 328 16.02 -45.77 27.41
N MET A 329 15.19 -45.51 26.41
CA MET A 329 15.50 -45.82 25.01
C MET A 329 16.29 -44.74 24.20
N ALA A 330 16.47 -43.55 24.76
CA ALA A 330 17.20 -42.44 24.10
C ALA A 330 18.73 -42.59 24.09
N PRO A 331 19.39 -42.15 23.00
CA PRO A 331 20.85 -42.18 22.86
C PRO A 331 21.57 -41.41 23.97
N GLU B 1 -25.79 -18.68 53.17
CA GLU B 1 -26.87 -17.89 52.61
C GLU B 1 -27.34 -18.50 51.29
N ARG B 2 -26.80 -19.67 50.95
CA ARG B 2 -27.20 -20.37 49.74
C ARG B 2 -28.67 -20.68 49.85
N PRO B 3 -29.43 -20.31 48.82
CA PRO B 3 -30.89 -20.45 48.93
C PRO B 3 -31.35 -21.90 48.91
N THR B 4 -32.37 -22.16 49.70
CA THR B 4 -32.95 -23.48 49.85
C THR B 4 -34.44 -23.32 49.64
N LEU B 5 -35.17 -24.43 49.60
CA LEU B 5 -36.61 -24.37 49.46
C LEU B 5 -37.21 -23.53 50.57
N LYS B 6 -36.66 -23.66 51.77
CA LYS B 6 -37.12 -22.86 52.90
C LYS B 6 -36.90 -21.38 52.61
N THR B 7 -35.74 -21.05 52.03
CA THR B 7 -35.40 -19.66 51.72
C THR B 7 -36.40 -19.02 50.76
N ILE B 8 -36.72 -19.76 49.69
CA ILE B 8 -37.73 -19.33 48.73
C ILE B 8 -39.09 -19.20 49.39
N ALA B 9 -39.46 -20.25 50.11
CA ALA B 9 -40.74 -20.31 50.80
C ALA B 9 -40.87 -19.15 51.78
N TYR B 10 -39.77 -18.78 52.41
CA TYR B 10 -39.82 -17.67 53.35
C TYR B 10 -40.12 -16.37 52.62
N MET B 11 -39.41 -16.14 51.51
CA MET B 11 -39.55 -14.94 50.70
C MET B 11 -40.92 -14.76 50.04
N THR B 12 -41.55 -15.87 49.63
CA THR B 12 -42.72 -15.77 48.74
C THR B 12 -44.13 -15.40 49.23
N GLY B 13 -44.52 -15.57 50.50
CA GLY B 13 -43.97 -16.52 51.44
C GLY B 13 -44.95 -17.69 51.38
N LEU B 14 -44.50 -18.78 50.80
CA LEU B 14 -45.31 -19.97 50.61
C LEU B 14 -44.83 -21.15 51.45
N GLY B 15 -45.53 -22.26 51.30
CA GLY B 15 -45.18 -23.49 51.98
C GLY B 15 -44.07 -24.24 51.25
N ILE B 16 -43.02 -24.62 51.96
CA ILE B 16 -41.93 -25.42 51.38
C ILE B 16 -42.42 -26.47 50.38
N THR B 17 -43.49 -27.19 50.71
CA THR B 17 -44.02 -28.20 49.79
C THR B 17 -44.52 -27.52 48.52
N THR B 18 -45.13 -26.35 48.65
CA THR B 18 -45.58 -25.60 47.49
C THR B 18 -44.39 -25.25 46.61
N VAL B 19 -43.31 -24.78 47.23
CA VAL B 19 -42.11 -24.40 46.49
C VAL B 19 -41.51 -25.59 45.75
N SER B 20 -41.35 -26.69 46.48
CA SER B 20 -40.81 -27.92 45.89
C SER B 20 -41.73 -28.39 44.76
N ARG B 21 -43.00 -28.44 45.04
CA ARG B 21 -43.93 -28.91 44.05
C ARG B 21 -44.12 -27.97 42.90
N ALA B 22 -43.81 -26.70 43.06
CA ALA B 22 -43.91 -25.81 41.91
C ALA B 22 -42.80 -26.08 40.91
N LEU B 23 -41.58 -26.27 41.44
CA LEU B 23 -40.39 -26.41 40.61
C LEU B 23 -40.39 -27.72 39.83
N LYS B 24 -40.92 -28.76 40.44
CA LYS B 24 -41.32 -29.97 39.75
C LYS B 24 -42.66 -29.57 39.22
N ASP B 25 -42.83 -29.37 37.92
CA ASP B 25 -44.15 -28.93 37.49
C ASP B 25 -45.19 -29.92 37.95
N ALA B 26 -46.00 -29.47 38.90
CA ALA B 26 -47.02 -30.31 39.51
C ALA B 26 -48.41 -29.73 39.28
N PRO B 27 -49.41 -30.59 39.11
CA PRO B 27 -50.80 -30.14 38.98
C PRO B 27 -51.39 -29.44 40.21
N ASP B 28 -50.92 -29.75 41.41
CA ASP B 28 -51.45 -29.12 42.62
C ASP B 28 -51.29 -27.63 42.67
N ILE B 29 -50.13 -27.15 42.23
CA ILE B 29 -49.81 -25.75 42.45
C ILE B 29 -50.36 -24.94 41.28
N GLY B 30 -50.96 -23.81 41.64
CA GLY B 30 -51.63 -22.92 40.72
C GLY B 30 -50.68 -22.17 39.79
N ALA B 31 -51.11 -22.03 38.54
CA ALA B 31 -50.32 -21.38 37.50
C ALA B 31 -49.60 -20.10 37.95
N GLU B 32 -50.27 -19.21 38.69
CA GLU B 32 -49.62 -17.95 39.05
C GLU B 32 -48.51 -18.10 40.09
N THR B 33 -48.74 -18.94 41.10
CA THR B 33 -47.70 -19.20 42.09
C THR B 33 -46.52 -19.94 41.46
N LYS B 34 -46.78 -20.80 40.48
CA LYS B 34 -45.64 -21.45 39.85
C LYS B 34 -44.70 -20.47 39.15
N GLU B 35 -45.22 -19.53 38.36
CA GLU B 35 -44.30 -18.59 37.72
C GLU B 35 -43.69 -17.71 38.79
N ARG B 36 -44.43 -17.44 39.87
CA ARG B 36 -43.81 -16.71 40.96
C ARG B 36 -42.62 -17.49 41.51
N VAL B 37 -42.83 -18.79 41.76
CA VAL B 37 -41.77 -19.59 42.36
C VAL B 37 -40.65 -19.80 41.35
N ARG B 38 -40.98 -20.08 40.10
CA ARG B 38 -39.96 -20.31 39.10
C ARG B 38 -39.22 -19.03 38.75
N LEU B 39 -39.87 -17.88 38.89
CA LEU B 39 -39.16 -16.65 38.58
C LEU B 39 -38.19 -16.30 39.69
N ILE B 40 -38.63 -16.34 40.93
CA ILE B 40 -37.71 -16.09 42.04
C ILE B 40 -36.61 -17.15 42.12
N ALA B 41 -36.96 -18.40 41.82
CA ALA B 41 -36.01 -19.50 41.90
C ALA B 41 -34.86 -19.31 40.94
N GLN B 42 -35.19 -18.92 39.71
CA GLN B 42 -34.20 -18.70 38.65
C GLN B 42 -33.26 -17.54 38.95
N GLN B 43 -33.81 -16.52 39.60
CA GLN B 43 -33.11 -15.30 39.89
C GLN B 43 -32.05 -15.42 40.99
N ILE B 44 -32.29 -16.27 41.99
CA ILE B 44 -31.38 -16.33 43.15
C ILE B 44 -30.10 -17.19 43.20
N GLY B 45 -29.86 -18.23 42.40
CA GLY B 45 -30.80 -18.96 41.58
C GLY B 45 -30.63 -20.35 42.18
N TYR B 46 -31.74 -20.94 42.59
CA TYR B 46 -31.75 -22.14 43.42
C TYR B 46 -31.31 -23.44 42.74
N GLN B 47 -30.41 -24.14 43.43
CA GLN B 47 -29.95 -25.49 43.07
C GLN B 47 -30.35 -26.48 44.16
N PRO B 48 -31.12 -27.54 43.82
CA PRO B 48 -31.54 -28.52 44.82
C PRO B 48 -30.35 -29.18 45.55
N ASN B 49 -30.42 -29.41 46.87
CA ASN B 49 -29.30 -30.00 47.60
C ASN B 49 -29.11 -31.43 47.13
N ARG B 50 -27.99 -31.79 46.55
CA ARG B 50 -27.91 -33.19 46.12
C ARG B 50 -28.07 -34.12 47.32
N ALA B 51 -27.44 -33.75 48.43
CA ALA B 51 -27.50 -34.55 49.66
C ALA B 51 -28.91 -34.64 50.20
N GLY B 52 -29.63 -33.52 50.17
CA GLY B 52 -30.99 -33.48 50.68
C GLY B 52 -31.88 -34.41 49.91
N VAL B 53 -31.68 -34.45 48.59
CA VAL B 53 -32.45 -35.33 47.73
C VAL B 53 -32.04 -36.79 47.92
N ARG B 54 -30.73 -37.03 47.91
CA ARG B 54 -30.16 -38.38 47.96
C ARG B 54 -30.48 -39.10 49.27
N LEU B 55 -30.59 -38.34 50.35
CA LEU B 55 -30.95 -38.95 51.62
C LEU B 55 -32.44 -39.27 51.59
N ARG B 56 -33.23 -38.37 51.00
CA ARG B 56 -34.69 -38.46 51.01
C ARG B 56 -35.21 -39.48 50.02
N THR B 57 -34.60 -39.53 48.84
CA THR B 57 -34.96 -40.53 47.84
C THR B 57 -33.75 -41.42 47.63
N GLY B 58 -33.94 -42.60 47.05
CA GLY B 58 -32.80 -43.45 46.81
C GLY B 58 -31.80 -42.87 45.82
N LYS B 59 -32.31 -42.11 44.84
CA LYS B 59 -31.52 -41.68 43.69
C LYS B 59 -30.24 -40.94 44.05
N THR B 60 -29.10 -41.42 43.56
CA THR B 60 -27.83 -40.76 43.83
C THR B 60 -27.34 -39.77 42.77
N ASN B 61 -27.99 -39.72 41.61
CA ASN B 61 -27.55 -38.90 40.45
C ASN B 61 -26.05 -38.89 40.19
N VAL B 62 -25.44 -40.08 40.29
CA VAL B 62 -24.02 -40.25 40.01
C VAL B 62 -23.85 -41.49 39.13
N ILE B 63 -22.99 -41.39 38.12
CA ILE B 63 -22.66 -42.51 37.28
C ILE B 63 -21.24 -42.98 37.56
N ALA B 64 -21.07 -44.26 37.82
CA ALA B 64 -19.76 -44.80 38.14
C ALA B 64 -19.15 -45.40 36.89
N LEU B 65 -17.96 -44.94 36.55
CA LEU B 65 -17.17 -45.50 35.47
C LEU B 65 -16.05 -46.34 36.07
N VAL B 66 -16.09 -47.65 35.82
CA VAL B 66 -15.05 -48.53 36.30
C VAL B 66 -14.07 -48.76 35.17
N LEU B 67 -12.79 -48.61 35.50
CA LEU B 67 -11.72 -48.61 34.54
C LEU B 67 -10.68 -49.62 34.92
N SER B 68 -10.23 -50.38 33.94
CA SER B 68 -9.09 -51.24 34.16
C SER B 68 -7.94 -50.27 34.33
N VAL B 69 -7.17 -50.43 35.40
CA VAL B 69 -6.05 -49.55 35.63
C VAL B 69 -4.95 -49.80 34.60
N ASP B 70 -4.84 -51.05 34.14
CA ASP B 70 -3.96 -51.35 33.03
C ASP B 70 -4.85 -51.46 31.79
N GLU B 71 -4.47 -50.68 30.81
CA GLU B 71 -5.16 -50.50 29.55
C GLU B 71 -4.07 -50.41 28.51
N GLU B 72 -4.39 -50.70 27.26
CA GLU B 72 -3.38 -50.56 26.22
C GLU B 72 -2.89 -49.14 26.23
N LEU B 73 -1.61 -48.96 25.93
CA LEU B 73 -0.98 -47.66 25.93
C LEU B 73 -1.72 -46.68 25.03
N MET B 74 -2.18 -47.12 23.86
CA MET B 74 -2.89 -46.24 22.93
C MET B 74 -4.42 -46.32 22.99
N GLY B 75 -4.96 -46.64 24.16
CA GLY B 75 -6.39 -46.75 24.33
C GLY B 75 -7.21 -45.46 24.35
N PHE B 76 -6.54 -44.32 24.31
CA PHE B 76 -7.17 -42.99 24.48
C PHE B 76 -8.41 -43.06 25.38
N THR B 77 -8.19 -43.51 26.61
CA THR B 77 -9.28 -43.76 27.55
C THR B 77 -9.92 -42.44 27.88
N SER B 78 -9.08 -41.41 27.89
CA SER B 78 -9.49 -40.04 28.15
C SER B 78 -10.55 -39.59 27.16
N GLN B 79 -10.48 -40.08 25.93
CA GLN B 79 -11.49 -39.71 24.94
C GLN B 79 -12.88 -40.23 25.30
N MET B 80 -12.93 -41.46 25.82
CA MET B 80 -14.19 -42.07 26.25
C MET B 80 -14.85 -41.30 27.36
N VAL B 81 -14.04 -40.83 28.31
CA VAL B 81 -14.55 -40.06 29.43
C VAL B 81 -15.31 -38.84 28.91
N PHE B 82 -14.68 -38.13 27.97
CA PHE B 82 -15.28 -36.94 27.39
C PHE B 82 -16.54 -37.28 26.60
N GLY B 83 -16.52 -38.42 25.91
CA GLY B 83 -17.70 -38.93 25.23
C GLY B 83 -18.84 -39.11 26.21
N ILE B 84 -18.53 -39.69 27.37
CA ILE B 84 -19.54 -39.92 28.38
C ILE B 84 -20.07 -38.60 28.92
N THR B 85 -19.17 -37.72 29.35
CA THR B 85 -19.59 -36.49 30.00
C THR B 85 -20.43 -35.56 29.10
N GLU B 86 -20.14 -35.55 27.81
CA GLU B 86 -20.90 -34.75 26.87
C GLU B 86 -22.38 -35.06 27.00
N VAL B 87 -22.68 -36.35 27.08
CA VAL B 87 -24.05 -36.80 27.21
C VAL B 87 -24.66 -36.39 28.55
N LEU B 88 -23.90 -36.56 29.63
CA LEU B 88 -24.43 -36.25 30.96
C LEU B 88 -24.50 -34.75 31.27
N ALA B 89 -23.77 -33.94 30.50
CA ALA B 89 -23.71 -32.50 30.74
C ALA B 89 -25.08 -31.83 30.73
N THR B 90 -25.96 -32.29 29.85
CA THR B 90 -27.35 -31.82 29.83
C THR B 90 -28.10 -32.25 31.09
N THR B 91 -27.77 -33.43 31.61
CA THR B 91 -28.47 -34.06 32.73
C THR B 91 -27.96 -33.67 34.12
N GLN B 92 -28.53 -34.31 35.14
CA GLN B 92 -28.15 -34.06 36.53
C GLN B 92 -27.14 -35.05 37.07
N TYR B 93 -26.64 -35.90 36.20
CA TYR B 93 -25.67 -36.92 36.61
C TYR B 93 -24.25 -36.38 36.71
N HIS B 94 -23.51 -36.91 37.67
CA HIS B 94 -22.10 -36.59 37.79
C HIS B 94 -21.38 -37.88 37.42
N LEU B 95 -20.11 -37.78 37.03
CA LEU B 95 -19.40 -38.99 36.68
C LEU B 95 -18.29 -39.18 37.69
N VAL B 96 -18.39 -40.26 38.47
CA VAL B 96 -17.37 -40.59 39.43
C VAL B 96 -16.63 -41.79 38.85
N VAL B 97 -15.34 -41.88 39.13
CA VAL B 97 -14.54 -42.97 38.59
C VAL B 97 -14.12 -43.94 39.68
N THR B 98 -14.16 -45.22 39.33
CA THR B 98 -13.84 -46.27 40.28
C THR B 98 -12.85 -47.27 39.71
N PRO B 99 -11.60 -47.21 40.15
CA PRO B 99 -10.60 -48.15 39.64
C PRO B 99 -10.24 -49.31 40.55
N HIS B 100 -9.81 -50.40 39.93
CA HIS B 100 -9.20 -51.54 40.59
C HIS B 100 -7.77 -51.61 40.02
N THR B 101 -6.89 -52.46 40.55
CA THR B 101 -5.52 -52.53 40.03
C THR B 101 -5.01 -53.96 39.79
N HIS B 102 -5.70 -54.96 40.33
CA HIS B 102 -5.32 -56.34 40.07
C HIS B 102 -6.45 -57.03 39.33
N ALA B 103 -6.12 -58.02 38.51
CA ALA B 103 -7.12 -58.74 37.73
C ALA B 103 -8.11 -59.49 38.62
N LYS B 104 -7.60 -60.00 39.74
CA LYS B 104 -8.46 -60.66 40.71
C LYS B 104 -9.36 -59.61 41.36
N ASP B 105 -8.78 -58.42 41.50
CA ASP B 105 -9.52 -57.32 42.05
C ASP B 105 -10.46 -56.81 40.98
N SER B 106 -10.87 -57.68 40.08
CA SER B 106 -11.74 -57.28 39.01
C SER B 106 -13.08 -56.83 39.49
N MET B 107 -13.60 -57.51 40.50
CA MET B 107 -14.91 -57.16 41.01
C MET B 107 -14.97 -56.45 42.32
N VAL B 108 -13.82 -56.09 42.86
CA VAL B 108 -13.82 -55.42 44.13
C VAL B 108 -14.55 -54.12 44.10
N PRO B 109 -14.36 -53.34 43.06
CA PRO B 109 -15.06 -52.08 43.00
C PRO B 109 -16.54 -52.23 42.79
N ILE B 110 -16.92 -53.18 41.97
CA ILE B 110 -18.33 -53.37 41.65
C ILE B 110 -19.24 -53.56 42.86
N ARG B 111 -18.81 -54.37 43.82
CA ARG B 111 -19.64 -54.50 45.01
C ARG B 111 -19.56 -53.25 45.88
N TYR B 112 -18.42 -52.55 45.90
CA TYR B 112 -18.37 -51.27 46.60
C TYR B 112 -19.56 -50.41 46.19
N ILE B 113 -19.82 -50.33 44.88
CA ILE B 113 -20.94 -49.53 44.41
C ILE B 113 -22.24 -50.07 44.97
N LEU B 114 -22.46 -51.37 44.84
CA LEU B 114 -23.70 -51.98 45.29
C LEU B 114 -23.81 -51.94 46.81
N GLU B 115 -22.71 -52.33 47.44
CA GLU B 115 -22.58 -52.40 48.86
C GLU B 115 -22.85 -51.07 49.48
N THR B 116 -22.58 -50.03 48.73
CA THR B 116 -22.74 -48.71 49.25
C THR B 116 -23.94 -48.02 48.71
N GLY B 117 -24.40 -48.44 47.54
CA GLY B 117 -25.52 -47.81 46.89
C GLY B 117 -25.05 -46.43 46.59
N SER B 118 -23.88 -46.30 46.00
CA SER B 118 -23.27 -45.02 45.78
C SER B 118 -23.23 -44.64 44.38
N ALA B 119 -24.12 -45.22 43.60
CA ALA B 119 -24.21 -44.91 42.17
C ALA B 119 -25.55 -45.32 41.58
N ASP B 120 -26.02 -44.57 40.58
CA ASP B 120 -27.28 -44.89 39.89
C ASP B 120 -27.10 -45.75 38.65
N GLY B 121 -25.88 -45.76 38.12
CA GLY B 121 -25.54 -46.63 37.00
C GLY B 121 -24.04 -46.85 36.94
N VAL B 122 -23.65 -47.93 36.29
CA VAL B 122 -22.25 -48.32 36.24
C VAL B 122 -21.77 -48.62 34.83
N ILE B 123 -20.53 -48.22 34.52
CA ILE B 123 -19.90 -48.55 33.24
C ILE B 123 -18.63 -49.38 33.41
N ILE B 124 -18.53 -50.50 32.68
CA ILE B 124 -17.33 -51.34 32.79
C ILE B 124 -16.80 -51.75 31.42
N SER B 125 -15.51 -52.10 31.39
CA SER B 125 -14.82 -52.46 30.17
C SER B 125 -14.08 -53.78 30.39
N LYS B 126 -13.38 -54.27 29.37
CA LYS B 126 -12.62 -55.51 29.45
C LYS B 126 -13.49 -56.68 29.87
N ILE B 127 -14.51 -56.96 29.05
CA ILE B 127 -15.51 -57.97 29.33
C ILE B 127 -15.03 -59.37 28.97
N GLU B 128 -15.31 -60.36 29.82
CA GLU B 128 -14.98 -61.75 29.54
C GLU B 128 -16.16 -62.56 29.02
N PRO B 129 -15.90 -63.78 28.49
CA PRO B 129 -17.06 -64.55 28.03
C PRO B 129 -18.01 -64.84 29.19
N ASN B 130 -17.64 -65.56 30.25
CA ASN B 130 -18.49 -65.49 31.45
C ASN B 130 -17.85 -64.56 32.51
N ASP B 131 -18.31 -63.32 32.53
CA ASP B 131 -17.75 -62.30 33.43
C ASP B 131 -18.57 -62.25 34.69
N PRO B 132 -17.90 -62.28 35.85
CA PRO B 132 -18.65 -62.31 37.10
C PRO B 132 -19.41 -61.00 37.33
N ARG B 133 -18.87 -59.87 36.88
CA ARG B 133 -19.52 -58.57 37.12
C ARG B 133 -20.82 -58.43 36.38
N VAL B 134 -20.90 -59.00 35.18
CA VAL B 134 -22.10 -58.83 34.37
C VAL B 134 -23.36 -59.45 34.98
N ARG B 135 -23.30 -60.70 35.45
CA ARG B 135 -24.52 -61.27 36.00
C ARG B 135 -24.73 -60.71 37.39
N PHE B 136 -23.66 -60.39 38.12
CA PHE B 136 -23.79 -59.86 39.47
C PHE B 136 -24.68 -58.62 39.48
N MET B 137 -24.43 -57.70 38.57
CA MET B 137 -25.26 -56.51 38.49
C MET B 137 -26.61 -56.83 37.88
N THR B 138 -26.67 -57.82 37.01
CA THR B 138 -27.95 -58.21 36.44
C THR B 138 -28.88 -58.81 37.50
N GLU B 139 -28.34 -59.62 38.40
CA GLU B 139 -29.17 -60.22 39.44
C GLU B 139 -29.45 -59.27 40.60
N ARG B 140 -28.58 -58.28 40.79
CA ARG B 140 -28.83 -57.28 41.82
C ARG B 140 -29.67 -56.11 41.29
N LYS B 141 -30.14 -56.24 40.05
CA LYS B 141 -31.09 -55.29 39.45
C LYS B 141 -30.46 -53.90 39.30
N MET B 142 -29.13 -53.89 39.23
CA MET B 142 -28.35 -52.65 39.10
C MET B 142 -28.15 -52.29 37.63
N PRO B 143 -28.63 -51.11 37.21
CA PRO B 143 -28.43 -50.71 35.80
C PRO B 143 -26.96 -50.57 35.43
N PHE B 144 -26.58 -51.10 34.28
CA PHE B 144 -25.19 -51.01 33.84
C PHE B 144 -25.05 -51.21 32.33
N VAL B 145 -23.88 -50.85 31.81
CA VAL B 145 -23.60 -51.03 30.38
C VAL B 145 -22.12 -51.37 30.21
N THR B 146 -21.80 -52.16 29.19
CA THR B 146 -20.44 -52.67 28.99
C THR B 146 -19.83 -52.23 27.68
N HIS B 147 -18.53 -51.94 27.70
CA HIS B 147 -17.77 -51.71 26.49
C HIS B 147 -17.27 -53.08 26.01
N GLY B 148 -18.08 -53.75 25.19
CA GLY B 148 -17.82 -55.11 24.77
C GLY B 148 -19.05 -55.98 24.96
N ARG B 149 -18.97 -57.24 24.51
CA ARG B 149 -20.10 -58.17 24.60
C ARG B 149 -19.74 -59.36 25.48
N SER B 150 -20.74 -60.09 25.93
CA SER B 150 -20.53 -61.22 26.82
C SER B 150 -21.29 -62.45 26.33
N ASP B 151 -20.72 -63.62 26.54
CA ASP B 151 -21.34 -64.85 26.07
C ASP B 151 -21.87 -65.72 27.21
N MET B 152 -22.71 -65.15 28.07
CA MET B 152 -23.18 -65.86 29.25
C MET B 152 -24.66 -66.09 29.14
N GLY B 153 -25.22 -65.75 27.97
CA GLY B 153 -26.63 -65.89 27.75
C GLY B 153 -27.44 -64.81 28.42
N ILE B 154 -26.80 -63.71 28.81
CA ILE B 154 -27.52 -62.61 29.44
C ILE B 154 -27.63 -61.41 28.53
N GLU B 155 -28.85 -60.91 28.38
CA GLU B 155 -29.04 -59.73 27.54
C GLU B 155 -28.98 -58.45 28.36
N HIS B 156 -28.06 -57.59 27.97
CA HIS B 156 -27.77 -56.35 28.68
C HIS B 156 -27.34 -55.27 27.71
N ALA B 157 -27.47 -54.02 28.13
CA ALA B 157 -27.06 -52.88 27.32
C ALA B 157 -25.58 -52.91 27.05
N TYR B 158 -25.19 -52.67 25.79
CA TYR B 158 -23.77 -52.63 25.49
C TYR B 158 -23.50 -51.82 24.23
N HIS B 159 -22.23 -51.51 24.06
CA HIS B 159 -21.72 -50.96 22.82
C HIS B 159 -20.37 -51.57 22.53
N ASP B 160 -20.25 -52.18 21.36
CA ASP B 160 -18.99 -52.75 20.93
C ASP B 160 -18.68 -52.32 19.52
N PHE B 161 -17.45 -52.57 19.12
CA PHE B 161 -16.97 -52.32 17.77
C PHE B 161 -17.12 -53.65 17.05
N ASP B 162 -17.50 -53.62 15.78
CA ASP B 162 -17.73 -54.89 15.10
C ASP B 162 -16.39 -55.46 14.66
N ASN B 163 -15.73 -56.16 15.58
CA ASN B 163 -14.41 -56.72 15.31
C ASN B 163 -14.51 -57.89 14.34
N GLU B 164 -15.68 -58.51 14.29
CA GLU B 164 -15.93 -59.58 13.33
C GLU B 164 -15.99 -59.01 11.91
N ALA B 165 -16.66 -57.87 11.77
CA ALA B 165 -16.67 -57.16 10.49
C ALA B 165 -15.29 -56.66 10.11
N TYR B 166 -14.59 -56.08 11.07
CA TYR B 166 -13.25 -55.56 10.85
C TYR B 166 -12.26 -56.64 10.41
N ALA B 167 -12.30 -57.79 11.07
CA ALA B 167 -11.38 -58.87 10.75
C ALA B 167 -11.57 -59.37 9.33
N TYR B 168 -12.84 -59.53 8.92
CA TYR B 168 -13.17 -59.94 7.55
C TYR B 168 -12.73 -58.93 6.48
N GLU B 169 -12.82 -57.66 6.81
CA GLU B 169 -12.41 -56.56 5.94
C GLU B 169 -10.90 -56.35 5.91
N ALA B 170 -10.22 -56.80 6.96
CA ALA B 170 -8.76 -56.73 7.04
C ALA B 170 -8.15 -57.64 5.99
N VAL B 171 -8.72 -58.83 5.86
CA VAL B 171 -8.28 -59.83 4.88
C VAL B 171 -8.59 -59.44 3.45
N GLU B 172 -9.66 -58.67 3.23
CA GLU B 172 -9.95 -58.21 1.88
C GLU B 172 -8.89 -57.31 1.26
N ARG B 173 -8.39 -56.36 2.05
CA ARG B 173 -7.43 -55.40 1.51
C ARG B 173 -6.01 -55.98 1.42
N LEU B 174 -5.68 -56.95 2.27
CA LEU B 174 -4.42 -57.67 2.11
C LEU B 174 -4.47 -58.47 0.81
N ALA B 175 -5.66 -58.87 0.39
CA ALA B 175 -5.82 -59.50 -0.90
C ALA B 175 -5.51 -58.44 -1.95
N GLN B 176 -6.05 -57.24 -1.73
CA GLN B 176 -5.78 -56.07 -2.57
C GLN B 176 -4.30 -55.69 -2.57
N CYS B 177 -3.64 -55.91 -1.43
CA CYS B 177 -2.21 -55.67 -1.37
C CYS B 177 -1.42 -56.79 -2.05
N GLY B 178 -2.03 -57.95 -2.22
CA GLY B 178 -1.39 -59.04 -2.96
C GLY B 178 -0.74 -60.08 -2.08
N ARG B 179 -0.70 -59.80 -0.79
CA ARG B 179 0.06 -60.62 0.16
C ARG B 179 -0.53 -62.02 0.37
N LYS B 180 0.33 -63.05 0.30
CA LYS B 180 -0.11 -64.46 0.30
C LYS B 180 -0.03 -65.15 1.65
N ARG B 181 0.59 -64.49 2.62
CA ARG B 181 0.65 -65.02 3.96
C ARG B 181 0.23 -63.95 4.95
N ILE B 182 -0.63 -64.37 5.88
CA ILE B 182 -1.34 -63.44 6.73
C ILE B 182 -1.09 -63.82 8.19
N ALA B 183 -0.93 -62.83 9.04
CA ALA B 183 -0.75 -63.09 10.45
C ALA B 183 -1.86 -62.39 11.23
N ILE B 184 -2.20 -62.91 12.40
CA ILE B 184 -3.28 -62.31 13.18
C ILE B 184 -2.86 -62.06 14.62
N ILE B 185 -2.96 -60.81 15.05
CA ILE B 185 -2.74 -60.45 16.45
C ILE B 185 -4.06 -60.43 17.23
N VAL B 186 -4.24 -61.36 18.15
CA VAL B 186 -5.51 -61.49 18.86
C VAL B 186 -5.34 -61.19 20.34
N PRO B 187 -6.43 -60.78 21.02
CA PRO B 187 -6.41 -60.59 22.47
C PRO B 187 -6.30 -61.93 23.19
N PRO B 188 -5.97 -61.91 24.49
CA PRO B 188 -5.85 -63.14 25.27
C PRO B 188 -7.15 -63.89 25.21
N SER B 189 -7.10 -65.20 25.30
CA SER B 189 -8.30 -66.00 25.21
C SER B 189 -9.13 -65.73 26.45
N ARG B 190 -8.55 -64.94 27.37
CA ARG B 190 -9.27 -64.40 28.51
C ARG B 190 -10.50 -63.58 28.11
N PHE B 191 -10.37 -62.80 27.05
CA PHE B 191 -11.43 -61.88 26.65
C PHE B 191 -12.36 -62.40 25.54
N ALA B 192 -13.59 -61.90 25.50
CA ALA B 192 -14.64 -62.42 24.62
C ALA B 192 -14.47 -62.17 23.12
N PHE B 193 -14.12 -60.94 22.76
CA PHE B 193 -13.98 -60.54 21.35
C PHE B 193 -12.84 -61.27 20.64
N HIS B 194 -12.03 -61.96 21.42
CA HIS B 194 -11.00 -62.85 20.89
C HIS B 194 -11.58 -63.79 19.83
N ASP B 195 -12.71 -64.43 20.13
CA ASP B 195 -13.35 -65.31 19.15
C ASP B 195 -14.02 -64.52 18.03
N HIS B 196 -14.53 -63.34 18.36
CA HIS B 196 -15.12 -62.46 17.37
C HIS B 196 -14.10 -62.11 16.30
N ALA B 197 -12.88 -61.81 16.75
CA ALA B 197 -11.80 -61.47 15.84
C ALA B 197 -11.39 -62.66 14.99
N ARG B 198 -11.21 -63.82 15.61
CA ARG B 198 -10.74 -64.99 14.90
C ARG B 198 -11.79 -65.62 14.00
N LYS B 199 -13.06 -65.50 14.36
CA LYS B 199 -14.15 -65.99 13.50
C LYS B 199 -14.27 -65.20 12.20
N GLY B 200 -14.21 -63.88 12.30
CA GLY B 200 -14.26 -63.03 11.12
C GLY B 200 -13.03 -63.17 10.26
N PHE B 201 -11.89 -63.31 10.92
CA PHE B 201 -10.62 -63.44 10.25
C PHE B 201 -10.44 -64.78 9.55
N THR B 202 -10.86 -65.87 10.19
CA THR B 202 -10.72 -67.20 9.61
C THR B 202 -11.76 -67.40 8.51
N ARG B 203 -12.92 -66.79 8.69
CA ARG B 203 -13.93 -66.79 7.64
C ARG B 203 -13.46 -65.92 6.48
N GLY B 204 -12.70 -64.89 6.81
CA GLY B 204 -12.13 -64.00 5.81
C GLY B 204 -11.13 -64.67 4.86
N ILE B 205 -10.27 -65.52 5.44
CA ILE B 205 -9.20 -66.21 4.70
C ILE B 205 -9.74 -67.35 3.84
N ARG B 206 -10.87 -67.94 4.24
CA ARG B 206 -11.52 -68.94 3.39
C ARG B 206 -12.05 -68.28 2.11
N ASP B 207 -12.75 -67.17 2.27
CA ASP B 207 -13.33 -66.42 1.15
C ASP B 207 -12.33 -65.66 0.28
N PHE B 208 -11.20 -65.25 0.83
CA PHE B 208 -10.22 -64.55 0.00
C PHE B 208 -9.19 -65.53 -0.57
N GLY B 209 -9.28 -66.78 -0.12
CA GLY B 209 -8.52 -67.89 -0.66
C GLY B 209 -7.02 -67.81 -0.46
N VAL B 210 -6.60 -66.92 0.45
CA VAL B 210 -5.18 -66.72 0.75
C VAL B 210 -4.90 -67.23 2.16
N SER B 211 -3.74 -67.82 2.41
CA SER B 211 -3.49 -68.47 3.71
C SER B 211 -2.89 -67.59 4.82
N GLU B 212 -3.12 -68.07 6.05
CA GLU B 212 -2.76 -67.44 7.33
C GLU B 212 -1.51 -68.03 7.96
N PHE B 213 -0.48 -67.20 8.12
CA PHE B 213 0.72 -67.58 8.85
C PHE B 213 0.23 -67.81 10.27
N PRO B 214 0.83 -68.79 10.98
CA PRO B 214 0.21 -69.20 12.25
C PRO B 214 0.35 -68.25 13.42
N LEU B 215 1.59 -67.91 13.79
CA LEU B 215 1.89 -66.89 14.78
C LEU B 215 0.98 -66.93 16.00
N ASP B 216 1.00 -68.07 16.69
CA ASP B 216 0.24 -68.28 17.90
C ASP B 216 1.11 -67.88 19.08
N ALA B 217 2.34 -67.51 18.76
CA ALA B 217 3.36 -67.27 19.78
C ALA B 217 3.10 -66.05 20.68
N ILE B 218 2.45 -65.03 20.15
CA ILE B 218 2.26 -63.78 20.90
C ILE B 218 0.84 -63.22 20.80
N THR B 219 0.45 -62.46 21.81
CA THR B 219 -0.84 -61.77 21.81
C THR B 219 -0.60 -60.31 22.14
N ILE B 220 -1.65 -59.50 22.02
CA ILE B 220 -1.57 -58.08 22.33
C ILE B 220 -1.13 -57.75 23.75
N GLU B 221 -1.60 -58.55 24.70
CA GLU B 221 -1.30 -58.27 26.10
C GLU B 221 0.15 -58.62 26.46
N THR B 222 0.85 -59.26 25.53
CA THR B 222 2.29 -59.49 25.71
C THR B 222 2.97 -58.14 25.72
N PRO B 223 3.97 -57.98 26.61
CA PRO B 223 4.67 -56.71 26.73
C PRO B 223 5.22 -56.19 25.42
N LEU B 224 5.18 -54.87 25.24
CA LEU B 224 5.58 -54.30 23.97
C LEU B 224 7.09 -54.41 23.89
N ASP B 225 7.72 -54.48 25.06
CA ASP B 225 9.15 -54.81 25.21
C ASP B 225 9.51 -56.25 24.80
N LYS B 226 8.51 -57.08 24.60
CA LYS B 226 8.75 -58.48 24.27
C LYS B 226 8.28 -58.78 22.85
N ILE B 227 7.18 -58.16 22.47
CA ILE B 227 6.68 -58.35 21.13
C ILE B 227 7.69 -57.81 20.13
N ARG B 228 8.65 -57.03 20.63
CA ARG B 228 9.70 -56.41 19.85
C ARG B 228 10.52 -57.47 19.14
N ASP B 229 11.32 -58.19 19.92
CA ASP B 229 12.19 -59.24 19.41
C ASP B 229 11.47 -60.17 18.53
N PHE B 230 10.21 -60.43 18.85
CA PHE B 230 9.41 -61.32 18.06
C PHE B 230 9.33 -60.72 16.67
N GLY B 231 9.16 -59.41 16.65
CA GLY B 231 9.08 -58.71 15.39
C GLY B 231 10.35 -58.85 14.56
N LYS B 232 11.49 -58.61 15.20
CA LYS B 232 12.78 -58.73 14.54
C LYS B 232 13.13 -60.18 14.22
N ARG B 233 12.78 -61.10 15.12
CA ARG B 233 13.09 -62.52 14.89
C ARG B 233 12.25 -63.13 13.78
N LEU B 234 11.03 -62.64 13.61
CA LEU B 234 10.16 -63.19 12.58
C LEU B 234 10.57 -62.87 11.16
N MET B 235 10.90 -61.61 10.91
CA MET B 235 11.28 -61.19 9.56
C MET B 235 12.71 -61.64 9.30
N GLN B 236 13.50 -61.77 10.36
CA GLN B 236 14.84 -62.38 10.28
C GLN B 236 14.76 -63.90 10.17
N SER B 237 13.80 -64.40 9.39
CA SER B 237 13.58 -65.84 9.27
C SER B 237 13.55 -66.38 7.85
N ASP B 238 13.47 -67.71 7.74
CA ASP B 238 13.48 -68.36 6.44
C ASP B 238 12.18 -68.04 5.71
N ASP B 239 11.09 -67.96 6.47
CA ASP B 239 9.81 -67.56 5.89
C ASP B 239 9.16 -66.42 6.67
N ARG B 240 8.81 -65.36 5.97
CA ARG B 240 8.16 -64.23 6.59
C ARG B 240 6.80 -64.14 5.95
N PRO B 241 5.77 -63.81 6.75
CA PRO B 241 4.45 -63.68 6.14
C PRO B 241 4.38 -62.41 5.29
N ASP B 242 3.58 -62.44 4.23
CA ASP B 242 3.48 -61.30 3.35
C ASP B 242 2.52 -60.23 3.87
N GLY B 243 1.63 -60.59 4.78
CA GLY B 243 0.67 -59.64 5.34
C GLY B 243 0.46 -59.83 6.83
N ILE B 244 0.11 -58.74 7.54
CA ILE B 244 -0.06 -58.77 9.00
C ILE B 244 -1.26 -57.92 9.49
N VAL B 245 -2.08 -58.52 10.35
CA VAL B 245 -3.23 -57.85 10.96
C VAL B 245 -3.14 -57.67 12.48
N SER B 246 -3.30 -56.43 12.95
CA SER B 246 -3.25 -56.12 14.38
C SER B 246 -4.60 -55.60 14.90
N ILE B 247 -4.95 -55.99 16.13
CA ILE B 247 -6.19 -55.54 16.77
C ILE B 247 -5.91 -54.31 17.64
N SER B 248 -4.66 -54.19 18.06
CA SER B 248 -4.25 -53.05 18.87
C SER B 248 -3.17 -52.21 18.23
N GLY B 249 -3.44 -50.91 18.09
CA GLY B 249 -2.44 -49.99 17.60
C GLY B 249 -1.29 -49.90 18.58
N SER B 250 -1.51 -50.39 19.80
CA SER B 250 -0.47 -50.39 20.80
C SER B 250 0.52 -51.49 20.44
N SER B 251 -0.01 -52.61 19.93
CA SER B 251 0.84 -53.72 19.51
C SER B 251 1.41 -53.48 18.11
N THR B 252 0.70 -52.70 17.31
CA THR B 252 1.15 -52.35 15.97
C THR B 252 2.46 -51.59 16.03
N ILE B 253 2.53 -50.66 16.98
CA ILE B 253 3.69 -49.80 17.14
C ILE B 253 4.96 -50.56 17.48
N ALA B 254 4.85 -51.53 18.37
CA ALA B 254 5.99 -52.33 18.80
C ALA B 254 6.46 -53.35 17.77
N LEU B 255 5.52 -53.94 17.03
CA LEU B 255 5.86 -54.96 16.04
C LEU B 255 6.67 -54.41 14.86
N VAL B 256 6.30 -53.23 14.38
CA VAL B 256 7.01 -52.56 13.30
C VAL B 256 8.40 -52.13 13.75
N ALA B 257 8.55 -51.83 15.03
CA ALA B 257 9.85 -51.50 15.59
C ALA B 257 10.81 -52.66 15.37
N GLY B 258 10.32 -53.88 15.56
CA GLY B 258 11.08 -55.08 15.26
C GLY B 258 11.29 -55.24 13.77
N PHE B 259 10.28 -54.86 13.00
CA PHE B 259 10.34 -54.92 11.54
C PHE B 259 11.42 -53.99 10.97
N GLU B 260 11.53 -52.78 11.50
CA GLU B 260 12.55 -51.85 11.00
C GLU B 260 13.97 -52.12 11.51
N ALA B 261 14.10 -52.71 12.70
CA ALA B 261 15.43 -53.12 13.17
C ALA B 261 15.98 -54.23 12.29
N ALA B 262 15.12 -55.18 11.96
CA ALA B 262 15.44 -56.23 11.01
C ALA B 262 15.53 -55.67 9.59
N GLY B 263 14.89 -54.52 9.37
CA GLY B 263 15.02 -53.82 8.12
C GLY B 263 14.03 -54.05 6.99
N VAL B 264 12.77 -54.33 7.30
CA VAL B 264 11.79 -54.52 6.23
C VAL B 264 11.07 -53.19 5.99
N ARG B 265 10.90 -52.84 4.73
CA ARG B 265 10.17 -51.62 4.40
C ARG B 265 8.68 -51.93 4.36
N ILE B 266 7.90 -51.15 5.12
CA ILE B 266 6.47 -51.35 5.19
C ILE B 266 5.97 -50.72 3.88
N GLY B 267 4.72 -50.95 3.49
CA GLY B 267 4.26 -50.49 2.20
C GLY B 267 4.65 -51.43 1.07
N LYS B 268 5.94 -51.50 0.73
CA LYS B 268 6.38 -52.40 -0.34
C LYS B 268 6.37 -53.91 -0.04
N ASP B 269 7.01 -54.32 1.05
CA ASP B 269 7.20 -55.74 1.36
C ASP B 269 6.05 -56.42 2.09
N ILE B 270 5.50 -55.68 3.05
CA ILE B 270 4.52 -56.17 3.99
C ILE B 270 3.49 -55.05 4.09
N ASP B 271 2.21 -55.37 4.12
CA ASP B 271 1.24 -54.31 4.33
C ASP B 271 0.43 -54.67 5.53
N ILE B 272 0.14 -53.64 6.32
CA ILE B 272 -0.44 -53.86 7.63
C ILE B 272 -1.74 -53.12 7.72
N VAL B 273 -2.77 -53.77 8.22
CA VAL B 273 -3.98 -53.06 8.57
C VAL B 273 -4.16 -53.18 10.09
N SER B 274 -4.49 -52.06 10.72
CA SER B 274 -4.54 -52.00 12.17
C SER B 274 -5.70 -51.18 12.70
N LYS B 275 -6.19 -51.58 13.87
CA LYS B 275 -7.27 -50.87 14.54
C LYS B 275 -6.73 -49.67 15.31
N GLN B 276 -7.53 -48.62 15.38
CA GLN B 276 -7.11 -47.35 15.96
C GLN B 276 -8.18 -46.71 16.84
N SER B 277 -7.80 -46.27 18.04
CA SER B 277 -8.78 -45.66 18.93
C SER B 277 -8.85 -44.15 18.72
N ALA B 278 -7.86 -43.61 18.03
CA ALA B 278 -7.88 -42.24 17.52
C ALA B 278 -6.88 -42.16 16.38
N GLU B 279 -7.08 -41.24 15.44
CA GLU B 279 -6.26 -41.19 14.24
C GLU B 279 -4.83 -40.71 14.58
N PHE B 280 -3.96 -41.62 15.00
CA PHE B 280 -2.58 -41.22 15.26
C PHE B 280 -1.52 -41.96 14.44
N LEU B 281 -1.89 -43.00 13.68
CA LEU B 281 -0.88 -43.92 13.16
C LEU B 281 -0.28 -43.50 11.82
N ASN B 282 -0.98 -42.69 11.03
CA ASN B 282 -0.46 -42.30 9.73
C ASN B 282 0.42 -41.03 9.87
N TRP B 283 0.37 -40.39 11.05
CA TRP B 283 1.38 -39.40 11.42
C TRP B 283 2.68 -40.15 11.72
N ILE B 284 2.52 -41.38 12.19
CA ILE B 284 3.64 -42.22 12.56
C ILE B 284 4.12 -43.10 11.43
N GLN B 285 3.18 -43.59 10.63
CA GLN B 285 3.50 -44.41 9.48
C GLN B 285 2.49 -44.15 8.36
N PRO B 286 2.88 -43.35 7.37
CA PRO B 286 1.90 -42.96 6.35
C PRO B 286 1.28 -44.09 5.50
N GLN B 287 2.02 -45.17 5.28
CA GLN B 287 1.54 -46.35 4.52
C GLN B 287 0.65 -47.37 5.24
N ILE B 288 0.74 -47.42 6.56
CA ILE B 288 -0.06 -48.40 7.32
C ILE B 288 -1.53 -48.08 7.07
N HIS B 289 -2.30 -49.14 6.84
CA HIS B 289 -3.70 -49.00 6.53
C HIS B 289 -4.51 -49.01 7.80
N THR B 290 -5.18 -47.88 8.06
CA THR B 290 -5.77 -47.63 9.36
C THR B 290 -7.29 -47.58 9.32
N VAL B 291 -7.89 -48.14 10.37
CA VAL B 291 -9.33 -48.16 10.59
C VAL B 291 -9.59 -47.49 11.93
N ASN B 292 -10.61 -46.65 11.99
CA ASN B 292 -10.85 -45.90 13.22
C ASN B 292 -12.03 -46.34 14.08
N GLU B 293 -11.71 -46.70 15.32
CA GLU B 293 -12.70 -46.95 16.35
C GLU B 293 -12.84 -45.66 17.14
N ASP B 294 -13.91 -44.91 16.93
CA ASP B 294 -14.04 -43.62 17.60
C ASP B 294 -14.46 -43.90 19.03
N ILE B 295 -13.56 -43.73 19.99
CA ILE B 295 -13.86 -44.15 21.35
C ILE B 295 -14.75 -43.17 22.12
N LYS B 296 -14.65 -41.88 21.84
CA LYS B 296 -15.59 -40.98 22.52
C LYS B 296 -16.95 -41.18 21.84
N LEU B 297 -16.99 -41.69 20.61
CA LEU B 297 -18.28 -42.05 20.03
C LEU B 297 -18.84 -43.20 20.84
N ALA B 298 -17.96 -44.12 21.23
CA ALA B 298 -18.32 -45.21 22.11
C ALA B 298 -18.76 -44.66 23.46
N GLY B 299 -18.00 -43.69 23.94
CA GLY B 299 -18.30 -43.04 25.20
C GLY B 299 -19.67 -42.41 25.29
N ARG B 300 -20.12 -41.73 24.23
CA ARG B 300 -21.43 -41.07 24.33
C ARG B 300 -22.61 -42.01 24.36
N GLU B 301 -22.55 -43.10 23.61
CA GLU B 301 -23.71 -43.97 23.55
C GLU B 301 -23.69 -45.07 24.63
N LEU B 302 -22.51 -45.36 25.20
CA LEU B 302 -22.48 -46.13 26.42
C LEU B 302 -23.25 -45.30 27.45
N ALA B 303 -22.97 -44.00 27.42
CA ALA B 303 -23.65 -43.05 28.28
C ALA B 303 -25.14 -43.05 27.93
N LYS B 304 -25.43 -42.86 26.65
CA LYS B 304 -26.82 -42.79 26.19
C LYS B 304 -27.60 -44.07 26.48
N ALA B 305 -26.92 -45.22 26.39
CA ALA B 305 -27.54 -46.50 26.72
C ALA B 305 -27.88 -46.60 28.19
N LEU B 306 -26.89 -46.28 29.02
CA LEU B 306 -27.01 -46.45 30.46
C LEU B 306 -28.11 -45.59 31.06
N LEU B 307 -28.27 -44.38 30.52
CA LEU B 307 -29.34 -43.49 30.94
C LEU B 307 -30.71 -44.12 30.69
N ALA B 308 -30.89 -44.63 29.47
CA ALA B 308 -32.13 -45.29 29.10
C ALA B 308 -32.42 -46.46 30.02
N ARG B 309 -31.38 -47.20 30.39
CA ARG B 309 -31.58 -48.36 31.26
C ARG B 309 -31.89 -47.93 32.70
N ILE B 310 -31.33 -46.80 33.12
CA ILE B 310 -31.62 -46.30 34.46
C ILE B 310 -33.06 -45.81 34.57
N ASN B 311 -33.57 -45.20 33.50
CA ASN B 311 -34.99 -44.85 33.50
C ASN B 311 -35.83 -46.12 33.42
N GLY B 312 -35.26 -47.18 32.88
CA GLY B 312 -35.92 -48.47 32.92
C GLY B 312 -36.29 -49.01 31.56
N ALA B 313 -35.64 -48.52 30.51
CA ALA B 313 -35.92 -48.99 29.17
C ALA B 313 -35.39 -50.40 29.06
N PRO B 314 -36.03 -51.24 28.24
CA PRO B 314 -35.58 -52.63 28.16
C PRO B 314 -34.18 -52.75 27.57
N PRO B 315 -33.40 -53.73 28.05
CA PRO B 315 -31.98 -53.97 27.73
C PRO B 315 -31.63 -54.13 26.26
N GLU B 316 -32.47 -54.79 25.46
CA GLU B 316 -32.12 -55.08 24.06
C GLU B 316 -32.22 -53.89 23.11
N THR B 317 -33.00 -52.89 23.47
CA THR B 317 -33.04 -51.62 22.73
C THR B 317 -31.66 -50.99 22.77
N LEU B 318 -31.06 -51.19 23.93
CA LEU B 318 -29.83 -50.56 24.36
C LEU B 318 -28.52 -51.07 23.74
N GLN B 319 -28.62 -52.08 22.88
CA GLN B 319 -27.44 -52.70 22.29
C GLN B 319 -27.05 -52.06 20.96
N SER B 320 -25.76 -51.88 20.77
CA SER B 320 -25.28 -51.18 19.60
C SER B 320 -23.91 -51.67 19.17
N VAL B 321 -23.69 -51.64 17.87
CA VAL B 321 -22.47 -52.12 17.28
C VAL B 321 -22.06 -51.15 16.19
N SER B 322 -20.83 -50.65 16.28
CA SER B 322 -20.32 -49.68 15.32
C SER B 322 -19.64 -50.38 14.16
N ARG B 323 -19.90 -49.89 12.96
CA ARG B 323 -19.24 -50.45 11.80
C ARG B 323 -17.94 -49.71 11.65
N PRO B 324 -16.90 -50.41 11.17
CA PRO B 324 -15.57 -49.82 10.99
C PRO B 324 -15.50 -48.77 9.89
N VAL B 325 -14.58 -47.81 10.02
CA VAL B 325 -14.33 -46.79 9.00
C VAL B 325 -12.82 -46.81 8.69
N TRP B 326 -12.41 -46.51 7.43
CA TRP B 326 -11.00 -46.68 7.00
C TRP B 326 -10.14 -45.42 7.00
N SER B 327 -10.66 -44.35 7.61
CA SER B 327 -9.91 -43.10 7.87
C SER B 327 -9.60 -42.07 6.79
N SER B 328 -8.91 -41.01 7.24
CA SER B 328 -8.46 -39.92 6.38
C SER B 328 -6.96 -39.70 6.54
N GLU E 1 -24.93 -14.57 -33.00
CA GLU E 1 -25.59 -14.57 -31.69
C GLU E 1 -24.58 -14.28 -30.59
N ARG E 2 -24.91 -13.36 -29.68
CA ARG E 2 -23.99 -13.09 -28.58
C ARG E 2 -23.91 -14.36 -27.74
N PRO E 3 -22.69 -14.85 -27.51
CA PRO E 3 -22.51 -16.12 -26.81
C PRO E 3 -22.80 -16.03 -25.33
N THR E 4 -23.36 -17.11 -24.80
CA THR E 4 -23.73 -17.21 -23.39
C THR E 4 -23.18 -18.54 -22.90
N LEU E 5 -23.32 -18.79 -21.60
CA LEU E 5 -22.90 -20.05 -21.02
C LEU E 5 -23.57 -21.22 -21.74
N LYS E 6 -24.82 -21.00 -22.14
CA LYS E 6 -25.59 -21.99 -22.88
C LYS E 6 -24.92 -22.39 -24.19
N THR E 7 -24.55 -21.38 -24.98
CA THR E 7 -23.91 -21.59 -26.28
C THR E 7 -22.54 -22.26 -26.15
N ILE E 8 -21.75 -21.82 -25.18
CA ILE E 8 -20.46 -22.45 -24.91
C ILE E 8 -20.69 -23.91 -24.55
N ALA E 9 -21.65 -24.14 -23.67
CA ALA E 9 -22.01 -25.49 -23.27
C ALA E 9 -22.46 -26.32 -24.46
N TYR E 10 -23.17 -25.69 -25.40
CA TYR E 10 -23.65 -26.39 -26.59
C TYR E 10 -22.50 -26.82 -27.51
N MET E 11 -21.56 -25.92 -27.76
CA MET E 11 -20.42 -26.20 -28.64
C MET E 11 -19.55 -27.30 -28.07
N THR E 12 -19.38 -27.28 -26.75
CA THR E 12 -18.49 -28.21 -26.06
C THR E 12 -19.22 -29.54 -25.84
N GLY E 13 -20.53 -29.52 -26.05
CA GLY E 13 -21.44 -30.46 -25.44
C GLY E 13 -21.22 -30.75 -23.96
N LEU E 14 -21.10 -29.71 -23.15
CA LEU E 14 -20.98 -29.90 -21.71
C LEU E 14 -22.25 -29.36 -21.04
N GLY E 15 -22.34 -29.53 -19.72
CA GLY E 15 -23.48 -29.03 -18.96
C GLY E 15 -23.25 -27.58 -18.60
N ILE E 16 -24.20 -26.71 -18.94
CA ILE E 16 -24.13 -25.27 -18.60
C ILE E 16 -23.46 -25.00 -17.25
N THR E 17 -23.79 -25.78 -16.23
CA THR E 17 -23.18 -25.62 -14.92
C THR E 17 -21.67 -25.88 -14.95
N THR E 18 -21.23 -26.84 -15.75
CA THR E 18 -19.80 -27.11 -15.87
C THR E 18 -19.05 -25.89 -16.39
N VAL E 19 -19.61 -25.24 -17.42
CA VAL E 19 -18.99 -24.08 -18.02
C VAL E 19 -18.85 -22.92 -17.03
N SER E 20 -19.93 -22.60 -16.33
CA SER E 20 -19.93 -21.52 -15.35
C SER E 20 -18.88 -21.80 -14.28
N ARG E 21 -18.90 -23.03 -13.77
CA ARG E 21 -17.95 -23.45 -12.73
C ARG E 21 -16.56 -23.59 -13.34
N ALA E 22 -16.47 -23.76 -14.66
CA ALA E 22 -15.16 -23.80 -15.29
C ALA E 22 -14.54 -22.41 -15.38
N LEU E 23 -15.36 -21.43 -15.78
CA LEU E 23 -14.87 -20.09 -16.02
C LEU E 23 -14.42 -19.41 -14.73
N LYS E 24 -15.01 -19.83 -13.64
CA LYS E 24 -14.61 -19.38 -12.33
C LYS E 24 -13.78 -20.58 -11.95
N ASP E 25 -12.47 -20.42 -11.86
CA ASP E 25 -11.59 -21.56 -11.60
C ASP E 25 -11.97 -22.36 -10.34
N ALA E 26 -12.79 -23.40 -10.56
CA ALA E 26 -13.37 -24.27 -9.52
C ALA E 26 -12.66 -25.62 -9.36
N PRO E 27 -12.65 -26.16 -8.13
CA PRO E 27 -12.10 -27.51 -7.87
C PRO E 27 -12.85 -28.68 -8.52
N ASP E 28 -14.16 -28.54 -8.75
CA ASP E 28 -14.98 -29.63 -9.29
C ASP E 28 -14.56 -30.13 -10.66
N ILE E 29 -14.20 -29.19 -11.52
CA ILE E 29 -14.06 -29.42 -12.94
C ILE E 29 -12.67 -29.89 -13.35
N GLY E 30 -12.63 -30.77 -14.34
CA GLY E 30 -11.43 -31.45 -14.78
C GLY E 30 -10.40 -30.48 -15.33
N ALA E 31 -9.15 -30.72 -14.97
CA ALA E 31 -8.03 -29.81 -15.22
C ALA E 31 -7.99 -29.08 -16.57
N GLU E 32 -8.21 -29.79 -17.68
CA GLU E 32 -8.15 -29.19 -19.03
C GLU E 32 -9.50 -29.12 -19.76
N THR E 33 -10.54 -29.72 -19.16
CA THR E 33 -11.89 -29.40 -19.59
C THR E 33 -12.03 -27.94 -19.14
N LYS E 34 -11.35 -27.59 -18.05
CA LYS E 34 -11.28 -26.19 -17.67
C LYS E 34 -10.56 -25.44 -18.77
N GLU E 35 -9.45 -26.00 -19.22
CA GLU E 35 -8.65 -25.37 -20.26
C GLU E 35 -9.40 -25.35 -21.59
N ARG E 36 -10.23 -26.37 -21.84
CA ARG E 36 -11.11 -26.32 -23.01
C ARG E 36 -12.08 -25.17 -22.96
N VAL E 37 -12.75 -25.00 -21.83
CA VAL E 37 -13.80 -24.00 -21.73
C VAL E 37 -13.26 -22.56 -21.73
N ARG E 38 -12.17 -22.30 -21.01
CA ARG E 38 -11.65 -20.94 -20.96
C ARG E 38 -11.02 -20.56 -22.30
N LEU E 39 -10.55 -21.56 -23.04
CA LEU E 39 -9.91 -21.24 -24.31
C LEU E 39 -10.96 -20.93 -25.36
N ILE E 40 -12.04 -21.71 -25.41
CA ILE E 40 -13.15 -21.41 -26.31
C ILE E 40 -13.84 -20.10 -25.93
N ALA E 41 -13.94 -19.83 -24.63
CA ALA E 41 -14.58 -18.62 -24.15
C ALA E 41 -13.86 -17.37 -24.62
N GLN E 42 -12.53 -17.37 -24.48
CA GLN E 42 -11.72 -16.23 -24.85
C GLN E 42 -11.78 -16.04 -26.35
N GLN E 43 -11.89 -17.16 -27.04
CA GLN E 43 -11.85 -17.11 -28.47
C GLN E 43 -13.11 -16.60 -29.18
N ILE E 44 -14.30 -16.87 -28.65
CA ILE E 44 -15.51 -16.25 -29.20
C ILE E 44 -15.76 -14.89 -28.54
N GLY E 45 -15.27 -14.76 -27.30
CA GLY E 45 -15.22 -13.49 -26.60
C GLY E 45 -16.41 -13.38 -25.68
N TYR E 46 -16.58 -14.38 -24.82
CA TYR E 46 -17.76 -14.42 -23.97
C TYR E 46 -17.63 -13.47 -22.81
N GLN E 47 -18.64 -12.62 -22.66
CA GLN E 47 -18.78 -11.76 -21.51
C GLN E 47 -20.04 -12.16 -20.78
N PRO E 48 -19.89 -12.52 -19.50
CA PRO E 48 -21.01 -12.97 -18.69
C PRO E 48 -22.09 -11.92 -18.73
N ASN E 49 -23.34 -12.34 -18.85
CA ASN E 49 -24.42 -11.38 -18.97
C ASN E 49 -24.58 -10.63 -17.68
N ARG E 50 -24.35 -9.32 -17.73
CA ARG E 50 -24.40 -8.47 -16.57
C ARG E 50 -25.76 -8.57 -15.91
N ALA E 51 -26.79 -8.60 -16.74
CA ALA E 51 -28.16 -8.70 -16.26
C ALA E 51 -28.38 -10.05 -15.57
N GLY E 52 -27.85 -11.11 -16.18
CA GLY E 52 -27.98 -12.45 -15.64
C GLY E 52 -27.31 -12.61 -14.28
N VAL E 53 -26.14 -12.00 -14.13
CA VAL E 53 -25.39 -12.06 -12.88
C VAL E 53 -26.07 -11.23 -11.79
N ARG E 54 -26.46 -10.01 -12.14
CA ARG E 54 -27.03 -9.07 -11.16
C ARG E 54 -28.36 -9.56 -10.62
N LEU E 55 -29.11 -10.27 -11.44
CA LEU E 55 -30.40 -10.80 -11.01
C LEU E 55 -30.22 -11.99 -10.07
N ARG E 56 -29.26 -12.84 -10.38
CA ARG E 56 -29.05 -14.09 -9.65
C ARG E 56 -28.31 -13.88 -8.34
N THR E 57 -27.25 -13.09 -8.37
CA THR E 57 -26.53 -12.69 -7.17
C THR E 57 -26.62 -11.18 -7.08
N GLY E 58 -26.29 -10.62 -5.94
CA GLY E 58 -26.35 -9.17 -5.77
C GLY E 58 -25.49 -8.36 -6.71
N LYS E 59 -24.40 -8.95 -7.19
CA LYS E 59 -23.33 -8.22 -7.86
C LYS E 59 -23.79 -7.32 -9.00
N THR E 60 -23.52 -6.03 -8.86
CA THR E 60 -23.87 -5.09 -9.92
C THR E 60 -22.73 -4.75 -10.87
N ASN E 61 -21.50 -5.07 -10.47
CA ASN E 61 -20.32 -4.64 -11.20
C ASN E 61 -20.40 -3.17 -11.62
N VAL E 62 -20.85 -2.32 -10.69
CA VAL E 62 -20.98 -0.89 -10.93
C VAL E 62 -20.35 -0.07 -9.82
N ILE E 63 -19.61 0.97 -10.21
CA ILE E 63 -19.07 1.90 -9.25
C ILE E 63 -19.81 3.21 -9.42
N ALA E 64 -20.37 3.72 -8.33
CA ALA E 64 -21.13 4.96 -8.40
C ALA E 64 -20.25 6.12 -7.97
N LEU E 65 -20.14 7.12 -8.85
CA LEU E 65 -19.47 8.35 -8.51
C LEU E 65 -20.52 9.43 -8.31
N VAL E 66 -20.66 9.95 -7.09
CA VAL E 66 -21.63 11.02 -6.87
C VAL E 66 -20.92 12.36 -6.84
N LEU E 67 -21.47 13.32 -7.58
CA LEU E 67 -20.86 14.63 -7.79
C LEU E 67 -21.82 15.78 -7.53
N SER E 68 -21.35 16.77 -6.79
CA SER E 68 -22.10 18.00 -6.64
C SER E 68 -22.01 18.78 -7.95
N VAL E 69 -23.16 19.25 -8.44
CA VAL E 69 -23.18 20.09 -9.62
C VAL E 69 -22.52 21.44 -9.33
N ASP E 70 -22.67 21.92 -8.11
CA ASP E 70 -21.91 23.11 -7.74
C ASP E 70 -20.51 22.62 -7.44
N GLU E 71 -19.59 23.03 -8.30
CA GLU E 71 -18.20 22.62 -8.18
C GLU E 71 -17.36 23.81 -8.60
N GLU E 72 -16.10 23.77 -8.20
CA GLU E 72 -15.14 24.79 -8.54
C GLU E 72 -15.10 24.95 -10.07
N LEU E 73 -14.98 26.18 -10.54
CA LEU E 73 -14.94 26.44 -11.98
C LEU E 73 -13.80 25.70 -12.63
N MET E 74 -12.65 25.77 -11.96
CA MET E 74 -11.42 25.17 -12.43
C MET E 74 -11.15 23.86 -11.72
N GLY E 75 -12.22 23.16 -11.36
CA GLY E 75 -12.08 21.90 -10.65
C GLY E 75 -11.57 20.73 -11.48
N PHE E 76 -11.38 20.95 -12.78
CA PHE E 76 -11.03 19.92 -13.77
C PHE E 76 -11.47 18.52 -13.34
N THR E 77 -12.79 18.37 -13.17
CA THR E 77 -13.37 17.15 -12.62
C THR E 77 -13.19 15.97 -13.58
N SER E 78 -13.17 16.26 -14.87
CA SER E 78 -13.00 15.24 -15.91
C SER E 78 -11.73 14.42 -15.67
N GLN E 79 -10.69 15.06 -15.14
CA GLN E 79 -9.44 14.37 -14.88
C GLN E 79 -9.61 13.27 -13.84
N MET E 80 -10.45 13.50 -12.84
CA MET E 80 -10.78 12.47 -11.87
C MET E 80 -11.51 11.29 -12.49
N VAL E 81 -12.47 11.58 -13.36
CA VAL E 81 -13.22 10.53 -14.04
C VAL E 81 -12.24 9.66 -14.81
N PHE E 82 -11.34 10.31 -15.54
CA PHE E 82 -10.34 9.61 -16.33
C PHE E 82 -9.40 8.81 -15.42
N GLY E 83 -9.05 9.41 -14.27
CA GLY E 83 -8.25 8.74 -13.27
C GLY E 83 -8.90 7.47 -12.77
N ILE E 84 -10.20 7.55 -12.50
CA ILE E 84 -10.95 6.40 -12.00
C ILE E 84 -11.06 5.31 -13.06
N THR E 85 -11.50 5.71 -14.26
CA THR E 85 -11.74 4.76 -15.34
C THR E 85 -10.47 4.02 -15.75
N GLU E 86 -9.32 4.69 -15.69
CA GLU E 86 -8.04 4.06 -15.99
C GLU E 86 -7.83 2.82 -15.13
N VAL E 87 -8.11 2.94 -13.84
CA VAL E 87 -7.99 1.81 -12.94
C VAL E 87 -9.05 0.77 -13.30
N LEU E 88 -10.25 1.24 -13.63
CA LEU E 88 -11.38 0.36 -13.89
C LEU E 88 -11.31 -0.41 -15.22
N ALA E 89 -10.52 0.07 -16.17
CA ALA E 89 -10.45 -0.53 -17.51
C ALA E 89 -10.03 -2.01 -17.50
N THR E 90 -9.13 -2.36 -16.60
CA THR E 90 -8.71 -3.75 -16.45
C THR E 90 -9.85 -4.63 -15.94
N THR E 91 -10.70 -4.05 -15.09
CA THR E 91 -11.79 -4.79 -14.45
C THR E 91 -13.06 -4.75 -15.30
N GLN E 92 -14.11 -5.41 -14.80
CA GLN E 92 -15.42 -5.39 -15.44
C GLN E 92 -16.37 -4.38 -14.81
N TYR E 93 -15.83 -3.50 -13.95
CA TYR E 93 -16.67 -2.50 -13.34
C TYR E 93 -16.97 -1.39 -14.34
N HIS E 94 -18.18 -0.85 -14.26
CA HIS E 94 -18.55 0.26 -15.12
C HIS E 94 -18.68 1.45 -14.21
N LEU E 95 -18.59 2.65 -14.77
CA LEU E 95 -18.66 3.84 -13.96
C LEU E 95 -19.92 4.61 -14.31
N VAL E 96 -20.81 4.73 -13.33
CA VAL E 96 -22.02 5.51 -13.50
C VAL E 96 -21.84 6.81 -12.75
N VAL E 97 -22.45 7.87 -13.28
CA VAL E 97 -22.35 9.16 -12.64
C VAL E 97 -23.72 9.51 -12.05
N THR E 98 -23.72 9.97 -10.81
CA THR E 98 -24.95 10.38 -10.16
C THR E 98 -24.76 11.71 -9.49
N PRO E 99 -25.29 12.76 -10.09
CA PRO E 99 -25.17 14.06 -9.45
C PRO E 99 -26.41 14.41 -8.67
N HIS E 100 -26.22 15.23 -7.66
CA HIS E 100 -27.30 15.85 -6.92
C HIS E 100 -27.09 17.33 -7.19
N THR E 101 -28.14 18.14 -7.14
CA THR E 101 -27.97 19.53 -7.56
C THR E 101 -27.65 20.55 -6.43
N HIS E 102 -27.94 20.26 -5.17
CA HIS E 102 -27.44 21.15 -4.09
C HIS E 102 -27.30 20.52 -2.67
N ALA E 103 -26.37 21.05 -1.88
CA ALA E 103 -26.06 20.64 -0.49
C ALA E 103 -27.14 19.95 0.35
N LYS E 104 -28.41 20.33 0.19
CA LYS E 104 -29.45 19.63 0.92
C LYS E 104 -29.50 18.23 0.32
N ASP E 105 -29.77 18.16 -0.98
CA ASP E 105 -29.75 16.91 -1.76
C ASP E 105 -28.51 16.01 -1.61
N SER E 106 -27.63 16.24 -0.64
CA SER E 106 -26.37 15.49 -0.63
C SER E 106 -26.51 14.05 -0.20
N MET E 107 -27.57 13.76 0.54
CA MET E 107 -27.81 12.42 1.02
C MET E 107 -28.78 11.64 0.12
N VAL E 108 -29.43 12.33 -0.80
CA VAL E 108 -30.44 11.72 -1.66
C VAL E 108 -29.97 10.57 -2.57
N PRO E 109 -28.87 10.76 -3.33
CA PRO E 109 -28.49 9.63 -4.19
C PRO E 109 -27.98 8.42 -3.40
N ILE E 110 -27.38 8.67 -2.24
CA ILE E 110 -26.85 7.58 -1.43
C ILE E 110 -27.96 6.67 -0.93
N ARG E 111 -29.09 7.24 -0.51
CA ARG E 111 -30.20 6.41 -0.06
C ARG E 111 -30.76 5.63 -1.24
N TYR E 112 -30.80 6.27 -2.40
CA TYR E 112 -31.20 5.60 -3.63
C TYR E 112 -30.38 4.35 -3.89
N ILE E 113 -29.07 4.51 -3.83
CA ILE E 113 -28.13 3.45 -4.18
C ILE E 113 -28.29 2.24 -3.28
N LEU E 114 -28.35 2.48 -1.99
CA LEU E 114 -28.50 1.38 -1.05
C LEU E 114 -29.88 0.75 -1.14
N GLU E 115 -30.90 1.57 -1.30
CA GLU E 115 -32.27 1.06 -1.44
C GLU E 115 -32.47 0.27 -2.74
N THR E 116 -31.98 0.79 -3.87
CA THR E 116 -32.15 0.09 -5.13
C THR E 116 -31.04 -0.96 -5.32
N GLY E 117 -30.01 -0.86 -4.51
CA GLY E 117 -28.88 -1.80 -4.58
C GLY E 117 -28.17 -1.80 -5.93
N SER E 118 -28.02 -0.62 -6.53
CA SER E 118 -27.53 -0.50 -7.91
C SER E 118 -26.03 -0.21 -8.02
N ALA E 119 -25.27 -0.50 -6.98
CA ALA E 119 -23.83 -0.26 -7.01
C ALA E 119 -23.10 -1.11 -5.98
N ASP E 120 -21.88 -1.52 -6.32
CA ASP E 120 -21.03 -2.33 -5.46
C ASP E 120 -20.04 -1.53 -4.61
N GLY E 121 -19.81 -0.28 -5.01
CA GLY E 121 -19.03 0.66 -4.21
C GLY E 121 -19.41 2.07 -4.62
N VAL E 122 -19.14 3.02 -3.73
CA VAL E 122 -19.54 4.40 -3.98
C VAL E 122 -18.38 5.37 -3.76
N ILE E 123 -18.30 6.40 -4.60
CA ILE E 123 -17.30 7.44 -4.42
C ILE E 123 -18.00 8.75 -4.11
N ILE E 124 -17.57 9.39 -3.03
CA ILE E 124 -18.17 10.65 -2.60
C ILE E 124 -17.09 11.67 -2.31
N SER E 125 -17.45 12.94 -2.40
CA SER E 125 -16.51 14.05 -2.23
C SER E 125 -17.10 15.05 -1.24
N LYS E 126 -16.36 16.13 -0.98
CA LYS E 126 -16.85 17.19 -0.09
C LYS E 126 -17.21 16.63 1.27
N ILE E 127 -16.25 15.98 1.92
CA ILE E 127 -16.54 15.29 3.15
C ILE E 127 -16.64 16.28 4.29
N GLU E 128 -17.63 16.12 5.15
CA GLU E 128 -17.72 16.96 6.33
C GLU E 128 -17.07 16.16 7.44
N PRO E 129 -16.73 16.82 8.56
CA PRO E 129 -16.10 16.08 9.65
C PRO E 129 -17.06 15.00 10.14
N ASN E 130 -18.25 15.39 10.56
CA ASN E 130 -19.29 14.42 10.85
C ASN E 130 -20.33 14.37 9.70
N ASP E 131 -20.06 13.50 8.73
CA ASP E 131 -20.83 13.34 7.50
C ASP E 131 -21.81 12.18 7.59
N PRO E 132 -23.08 12.44 7.25
CA PRO E 132 -24.14 11.43 7.29
C PRO E 132 -23.91 10.28 6.31
N ARG E 133 -23.36 10.59 5.14
CA ARG E 133 -23.15 9.58 4.11
C ARG E 133 -22.13 8.57 4.59
N VAL E 134 -21.12 9.07 5.31
CA VAL E 134 -20.09 8.23 5.87
C VAL E 134 -20.69 7.30 6.91
N ARG E 135 -21.58 7.82 7.76
CA ARG E 135 -22.13 6.99 8.80
C ARG E 135 -23.19 6.06 8.24
N PHE E 136 -23.96 6.53 7.26
CA PHE E 136 -25.00 5.68 6.69
C PHE E 136 -24.43 4.44 6.03
N MET E 137 -23.42 4.63 5.18
CA MET E 137 -22.84 3.53 4.42
C MET E 137 -21.94 2.62 5.24
N THR E 138 -21.27 3.15 6.26
CA THR E 138 -20.50 2.27 7.13
C THR E 138 -21.44 1.38 7.91
N GLU E 139 -22.59 1.92 8.31
CA GLU E 139 -23.53 1.15 9.09
C GLU E 139 -24.38 0.19 8.27
N ARG E 140 -24.64 0.52 7.01
CA ARG E 140 -25.33 -0.41 6.11
C ARG E 140 -24.37 -1.30 5.34
N LYS E 141 -23.08 -1.19 5.67
CA LYS E 141 -22.05 -2.06 5.11
C LYS E 141 -21.87 -1.91 3.60
N MET E 142 -22.13 -0.71 3.09
CA MET E 142 -21.96 -0.40 1.68
C MET E 142 -20.50 0.02 1.47
N PRO E 143 -19.77 -0.72 0.63
CA PRO E 143 -18.38 -0.30 0.40
C PRO E 143 -18.28 1.09 -0.24
N PHE E 144 -17.38 1.92 0.25
CA PHE E 144 -17.23 3.26 -0.30
C PHE E 144 -15.86 3.80 0.00
N VAL E 145 -15.53 4.91 -0.67
CA VAL E 145 -14.26 5.59 -0.48
C VAL E 145 -14.56 7.08 -0.58
N THR E 146 -13.80 7.91 0.13
CA THR E 146 -14.11 9.33 0.18
C THR E 146 -12.97 10.18 -0.35
N HIS E 147 -13.32 11.21 -1.11
CA HIS E 147 -12.36 12.22 -1.52
C HIS E 147 -12.34 13.26 -0.41
N GLY E 148 -11.49 13.03 0.58
CA GLY E 148 -11.44 13.86 1.76
C GLY E 148 -11.52 12.95 2.97
N ARG E 149 -11.34 13.52 4.15
CA ARG E 149 -11.35 12.76 5.40
C ARG E 149 -12.44 13.22 6.36
N SER E 150 -12.78 12.34 7.29
CA SER E 150 -13.84 12.65 8.25
C SER E 150 -13.33 12.31 9.63
N ASP E 151 -13.67 13.14 10.61
CA ASP E 151 -13.22 12.89 11.97
C ASP E 151 -14.38 12.50 12.87
N MET E 152 -14.96 11.33 12.61
CA MET E 152 -16.13 10.86 13.35
C MET E 152 -15.85 9.51 14.03
N GLY E 153 -14.59 9.10 14.06
CA GLY E 153 -14.19 7.83 14.65
C GLY E 153 -14.50 6.62 13.80
N ILE E 154 -14.80 6.85 12.52
CA ILE E 154 -15.09 5.76 11.60
C ILE E 154 -13.94 5.62 10.59
N GLU E 155 -13.44 4.40 10.44
CA GLU E 155 -12.35 4.12 9.51
C GLU E 155 -12.93 3.72 8.18
N HIS E 156 -12.49 4.39 7.12
CA HIS E 156 -13.15 4.15 5.84
C HIS E 156 -12.07 4.45 4.80
N ALA E 157 -12.14 3.88 3.61
CA ALA E 157 -11.12 4.18 2.60
C ALA E 157 -11.13 5.63 2.12
N TYR E 158 -9.96 6.23 1.99
CA TYR E 158 -9.90 7.61 1.50
C TYR E 158 -8.61 7.96 0.79
N HIS E 159 -8.69 9.07 0.07
CA HIS E 159 -7.54 9.76 -0.49
C HIS E 159 -7.79 11.24 -0.34
N ASP E 160 -6.86 11.95 0.30
CA ASP E 160 -7.03 13.39 0.43
C ASP E 160 -5.73 14.13 0.10
N PHE E 161 -5.86 15.45 -0.05
CA PHE E 161 -4.73 16.34 -0.29
C PHE E 161 -4.31 16.94 1.06
N ASP E 162 -3.02 17.07 1.32
CA ASP E 162 -2.62 17.61 2.61
C ASP E 162 -2.68 19.13 2.58
N ASN E 163 -3.88 19.58 2.86
CA ASN E 163 -4.31 20.97 2.89
C ASN E 163 -3.67 21.73 4.02
N GLU E 164 -3.36 20.98 5.07
CA GLU E 164 -2.59 21.49 6.19
C GLU E 164 -1.15 21.70 5.77
N ALA E 165 -0.58 20.73 5.06
CA ALA E 165 0.76 20.88 4.54
C ALA E 165 0.81 22.03 3.55
N TYR E 166 -0.20 22.10 2.68
CA TYR E 166 -0.26 23.16 1.69
C TYR E 166 -0.32 24.55 2.30
N ALA E 167 -1.22 24.73 3.25
CA ALA E 167 -1.40 26.02 3.90
C ALA E 167 -0.14 26.41 4.69
N TYR E 168 0.42 25.43 5.40
CA TYR E 168 1.64 25.66 6.15
C TYR E 168 2.84 26.05 5.29
N GLU E 169 2.95 25.44 4.13
CA GLU E 169 4.06 25.73 3.21
C GLU E 169 3.80 26.98 2.39
N ALA E 170 2.53 27.35 2.24
CA ALA E 170 2.15 28.56 1.52
C ALA E 170 2.61 29.77 2.31
N VAL E 171 2.40 29.73 3.63
CA VAL E 171 2.85 30.81 4.50
C VAL E 171 4.37 30.82 4.63
N GLU E 172 4.97 29.63 4.61
CA GLU E 172 6.43 29.55 4.64
C GLU E 172 6.95 30.14 3.34
N ARG E 173 6.17 29.97 2.27
CA ARG E 173 6.52 30.53 0.97
C ARG E 173 6.29 32.02 0.84
N LEU E 174 5.26 32.52 1.48
CA LEU E 174 5.00 33.96 1.52
C LEU E 174 6.03 34.69 2.39
N ALA E 175 6.51 34.05 3.44
CA ALA E 175 7.53 34.65 4.30
C ALA E 175 8.85 34.83 3.55
N GLN E 176 9.22 33.83 2.77
CA GLN E 176 10.43 33.87 1.94
C GLN E 176 10.45 35.05 0.98
N CYS E 177 9.29 35.46 0.51
CA CYS E 177 9.23 36.66 -0.32
C CYS E 177 9.37 37.94 0.46
N GLY E 178 9.23 37.84 1.78
CA GLY E 178 9.37 39.01 2.60
C GLY E 178 7.96 39.46 2.98
N ARG E 179 6.95 38.77 2.46
CA ARG E 179 5.57 39.13 2.78
C ARG E 179 5.23 38.87 4.25
N LYS E 180 4.54 39.84 4.83
CA LYS E 180 4.40 39.89 6.26
C LYS E 180 2.99 40.15 6.82
N ARG E 181 1.99 40.40 5.97
CA ARG E 181 0.64 40.41 6.50
C ARG E 181 -0.15 39.52 5.55
N ILE E 182 -0.81 38.50 6.10
CA ILE E 182 -1.35 37.43 5.25
C ILE E 182 -2.82 37.13 5.45
N ALA E 183 -3.50 36.89 4.33
CA ALA E 183 -4.90 36.54 4.34
C ALA E 183 -5.08 35.20 3.61
N ILE E 184 -6.12 34.46 3.97
CA ILE E 184 -6.36 33.16 3.36
C ILE E 184 -7.83 33.01 2.91
N ILE E 185 -8.02 32.64 1.65
CA ILE E 185 -9.35 32.30 1.18
C ILE E 185 -9.60 30.83 1.47
N VAL E 186 -10.55 30.58 2.36
CA VAL E 186 -10.78 29.25 2.92
C VAL E 186 -12.12 28.70 2.47
N PRO E 187 -12.26 27.37 2.47
CA PRO E 187 -13.54 26.73 2.19
C PRO E 187 -14.53 26.94 3.33
N PRO E 188 -15.82 26.69 3.06
CA PRO E 188 -16.83 26.86 4.12
C PRO E 188 -16.46 25.95 5.29
N SER E 189 -16.73 26.38 6.52
CA SER E 189 -16.30 25.61 7.67
C SER E 189 -17.14 24.38 7.87
N ARG E 190 -18.22 24.31 7.10
CA ARG E 190 -19.06 23.14 6.99
C ARG E 190 -18.25 21.91 6.60
N PHE E 191 -17.29 22.12 5.70
CA PHE E 191 -16.45 21.05 5.18
C PHE E 191 -15.20 20.79 6.01
N ALA E 192 -14.69 19.58 5.90
CA ALA E 192 -13.59 19.12 6.73
C ALA E 192 -12.26 19.80 6.43
N PHE E 193 -11.92 19.94 5.16
CA PHE E 193 -10.63 20.53 4.80
C PHE E 193 -10.50 22.01 5.19
N HIS E 194 -11.63 22.64 5.53
CA HIS E 194 -11.59 23.96 6.14
C HIS E 194 -10.69 23.94 7.38
N ASP E 195 -10.93 22.95 8.24
CA ASP E 195 -10.19 22.80 9.48
C ASP E 195 -8.76 22.37 9.22
N HIS E 196 -8.56 21.59 8.17
CA HIS E 196 -7.23 21.15 7.77
C HIS E 196 -6.34 22.32 7.38
N ALA E 197 -6.89 23.20 6.55
CA ALA E 197 -6.13 24.32 6.02
C ALA E 197 -5.73 25.36 7.05
N ARG E 198 -6.69 25.82 7.86
CA ARG E 198 -6.41 26.91 8.80
C ARG E 198 -5.54 26.45 9.96
N LYS E 199 -5.60 25.17 10.31
CA LYS E 199 -4.68 24.67 11.32
C LYS E 199 -3.26 24.77 10.76
N GLY E 200 -3.12 24.39 9.50
CA GLY E 200 -1.86 24.48 8.79
C GLY E 200 -1.45 25.92 8.58
N PHE E 201 -2.46 26.76 8.35
CA PHE E 201 -2.25 28.19 8.10
C PHE E 201 -1.74 28.95 9.33
N THR E 202 -2.33 28.66 10.47
CA THR E 202 -1.96 29.30 11.73
C THR E 202 -0.65 28.78 12.29
N ARG E 203 -0.32 27.51 12.01
CA ARG E 203 0.97 26.99 12.42
C ARG E 203 2.03 27.76 11.63
N GLY E 204 1.66 28.09 10.39
CA GLY E 204 2.48 28.90 9.52
C GLY E 204 2.64 30.32 10.02
N ILE E 205 1.57 30.90 10.52
CA ILE E 205 1.62 32.29 10.94
C ILE E 205 2.42 32.46 12.24
N ARG E 206 2.35 31.45 13.10
CA ARG E 206 3.16 31.43 14.32
C ARG E 206 4.66 31.15 14.06
N ASP E 207 4.98 30.16 13.23
CA ASP E 207 6.39 29.76 13.01
C ASP E 207 7.26 30.76 12.27
N PHE E 208 6.66 31.53 11.38
CA PHE E 208 7.42 32.46 10.56
C PHE E 208 7.39 33.95 10.96
N GLY E 209 6.79 34.27 12.11
CA GLY E 209 6.84 35.62 12.64
C GLY E 209 5.98 36.62 11.88
N VAL E 210 4.97 36.09 11.21
CA VAL E 210 4.07 36.87 10.39
C VAL E 210 2.71 37.08 11.07
N SER E 211 2.04 38.19 10.74
CA SER E 211 0.71 38.54 11.24
C SER E 211 -0.37 38.00 10.32
N GLU E 212 -1.58 37.79 10.81
CA GLU E 212 -2.61 37.34 9.90
C GLU E 212 -3.60 38.45 9.60
N PHE E 213 -3.63 38.88 8.34
CA PHE E 213 -4.63 39.84 7.91
C PHE E 213 -5.98 39.14 7.88
N PRO E 214 -6.97 39.61 8.65
CA PRO E 214 -8.16 38.79 8.56
C PRO E 214 -9.05 39.16 7.38
N LEU E 215 -9.79 38.18 6.91
CA LEU E 215 -10.88 38.39 5.98
C LEU E 215 -11.90 37.38 6.45
N ASP E 216 -13.09 37.85 6.78
CA ASP E 216 -14.14 36.96 7.26
C ASP E 216 -15.25 36.96 6.23
N ALA E 217 -15.10 37.88 5.27
CA ALA E 217 -16.11 38.11 4.26
C ALA E 217 -16.23 37.01 3.21
N ILE E 218 -15.15 36.29 2.90
CA ILE E 218 -15.19 35.39 1.73
C ILE E 218 -14.67 33.96 1.93
N THR E 219 -15.25 33.05 1.16
CA THR E 219 -14.86 31.65 1.13
C THR E 219 -14.61 31.26 -0.33
N ILE E 220 -14.03 30.09 -0.56
CA ILE E 220 -13.83 29.61 -1.92
C ILE E 220 -15.17 29.42 -2.64
N GLU E 221 -16.21 29.04 -1.90
CA GLU E 221 -17.54 28.82 -2.47
C GLU E 221 -18.26 30.10 -2.83
N THR E 222 -17.69 31.24 -2.46
CA THR E 222 -18.26 32.53 -2.83
C THR E 222 -18.29 32.70 -4.34
N PRO E 223 -19.40 33.24 -4.86
CA PRO E 223 -19.47 33.47 -6.30
C PRO E 223 -18.31 34.34 -6.76
N LEU E 224 -17.82 34.06 -7.96
CA LEU E 224 -16.61 34.66 -8.49
C LEU E 224 -16.86 36.12 -8.84
N ASP E 225 -18.11 36.45 -9.15
CA ASP E 225 -18.50 37.84 -9.35
C ASP E 225 -18.28 38.63 -8.07
N LYS E 226 -18.71 38.08 -6.93
CA LYS E 226 -18.60 38.78 -5.65
C LYS E 226 -17.14 38.90 -5.22
N ILE E 227 -16.33 37.89 -5.57
CA ILE E 227 -14.90 37.90 -5.21
C ILE E 227 -14.07 38.93 -5.97
N ARG E 228 -14.35 39.08 -7.26
CA ARG E 228 -13.64 40.06 -8.09
C ARG E 228 -13.68 41.49 -7.58
N ASP E 229 -14.89 41.97 -7.34
CA ASP E 229 -15.14 43.31 -6.84
C ASP E 229 -14.60 43.48 -5.43
N PHE E 230 -14.65 42.40 -4.65
CA PHE E 230 -14.11 42.39 -3.30
C PHE E 230 -12.63 42.69 -3.38
N GLY E 231 -11.98 42.11 -4.38
CA GLY E 231 -10.56 42.29 -4.58
C GLY E 231 -10.20 43.74 -4.78
N LYS E 232 -10.99 44.45 -5.57
CA LYS E 232 -10.75 45.87 -5.79
C LYS E 232 -11.00 46.72 -4.55
N ARG E 233 -12.04 46.40 -3.79
CA ARG E 233 -12.38 47.17 -2.61
C ARG E 233 -11.33 46.95 -1.52
N LEU E 234 -10.73 45.78 -1.50
CA LEU E 234 -9.70 45.46 -0.53
C LEU E 234 -8.43 46.24 -0.81
N MET E 235 -8.03 46.26 -2.07
CA MET E 235 -6.81 46.96 -2.47
C MET E 235 -7.00 48.47 -2.63
N GLN E 236 -8.21 48.89 -3.00
CA GLN E 236 -8.52 50.33 -3.04
C GLN E 236 -8.70 50.91 -1.64
N SER E 237 -8.66 50.06 -0.62
CA SER E 237 -8.82 50.54 0.75
C SER E 237 -7.45 50.68 1.39
N ASP E 238 -7.41 51.36 2.52
CA ASP E 238 -6.15 51.66 3.21
C ASP E 238 -5.52 50.42 3.83
N ASP E 239 -6.36 49.50 4.30
CA ASP E 239 -5.80 48.28 4.85
C ASP E 239 -5.74 47.21 3.78
N ARG E 240 -4.53 46.85 3.43
CA ARG E 240 -4.28 45.84 2.41
C ARG E 240 -3.39 44.75 2.99
N PRO E 241 -3.67 43.49 2.63
CA PRO E 241 -2.87 42.31 2.98
C PRO E 241 -1.63 42.27 2.09
N ASP E 242 -0.52 41.73 2.62
CA ASP E 242 0.74 41.65 1.88
C ASP E 242 0.77 40.40 0.98
N GLY E 243 0.31 39.27 1.50
CA GLY E 243 0.35 38.01 0.76
C GLY E 243 -0.93 37.21 0.94
N ILE E 244 -1.23 36.34 -0.02
CA ILE E 244 -2.49 35.60 0.00
C ILE E 244 -2.31 34.11 -0.28
N VAL E 245 -2.98 33.30 0.54
CA VAL E 245 -3.00 31.86 0.35
C VAL E 245 -4.39 31.45 -0.10
N SER E 246 -4.47 30.77 -1.24
CA SER E 246 -5.76 30.38 -1.78
C SER E 246 -5.94 28.88 -1.79
N ILE E 247 -7.15 28.44 -1.47
CA ILE E 247 -7.50 27.04 -1.45
C ILE E 247 -8.15 26.57 -2.75
N SER E 248 -8.78 27.49 -3.48
CA SER E 248 -9.34 27.12 -4.79
C SER E 248 -8.75 27.99 -5.88
N GLY E 249 -8.16 27.37 -6.90
CA GLY E 249 -7.61 28.10 -8.00
C GLY E 249 -8.64 28.89 -8.79
N SER E 250 -9.92 28.60 -8.61
CA SER E 250 -10.95 29.36 -9.31
C SER E 250 -11.18 30.72 -8.67
N SER E 251 -11.07 30.79 -7.35
CA SER E 251 -11.27 32.08 -6.69
C SER E 251 -10.00 32.90 -6.85
N THR E 252 -8.88 32.21 -7.05
CA THR E 252 -7.60 32.87 -7.22
C THR E 252 -7.61 33.79 -8.45
N ILE E 253 -8.07 33.28 -9.59
CA ILE E 253 -8.07 34.07 -10.81
C ILE E 253 -9.03 35.26 -10.70
N ALA E 254 -10.18 35.02 -10.06
CA ALA E 254 -11.19 36.06 -9.90
C ALA E 254 -10.68 37.10 -8.92
N LEU E 255 -9.95 36.66 -7.90
CA LEU E 255 -9.39 37.59 -6.93
C LEU E 255 -8.28 38.40 -7.60
N VAL E 256 -7.50 37.76 -8.47
CA VAL E 256 -6.45 38.46 -9.20
C VAL E 256 -7.04 39.48 -10.18
N ALA E 257 -8.17 39.12 -10.76
CA ALA E 257 -8.88 40.01 -11.68
C ALA E 257 -9.27 41.32 -10.98
N GLY E 258 -9.73 41.21 -9.74
CA GLY E 258 -10.08 42.37 -8.95
C GLY E 258 -8.88 43.20 -8.54
N PHE E 259 -7.79 42.52 -8.21
CA PHE E 259 -6.55 43.19 -7.85
C PHE E 259 -6.06 43.94 -9.08
N GLU E 260 -6.15 43.26 -10.21
CA GLU E 260 -5.80 43.81 -11.52
C GLU E 260 -6.46 45.15 -11.81
N ALA E 261 -7.79 45.12 -11.77
CA ALA E 261 -8.67 46.27 -12.01
C ALA E 261 -8.49 47.43 -11.03
N ALA E 262 -8.29 47.14 -9.76
CA ALA E 262 -8.01 48.18 -8.79
C ALA E 262 -6.64 48.79 -9.03
N GLY E 263 -5.80 48.06 -9.76
CA GLY E 263 -4.50 48.54 -10.14
C GLY E 263 -3.38 48.15 -9.19
N VAL E 264 -3.04 46.87 -9.19
CA VAL E 264 -1.95 46.37 -8.37
C VAL E 264 -1.14 45.42 -9.26
N ARG E 265 0.17 45.51 -9.21
CA ARG E 265 0.97 44.57 -9.97
C ARG E 265 1.16 43.32 -9.10
N ILE E 266 0.77 42.17 -9.67
CA ILE E 266 0.82 40.92 -8.94
C ILE E 266 2.26 40.42 -9.01
N GLY E 267 2.87 40.17 -7.87
CA GLY E 267 4.28 39.82 -7.87
C GLY E 267 5.05 40.87 -7.09
N LYS E 268 5.14 42.06 -7.67
CA LYS E 268 5.84 43.18 -7.03
C LYS E 268 5.15 43.72 -5.77
N ASP E 269 3.86 44.02 -5.87
CA ASP E 269 3.13 44.63 -4.77
C ASP E 269 2.62 43.64 -3.75
N ILE E 270 2.09 42.54 -4.26
CA ILE E 270 1.45 41.50 -3.48
C ILE E 270 1.80 40.15 -4.11
N ASP E 271 1.95 39.12 -3.28
CA ASP E 271 2.21 37.80 -3.80
C ASP E 271 1.13 36.81 -3.47
N ILE E 272 0.91 35.90 -4.40
CA ILE E 272 -0.17 34.94 -4.28
C ILE E 272 0.41 33.54 -4.32
N VAL E 273 -0.03 32.70 -3.38
CA VAL E 273 0.23 31.29 -3.46
C VAL E 273 -1.12 30.66 -3.65
N SER E 274 -1.25 29.77 -4.62
CA SER E 274 -2.57 29.22 -4.91
C SER E 274 -2.48 27.76 -5.24
N LYS E 275 -3.51 27.03 -4.82
CA LYS E 275 -3.60 25.62 -5.11
C LYS E 275 -4.22 25.52 -6.51
N GLN E 276 -3.83 24.50 -7.26
CA GLN E 276 -4.23 24.40 -8.65
C GLN E 276 -4.53 22.95 -9.08
N SER E 277 -5.66 22.71 -9.75
CA SER E 277 -6.05 21.34 -10.14
C SER E 277 -5.57 20.87 -11.51
N ALA E 278 -5.01 21.80 -12.29
CA ALA E 278 -4.30 21.46 -13.51
C ALA E 278 -3.33 22.59 -13.78
N GLU E 279 -2.23 22.33 -14.47
CA GLU E 279 -1.21 23.37 -14.59
C GLU E 279 -1.70 24.50 -15.49
N PHE E 280 -2.48 25.44 -14.93
CA PHE E 280 -2.97 26.56 -15.75
C PHE E 280 -2.67 28.00 -15.31
N LEU E 281 -2.14 28.23 -14.11
CA LEU E 281 -2.22 29.58 -13.56
C LEU E 281 -1.04 30.43 -13.99
N ASN E 282 0.01 29.75 -14.42
CA ASN E 282 1.28 30.37 -14.71
C ASN E 282 1.40 30.88 -16.15
N TRP E 283 0.42 30.56 -16.98
CA TRP E 283 0.44 31.08 -18.35
C TRP E 283 0.25 32.58 -18.44
N ILE E 284 -0.76 33.06 -17.72
CA ILE E 284 -1.13 34.48 -17.72
C ILE E 284 -0.62 35.20 -16.48
N GLN E 285 -0.25 34.43 -15.47
CA GLN E 285 0.34 35.00 -14.28
C GLN E 285 1.49 34.11 -13.86
N PRO E 286 2.65 34.29 -14.49
CA PRO E 286 3.82 33.44 -14.19
C PRO E 286 4.36 33.66 -12.78
N GLN E 287 4.10 34.82 -12.19
CA GLN E 287 4.52 35.12 -10.83
C GLN E 287 3.80 34.40 -9.68
N ILE E 288 2.59 33.90 -9.94
CA ILE E 288 1.86 33.19 -8.89
C ILE E 288 2.61 31.95 -8.45
N HIS E 289 2.64 31.71 -7.14
CA HIS E 289 3.31 30.53 -6.63
C HIS E 289 2.25 29.44 -6.59
N THR E 290 2.43 28.42 -7.41
CA THR E 290 1.38 27.47 -7.68
C THR E 290 1.68 26.10 -7.13
N VAL E 291 0.64 25.47 -6.58
CA VAL E 291 0.73 24.13 -6.04
C VAL E 291 -0.26 23.25 -6.76
N ASN E 292 0.16 22.05 -7.13
CA ASN E 292 -0.69 21.17 -7.92
C ASN E 292 -1.34 20.09 -7.07
N GLU E 293 -2.67 20.09 -7.09
CA GLU E 293 -3.46 19.01 -6.52
C GLU E 293 -3.77 18.07 -7.67
N ASP E 294 -3.09 16.93 -7.73
CA ASP E 294 -3.28 16.04 -8.87
C ASP E 294 -4.58 15.27 -8.75
N ILE E 295 -5.55 15.67 -9.56
CA ILE E 295 -6.89 15.14 -9.49
C ILE E 295 -7.01 13.78 -10.16
N LYS E 296 -6.20 13.57 -11.19
CA LYS E 296 -6.22 12.31 -11.90
C LYS E 296 -5.55 11.23 -11.07
N LEU E 297 -4.63 11.62 -10.20
CA LEU E 297 -4.03 10.67 -9.27
C LEU E 297 -5.06 10.30 -8.23
N ALA E 298 -5.85 11.29 -7.82
CA ALA E 298 -6.93 11.06 -6.88
C ALA E 298 -7.89 10.05 -7.47
N GLY E 299 -8.20 10.24 -8.76
CA GLY E 299 -9.06 9.32 -9.46
C GLY E 299 -8.52 7.91 -9.47
N ARG E 300 -7.22 7.74 -9.71
CA ARG E 300 -6.67 6.40 -9.72
C ARG E 300 -6.58 5.80 -8.32
N GLU E 301 -6.36 6.62 -7.31
CA GLU E 301 -6.16 6.09 -5.97
C GLU E 301 -7.47 5.84 -5.22
N LEU E 302 -8.51 6.58 -5.56
CA LEU E 302 -9.84 6.28 -5.05
C LEU E 302 -10.33 4.96 -5.63
N ALA E 303 -10.11 4.79 -6.93
CA ALA E 303 -10.49 3.58 -7.65
C ALA E 303 -9.73 2.38 -7.08
N LYS E 304 -8.41 2.48 -6.98
CA LYS E 304 -7.61 1.37 -6.46
C LYS E 304 -8.01 1.04 -5.03
N ALA E 305 -8.37 2.05 -4.25
CA ALA E 305 -8.82 1.82 -2.89
C ALA E 305 -10.16 1.11 -2.83
N LEU E 306 -11.12 1.61 -3.60
CA LEU E 306 -12.50 1.15 -3.52
C LEU E 306 -12.68 -0.31 -3.95
N LEU E 307 -11.98 -0.70 -5.01
CA LEU E 307 -11.99 -2.09 -5.46
C LEU E 307 -11.41 -2.99 -4.38
N ALA E 308 -10.30 -2.57 -3.81
CA ALA E 308 -9.68 -3.30 -2.70
C ALA E 308 -10.66 -3.45 -1.54
N ARG E 309 -11.46 -2.41 -1.31
CA ARG E 309 -12.42 -2.41 -0.21
C ARG E 309 -13.58 -3.36 -0.47
N ILE E 310 -13.98 -3.49 -1.73
CA ILE E 310 -15.06 -4.39 -2.08
C ILE E 310 -14.65 -5.85 -1.88
N ASN E 311 -13.39 -6.12 -2.20
CA ASN E 311 -12.80 -7.43 -1.98
C ASN E 311 -12.63 -7.76 -0.50
N GLY E 312 -12.60 -6.75 0.36
CA GLY E 312 -12.64 -7.00 1.79
C GLY E 312 -11.43 -6.54 2.57
N ALA E 313 -10.66 -5.62 1.99
CA ALA E 313 -9.51 -5.10 2.70
C ALA E 313 -10.01 -4.18 3.80
N PRO E 314 -9.30 -4.15 4.93
CA PRO E 314 -9.70 -3.32 6.07
C PRO E 314 -9.57 -1.84 5.73
N PRO E 315 -10.43 -1.00 6.30
CA PRO E 315 -10.42 0.44 5.99
C PRO E 315 -9.06 1.10 6.23
N GLU E 316 -8.36 0.69 7.28
CA GLU E 316 -7.15 1.39 7.69
C GLU E 316 -6.02 1.19 6.69
N THR E 317 -6.12 0.11 5.92
CA THR E 317 -5.23 -0.15 4.81
C THR E 317 -5.30 0.92 3.72
N LEU E 318 -6.51 1.15 3.26
CA LEU E 318 -6.83 1.97 2.09
C LEU E 318 -6.75 3.50 2.22
N GLN E 319 -6.07 3.99 3.26
CA GLN E 319 -5.99 5.42 3.47
C GLN E 319 -4.71 6.04 2.92
N SER E 320 -4.82 7.20 2.27
CA SER E 320 -3.67 7.85 1.65
C SER E 320 -3.86 9.35 1.54
N VAL E 321 -2.75 10.08 1.59
CA VAL E 321 -2.80 11.53 1.52
C VAL E 321 -1.69 11.97 0.60
N SER E 322 -2.04 12.76 -0.42
CA SER E 322 -1.08 13.21 -1.40
C SER E 322 -0.44 14.49 -0.88
N ARG E 323 0.86 14.62 -1.06
CA ARG E 323 1.58 15.77 -0.54
C ARG E 323 1.47 16.95 -1.49
N PRO E 324 1.39 18.17 -0.94
CA PRO E 324 1.34 19.31 -1.85
C PRO E 324 2.70 19.45 -2.50
N VAL E 325 2.72 19.78 -3.79
CA VAL E 325 3.97 19.93 -4.51
C VAL E 325 3.99 21.18 -5.37
N TRP E 326 5.18 21.66 -5.69
CA TRP E 326 5.30 22.91 -6.43
C TRP E 326 5.48 22.61 -7.89
N SER E 327 4.67 23.27 -8.71
CA SER E 327 4.73 23.08 -10.14
C SER E 327 6.03 23.72 -10.61
N SER E 328 6.59 23.17 -11.67
CA SER E 328 7.78 23.69 -12.34
C SER E 328 7.78 25.20 -12.49
N MET E 329 6.66 25.76 -12.86
CA MET E 329 6.55 27.18 -13.10
C MET E 329 6.70 28.08 -11.92
N ALA E 330 6.71 27.54 -10.72
CA ALA E 330 6.83 28.40 -9.56
C ALA E 330 8.15 29.16 -9.57
N PRO E 331 8.11 30.42 -9.17
CA PRO E 331 9.26 31.32 -9.11
C PRO E 331 10.03 31.26 -7.81
N LYS E 332 10.73 32.33 -7.49
CA LYS E 332 11.48 32.46 -6.27
C LYS E 332 10.63 32.18 -5.05
N GLU F 1 -37.33 -5.31 2.56
CA GLU F 1 -38.55 -5.48 1.77
C GLU F 1 -38.59 -4.60 0.52
N ARG F 2 -37.76 -4.91 -0.47
CA ARG F 2 -37.81 -4.16 -1.71
C ARG F 2 -39.14 -4.43 -2.39
N PRO F 3 -39.86 -3.37 -2.80
CA PRO F 3 -41.17 -3.63 -3.39
C PRO F 3 -41.02 -4.27 -4.76
N THR F 4 -41.89 -5.24 -5.07
CA THR F 4 -41.82 -5.96 -6.33
C THR F 4 -43.21 -6.02 -6.94
N LEU F 5 -43.30 -6.47 -8.19
CA LEU F 5 -44.60 -6.69 -8.82
C LEU F 5 -45.39 -7.73 -8.04
N LYS F 6 -44.68 -8.73 -7.53
CA LYS F 6 -45.30 -9.76 -6.69
C LYS F 6 -45.93 -9.11 -5.46
N THR F 7 -45.23 -8.17 -4.84
CA THR F 7 -45.74 -7.49 -3.65
C THR F 7 -47.01 -6.71 -3.97
N ILE F 8 -47.06 -6.04 -5.12
CA ILE F 8 -48.28 -5.33 -5.52
C ILE F 8 -49.45 -6.31 -5.61
N ALA F 9 -49.21 -7.46 -6.25
CA ALA F 9 -50.22 -8.48 -6.40
C ALA F 9 -50.77 -8.96 -5.06
N TYR F 10 -49.93 -9.04 -4.04
CA TYR F 10 -50.39 -9.46 -2.73
C TYR F 10 -51.37 -8.46 -2.15
N MET F 11 -51.01 -7.18 -2.19
CA MET F 11 -51.84 -6.10 -1.67
C MET F 11 -53.13 -5.94 -2.49
N THR F 12 -53.02 -6.05 -3.81
CA THR F 12 -54.17 -5.86 -4.69
C THR F 12 -55.02 -7.12 -4.85
N GLY F 13 -54.46 -8.27 -4.47
CA GLY F 13 -54.89 -9.56 -4.99
C GLY F 13 -55.14 -9.70 -6.49
N LEU F 14 -54.20 -9.24 -7.32
CA LEU F 14 -54.32 -9.46 -8.77
C LEU F 14 -53.23 -10.36 -9.35
N GLY F 15 -53.28 -10.54 -10.66
CA GLY F 15 -52.30 -11.36 -11.35
C GLY F 15 -51.03 -10.58 -11.57
N ILE F 16 -49.88 -11.23 -11.45
CA ILE F 16 -48.61 -10.56 -11.66
C ILE F 16 -48.52 -9.91 -13.03
N THR F 17 -48.98 -10.62 -14.05
CA THR F 17 -48.97 -10.04 -15.38
C THR F 17 -49.88 -8.84 -15.49
N THR F 18 -51.01 -8.84 -14.82
CA THR F 18 -51.92 -7.77 -14.99
C THR F 18 -51.30 -6.60 -14.34
N VAL F 19 -50.53 -6.86 -13.31
CA VAL F 19 -49.92 -5.73 -12.65
C VAL F 19 -48.93 -5.07 -13.58
N SER F 20 -47.96 -5.85 -14.04
CA SER F 20 -46.93 -5.36 -14.95
C SER F 20 -47.56 -4.65 -16.16
N ARG F 21 -48.57 -5.30 -16.74
CA ARG F 21 -49.20 -4.81 -17.94
C ARG F 21 -50.02 -3.55 -17.65
N ALA F 22 -50.42 -3.39 -16.40
CA ALA F 22 -51.14 -2.21 -15.96
C ALA F 22 -50.19 -1.03 -15.89
N LEU F 23 -48.99 -1.28 -15.38
CA LEU F 23 -47.98 -0.24 -15.22
C LEU F 23 -47.48 0.27 -16.56
N LYS F 24 -47.42 -0.61 -17.55
CA LYS F 24 -47.25 -0.20 -18.93
C LYS F 24 -48.61 0.24 -19.44
N ASP F 25 -48.67 1.17 -20.38
CA ASP F 25 -49.98 1.64 -20.84
C ASP F 25 -50.63 0.66 -21.84
N ALA F 26 -51.40 -0.29 -21.33
CA ALA F 26 -52.04 -1.32 -22.16
C ALA F 26 -53.52 -1.03 -22.43
N PRO F 27 -54.00 -1.39 -23.63
CA PRO F 27 -55.43 -1.32 -23.95
C PRO F 27 -56.26 -2.38 -23.23
N ASP F 28 -55.64 -3.53 -22.97
CA ASP F 28 -56.30 -4.67 -22.35
C ASP F 28 -56.83 -4.39 -20.95
N ILE F 29 -56.09 -3.61 -20.18
CA ILE F 29 -56.41 -3.45 -18.77
C ILE F 29 -57.43 -2.33 -18.59
N GLY F 30 -58.40 -2.58 -17.70
CA GLY F 30 -59.51 -1.68 -17.44
C GLY F 30 -59.18 -0.42 -16.68
N ALA F 31 -59.68 0.71 -17.18
CA ALA F 31 -59.40 2.05 -16.65
C ALA F 31 -59.42 2.13 -15.13
N GLU F 32 -60.41 1.49 -14.50
CA GLU F 32 -60.53 1.54 -13.05
C GLU F 32 -59.42 0.72 -12.39
N THR F 33 -59.09 -0.43 -13.00
CA THR F 33 -57.98 -1.24 -12.51
C THR F 33 -56.61 -0.59 -12.70
N LYS F 34 -56.41 0.06 -13.85
CA LYS F 34 -55.14 0.75 -14.10
C LYS F 34 -54.96 1.93 -13.16
N GLU F 35 -56.00 2.70 -12.91
CA GLU F 35 -55.85 3.83 -12.01
C GLU F 35 -55.52 3.27 -10.62
N ARG F 36 -56.09 2.11 -10.31
CA ARG F 36 -55.82 1.43 -9.05
C ARG F 36 -54.35 1.03 -8.83
N VAL F 37 -53.72 0.44 -9.83
CA VAL F 37 -52.36 -0.06 -9.66
C VAL F 37 -51.34 1.07 -9.49
N ARG F 38 -51.54 2.17 -10.21
CA ARG F 38 -50.60 3.29 -10.20
C ARG F 38 -50.58 4.02 -8.87
N LEU F 39 -51.70 4.03 -8.13
CA LEU F 39 -51.67 4.65 -6.82
C LEU F 39 -51.07 3.69 -5.78
N ILE F 40 -51.39 2.38 -5.86
CA ILE F 40 -50.74 1.42 -4.97
C ILE F 40 -49.24 1.31 -5.26
N ALA F 41 -48.86 1.38 -6.55
CA ALA F 41 -47.46 1.31 -6.93
C ALA F 41 -46.72 2.52 -6.38
N GLN F 42 -47.33 3.69 -6.56
CA GLN F 42 -46.78 4.94 -6.09
C GLN F 42 -46.69 4.93 -4.57
N GLN F 43 -47.60 4.23 -3.92
CA GLN F 43 -47.68 4.18 -2.46
C GLN F 43 -46.57 3.43 -1.72
N ILE F 44 -46.15 2.30 -2.25
CA ILE F 44 -45.08 1.54 -1.63
C ILE F 44 -43.77 2.15 -2.10
N GLY F 45 -43.86 2.88 -3.20
CA GLY F 45 -42.71 3.31 -3.97
C GLY F 45 -42.00 2.21 -4.72
N TYR F 46 -42.72 1.56 -5.62
CA TYR F 46 -42.14 0.46 -6.36
C TYR F 46 -41.23 1.02 -7.43
N GLN F 47 -39.97 0.59 -7.42
CA GLN F 47 -39.03 0.93 -8.48
C GLN F 47 -38.58 -0.38 -9.09
N PRO F 48 -38.82 -0.56 -10.40
CA PRO F 48 -38.51 -1.81 -11.09
C PRO F 48 -37.09 -2.28 -10.92
N ASN F 49 -36.91 -3.58 -10.73
CA ASN F 49 -35.58 -4.14 -10.62
C ASN F 49 -34.96 -4.01 -12.00
N ARG F 50 -33.91 -3.19 -12.11
CA ARG F 50 -33.30 -2.89 -13.40
C ARG F 50 -32.88 -4.17 -14.09
N ALA F 51 -32.31 -5.08 -13.31
CA ALA F 51 -31.85 -6.35 -13.80
C ALA F 51 -33.01 -7.19 -14.33
N GLY F 52 -34.12 -7.18 -13.59
CA GLY F 52 -35.29 -7.96 -13.96
C GLY F 52 -35.86 -7.54 -15.30
N VAL F 53 -35.87 -6.24 -15.55
CA VAL F 53 -36.37 -5.72 -16.81
C VAL F 53 -35.40 -6.10 -17.93
N ARG F 54 -34.12 -5.86 -17.65
CA ARG F 54 -33.06 -6.03 -18.63
C ARG F 54 -32.85 -7.49 -19.03
N LEU F 55 -33.14 -8.42 -18.15
CA LEU F 55 -32.99 -9.82 -18.53
C LEU F 55 -34.13 -10.26 -19.46
N ARG F 56 -35.35 -9.81 -19.18
CA ARG F 56 -36.50 -10.27 -19.95
C ARG F 56 -36.62 -9.54 -21.28
N THR F 57 -36.42 -8.23 -21.25
CA THR F 57 -36.42 -7.42 -22.46
C THR F 57 -35.03 -6.83 -22.62
N GLY F 58 -34.71 -6.33 -23.80
CA GLY F 58 -33.42 -5.73 -24.04
C GLY F 58 -33.02 -4.48 -23.26
N LYS F 59 -34.00 -3.68 -22.85
CA LYS F 59 -33.77 -2.31 -22.36
C LYS F 59 -32.68 -2.22 -21.30
N THR F 60 -31.65 -1.42 -21.58
CA THR F 60 -30.55 -1.24 -20.65
C THR F 60 -30.79 -0.06 -19.72
N ASN F 61 -31.71 0.81 -20.13
CA ASN F 61 -31.94 2.10 -19.45
C ASN F 61 -30.62 2.75 -19.05
N VAL F 62 -29.66 2.67 -19.97
CA VAL F 62 -28.34 3.27 -19.79
C VAL F 62 -27.91 4.02 -21.04
N ILE F 63 -27.34 5.20 -20.84
CA ILE F 63 -26.78 5.96 -21.94
C ILE F 63 -25.26 5.92 -21.76
N ALA F 64 -24.54 5.52 -22.79
CA ALA F 64 -23.09 5.46 -22.67
C ALA F 64 -22.50 6.74 -23.26
N LEU F 65 -21.72 7.43 -22.43
CA LEU F 65 -20.98 8.59 -22.89
C LEU F 65 -19.50 8.25 -23.01
N VAL F 66 -18.98 8.29 -24.23
CA VAL F 66 -17.57 8.06 -24.45
C VAL F 66 -16.81 9.37 -24.65
N LEU F 67 -15.68 9.47 -23.94
CA LEU F 67 -14.90 10.69 -23.87
C LEU F 67 -13.44 10.35 -24.12
N SER F 68 -12.75 11.13 -24.93
CA SER F 68 -11.31 10.94 -25.08
C SER F 68 -10.59 11.42 -23.83
N VAL F 69 -9.62 10.64 -23.35
CA VAL F 69 -8.81 11.06 -22.21
C VAL F 69 -7.97 12.28 -22.53
N ASP F 70 -7.55 12.44 -23.78
CA ASP F 70 -6.91 13.68 -24.17
C ASP F 70 -8.03 14.69 -24.38
N GLU F 71 -7.93 15.81 -23.68
CA GLU F 71 -8.96 16.83 -23.78
C GLU F 71 -8.33 18.20 -23.72
N GLU F 72 -9.04 19.15 -24.30
CA GLU F 72 -8.64 20.54 -24.26
C GLU F 72 -8.52 20.89 -22.79
N LEU F 73 -7.52 21.69 -22.44
CA LEU F 73 -7.32 22.06 -21.04
C LEU F 73 -8.54 22.76 -20.46
N MET F 74 -9.12 23.68 -21.22
CA MET F 74 -10.27 24.42 -20.76
C MET F 74 -11.58 23.93 -21.37
N GLY F 75 -11.65 22.66 -21.70
CA GLY F 75 -12.85 22.09 -22.30
C GLY F 75 -14.03 21.94 -21.36
N PHE F 76 -13.82 22.25 -20.07
CA PHE F 76 -14.78 22.04 -18.98
C PHE F 76 -15.77 20.90 -19.22
N THR F 77 -15.23 19.69 -19.31
CA THR F 77 -16.03 18.52 -19.66
C THR F 77 -17.09 18.19 -18.60
N SER F 78 -16.76 18.40 -17.33
CA SER F 78 -17.71 18.11 -16.25
C SER F 78 -19.02 18.85 -16.44
N GLN F 79 -18.96 20.07 -16.97
CA GLN F 79 -20.17 20.85 -17.24
C GLN F 79 -21.10 20.21 -18.25
N MET F 80 -20.54 19.58 -19.28
CA MET F 80 -21.33 18.88 -20.28
C MET F 80 -22.05 17.68 -19.68
N VAL F 81 -21.33 16.96 -18.84
CA VAL F 81 -21.87 15.80 -18.14
C VAL F 81 -23.11 16.24 -17.35
N PHE F 82 -23.02 17.37 -16.65
CA PHE F 82 -24.13 17.88 -15.84
C PHE F 82 -25.30 18.26 -16.72
N GLY F 83 -24.97 18.83 -17.86
CA GLY F 83 -25.98 19.07 -18.86
C GLY F 83 -26.60 17.71 -19.13
N ILE F 84 -25.79 16.68 -19.24
CA ILE F 84 -26.34 15.40 -19.59
C ILE F 84 -27.27 14.74 -18.61
N THR F 85 -26.90 14.72 -17.35
CA THR F 85 -27.74 14.09 -16.37
C THR F 85 -29.11 14.75 -16.29
N GLU F 86 -29.11 16.06 -16.31
CA GLU F 86 -30.32 16.87 -16.20
C GLU F 86 -31.61 16.42 -16.89
N VAL F 87 -31.48 15.91 -18.09
CA VAL F 87 -32.65 15.43 -18.76
C VAL F 87 -32.90 14.03 -18.28
N LEU F 88 -31.82 13.30 -18.03
CA LEU F 88 -31.90 11.94 -17.54
C LEU F 88 -32.52 11.84 -16.18
N ALA F 89 -32.34 12.84 -15.34
CA ALA F 89 -32.89 12.82 -13.99
C ALA F 89 -34.39 12.67 -14.02
N THR F 90 -35.08 13.32 -14.95
CA THR F 90 -36.51 13.15 -15.11
C THR F 90 -36.81 11.70 -15.49
N THR F 91 -35.99 11.12 -16.36
CA THR F 91 -36.17 9.77 -16.82
C THR F 91 -35.62 8.68 -15.95
N GLN F 92 -35.68 7.50 -16.53
CA GLN F 92 -35.21 6.30 -15.89
C GLN F 92 -33.88 5.86 -16.41
N TYR F 93 -33.26 6.66 -17.26
CA TYR F 93 -31.96 6.32 -17.82
C TYR F 93 -30.80 6.65 -16.88
N HIS F 94 -29.76 5.83 -16.98
CA HIS F 94 -28.53 6.04 -16.23
C HIS F 94 -27.40 6.46 -17.17
N LEU F 95 -26.38 7.09 -16.62
CA LEU F 95 -25.26 7.51 -17.45
C LEU F 95 -23.98 6.79 -17.07
N VAL F 96 -23.45 6.00 -17.99
CA VAL F 96 -22.16 5.39 -17.76
C VAL F 96 -21.16 6.06 -18.69
N VAL F 97 -19.94 6.21 -18.22
CA VAL F 97 -18.88 6.76 -19.05
C VAL F 97 -17.87 5.65 -19.29
N THR F 98 -17.47 5.49 -20.54
CA THR F 98 -16.47 4.50 -20.91
C THR F 98 -15.47 5.19 -21.79
N PRO F 99 -14.28 5.44 -21.24
CA PRO F 99 -13.27 6.17 -22.00
C PRO F 99 -12.31 5.24 -22.71
N HIS F 100 -11.68 5.80 -23.73
CA HIS F 100 -10.59 5.14 -24.38
C HIS F 100 -9.38 5.99 -23.99
N THR F 101 -8.25 5.36 -23.68
CA THR F 101 -7.15 6.12 -23.08
C THR F 101 -6.00 6.58 -23.97
N HIS F 102 -5.83 5.93 -25.12
CA HIS F 102 -4.89 6.38 -26.14
C HIS F 102 -5.64 7.38 -26.98
N ALA F 103 -4.94 8.23 -27.73
CA ALA F 103 -5.60 9.15 -28.66
C ALA F 103 -6.00 8.44 -29.94
N LYS F 104 -5.15 7.48 -30.35
CA LYS F 104 -5.31 6.69 -31.56
C LYS F 104 -6.56 5.87 -31.58
N ASP F 105 -6.81 5.27 -30.42
CA ASP F 105 -7.92 4.39 -30.10
C ASP F 105 -9.26 5.06 -30.20
N SER F 106 -10.02 4.78 -31.26
CA SER F 106 -11.32 5.39 -31.39
C SER F 106 -12.48 4.43 -31.46
N MET F 107 -12.26 3.22 -31.91
CA MET F 107 -13.40 2.33 -32.05
C MET F 107 -13.61 1.28 -30.98
N VAL F 108 -12.70 1.15 -30.02
CA VAL F 108 -12.91 0.09 -29.05
C VAL F 108 -14.15 0.27 -28.18
N PRO F 109 -14.43 1.47 -27.72
CA PRO F 109 -15.59 1.65 -26.88
C PRO F 109 -16.86 1.32 -27.59
N ILE F 110 -16.99 1.76 -28.83
CA ILE F 110 -18.22 1.45 -29.55
C ILE F 110 -18.37 -0.02 -29.79
N ARG F 111 -17.27 -0.67 -30.11
CA ARG F 111 -17.33 -2.07 -30.35
C ARG F 111 -17.74 -2.71 -29.06
N TYR F 112 -17.16 -2.26 -27.97
CA TYR F 112 -17.50 -2.85 -26.68
C TYR F 112 -19.00 -2.76 -26.36
N ILE F 113 -19.55 -1.56 -26.54
CA ILE F 113 -20.93 -1.27 -26.20
C ILE F 113 -21.91 -2.12 -27.01
N LEU F 114 -21.72 -2.14 -28.33
CA LEU F 114 -22.63 -2.87 -29.21
C LEU F 114 -22.55 -4.38 -29.01
N GLU F 115 -21.34 -4.88 -28.75
CA GLU F 115 -21.16 -6.31 -28.51
C GLU F 115 -21.87 -6.77 -27.24
N THR F 116 -21.68 -6.04 -26.14
CA THR F 116 -22.31 -6.40 -24.87
C THR F 116 -23.71 -5.80 -24.75
N GLY F 117 -24.06 -4.88 -25.65
CA GLY F 117 -25.36 -4.23 -25.59
C GLY F 117 -25.53 -3.46 -24.29
N SER F 118 -24.46 -2.78 -23.88
CA SER F 118 -24.40 -2.19 -22.54
C SER F 118 -24.90 -0.76 -22.47
N ALA F 119 -25.68 -0.35 -23.45
CA ALA F 119 -26.23 1.00 -23.49
C ALA F 119 -27.43 1.04 -24.42
N ASP F 120 -28.38 1.92 -24.16
CA ASP F 120 -29.50 2.07 -25.09
C ASP F 120 -29.14 3.14 -26.09
N GLY F 121 -28.20 4.01 -25.74
CA GLY F 121 -27.78 5.09 -26.61
C GLY F 121 -26.39 5.59 -26.32
N VAL F 122 -25.76 6.21 -27.32
CA VAL F 122 -24.38 6.65 -27.20
C VAL F 122 -24.16 8.09 -27.65
N ILE F 123 -23.29 8.79 -26.92
CA ILE F 123 -22.90 10.14 -27.27
C ILE F 123 -21.41 10.20 -27.59
N ILE F 124 -21.07 10.80 -28.72
CA ILE F 124 -19.68 10.93 -29.16
C ILE F 124 -19.37 12.36 -29.61
N SER F 125 -18.08 12.74 -29.55
CA SER F 125 -17.63 14.07 -29.97
C SER F 125 -16.44 13.85 -30.93
N LYS F 126 -15.82 14.93 -31.42
CA LYS F 126 -14.67 14.86 -32.34
C LYS F 126 -14.92 14.23 -33.73
N ILE F 127 -15.76 14.83 -34.56
CA ILE F 127 -16.09 14.16 -35.81
C ILE F 127 -15.60 14.83 -37.11
N GLU F 128 -15.18 13.95 -38.02
CA GLU F 128 -14.73 14.20 -39.37
C GLU F 128 -15.96 14.32 -40.29
N PRO F 129 -15.82 14.75 -41.56
CA PRO F 129 -17.03 14.49 -42.36
C PRO F 129 -17.27 12.97 -42.50
N ASN F 130 -16.28 12.16 -42.83
CA ASN F 130 -16.53 10.72 -42.73
C ASN F 130 -15.94 10.11 -41.46
N ASP F 131 -16.70 9.25 -40.80
CA ASP F 131 -16.25 8.71 -39.52
C ASP F 131 -16.66 7.24 -39.40
N PRO F 132 -15.72 6.38 -38.97
CA PRO F 132 -16.04 4.94 -38.96
C PRO F 132 -17.20 4.52 -38.06
N ARG F 133 -17.02 4.90 -36.81
CA ARG F 133 -17.93 4.59 -35.74
C ARG F 133 -19.24 5.31 -36.01
N VAL F 134 -19.18 6.41 -36.74
CA VAL F 134 -20.39 7.09 -37.09
C VAL F 134 -21.18 6.17 -37.97
N ARG F 135 -20.54 5.54 -38.95
CA ARG F 135 -21.23 4.62 -39.80
C ARG F 135 -21.52 3.35 -39.05
N PHE F 136 -20.54 2.88 -38.29
CA PHE F 136 -20.70 1.63 -37.53
C PHE F 136 -22.00 1.53 -36.71
N MET F 137 -22.29 2.55 -35.91
CA MET F 137 -23.47 2.52 -35.05
C MET F 137 -24.73 2.73 -35.85
N THR F 138 -24.60 3.46 -36.95
CA THR F 138 -25.70 3.68 -37.88
C THR F 138 -26.15 2.40 -38.58
N GLU F 139 -25.21 1.53 -38.93
CA GLU F 139 -25.55 0.32 -39.66
C GLU F 139 -26.14 -0.79 -38.79
N ARG F 140 -25.77 -0.84 -37.52
CA ARG F 140 -26.42 -1.77 -36.60
C ARG F 140 -27.59 -1.15 -35.85
N LYS F 141 -28.06 0.00 -36.34
CA LYS F 141 -29.31 0.60 -35.87
C LYS F 141 -29.19 1.06 -34.43
N MET F 142 -27.96 1.38 -34.02
CA MET F 142 -27.71 1.80 -32.66
C MET F 142 -27.96 3.30 -32.58
N PRO F 143 -28.98 3.72 -31.81
CA PRO F 143 -29.29 5.14 -31.65
C PRO F 143 -28.16 5.87 -30.97
N PHE F 144 -27.80 7.03 -31.50
CA PHE F 144 -26.66 7.79 -30.98
C PHE F 144 -26.78 9.23 -31.36
N VAL F 145 -25.95 10.06 -30.73
CA VAL F 145 -25.93 11.49 -30.98
C VAL F 145 -24.49 11.99 -31.02
N THR F 146 -24.23 13.00 -31.86
CA THR F 146 -22.86 13.48 -32.03
C THR F 146 -22.77 14.94 -31.61
N HIS F 147 -21.69 15.25 -30.91
CA HIS F 147 -21.34 16.63 -30.60
C HIS F 147 -20.54 17.20 -31.75
N GLY F 148 -21.22 17.84 -32.69
CA GLY F 148 -20.56 18.30 -33.89
C GLY F 148 -21.37 17.89 -35.09
N ARG F 149 -20.95 18.28 -36.28
CA ARG F 149 -21.69 17.89 -37.48
C ARG F 149 -20.84 16.96 -38.30
N SER F 150 -21.45 16.26 -39.24
CA SER F 150 -20.75 15.35 -40.13
C SER F 150 -21.58 15.01 -41.35
N ASP F 151 -20.89 14.44 -42.33
CA ASP F 151 -21.52 14.19 -43.61
C ASP F 151 -20.96 13.15 -44.55
N MET F 152 -21.60 12.01 -44.55
CA MET F 152 -21.33 11.05 -45.58
C MET F 152 -22.77 10.72 -45.94
N GLY F 153 -23.52 11.77 -46.29
CA GLY F 153 -24.93 11.68 -46.59
C GLY F 153 -25.60 10.95 -45.46
N ILE F 154 -25.28 11.27 -44.21
CA ILE F 154 -25.90 10.50 -43.17
C ILE F 154 -26.49 11.45 -42.17
N GLU F 155 -27.79 11.33 -41.98
CA GLU F 155 -28.55 12.16 -41.04
C GLU F 155 -28.53 11.47 -39.69
N HIS F 156 -28.10 12.16 -38.64
CA HIS F 156 -27.76 11.38 -37.46
C HIS F 156 -27.85 12.27 -36.22
N ALA F 157 -27.95 11.77 -35.00
CA ALA F 157 -28.20 12.76 -33.95
C ALA F 157 -27.08 13.67 -33.66
N TYR F 158 -27.36 14.97 -33.72
CA TYR F 158 -26.30 15.89 -33.39
C TYR F 158 -26.74 17.25 -32.89
N HIS F 159 -25.78 17.88 -32.25
CA HIS F 159 -25.84 19.25 -31.82
C HIS F 159 -24.44 19.80 -32.03
N ASP F 160 -24.35 20.92 -32.74
CA ASP F 160 -23.08 21.56 -32.99
C ASP F 160 -23.19 23.04 -32.64
N PHE F 161 -22.04 23.70 -32.55
CA PHE F 161 -21.97 25.13 -32.33
C PHE F 161 -21.83 25.78 -33.69
N ASP F 162 -22.48 26.91 -33.94
CA ASP F 162 -22.34 27.47 -35.27
C ASP F 162 -21.02 28.22 -35.32
N ASN F 163 -19.94 27.50 -35.60
CA ASN F 163 -18.62 28.09 -35.63
C ASN F 163 -18.46 29.03 -36.81
N GLU F 164 -19.26 28.77 -37.85
CA GLU F 164 -19.24 29.63 -39.02
C GLU F 164 -19.85 30.98 -38.68
N ALA F 165 -20.92 30.97 -37.89
CA ALA F 165 -21.49 32.23 -37.42
C ALA F 165 -20.45 32.94 -36.57
N TYR F 166 -19.80 32.19 -35.69
CA TYR F 166 -18.77 32.75 -34.80
C TYR F 166 -17.57 33.35 -35.51
N ALA F 167 -17.02 32.63 -36.48
CA ALA F 167 -15.83 33.11 -37.18
C ALA F 167 -16.16 34.40 -37.93
N TYR F 168 -17.32 34.41 -38.56
CA TYR F 168 -17.86 35.59 -39.24
C TYR F 168 -18.15 36.76 -38.31
N GLU F 169 -18.66 36.45 -37.12
CA GLU F 169 -18.98 37.49 -36.13
C GLU F 169 -17.72 37.94 -35.42
N ALA F 170 -16.72 37.07 -35.39
CA ALA F 170 -15.44 37.38 -34.78
C ALA F 170 -14.70 38.44 -35.59
N VAL F 171 -14.70 38.30 -36.92
CA VAL F 171 -14.03 39.26 -37.78
C VAL F 171 -14.75 40.60 -37.77
N GLU F 172 -16.06 40.55 -37.59
CA GLU F 172 -16.83 41.78 -37.42
C GLU F 172 -16.43 42.49 -36.13
N ARG F 173 -16.07 41.71 -35.11
CA ARG F 173 -15.65 42.28 -33.84
C ARG F 173 -14.25 42.85 -34.03
N LEU F 174 -13.48 42.19 -34.89
CA LEU F 174 -12.17 42.65 -35.31
C LEU F 174 -12.17 43.91 -36.21
N ALA F 175 -13.25 44.15 -36.96
CA ALA F 175 -13.42 45.40 -37.71
C ALA F 175 -13.65 46.60 -36.80
N GLN F 176 -14.55 46.39 -35.85
CA GLN F 176 -14.79 47.38 -34.81
C GLN F 176 -13.52 47.67 -34.02
N CYS F 177 -12.63 46.69 -33.90
CA CYS F 177 -11.33 46.98 -33.30
C CYS F 177 -10.44 47.85 -34.23
N GLY F 178 -10.71 47.85 -35.54
CA GLY F 178 -9.97 48.70 -36.44
C GLY F 178 -8.86 47.90 -37.08
N ARG F 179 -8.70 46.67 -36.60
CA ARG F 179 -7.61 45.80 -37.05
C ARG F 179 -7.75 45.39 -38.51
N LYS F 180 -6.66 45.53 -39.25
CA LYS F 180 -6.64 45.36 -40.71
C LYS F 180 -6.08 44.03 -41.21
N ARG F 181 -5.38 43.31 -40.33
CA ARG F 181 -4.82 42.00 -40.67
C ARG F 181 -5.33 40.99 -39.65
N ILE F 182 -5.85 39.85 -40.09
CA ILE F 182 -6.47 38.91 -39.18
C ILE F 182 -5.91 37.52 -39.39
N ALA F 183 -5.62 36.83 -38.30
CA ALA F 183 -5.15 35.46 -38.38
C ALA F 183 -6.11 34.61 -37.55
N ILE F 184 -6.22 33.34 -37.93
CA ILE F 184 -7.11 32.39 -37.25
C ILE F 184 -6.45 31.06 -36.88
N ILE F 185 -6.57 30.72 -35.60
CA ILE F 185 -6.14 29.40 -35.13
C ILE F 185 -7.36 28.50 -35.32
N VAL F 186 -7.24 27.58 -36.25
CA VAL F 186 -8.39 26.78 -36.68
C VAL F 186 -8.11 25.34 -36.25
N PRO F 187 -9.16 24.53 -36.02
CA PRO F 187 -8.95 23.12 -35.65
C PRO F 187 -8.29 22.29 -36.75
N PRO F 188 -7.80 21.07 -36.43
CA PRO F 188 -7.01 20.39 -37.46
C PRO F 188 -7.78 20.14 -38.71
N SER F 189 -7.05 20.29 -39.80
CA SER F 189 -7.53 20.16 -41.17
C SER F 189 -8.79 19.32 -41.34
N ARG F 190 -8.66 18.07 -40.91
CA ARG F 190 -9.69 17.03 -40.92
C ARG F 190 -11.08 17.26 -40.29
N PHE F 191 -11.17 17.98 -39.19
CA PHE F 191 -12.46 18.07 -38.47
C PHE F 191 -13.51 18.90 -39.18
N ALA F 192 -14.76 18.60 -38.84
CA ALA F 192 -15.90 19.14 -39.54
C ALA F 192 -16.04 20.63 -39.32
N PHE F 193 -15.91 21.06 -38.06
CA PHE F 193 -16.00 22.49 -37.76
C PHE F 193 -14.79 23.28 -38.27
N HIS F 194 -13.70 22.59 -38.61
CA HIS F 194 -12.57 23.24 -39.30
C HIS F 194 -13.06 23.97 -40.55
N ASP F 195 -13.85 23.27 -41.35
CA ASP F 195 -14.39 23.86 -42.58
C ASP F 195 -15.48 24.89 -42.33
N HIS F 196 -16.25 24.71 -41.26
CA HIS F 196 -17.29 25.67 -40.90
C HIS F 196 -16.69 27.02 -40.58
N ALA F 197 -15.64 26.97 -39.76
CA ALA F 197 -14.97 28.16 -39.29
C ALA F 197 -14.32 28.91 -40.44
N ARG F 198 -13.63 28.19 -41.30
CA ARG F 198 -12.89 28.84 -42.37
C ARG F 198 -13.83 29.43 -43.43
N LYS F 199 -15.00 28.82 -43.61
CA LYS F 199 -16.02 29.41 -44.49
C LYS F 199 -16.53 30.70 -43.86
N GLY F 200 -16.76 30.65 -42.56
CA GLY F 200 -17.19 31.81 -41.79
C GLY F 200 -16.12 32.87 -41.76
N PHE F 201 -14.87 32.41 -41.70
CA PHE F 201 -13.74 33.32 -41.64
C PHE F 201 -13.53 34.05 -42.97
N THR F 202 -13.62 33.33 -44.08
CA THR F 202 -13.39 33.94 -45.38
C THR F 202 -14.55 34.80 -45.88
N ARG F 203 -15.78 34.42 -45.56
CA ARG F 203 -16.94 35.23 -45.91
C ARG F 203 -16.93 36.53 -45.10
N GLY F 204 -16.48 36.41 -43.86
CA GLY F 204 -16.33 37.54 -42.97
C GLY F 204 -15.27 38.51 -43.40
N ILE F 205 -14.13 37.99 -43.81
CA ILE F 205 -13.00 38.84 -44.14
C ILE F 205 -13.19 39.61 -45.42
N ARG F 206 -13.83 38.97 -46.39
CA ARG F 206 -14.11 39.61 -47.66
C ARG F 206 -15.18 40.71 -47.51
N ASP F 207 -16.23 40.40 -46.75
CA ASP F 207 -17.34 41.35 -46.57
C ASP F 207 -16.94 42.60 -45.82
N PHE F 208 -15.97 42.48 -44.93
CA PHE F 208 -15.47 43.66 -44.21
C PHE F 208 -14.17 44.24 -44.81
N GLY F 209 -13.68 43.62 -45.89
CA GLY F 209 -12.59 44.17 -46.68
C GLY F 209 -11.18 44.18 -46.12
N VAL F 210 -10.91 43.29 -45.17
CA VAL F 210 -9.62 43.18 -44.52
C VAL F 210 -8.88 41.95 -45.07
N SER F 211 -7.55 41.92 -44.96
CA SER F 211 -6.73 40.77 -45.38
C SER F 211 -6.39 39.75 -44.26
N GLU F 212 -6.05 38.52 -44.65
CA GLU F 212 -5.74 37.42 -43.72
C GLU F 212 -4.25 37.08 -43.56
N PHE F 213 -3.74 37.23 -42.35
CA PHE F 213 -2.38 36.80 -42.03
C PHE F 213 -2.37 35.28 -42.14
N PRO F 214 -1.42 34.70 -42.90
CA PRO F 214 -1.52 33.25 -43.07
C PRO F 214 -1.05 32.47 -41.84
N LEU F 215 -1.90 31.56 -41.35
CA LEU F 215 -1.51 30.64 -40.28
C LEU F 215 -1.53 29.21 -40.77
N ASP F 216 -0.36 28.60 -40.65
CA ASP F 216 -0.07 27.24 -41.06
C ASP F 216 0.54 26.32 -39.98
N ALA F 217 1.38 26.89 -39.13
CA ALA F 217 2.12 26.14 -38.12
C ALA F 217 1.24 25.63 -36.99
N ILE F 218 0.11 26.29 -36.75
CA ILE F 218 -0.66 26.01 -35.56
C ILE F 218 -2.10 25.61 -35.78
N THR F 219 -2.51 24.75 -34.86
CA THR F 219 -3.83 24.21 -34.77
C THR F 219 -4.30 24.31 -33.32
N ILE F 220 -5.60 24.11 -33.07
CA ILE F 220 -6.09 24.07 -31.70
C ILE F 220 -5.42 22.90 -30.95
N GLU F 221 -5.16 21.82 -31.68
CA GLU F 221 -4.53 20.62 -31.13
C GLU F 221 -3.04 20.76 -30.86
N THR F 222 -2.46 21.90 -31.23
CA THR F 222 -1.06 22.15 -30.93
C THR F 222 -0.83 22.22 -29.41
N PRO F 223 0.23 21.57 -28.94
CA PRO F 223 0.63 21.61 -27.52
C PRO F 223 0.81 23.06 -27.11
N LEU F 224 0.46 23.42 -25.87
CA LEU F 224 0.43 24.84 -25.51
C LEU F 224 1.80 25.46 -25.34
N ASP F 225 2.79 24.64 -24.99
CA ASP F 225 4.16 25.10 -24.98
C ASP F 225 4.54 25.57 -26.38
N LYS F 226 4.15 24.78 -27.38
CA LYS F 226 4.48 25.07 -28.76
C LYS F 226 3.73 26.30 -29.29
N ILE F 227 2.49 26.50 -28.84
CA ILE F 227 1.76 27.69 -29.27
C ILE F 227 2.35 28.96 -28.66
N ARG F 228 2.74 28.87 -27.40
CA ARG F 228 3.37 29.97 -26.68
C ARG F 228 4.60 30.46 -27.43
N ASP F 229 5.45 29.52 -27.83
CA ASP F 229 6.66 29.84 -28.57
C ASP F 229 6.37 30.51 -29.90
N PHE F 230 5.35 30.01 -30.60
CA PHE F 230 4.97 30.57 -31.89
C PHE F 230 4.48 32.00 -31.74
N GLY F 231 3.69 32.24 -30.70
CA GLY F 231 3.15 33.55 -30.42
C GLY F 231 4.27 34.55 -30.20
N LYS F 232 5.29 34.14 -29.45
CA LYS F 232 6.43 35.00 -29.19
C LYS F 232 7.21 35.26 -30.48
N ARG F 233 7.33 34.25 -31.34
CA ARG F 233 8.04 34.39 -32.61
C ARG F 233 7.33 35.30 -33.58
N LEU F 234 6.01 35.22 -33.57
CA LEU F 234 5.21 36.00 -34.51
C LEU F 234 5.25 37.48 -34.15
N MET F 235 5.25 37.77 -32.86
CA MET F 235 5.24 39.15 -32.43
C MET F 235 6.63 39.76 -32.55
N GLN F 236 7.64 38.90 -32.45
CA GLN F 236 9.01 39.29 -32.71
C GLN F 236 9.35 39.41 -34.22
N SER F 237 8.38 39.12 -35.08
CA SER F 237 8.63 39.19 -36.51
C SER F 237 8.18 40.52 -37.08
N ASP F 238 8.67 40.85 -38.26
CA ASP F 238 8.37 42.13 -38.92
C ASP F 238 6.94 42.14 -39.41
N ASP F 239 6.49 40.97 -39.86
CA ASP F 239 5.11 40.87 -40.28
C ASP F 239 4.27 40.22 -39.17
N ARG F 240 3.41 41.03 -38.55
CA ARG F 240 2.53 40.59 -37.47
C ARG F 240 1.10 41.01 -37.75
N PRO F 241 0.13 40.15 -37.44
CA PRO F 241 -1.27 40.59 -37.56
C PRO F 241 -1.65 41.43 -36.35
N ASP F 242 -2.52 42.40 -36.57
CA ASP F 242 -3.00 43.23 -35.47
C ASP F 242 -4.21 42.61 -34.77
N GLY F 243 -4.81 41.58 -35.37
CA GLY F 243 -5.95 40.93 -34.75
C GLY F 243 -5.94 39.41 -34.91
N ILE F 244 -6.49 38.72 -33.93
CA ILE F 244 -6.52 37.26 -33.89
C ILE F 244 -7.85 36.70 -33.42
N VAL F 245 -8.32 35.68 -34.13
CA VAL F 245 -9.50 34.95 -33.73
C VAL F 245 -9.07 33.54 -33.33
N SER F 246 -9.52 33.06 -32.18
CA SER F 246 -9.16 31.71 -31.72
C SER F 246 -10.37 30.77 -31.65
N ILE F 247 -10.16 29.50 -32.00
CA ILE F 247 -11.24 28.51 -31.94
C ILE F 247 -11.19 27.73 -30.61
N SER F 248 -10.02 27.68 -29.98
CA SER F 248 -9.91 27.04 -28.67
C SER F 248 -9.45 28.03 -27.62
N GLY F 249 -10.25 28.18 -26.56
CA GLY F 249 -9.88 29.06 -25.48
C GLY F 249 -8.64 28.62 -24.73
N SER F 250 -8.25 27.36 -24.89
CA SER F 250 -7.04 26.86 -24.26
C SER F 250 -5.82 27.31 -25.04
N SER F 251 -6.00 27.43 -26.36
CA SER F 251 -4.92 27.88 -27.22
C SER F 251 -4.79 29.38 -27.10
N THR F 252 -5.89 30.01 -26.73
CA THR F 252 -5.92 31.46 -26.52
C THR F 252 -4.95 31.82 -25.41
N ILE F 253 -5.00 31.06 -24.32
CA ILE F 253 -4.19 31.30 -23.14
C ILE F 253 -2.69 31.16 -23.42
N ALA F 254 -2.32 30.12 -24.17
CA ALA F 254 -0.92 29.88 -24.48
C ALA F 254 -0.42 30.95 -25.43
N LEU F 255 -1.30 31.36 -26.34
CA LEU F 255 -0.95 32.38 -27.32
C LEU F 255 -0.76 33.73 -26.64
N VAL F 256 -1.61 34.04 -25.66
CA VAL F 256 -1.50 35.28 -24.90
C VAL F 256 -0.24 35.28 -24.03
N ALA F 257 0.11 34.12 -23.50
CA ALA F 257 1.32 33.97 -22.69
C ALA F 257 2.57 34.31 -23.49
N GLY F 258 2.61 33.86 -24.74
CA GLY F 258 3.71 34.18 -25.65
C GLY F 258 3.78 35.64 -26.06
N PHE F 259 2.61 36.25 -26.25
CA PHE F 259 2.52 37.65 -26.64
C PHE F 259 3.07 38.57 -25.57
N GLU F 260 2.73 38.26 -24.32
CA GLU F 260 3.14 39.07 -23.19
C GLU F 260 4.60 38.83 -22.84
N ALA F 261 5.08 37.65 -23.20
CA ALA F 261 6.50 37.34 -23.13
C ALA F 261 7.27 38.21 -24.11
N ALA F 262 6.70 38.37 -25.29
CA ALA F 262 7.24 39.25 -26.34
C ALA F 262 7.09 40.72 -25.97
N GLY F 263 6.20 41.01 -25.02
CA GLY F 263 6.03 42.38 -24.57
C GLY F 263 4.92 43.09 -25.31
N VAL F 264 3.89 42.32 -25.67
CA VAL F 264 2.75 42.87 -26.38
C VAL F 264 1.64 43.26 -25.41
N ARG F 265 1.08 44.44 -25.59
CA ARG F 265 -0.06 44.83 -24.79
C ARG F 265 -1.34 44.37 -25.47
N ILE F 266 -2.15 43.63 -24.71
CA ILE F 266 -3.42 43.13 -25.23
C ILE F 266 -4.31 44.36 -25.12
N GLY F 267 -5.20 44.57 -26.08
CA GLY F 267 -5.88 45.85 -26.16
C GLY F 267 -5.14 46.86 -27.04
N LYS F 268 -3.97 47.34 -26.60
CA LYS F 268 -3.23 48.32 -27.39
C LYS F 268 -2.58 47.83 -28.70
N ASP F 269 -1.77 46.77 -28.66
CA ASP F 269 -1.05 46.32 -29.85
C ASP F 269 -1.88 45.42 -30.76
N ILE F 270 -2.57 44.47 -30.14
CA ILE F 270 -3.39 43.48 -30.85
C ILE F 270 -4.64 43.14 -30.06
N ASP F 271 -5.78 42.98 -30.74
CA ASP F 271 -6.96 42.52 -30.02
C ASP F 271 -7.51 41.24 -30.58
N ILE F 272 -7.99 40.43 -29.64
CA ILE F 272 -8.33 39.04 -29.88
C ILE F 272 -9.78 38.70 -29.55
N VAL F 273 -10.39 37.93 -30.43
CA VAL F 273 -11.67 37.30 -30.13
C VAL F 273 -11.45 35.80 -30.01
N SER F 274 -11.98 35.22 -28.94
CA SER F 274 -11.81 33.80 -28.69
C SER F 274 -13.09 33.26 -28.09
N LYS F 275 -13.46 32.05 -28.50
CA LYS F 275 -14.58 31.36 -27.89
C LYS F 275 -14.12 30.52 -26.69
N GLN F 276 -15.00 30.40 -25.70
CA GLN F 276 -14.70 29.73 -24.45
C GLN F 276 -15.86 28.84 -24.06
N SER F 277 -15.56 27.66 -23.50
CA SER F 277 -16.61 26.70 -23.19
C SER F 277 -17.28 26.99 -21.86
N ALA F 278 -16.69 27.94 -21.12
CA ALA F 278 -17.31 28.51 -19.92
C ALA F 278 -16.69 29.87 -19.66
N GLU F 279 -17.40 30.73 -18.93
CA GLU F 279 -16.94 32.10 -18.74
C GLU F 279 -15.71 32.17 -17.83
N PHE F 280 -14.51 31.97 -18.39
CA PHE F 280 -13.30 32.06 -17.58
C PHE F 280 -12.22 33.05 -18.04
N LEU F 281 -12.36 33.62 -19.23
CA LEU F 281 -11.28 34.43 -19.79
C LEU F 281 -11.41 35.85 -19.29
N ASN F 282 -12.50 36.14 -18.59
CA ASN F 282 -12.79 37.49 -18.18
C ASN F 282 -11.96 37.83 -16.94
N TRP F 283 -11.84 36.84 -16.06
CA TRP F 283 -11.02 36.95 -14.86
C TRP F 283 -9.55 37.01 -15.24
N ILE F 284 -9.20 36.37 -16.35
CA ILE F 284 -7.83 36.30 -16.82
C ILE F 284 -7.40 37.34 -17.86
N GLN F 285 -8.29 37.65 -18.80
CA GLN F 285 -8.05 38.71 -19.76
C GLN F 285 -9.32 39.42 -20.21
N PRO F 286 -9.63 40.54 -19.55
CA PRO F 286 -10.86 41.28 -19.89
C PRO F 286 -10.75 41.88 -21.28
N GLN F 287 -9.51 42.10 -21.73
CA GLN F 287 -9.27 42.68 -23.04
C GLN F 287 -9.65 41.74 -24.17
N ILE F 288 -9.59 40.43 -23.90
CA ILE F 288 -10.01 39.44 -24.87
C ILE F 288 -11.51 39.54 -25.10
N HIS F 289 -11.93 39.47 -26.35
CA HIS F 289 -13.35 39.53 -26.68
C HIS F 289 -13.84 38.10 -26.73
N THR F 290 -14.80 37.79 -25.87
CA THR F 290 -15.15 36.41 -25.58
C THR F 290 -16.52 36.01 -26.09
N VAL F 291 -16.60 34.77 -26.56
CA VAL F 291 -17.85 34.18 -26.99
C VAL F 291 -18.05 32.96 -26.13
N ASN F 292 -19.26 32.80 -25.59
CA ASN F 292 -19.44 31.72 -24.65
C ASN F 292 -20.25 30.59 -25.25
N GLU F 293 -19.58 29.45 -25.35
CA GLU F 293 -20.22 28.21 -25.71
C GLU F 293 -20.54 27.45 -24.44
N ASP F 294 -21.77 27.54 -23.97
CA ASP F 294 -22.10 26.87 -22.72
C ASP F 294 -22.32 25.41 -23.11
N ILE F 295 -21.37 24.59 -22.69
CA ILE F 295 -21.30 23.20 -23.11
C ILE F 295 -22.40 22.48 -22.35
N LYS F 296 -22.82 23.06 -21.23
CA LYS F 296 -23.89 22.46 -20.48
C LYS F 296 -25.15 22.46 -21.35
N LEU F 297 -25.30 23.44 -22.22
CA LEU F 297 -26.44 23.43 -23.14
C LEU F 297 -26.35 22.34 -24.19
N ALA F 298 -25.14 22.16 -24.72
CA ALA F 298 -24.90 21.12 -25.70
C ALA F 298 -25.22 19.79 -25.05
N GLY F 299 -24.76 19.62 -23.82
CA GLY F 299 -25.01 18.41 -23.08
C GLY F 299 -26.48 18.08 -22.89
N ARG F 300 -27.29 19.09 -22.59
CA ARG F 300 -28.70 18.89 -22.33
C ARG F 300 -29.57 18.57 -23.51
N GLU F 301 -29.23 19.12 -24.66
CA GLU F 301 -30.03 18.94 -25.87
C GLU F 301 -29.52 17.74 -26.67
N LEU F 302 -28.27 17.37 -26.44
CA LEU F 302 -27.77 16.08 -26.90
C LEU F 302 -28.56 14.96 -26.23
N ALA F 303 -28.91 15.19 -24.97
CA ALA F 303 -29.59 14.19 -24.18
C ALA F 303 -30.91 13.71 -24.77
N LYS F 304 -31.86 14.60 -25.05
CA LYS F 304 -33.11 14.07 -25.58
C LYS F 304 -33.04 14.01 -27.11
N ALA F 305 -31.94 14.48 -27.68
CA ALA F 305 -31.71 14.22 -29.08
C ALA F 305 -31.60 12.70 -29.13
N LEU F 306 -30.74 12.19 -28.26
CA LEU F 306 -30.53 10.76 -28.15
C LEU F 306 -31.78 10.08 -27.58
N LEU F 307 -32.43 10.71 -26.61
CA LEU F 307 -33.66 10.17 -26.05
C LEU F 307 -34.78 10.08 -27.09
N ALA F 308 -35.02 11.17 -27.82
CA ALA F 308 -36.08 11.19 -28.84
C ALA F 308 -35.88 10.10 -29.89
N ARG F 309 -34.64 9.92 -30.33
CA ARG F 309 -34.31 8.91 -31.33
C ARG F 309 -34.41 7.49 -30.79
N ILE F 310 -34.15 7.31 -29.50
CA ILE F 310 -34.29 6.00 -28.88
C ILE F 310 -35.78 5.59 -28.89
N ASN F 311 -36.67 6.57 -28.75
CA ASN F 311 -38.07 6.28 -28.95
C ASN F 311 -38.24 5.90 -30.42
N GLY F 312 -37.35 6.39 -31.27
CA GLY F 312 -37.33 5.97 -32.66
C GLY F 312 -37.62 7.15 -33.58
N ALA F 313 -37.42 8.36 -33.08
CA ALA F 313 -37.66 9.56 -33.88
C ALA F 313 -36.57 9.67 -34.94
N PRO F 314 -36.93 10.19 -36.12
CA PRO F 314 -36.05 10.27 -37.29
C PRO F 314 -34.83 11.17 -37.17
N PRO F 315 -33.83 10.91 -37.98
CA PRO F 315 -32.59 11.68 -37.90
C PRO F 315 -32.70 13.16 -38.18
N GLU F 316 -33.54 13.57 -39.12
CA GLU F 316 -33.60 14.98 -39.47
C GLU F 316 -34.04 15.94 -38.39
N THR F 317 -35.02 15.55 -37.59
CA THR F 317 -35.51 16.41 -36.53
C THR F 317 -34.52 16.70 -35.40
N LEU F 318 -33.55 15.81 -35.19
CA LEU F 318 -32.59 15.96 -34.12
C LEU F 318 -31.73 17.19 -34.14
N GLN F 319 -31.25 17.57 -35.32
CA GLN F 319 -30.35 18.70 -35.46
C GLN F 319 -30.66 19.95 -34.68
N SER F 320 -29.63 20.46 -34.02
CA SER F 320 -29.72 21.70 -33.28
C SER F 320 -28.38 22.37 -33.32
N VAL F 321 -28.42 23.70 -33.34
CA VAL F 321 -27.24 24.52 -33.51
C VAL F 321 -27.31 25.75 -32.62
N SER F 322 -26.26 25.96 -31.84
CA SER F 322 -26.19 27.11 -30.97
C SER F 322 -25.60 28.31 -31.71
N ARG F 323 -26.20 29.47 -31.51
CA ARG F 323 -25.70 30.70 -32.09
C ARG F 323 -24.71 31.34 -31.12
N PRO F 324 -23.72 32.05 -31.64
CA PRO F 324 -22.72 32.67 -30.75
C PRO F 324 -23.31 33.82 -29.92
N VAL F 325 -22.78 34.02 -28.72
CA VAL F 325 -23.20 35.10 -27.83
C VAL F 325 -21.97 35.83 -27.29
N TRP F 326 -22.19 36.92 -26.57
CA TRP F 326 -21.07 37.78 -26.17
C TRP F 326 -21.15 38.25 -24.72
N SER F 327 -20.06 38.87 -24.25
CA SER F 327 -19.98 39.43 -22.89
C SER F 327 -18.62 40.10 -22.71
N GLU I 1 -35.42 -8.48 32.37
CA GLU I 1 -35.54 -9.13 33.67
C GLU I 1 -34.81 -8.40 34.78
N ARG I 2 -34.29 -7.20 34.52
CA ARG I 2 -33.61 -6.48 35.59
C ARG I 2 -34.62 -6.30 36.70
N PRO I 3 -34.25 -6.72 37.92
CA PRO I 3 -35.26 -6.70 38.98
C PRO I 3 -35.63 -5.28 39.37
N THR I 4 -36.92 -5.09 39.64
CA THR I 4 -37.51 -3.81 39.97
C THR I 4 -38.37 -3.99 41.23
N LEU I 5 -38.84 -2.90 41.82
CA LEU I 5 -39.79 -2.99 42.94
C LEU I 5 -41.02 -3.77 42.52
N LYS I 6 -41.43 -3.58 41.27
CA LYS I 6 -42.52 -4.35 40.74
C LYS I 6 -42.19 -5.85 40.77
N THR I 7 -41.01 -6.21 40.31
CA THR I 7 -40.61 -7.61 40.25
C THR I 7 -40.58 -8.22 41.65
N ILE I 8 -39.98 -7.50 42.60
CA ILE I 8 -39.93 -7.92 43.98
C ILE I 8 -41.32 -8.06 44.58
N ALA I 9 -42.14 -7.04 44.36
CA ALA I 9 -43.51 -7.03 44.84
C ALA I 9 -44.26 -8.22 44.26
N TYR I 10 -43.96 -8.55 43.02
CA TYR I 10 -44.59 -9.67 42.36
C TYR I 10 -44.24 -10.99 43.03
N MET I 11 -42.94 -11.21 43.23
CA MET I 11 -42.45 -12.46 43.83
C MET I 11 -42.90 -12.60 45.28
N THR I 12 -42.88 -11.50 46.01
CA THR I 12 -43.18 -11.52 47.44
C THR I 12 -44.69 -11.54 47.69
N GLY I 13 -45.46 -11.31 46.63
CA GLY I 13 -46.83 -10.81 46.71
C GLY I 13 -47.19 -9.67 47.64
N LEU I 14 -46.42 -8.60 47.62
CA LEU I 14 -46.76 -7.41 48.41
C LEU I 14 -47.06 -6.25 47.46
N GLY I 15 -47.44 -5.10 48.00
CA GLY I 15 -47.69 -3.89 47.23
C GLY I 15 -46.38 -3.16 46.98
N ILE I 16 -46.08 -2.81 45.72
CA ILE I 16 -44.87 -2.05 45.40
C ILE I 16 -44.50 -0.98 46.44
N THR I 17 -45.49 -0.19 46.85
CA THR I 17 -45.23 0.86 47.84
C THR I 17 -44.81 0.24 49.16
N THR I 18 -45.33 -0.95 49.48
CA THR I 18 -44.86 -1.65 50.66
C THR I 18 -43.38 -1.97 50.48
N VAL I 19 -43.02 -2.45 49.29
CA VAL I 19 -41.63 -2.83 48.97
C VAL I 19 -40.66 -1.66 49.05
N SER I 20 -41.05 -0.55 48.44
CA SER I 20 -40.22 0.66 48.43
C SER I 20 -39.98 1.10 49.85
N ARG I 21 -41.07 1.13 50.60
CA ARG I 21 -41.09 1.60 51.96
C ARG I 21 -40.36 0.64 52.89
N ALA I 22 -40.30 -0.61 52.48
CA ALA I 22 -39.62 -1.68 53.22
C ALA I 22 -38.09 -1.59 53.11
N LEU I 23 -37.62 -1.25 51.92
CA LEU I 23 -36.19 -1.17 51.65
C LEU I 23 -35.58 -0.01 52.42
N LYS I 24 -36.39 1.03 52.58
CA LYS I 24 -36.11 2.10 53.52
C LYS I 24 -36.56 1.53 54.85
N ASP I 25 -35.93 1.87 55.97
CA ASP I 25 -36.43 1.26 57.19
C ASP I 25 -37.53 2.15 57.73
N ALA I 26 -38.76 1.88 57.31
CA ALA I 26 -39.89 2.73 57.65
C ALA I 26 -40.69 2.16 58.81
N PRO I 27 -41.26 3.06 59.63
CA PRO I 27 -42.12 2.63 60.75
C PRO I 27 -43.41 1.93 60.30
N ASP I 28 -43.91 2.25 59.10
CA ASP I 28 -45.15 1.64 58.61
C ASP I 28 -45.07 0.12 58.46
N ILE I 29 -43.93 -0.40 58.01
CA ILE I 29 -43.87 -1.80 57.65
C ILE I 29 -43.48 -2.73 58.80
N GLY I 30 -44.16 -3.88 58.86
CA GLY I 30 -43.98 -4.85 59.91
C GLY I 30 -42.63 -5.51 59.81
N ALA I 31 -41.97 -5.65 60.96
CA ALA I 31 -40.60 -6.16 61.05
C ALA I 31 -40.29 -7.35 60.14
N GLU I 32 -41.18 -8.35 60.09
CA GLU I 32 -40.91 -9.54 59.28
C GLU I 32 -41.04 -9.22 57.81
N THR I 33 -42.00 -8.36 57.48
CA THR I 33 -42.21 -7.94 56.11
C THR I 33 -40.97 -7.23 55.60
N LYS I 34 -40.30 -6.49 56.48
CA LYS I 34 -39.06 -5.81 56.11
C LYS I 34 -37.96 -6.80 55.75
N GLU I 35 -37.79 -7.83 56.59
CA GLU I 35 -36.74 -8.83 56.39
C GLU I 35 -36.97 -9.66 55.14
N ARG I 36 -38.23 -9.92 54.83
CA ARG I 36 -38.54 -10.64 53.62
C ARG I 36 -38.09 -9.86 52.39
N VAL I 37 -38.44 -8.58 52.36
CA VAL I 37 -38.15 -7.74 51.22
C VAL I 37 -36.66 -7.47 51.13
N ARG I 38 -36.03 -7.28 52.29
CA ARG I 38 -34.61 -6.98 52.30
C ARG I 38 -33.75 -8.13 51.83
N LEU I 39 -34.18 -9.35 52.11
CA LEU I 39 -33.39 -10.50 51.71
C LEU I 39 -33.66 -10.87 50.25
N ILE I 40 -34.91 -10.78 49.80
CA ILE I 40 -35.18 -11.02 48.40
C ILE I 40 -34.50 -10.00 47.52
N ALA I 41 -34.48 -8.75 47.98
CA ALA I 41 -33.83 -7.69 47.22
C ALA I 41 -32.35 -8.00 47.11
N GLN I 42 -31.76 -8.38 48.23
CA GLN I 42 -30.34 -8.73 48.29
C GLN I 42 -29.98 -9.97 47.48
N GLN I 43 -30.88 -10.95 47.47
CA GLN I 43 -30.61 -12.20 46.76
C GLN I 43 -30.71 -12.07 45.23
N ILE I 44 -31.65 -11.30 44.74
CA ILE I 44 -31.80 -11.09 43.29
C ILE I 44 -30.85 -9.98 42.86
N GLY I 45 -30.39 -9.21 43.84
CA GLY I 45 -29.51 -8.08 43.60
C GLY I 45 -30.23 -6.93 42.92
N TYR I 46 -31.27 -6.46 43.58
CA TYR I 46 -32.07 -5.36 43.07
C TYR I 46 -31.29 -4.07 43.23
N GLN I 47 -31.19 -3.31 42.13
CA GLN I 47 -30.60 -1.99 42.19
C GLN I 47 -31.61 -0.94 41.77
N PRO I 48 -31.86 0.06 42.62
CA PRO I 48 -32.86 1.08 42.30
C PRO I 48 -32.58 1.77 40.98
N ASN I 49 -33.60 1.98 40.18
CA ASN I 49 -33.40 2.63 38.90
C ASN I 49 -33.09 4.09 39.15
N ARG I 50 -31.88 4.49 38.79
CA ARG I 50 -31.43 5.84 39.09
C ARG I 50 -32.33 6.87 38.43
N ALA I 51 -32.74 6.57 37.20
CA ALA I 51 -33.60 7.47 36.44
C ALA I 51 -34.95 7.66 37.12
N GLY I 52 -35.53 6.56 37.60
CA GLY I 52 -36.82 6.62 38.27
C GLY I 52 -36.77 7.44 39.54
N VAL I 53 -35.67 7.31 40.26
CA VAL I 53 -35.46 8.06 41.50
C VAL I 53 -35.22 9.53 41.20
N ARG I 54 -34.35 9.80 40.23
CA ARG I 54 -33.92 11.14 39.90
C ARG I 54 -35.07 11.99 39.38
N LEU I 55 -36.01 11.33 38.71
CA LEU I 55 -37.18 12.04 38.22
C LEU I 55 -38.17 12.34 39.35
N ARG I 56 -38.35 11.37 40.24
CA ARG I 56 -39.35 11.45 41.31
C ARG I 56 -38.88 12.32 42.47
N THR I 57 -37.60 12.20 42.81
CA THR I 57 -36.98 13.04 43.83
C THR I 57 -35.92 13.86 43.13
N GLY I 58 -35.41 14.91 43.76
CA GLY I 58 -34.33 15.67 43.15
C GLY I 58 -33.07 14.84 42.96
N LYS I 59 -32.91 13.84 43.83
CA LYS I 59 -31.64 13.12 44.00
C LYS I 59 -31.06 12.53 42.72
N THR I 60 -29.86 12.99 42.37
CA THR I 60 -29.15 12.44 41.22
C THR I 60 -28.12 11.39 41.58
N ASN I 61 -27.78 11.30 42.87
CA ASN I 61 -26.66 10.46 43.33
C ASN I 61 -25.44 10.58 42.42
N VAL I 62 -25.09 11.81 42.08
CA VAL I 62 -23.94 12.10 41.23
C VAL I 62 -23.05 13.16 41.88
N ILE I 63 -21.74 12.91 41.86
CA ILE I 63 -20.76 13.91 42.26
C ILE I 63 -20.02 14.33 41.01
N ALA I 64 -20.01 15.63 40.77
CA ALA I 64 -19.35 16.16 39.61
C ALA I 64 -17.98 16.65 40.00
N LEU I 65 -16.96 16.15 39.32
CA LEU I 65 -15.60 16.64 39.52
C LEU I 65 -15.25 17.53 38.34
N VAL I 66 -15.08 18.82 38.61
CA VAL I 66 -14.72 19.77 37.56
C VAL I 66 -13.22 19.99 37.62
N LEU I 67 -12.60 19.92 36.46
CA LEU I 67 -11.16 19.87 36.37
C LEU I 67 -10.65 20.89 35.37
N SER I 68 -9.66 21.67 35.76
CA SER I 68 -9.01 22.49 34.76
C SER I 68 -8.13 21.51 33.99
N VAL I 69 -8.28 21.47 32.67
CA VAL I 69 -7.40 20.65 31.84
C VAL I 69 -6.03 21.28 31.95
N ASP I 70 -6.06 22.59 32.19
CA ASP I 70 -4.88 23.37 32.47
C ASP I 70 -4.38 23.04 33.87
N GLU I 71 -3.51 22.03 33.93
CA GLU I 71 -2.98 21.55 35.19
C GLU I 71 -1.52 21.23 34.95
N GLU I 72 -0.71 21.28 36.01
CA GLU I 72 0.70 20.95 35.90
C GLU I 72 0.92 19.51 35.44
N LEU I 73 1.99 19.31 34.68
CA LEU I 73 2.35 18.00 34.14
C LEU I 73 2.50 16.87 35.14
N MET I 74 3.12 17.14 36.28
CA MET I 74 3.36 16.08 37.26
C MET I 74 2.35 16.08 38.40
N GLY I 75 1.14 16.54 38.11
CA GLY I 75 0.09 16.59 39.11
C GLY I 75 -0.51 15.26 39.52
N PHE I 76 -0.08 14.17 38.88
CA PHE I 76 -0.65 12.82 39.07
C PHE I 76 -2.09 12.86 39.55
N THR I 77 -2.95 13.48 38.75
CA THR I 77 -4.33 13.74 39.14
C THR I 77 -5.17 12.47 39.26
N SER I 78 -4.79 11.43 38.52
CA SER I 78 -5.48 10.15 38.60
C SER I 78 -5.55 9.66 40.07
N GLN I 79 -4.54 9.99 40.87
CA GLN I 79 -4.56 9.61 42.28
C GLN I 79 -5.69 10.26 43.08
N MET I 80 -6.05 11.48 42.71
CA MET I 80 -7.18 12.18 43.31
C MET I 80 -8.50 11.46 43.03
N VAL I 81 -8.65 11.02 41.77
CA VAL I 81 -9.84 10.30 41.35
C VAL I 81 -10.00 9.03 42.19
N PHE I 82 -8.92 8.28 42.34
CA PHE I 82 -8.95 7.04 43.10
C PHE I 82 -9.28 7.33 44.56
N GLY I 83 -8.75 8.45 45.05
CA GLY I 83 -9.08 8.93 46.38
C GLY I 83 -10.56 9.15 46.56
N ILE I 84 -11.18 9.81 45.58
CA ILE I 84 -12.61 10.06 45.63
C ILE I 84 -13.39 8.75 45.48
N THR I 85 -13.06 7.99 44.44
CA THR I 85 -13.80 6.77 44.12
C THR I 85 -13.75 5.70 45.21
N GLU I 86 -12.62 5.56 45.90
CA GLU I 86 -12.52 4.60 47.00
C GLU I 86 -13.63 4.83 47.99
N VAL I 87 -13.85 6.11 48.30
CA VAL I 87 -14.87 6.50 49.25
C VAL I 87 -16.25 6.17 48.73
N LEU I 88 -16.51 6.51 47.47
CA LEU I 88 -17.84 6.33 46.89
C LEU I 88 -18.20 4.87 46.56
N ALA I 89 -17.21 3.99 46.48
CA ALA I 89 -17.48 2.60 46.12
C ALA I 89 -18.46 1.93 47.09
N THR I 90 -18.36 2.28 48.37
CA THR I 90 -19.30 1.76 49.37
C THR I 90 -20.72 2.27 49.16
N THR I 91 -20.84 3.53 48.75
CA THR I 91 -22.13 4.18 48.60
C THR I 91 -22.68 3.99 47.19
N GLN I 92 -23.85 4.60 46.94
CA GLN I 92 -24.50 4.54 45.64
C GLN I 92 -24.21 5.76 44.74
N TYR I 93 -23.25 6.59 45.15
CA TYR I 93 -22.86 7.75 44.36
C TYR I 93 -21.97 7.42 43.17
N HIS I 94 -22.13 8.19 42.10
CA HIS I 94 -21.29 8.07 40.92
C HIS I 94 -20.42 9.32 40.73
N LEU I 95 -19.33 9.18 40.00
CA LEU I 95 -18.40 10.29 39.77
C LEU I 95 -18.36 10.65 38.29
N VAL I 96 -18.78 11.86 37.96
CA VAL I 96 -18.70 12.34 36.58
C VAL I 96 -17.63 13.42 36.42
N VAL I 97 -17.03 13.46 35.23
CA VAL I 97 -16.03 14.48 34.94
C VAL I 97 -16.56 15.48 33.93
N THR I 98 -16.38 16.76 34.23
CA THR I 98 -16.80 17.87 33.37
C THR I 98 -15.65 18.87 33.31
N PRO I 99 -15.01 18.97 32.15
CA PRO I 99 -13.84 19.84 32.00
C PRO I 99 -14.12 21.22 31.41
N HIS I 100 -13.28 22.17 31.81
CA HIS I 100 -13.19 23.45 31.14
C HIS I 100 -11.75 23.55 30.66
N THR I 101 -11.54 24.23 29.55
CA THR I 101 -10.21 24.38 29.00
C THR I 101 -9.71 25.76 29.47
N HIS I 102 -10.66 26.58 29.94
CA HIS I 102 -10.28 27.92 30.36
C HIS I 102 -10.55 28.02 31.82
N ALA I 103 -9.78 28.88 32.46
CA ALA I 103 -9.94 29.05 33.87
C ALA I 103 -10.92 30.20 34.16
N LYS I 104 -10.89 31.23 33.31
CA LYS I 104 -11.85 32.34 33.41
C LYS I 104 -13.27 31.91 33.03
N ASP I 105 -13.41 30.72 32.46
CA ASP I 105 -14.72 30.18 32.17
C ASP I 105 -14.99 29.17 33.28
N SER I 106 -14.62 29.57 34.48
CA SER I 106 -14.69 28.72 35.66
C SER I 106 -16.10 28.49 36.12
N MET I 107 -17.01 29.38 35.71
CA MET I 107 -18.39 29.21 36.13
C MET I 107 -19.23 28.47 35.10
N VAL I 108 -18.73 28.34 33.87
CA VAL I 108 -19.52 27.66 32.85
C VAL I 108 -19.75 26.17 33.19
N PRO I 109 -18.71 25.43 33.68
CA PRO I 109 -19.12 24.05 33.93
C PRO I 109 -20.09 24.00 35.11
N ILE I 110 -19.86 24.87 36.10
CA ILE I 110 -20.72 24.97 37.27
C ILE I 110 -22.11 25.47 36.91
N ARG I 111 -22.20 26.37 35.93
CA ARG I 111 -23.51 26.86 35.54
C ARG I 111 -24.36 25.75 34.93
N TYR I 112 -23.72 24.82 34.24
CA TYR I 112 -24.44 23.72 33.66
C TYR I 112 -24.92 22.79 34.74
N ILE I 113 -24.11 22.63 35.75
CA ILE I 113 -24.42 21.73 36.86
C ILE I 113 -25.61 22.20 37.69
N LEU I 114 -25.57 23.45 38.16
CA LEU I 114 -26.65 23.95 39.00
C LEU I 114 -27.97 24.18 38.27
N GLU I 115 -27.92 24.68 37.05
CA GLU I 115 -29.13 24.86 36.26
C GLU I 115 -29.78 23.53 35.87
N THR I 116 -28.99 22.56 35.43
CA THR I 116 -29.57 21.26 35.04
C THR I 116 -29.79 20.38 36.25
N GLY I 117 -29.22 20.79 37.39
CA GLY I 117 -29.35 20.03 38.63
C GLY I 117 -28.78 18.65 38.49
N SER I 118 -27.65 18.56 37.80
CA SER I 118 -27.09 17.28 37.40
C SER I 118 -26.06 16.73 38.39
N ALA I 119 -26.11 17.21 39.63
CA ALA I 119 -25.19 16.73 40.66
C ALA I 119 -25.70 17.01 42.08
N ASP I 120 -25.36 16.11 43.01
CA ASP I 120 -25.67 16.26 44.43
C ASP I 120 -24.53 16.89 45.22
N GLY I 121 -23.33 16.88 44.64
CA GLY I 121 -22.19 17.61 45.18
C GLY I 121 -21.12 17.89 44.14
N VAL I 122 -20.26 18.88 44.43
CA VAL I 122 -19.26 19.33 43.47
C VAL I 122 -17.84 19.48 44.07
N ILE I 123 -16.82 19.12 43.29
CA ILE I 123 -15.42 19.30 43.68
C ILE I 123 -14.63 20.22 42.73
N ILE I 124 -13.88 21.18 43.30
CA ILE I 124 -13.16 22.18 42.52
C ILE I 124 -11.68 22.37 42.89
N SER I 125 -10.93 22.94 41.96
CA SER I 125 -9.50 23.18 42.13
C SER I 125 -9.18 24.63 41.81
N LYS I 126 -7.91 25.00 41.97
CA LYS I 126 -7.42 26.30 41.54
C LYS I 126 -8.19 27.51 42.07
N ILE I 127 -8.34 27.54 43.38
CA ILE I 127 -9.11 28.56 44.04
C ILE I 127 -8.38 29.85 44.23
N GLU I 128 -9.07 30.94 43.94
CA GLU I 128 -8.55 32.28 44.12
C GLU I 128 -8.89 32.75 45.52
N PRO I 129 -8.50 33.98 45.87
CA PRO I 129 -8.80 34.49 47.21
C PRO I 129 -10.29 34.53 47.41
N ASN I 130 -10.98 35.04 46.41
CA ASN I 130 -12.42 35.05 46.41
C ASN I 130 -12.81 34.70 44.99
N ASP I 131 -13.03 33.42 44.81
CA ASP I 131 -13.36 32.80 43.55
C ASP I 131 -14.86 32.97 43.37
N PRO I 132 -15.34 33.36 42.17
CA PRO I 132 -16.78 33.59 42.00
C PRO I 132 -17.63 32.36 42.32
N ARG I 133 -17.11 31.17 42.03
CA ARG I 133 -17.85 29.93 42.27
C ARG I 133 -18.07 29.52 43.73
N VAL I 134 -17.09 29.78 44.60
CA VAL I 134 -17.21 29.36 46.00
C VAL I 134 -18.39 30.06 46.63
N ARG I 135 -18.55 31.34 46.32
CA ARG I 135 -19.67 32.08 46.87
C ARG I 135 -20.94 31.64 46.14
N PHE I 136 -20.81 31.27 44.88
CA PHE I 136 -21.94 30.86 44.05
C PHE I 136 -22.68 29.60 44.57
N MET I 137 -21.94 28.55 44.88
CA MET I 137 -22.53 27.29 45.36
C MET I 137 -22.95 27.36 46.83
N THR I 138 -22.29 28.20 47.62
CA THR I 138 -22.67 28.42 49.00
C THR I 138 -24.03 29.11 49.04
N GLU I 139 -24.20 29.99 48.08
CA GLU I 139 -25.39 30.81 47.97
C GLU I 139 -26.62 30.07 47.42
N ARG I 140 -26.40 29.25 46.40
CA ARG I 140 -27.44 28.39 45.83
C ARG I 140 -27.50 26.95 46.31
N LYS I 141 -27.63 26.74 47.61
CA LYS I 141 -27.96 25.42 48.14
C LYS I 141 -26.92 24.30 47.92
N MET I 142 -25.95 24.48 47.03
CA MET I 142 -25.13 23.35 46.57
C MET I 142 -23.96 22.94 47.48
N PRO I 143 -24.01 21.71 48.01
CA PRO I 143 -22.94 21.14 48.83
C PRO I 143 -21.68 20.97 48.00
N PHE I 144 -20.53 21.34 48.54
CA PHE I 144 -19.28 21.24 47.80
C PHE I 144 -18.08 21.22 48.73
N VAL I 145 -16.93 20.88 48.16
CA VAL I 145 -15.68 20.84 48.90
C VAL I 145 -14.54 21.28 47.97
N THR I 146 -13.50 21.90 48.52
CA THR I 146 -12.44 22.46 47.67
C THR I 146 -11.07 21.85 47.95
N HIS I 147 -10.29 21.64 46.89
CA HIS I 147 -8.89 21.31 47.05
C HIS I 147 -8.08 22.59 47.16
N GLY I 148 -7.95 23.09 48.39
CA GLY I 148 -7.31 24.36 48.67
C GLY I 148 -8.17 25.24 49.56
N ARG I 149 -7.60 26.35 50.02
CA ARG I 149 -8.31 27.27 50.91
C ARG I 149 -8.40 28.65 50.26
N SER I 150 -9.33 29.47 50.73
CA SER I 150 -9.56 30.80 50.17
C SER I 150 -9.79 31.85 51.26
N ASP I 151 -9.47 33.11 50.96
CA ASP I 151 -9.63 34.15 51.96
C ASP I 151 -10.88 34.99 51.69
N MET I 152 -12.04 34.36 51.90
CA MET I 152 -13.35 34.98 51.64
C MET I 152 -14.22 35.18 52.88
N GLY I 153 -13.89 34.48 53.95
CA GLY I 153 -14.66 34.61 55.17
C GLY I 153 -15.94 33.82 55.14
N ILE I 154 -16.01 32.87 54.21
CA ILE I 154 -17.16 31.97 54.13
C ILE I 154 -16.69 30.61 54.56
N GLU I 155 -17.41 29.96 55.43
CA GLU I 155 -16.97 28.62 55.69
C GLU I 155 -17.75 27.56 54.89
N HIS I 156 -16.96 26.70 54.30
CA HIS I 156 -17.30 25.54 53.49
C HIS I 156 -16.32 24.50 53.95
N ALA I 157 -16.72 23.25 53.81
CA ALA I 157 -15.83 22.15 54.08
C ALA I 157 -14.76 22.14 52.99
N TYR I 158 -13.49 21.99 53.36
CA TYR I 158 -12.44 21.98 52.35
C TYR I 158 -11.17 21.22 52.76
N HIS I 159 -10.30 20.96 51.79
CA HIS I 159 -9.01 20.35 52.07
C HIS I 159 -7.86 20.95 51.25
N ASP I 160 -6.83 21.41 51.95
CA ASP I 160 -5.62 21.90 51.30
C ASP I 160 -4.42 21.28 52.00
N PHE I 161 -3.25 21.46 51.39
CA PHE I 161 -2.00 20.99 51.95
C PHE I 161 -1.35 22.12 52.73
N ASP I 162 -0.66 21.79 53.82
CA ASP I 162 -0.07 22.83 54.68
C ASP I 162 1.20 23.33 54.02
N ASN I 163 0.95 24.30 53.15
CA ASN I 163 1.85 24.94 52.22
C ASN I 163 2.97 25.78 52.81
N GLU I 164 2.74 26.25 54.04
CA GLU I 164 3.72 27.01 54.82
C GLU I 164 4.40 26.10 55.82
N ALA I 165 3.69 25.07 56.27
CA ALA I 165 4.36 24.05 57.03
C ALA I 165 5.43 23.53 56.09
N TYR I 166 5.07 23.31 54.83
CA TYR I 166 6.05 22.89 53.85
C TYR I 166 7.12 23.98 53.71
N ALA I 167 6.69 25.23 53.63
CA ALA I 167 7.60 26.36 53.43
C ALA I 167 8.59 26.63 54.57
N TYR I 168 8.11 26.62 55.80
CA TYR I 168 8.98 26.80 56.96
C TYR I 168 9.95 25.64 57.13
N GLU I 169 9.47 24.46 56.79
CA GLU I 169 10.24 23.23 56.89
C GLU I 169 11.19 23.14 55.71
N ALA I 170 10.91 23.91 54.66
CA ALA I 170 11.76 23.96 53.48
C ALA I 170 13.11 24.67 53.70
N VAL I 171 13.10 25.84 54.34
CA VAL I 171 14.35 26.57 54.60
C VAL I 171 15.21 25.93 55.68
N GLU I 172 14.56 25.24 56.61
CA GLU I 172 15.25 24.53 57.67
C GLU I 172 16.11 23.41 57.12
N ARG I 173 15.62 22.75 56.08
CA ARG I 173 16.37 21.68 55.45
C ARG I 173 17.49 22.31 54.62
N LEU I 174 17.23 23.50 54.10
CA LEU I 174 18.24 24.29 53.43
C LEU I 174 19.28 24.89 54.39
N ALA I 175 18.84 25.30 55.56
CA ALA I 175 19.71 25.81 56.63
C ALA I 175 20.53 24.65 57.15
N GLN I 176 19.84 23.52 57.32
CA GLN I 176 20.48 22.25 57.69
C GLN I 176 21.53 21.84 56.70
N CYS I 177 21.32 22.10 55.42
CA CYS I 177 22.37 21.86 54.44
C CYS I 177 23.41 22.97 54.44
N GLY I 178 23.09 24.09 55.07
CA GLY I 178 24.02 25.21 55.17
C GLY I 178 23.76 26.40 54.26
N ARG I 179 22.78 26.27 53.38
CA ARG I 179 22.49 27.29 52.38
C ARG I 179 21.90 28.54 53.04
N LYS I 180 22.44 29.72 52.69
CA LYS I 180 22.18 30.97 53.40
C LYS I 180 21.55 32.08 52.56
N ARG I 181 21.27 31.76 51.29
CA ARG I 181 20.55 32.68 50.44
C ARG I 181 19.50 31.84 49.76
N ILE I 182 18.24 32.14 50.04
CA ILE I 182 17.18 31.23 49.67
C ILE I 182 16.10 31.89 48.83
N ALA I 183 15.69 31.19 47.79
CA ALA I 183 14.67 31.66 46.89
C ALA I 183 13.53 30.67 46.80
N ILE I 184 12.34 31.15 46.46
CA ILE I 184 11.18 30.29 46.36
C ILE I 184 10.42 30.52 45.05
N ILE I 185 10.20 29.44 44.30
CA ILE I 185 9.35 29.52 43.11
C ILE I 185 7.92 29.36 43.61
N VAL I 186 7.19 30.45 43.48
CA VAL I 186 5.93 30.60 44.15
C VAL I 186 4.80 30.70 43.12
N PRO I 187 3.55 30.35 43.50
CA PRO I 187 2.41 30.57 42.62
C PRO I 187 2.10 32.06 42.48
N PRO I 188 1.26 32.45 41.50
CA PRO I 188 0.98 33.88 41.42
C PRO I 188 0.35 34.25 42.78
N SER I 189 0.58 35.44 43.34
CA SER I 189 0.08 35.73 44.69
C SER I 189 -1.46 35.84 44.71
N ARG I 190 -2.06 35.80 43.53
CA ARG I 190 -3.50 35.68 43.43
C ARG I 190 -3.97 34.45 44.20
N PHE I 191 -3.21 33.36 44.17
CA PHE I 191 -3.69 32.17 44.83
C PHE I 191 -3.43 32.26 46.32
N ALA I 192 -4.30 31.59 47.08
CA ALA I 192 -4.32 31.71 48.53
C ALA I 192 -3.12 31.05 49.16
N PHE I 193 -2.80 29.86 48.69
CA PHE I 193 -1.68 29.14 49.27
C PHE I 193 -0.33 29.80 48.95
N HIS I 194 -0.32 30.73 47.99
CA HIS I 194 0.85 31.58 47.79
C HIS I 194 1.20 32.26 49.08
N ASP I 195 0.19 32.91 49.65
CA ASP I 195 0.35 33.67 50.87
C ASP I 195 0.60 32.74 52.01
N HIS I 196 0.03 31.55 51.93
CA HIS I 196 0.28 30.57 52.95
C HIS I 196 1.78 30.27 52.86
N ALA I 197 2.26 30.00 51.65
CA ALA I 197 3.65 29.64 51.41
C ALA I 197 4.67 30.72 51.80
N ARG I 198 4.39 31.98 51.43
CA ARG I 198 5.32 33.10 51.65
C ARG I 198 5.46 33.42 53.14
N LYS I 199 4.39 33.22 53.91
CA LYS I 199 4.43 33.39 55.36
C LYS I 199 5.35 32.36 56.02
N GLY I 200 5.26 31.12 55.54
CA GLY I 200 6.10 30.04 56.01
C GLY I 200 7.55 30.25 55.61
N PHE I 201 7.75 30.82 54.42
CA PHE I 201 9.09 31.08 53.90
C PHE I 201 9.71 32.22 54.71
N THR I 202 8.93 33.25 55.04
CA THR I 202 9.46 34.38 55.80
C THR I 202 9.66 34.08 57.28
N ARG I 203 8.72 33.32 57.86
CA ARG I 203 8.87 32.88 59.25
C ARG I 203 10.02 31.90 59.27
N GLY I 204 10.18 31.19 58.16
CA GLY I 204 11.27 30.26 58.01
C GLY I 204 12.62 30.94 57.99
N ILE I 205 12.75 32.02 57.23
CA ILE I 205 14.06 32.68 57.15
C ILE I 205 14.31 33.55 58.38
N ARG I 206 13.25 34.01 59.02
CA ARG I 206 13.39 34.75 60.28
C ARG I 206 13.86 33.83 61.40
N ASP I 207 13.18 32.70 61.55
CA ASP I 207 13.51 31.72 62.58
C ASP I 207 14.80 30.98 62.25
N PHE I 208 15.12 30.83 60.97
CA PHE I 208 16.38 30.22 60.58
C PHE I 208 17.46 31.26 60.26
N GLY I 209 17.08 32.54 60.33
CA GLY I 209 18.03 33.64 60.20
C GLY I 209 18.68 33.96 58.86
N VAL I 210 18.83 32.96 58.00
CA VAL I 210 19.51 33.13 56.71
C VAL I 210 18.78 34.07 55.74
N SER I 211 19.53 34.60 54.77
CA SER I 211 19.01 35.58 53.82
C SER I 211 18.18 34.95 52.70
N GLU I 212 17.21 35.71 52.20
CA GLU I 212 16.32 35.22 51.15
C GLU I 212 16.54 35.90 49.79
N PHE I 213 16.95 35.12 48.80
CA PHE I 213 17.11 35.60 47.43
C PHE I 213 15.79 35.98 46.78
N PRO I 214 15.68 37.21 46.26
CA PRO I 214 14.42 37.55 45.61
C PRO I 214 14.39 37.01 44.19
N LEU I 215 13.31 36.31 43.84
CA LEU I 215 13.13 35.87 42.47
C LEU I 215 11.72 36.32 42.10
N ASP I 216 11.66 37.12 41.05
CA ASP I 216 10.38 37.65 40.57
C ASP I 216 10.05 37.27 39.13
N ALA I 217 11.04 36.75 38.41
CA ALA I 217 10.86 36.49 36.98
C ALA I 217 9.95 35.30 36.67
N ILE I 218 9.90 34.32 37.56
CA ILE I 218 9.15 33.10 37.25
C ILE I 218 8.23 32.64 38.38
N THR I 219 7.18 31.95 37.98
CA THR I 219 6.12 31.45 38.84
C THR I 219 5.90 29.95 38.56
N ILE I 220 5.12 29.24 39.37
CA ILE I 220 4.82 27.83 39.10
C ILE I 220 4.20 27.57 37.74
N GLU I 221 3.19 28.38 37.41
CA GLU I 221 2.46 28.27 36.15
C GLU I 221 3.22 28.88 34.98
N THR I 222 4.42 29.42 35.26
CA THR I 222 5.27 29.88 34.17
C THR I 222 5.51 28.65 33.33
N PRO I 223 5.44 28.79 31.99
CA PRO I 223 5.65 27.61 31.14
C PRO I 223 6.99 26.97 31.46
N LEU I 224 7.05 25.65 31.40
CA LEU I 224 8.21 24.93 31.92
C LEU I 224 9.43 25.09 31.05
N ASP I 225 9.19 25.32 29.76
CA ASP I 225 10.24 25.62 28.81
C ASP I 225 10.99 26.89 29.23
N LYS I 226 10.22 27.90 29.63
CA LYS I 226 10.76 29.20 30.01
C LYS I 226 11.56 29.15 31.31
N ILE I 227 11.18 28.25 32.22
CA ILE I 227 11.93 28.09 33.46
C ILE I 227 13.30 27.51 33.17
N ARG I 228 13.36 26.60 32.20
CA ARG I 228 14.63 26.06 31.72
C ARG I 228 15.61 27.15 31.30
N ASP I 229 15.13 28.11 30.50
CA ASP I 229 15.97 29.21 30.07
C ASP I 229 16.41 30.08 31.24
N PHE I 230 15.48 30.33 32.17
CA PHE I 230 15.75 31.11 33.37
C PHE I 230 16.77 30.44 34.27
N GLY I 231 16.64 29.13 34.42
CA GLY I 231 17.53 28.34 35.23
C GLY I 231 18.97 28.38 34.75
N LYS I 232 19.17 28.24 33.44
CA LYS I 232 20.52 28.34 32.90
C LYS I 232 21.11 29.73 33.02
N ARG I 233 20.29 30.75 32.81
CA ARG I 233 20.79 32.10 32.86
C ARG I 233 21.13 32.56 34.28
N LEU I 234 20.40 32.08 35.27
CA LEU I 234 20.64 32.49 36.66
C LEU I 234 21.91 31.89 37.25
N MET I 235 22.26 30.68 36.83
CA MET I 235 23.46 30.05 37.35
C MET I 235 24.69 30.59 36.63
N GLN I 236 24.50 30.93 35.37
CA GLN I 236 25.50 31.62 34.57
C GLN I 236 25.54 33.11 34.91
N SER I 237 24.64 33.54 35.80
CA SER I 237 24.61 34.94 36.20
C SER I 237 25.74 35.10 37.24
N ASP I 238 26.21 36.32 37.52
CA ASP I 238 27.29 36.46 38.51
C ASP I 238 26.69 36.32 39.94
N ASP I 239 25.45 36.78 40.16
CA ASP I 239 24.81 36.46 41.44
C ASP I 239 23.80 35.32 41.27
N ARG I 240 24.11 34.19 41.91
CA ARG I 240 23.26 32.99 41.86
C ARG I 240 22.89 32.57 43.28
N PRO I 241 21.64 32.10 43.48
CA PRO I 241 21.17 31.62 44.78
C PRO I 241 21.67 30.24 45.19
N ASP I 242 21.73 30.15 46.51
CA ASP I 242 22.37 29.10 47.26
C ASP I 242 21.46 27.88 47.36
N GLY I 243 20.21 28.12 47.70
CA GLY I 243 19.26 27.04 47.93
C GLY I 243 17.94 27.43 47.29
N ILE I 244 17.14 26.44 46.89
CA ILE I 244 15.90 26.71 46.16
C ILE I 244 14.78 25.91 46.77
N VAL I 245 13.64 26.55 46.98
CA VAL I 245 12.45 25.87 47.45
C VAL I 245 11.41 25.86 46.36
N SER I 246 10.91 24.66 46.02
CA SER I 246 9.95 24.55 44.95
C SER I 246 8.58 24.14 45.45
N ILE I 247 7.55 24.75 44.89
CA ILE I 247 6.17 24.44 45.27
C ILE I 247 5.56 23.42 44.31
N SER I 248 6.06 23.38 43.08
CA SER I 248 5.60 22.37 42.13
C SER I 248 6.75 21.51 41.64
N GLY I 249 6.60 20.20 41.81
CA GLY I 249 7.59 19.27 41.28
C GLY I 249 7.61 19.33 39.77
N SER I 250 6.59 19.96 39.17
CA SER I 250 6.54 20.08 37.74
C SER I 250 7.54 21.13 37.25
N SER I 251 7.71 22.19 38.05
CA SER I 251 8.68 23.24 37.74
C SER I 251 10.08 22.83 38.17
N THR I 252 10.15 21.94 39.16
CA THR I 252 11.41 21.48 39.69
C THR I 252 12.28 20.80 38.64
N ILE I 253 11.68 19.91 37.86
CA ILE I 253 12.42 19.18 36.83
C ILE I 253 12.94 20.11 35.74
N ALA I 254 12.14 21.11 35.38
CA ALA I 254 12.53 22.05 34.33
C ALA I 254 13.64 23.00 34.80
N LEU I 255 13.58 23.39 36.07
CA LEU I 255 14.60 24.25 36.64
C LEU I 255 15.93 23.51 36.79
N VAL I 256 15.85 22.24 37.18
CA VAL I 256 17.06 21.42 37.29
C VAL I 256 17.64 21.18 35.89
N ALA I 257 16.75 21.08 34.90
CA ALA I 257 17.15 20.90 33.51
C ALA I 257 18.03 22.05 33.02
N GLY I 258 17.64 23.27 33.39
CA GLY I 258 18.42 24.45 33.07
C GLY I 258 19.76 24.48 33.80
N PHE I 259 19.77 23.96 35.01
CA PHE I 259 20.97 23.99 35.85
C PHE I 259 22.20 23.22 35.33
N GLU I 260 22.03 21.95 34.99
CA GLU I 260 23.15 21.17 34.45
C GLU I 260 23.34 21.46 32.97
N ALA I 261 22.33 22.01 32.33
CA ALA I 261 22.48 22.52 30.98
C ALA I 261 23.51 23.66 31.04
N ALA I 262 23.37 24.47 32.09
CA ALA I 262 24.35 25.49 32.39
C ALA I 262 25.63 24.83 32.92
N GLY I 263 25.49 23.58 33.34
CA GLY I 263 26.61 22.78 33.82
C GLY I 263 26.73 22.82 35.33
N VAL I 264 25.59 22.96 36.00
CA VAL I 264 25.58 22.98 37.46
C VAL I 264 25.29 21.57 37.96
N ARG I 265 26.06 21.13 38.93
CA ARG I 265 25.82 19.85 39.58
C ARG I 265 24.83 20.05 40.71
N ILE I 266 23.77 19.24 40.73
CA ILE I 266 22.74 19.37 41.75
C ILE I 266 23.38 18.74 42.99
N GLY I 267 22.78 18.91 44.17
CA GLY I 267 23.43 18.41 45.38
C GLY I 267 24.43 19.30 46.11
N LYS I 268 25.55 19.64 45.49
CA LYS I 268 26.57 20.43 46.21
C LYS I 268 26.56 21.93 45.89
N ASP I 269 26.53 22.28 44.60
CA ASP I 269 26.58 23.70 44.22
C ASP I 269 25.33 24.39 44.73
N ILE I 270 24.21 23.69 44.54
CA ILE I 270 22.90 24.20 44.83
C ILE I 270 22.02 23.07 45.37
N ASP I 271 21.17 23.38 46.34
CA ASP I 271 20.23 22.38 46.81
C ASP I 271 18.78 22.77 46.66
N ILE I 272 18.01 21.73 46.37
CA ILE I 272 16.64 21.87 45.98
C ILE I 272 15.75 21.16 46.98
N VAL I 273 14.71 21.86 47.40
CA VAL I 273 13.63 21.25 48.14
C VAL I 273 12.46 21.37 47.20
N SER I 274 11.74 20.27 47.01
CA SER I 274 10.68 20.30 46.03
C SER I 274 9.48 19.54 46.54
N LYS I 275 8.32 20.06 46.18
CA LYS I 275 7.08 19.41 46.51
C LYS I 275 6.82 18.40 45.40
N GLN I 276 6.30 17.24 45.74
CA GLN I 276 6.11 16.18 44.77
C GLN I 276 4.80 15.43 45.05
N SER I 277 3.98 15.22 44.01
CA SER I 277 2.66 14.63 44.22
C SER I 277 2.62 13.10 44.14
N ALA I 278 3.72 12.52 43.67
CA ALA I 278 3.96 11.09 43.79
C ALA I 278 5.46 10.90 43.68
N GLU I 279 5.96 9.84 44.26
CA GLU I 279 7.40 9.67 44.41
C GLU I 279 8.14 9.46 43.08
N PHE I 280 8.47 10.56 42.40
CA PHE I 280 9.20 10.47 41.13
C PHE I 280 10.55 11.22 41.01
N LEU I 281 10.87 12.10 41.95
CA LEU I 281 11.93 13.06 41.67
C LEU I 281 13.31 12.51 42.04
N ASN I 282 13.29 11.48 42.87
CA ASN I 282 14.50 10.91 43.44
C ASN I 282 15.12 9.83 42.56
N TRP I 283 14.39 9.44 41.53
CA TRP I 283 14.94 8.45 40.61
C TRP I 283 16.09 9.00 39.80
N ILE I 284 15.95 10.24 39.32
CA ILE I 284 16.99 10.84 38.48
C ILE I 284 17.82 11.91 39.20
N GLN I 285 17.22 12.61 40.16
CA GLN I 285 17.99 13.57 40.95
C GLN I 285 17.59 13.41 42.41
N PRO I 286 18.16 12.38 43.05
CA PRO I 286 17.93 11.98 44.44
C PRO I 286 18.42 13.02 45.39
N GLN I 287 19.33 13.88 44.92
CA GLN I 287 19.88 14.93 45.77
C GLN I 287 18.81 15.93 46.15
N ILE I 288 17.76 16.00 45.33
CA ILE I 288 16.65 16.87 45.64
C ILE I 288 15.97 16.38 46.91
N HIS I 289 15.66 17.30 47.81
CA HIS I 289 14.99 16.96 49.04
C HIS I 289 13.51 17.08 48.78
N THR I 290 12.81 15.95 48.83
CA THR I 290 11.46 15.86 48.32
C THR I 290 10.43 15.62 49.41
N VAL I 291 9.29 16.27 49.25
CA VAL I 291 8.15 16.19 50.15
C VAL I 291 6.91 15.68 49.42
N ASN I 292 6.14 14.82 50.07
CA ASN I 292 4.98 14.23 49.41
C ASN I 292 3.66 14.86 49.80
N GLU I 293 2.99 15.36 48.77
CA GLU I 293 1.63 15.83 48.86
C GLU I 293 0.80 14.63 48.45
N ASP I 294 0.19 13.98 49.42
CA ASP I 294 -0.52 12.75 49.13
C ASP I 294 -1.85 13.11 48.50
N ILE I 295 -1.93 12.92 47.18
CA ILE I 295 -3.09 13.36 46.40
C ILE I 295 -4.24 12.36 46.55
N LYS I 296 -3.90 11.11 46.78
CA LYS I 296 -4.93 10.10 46.98
C LYS I 296 -5.63 10.27 48.33
N LEU I 297 -4.90 10.77 49.31
CA LEU I 297 -5.51 11.05 50.62
C LEU I 297 -6.38 12.29 50.50
N ALA I 298 -5.89 13.24 49.72
CA ALA I 298 -6.62 14.47 49.44
C ALA I 298 -7.94 14.13 48.80
N GLY I 299 -7.88 13.22 47.83
CA GLY I 299 -9.05 12.72 47.15
C GLY I 299 -10.05 12.12 48.12
N ARG I 300 -9.55 11.37 49.11
CA ARG I 300 -10.47 10.70 50.03
C ARG I 300 -11.25 11.60 50.97
N GLU I 301 -10.61 12.63 51.49
CA GLU I 301 -11.23 13.52 52.46
C GLU I 301 -11.96 14.67 51.75
N LEU I 302 -11.61 14.92 50.50
CA LEU I 302 -12.47 15.74 49.67
C LEU I 302 -13.80 15.00 49.50
N ALA I 303 -13.71 13.69 49.25
CA ALA I 303 -14.91 12.88 49.08
C ALA I 303 -15.76 12.77 50.34
N LYS I 304 -15.15 12.31 51.45
CA LYS I 304 -15.87 12.10 52.70
C LYS I 304 -16.46 13.39 53.26
N ALA I 305 -15.81 14.51 52.96
CA ALA I 305 -16.32 15.80 53.38
C ALA I 305 -17.66 16.05 52.71
N LEU I 306 -17.69 15.86 51.40
CA LEU I 306 -18.88 16.19 50.62
C LEU I 306 -20.05 15.25 50.97
N LEU I 307 -19.76 13.98 51.20
CA LEU I 307 -20.79 13.04 51.67
C LEU I 307 -21.35 13.47 53.04
N ALA I 308 -20.47 13.80 53.98
CA ALA I 308 -20.91 14.31 55.27
C ALA I 308 -21.76 15.58 55.10
N ARG I 309 -21.35 16.40 54.14
CA ARG I 309 -21.98 17.68 53.87
C ARG I 309 -23.39 17.57 53.28
N ILE I 310 -23.59 16.54 52.46
CA ILE I 310 -24.89 16.30 51.83
C ILE I 310 -25.98 15.89 52.82
N ASN I 311 -25.60 15.14 53.86
CA ASN I 311 -26.54 14.80 54.92
C ASN I 311 -26.99 16.01 55.72
N GLY I 312 -26.17 17.06 55.68
CA GLY I 312 -26.56 18.30 56.33
C GLY I 312 -25.59 18.62 57.45
N ALA I 313 -24.38 18.09 57.36
CA ALA I 313 -23.41 18.39 58.40
C ALA I 313 -23.03 19.86 58.23
N PRO I 314 -22.78 20.56 59.34
CA PRO I 314 -22.45 21.99 59.25
C PRO I 314 -21.14 22.28 58.50
N PRO I 315 -21.08 23.44 57.85
CA PRO I 315 -20.00 23.97 57.00
C PRO I 315 -18.62 24.00 57.66
N GLU I 316 -18.52 24.40 58.94
CA GLU I 316 -17.21 24.59 59.59
C GLU I 316 -16.52 23.28 59.86
N THR I 317 -17.33 22.23 59.90
CA THR I 317 -16.84 20.86 59.88
C THR I 317 -16.11 20.55 58.61
N LEU I 318 -15.49 19.37 58.63
CA LEU I 318 -14.87 18.80 57.45
C LEU I 318 -13.90 19.71 56.71
N GLN I 319 -13.43 20.73 57.41
CA GLN I 319 -12.46 21.63 56.83
C GLN I 319 -11.14 21.05 57.30
N SER I 320 -10.19 20.89 56.39
CA SER I 320 -9.00 20.13 56.74
C SER I 320 -7.72 20.46 55.96
N VAL I 321 -6.60 20.23 56.63
CA VAL I 321 -5.29 20.50 56.04
C VAL I 321 -4.27 19.41 56.41
N SER I 322 -3.61 18.85 55.39
CA SER I 322 -2.61 17.80 55.58
C SER I 322 -1.21 18.35 55.83
N ARG I 323 -0.49 17.71 56.75
CA ARG I 323 0.87 18.12 57.08
C ARG I 323 1.86 17.46 56.11
N PRO I 324 2.98 18.14 55.82
CA PRO I 324 3.97 17.61 54.87
C PRO I 324 4.71 16.39 55.39
N VAL I 325 5.10 15.50 54.49
CA VAL I 325 5.88 14.34 54.89
C VAL I 325 7.07 14.25 53.94
N TRP I 326 8.18 13.71 54.44
CA TRP I 326 9.42 13.68 53.68
C TRP I 326 9.61 12.30 53.07
N SER I 327 9.78 12.30 51.75
CA SER I 327 9.91 11.10 50.94
C SER I 327 10.80 10.02 51.50
N SER I 328 10.38 8.77 51.25
CA SER I 328 11.19 7.60 51.53
C SER I 328 12.59 7.80 50.93
N MET I 329 12.62 8.28 49.70
CA MET I 329 13.87 8.48 48.97
C MET I 329 14.57 9.81 49.27
N ALA I 330 13.91 10.71 49.99
CA ALA I 330 14.55 12.00 50.31
C ALA I 330 15.60 11.89 51.41
N PRO I 331 16.77 12.50 51.18
CA PRO I 331 17.86 12.63 52.15
C PRO I 331 17.52 13.61 53.28
N GLU J 1 -39.49 27.54 37.13
CA GLU J 1 -38.20 28.10 36.75
C GLU J 1 -37.52 27.39 35.57
N ARG J 2 -37.11 26.14 35.79
CA ARG J 2 -36.45 25.38 34.73
C ARG J 2 -37.36 25.13 33.55
N PRO J 3 -36.88 25.43 32.34
CA PRO J 3 -37.77 25.28 31.19
C PRO J 3 -38.00 23.81 30.89
N THR J 4 -39.21 23.45 30.52
CA THR J 4 -39.55 22.07 30.23
C THR J 4 -40.33 22.05 28.92
N LEU J 5 -40.56 20.86 28.37
CA LEU J 5 -41.33 20.74 27.13
C LEU J 5 -42.72 21.33 27.28
N LYS J 6 -43.34 21.10 28.44
CA LYS J 6 -44.64 21.68 28.74
C LYS J 6 -44.52 23.21 28.74
N THR J 7 -43.42 23.72 29.29
CA THR J 7 -43.17 25.17 29.34
C THR J 7 -43.12 25.75 27.93
N ILE J 8 -42.40 25.07 27.03
CA ILE J 8 -42.37 25.49 25.64
C ILE J 8 -43.78 25.47 25.06
N ALA J 9 -44.49 24.36 25.28
CA ALA J 9 -45.87 24.23 24.80
C ALA J 9 -46.80 25.30 25.35
N TYR J 10 -46.60 25.70 26.61
CA TYR J 10 -47.43 26.73 27.23
C TYR J 10 -47.20 28.08 26.56
N MET J 11 -45.93 28.42 26.38
CA MET J 11 -45.53 29.67 25.74
C MET J 11 -45.98 29.69 24.29
N THR J 12 -45.87 28.54 23.64
CA THR J 12 -46.10 28.43 22.20
C THR J 12 -47.60 28.38 21.91
N GLY J 13 -48.39 28.14 22.95
CA GLY J 13 -49.72 27.56 22.81
C GLY J 13 -49.76 26.40 21.83
N LEU J 14 -48.78 25.52 21.97
CA LEU J 14 -48.72 24.31 21.17
C LEU J 14 -48.87 23.07 22.04
N GLY J 15 -48.92 21.90 21.40
CA GLY J 15 -49.02 20.63 22.10
C GLY J 15 -47.67 20.08 22.54
N ILE J 16 -47.53 19.76 23.83
CA ILE J 16 -46.30 19.15 24.35
C ILE J 16 -45.66 18.13 23.40
N THR J 17 -46.48 17.26 22.83
CA THR J 17 -45.96 16.26 21.88
C THR J 17 -45.42 16.93 20.63
N THR J 18 -46.08 18.00 20.19
CA THR J 18 -45.65 18.73 18.99
C THR J 18 -44.26 19.33 19.15
N VAL J 19 -43.98 19.96 20.29
CA VAL J 19 -42.67 20.57 20.51
C VAL J 19 -41.62 19.47 20.49
N SER J 20 -41.89 18.36 21.18
CA SER J 20 -40.96 17.24 21.26
C SER J 20 -40.63 16.76 19.86
N ARG J 21 -41.66 16.57 19.06
CA ARG J 21 -41.48 16.09 17.71
C ARG J 21 -40.84 17.19 16.87
N ALA J 22 -40.98 18.45 17.30
CA ALA J 22 -40.37 19.58 16.61
C ALA J 22 -38.87 19.72 16.84
N LEU J 23 -38.41 19.57 18.08
CA LEU J 23 -36.98 19.72 18.38
C LEU J 23 -36.17 18.61 17.72
N LYS J 24 -36.79 17.44 17.60
CA LYS J 24 -36.27 16.37 16.76
C LYS J 24 -36.67 16.76 15.36
N ASP J 25 -35.78 16.73 14.37
CA ASP J 25 -36.28 17.08 13.04
C ASP J 25 -37.30 16.06 12.57
N ALA J 26 -38.58 16.26 12.88
CA ALA J 26 -39.53 15.26 12.45
C ALA J 26 -40.19 15.77 11.19
N PRO J 27 -40.37 14.88 10.21
CA PRO J 27 -41.10 15.16 8.97
C PRO J 27 -42.55 15.38 9.30
N ASP J 28 -42.95 14.77 10.40
CA ASP J 28 -44.33 14.77 10.87
C ASP J 28 -44.84 16.19 11.08
N ILE J 29 -44.04 17.05 11.69
CA ILE J 29 -44.47 18.40 12.06
C ILE J 29 -44.06 19.44 11.00
N GLY J 30 -44.93 20.43 10.77
CA GLY J 30 -44.71 21.42 9.73
C GLY J 30 -43.57 22.39 10.01
N ALA J 31 -42.73 22.63 8.99
CA ALA J 31 -41.48 23.40 9.09
C ALA J 31 -41.47 24.74 9.87
N GLU J 32 -42.44 25.62 9.66
CA GLU J 32 -42.36 26.92 10.34
C GLU J 32 -42.70 26.71 11.81
N THR J 33 -43.60 25.78 12.07
CA THR J 33 -43.91 25.37 13.42
C THR J 33 -42.64 24.79 14.00
N LYS J 34 -41.87 24.10 13.17
CA LYS J 34 -40.60 23.57 13.61
C LYS J 34 -39.63 24.69 13.92
N GLU J 35 -39.46 25.60 12.97
CA GLU J 35 -38.52 26.70 13.10
C GLU J 35 -38.94 27.64 14.21
N ARG J 36 -40.25 27.74 14.42
CA ARG J 36 -40.78 28.51 15.53
C ARG J 36 -40.35 27.92 16.88
N VAL J 37 -40.49 26.60 17.01
CA VAL J 37 -40.18 25.90 18.26
C VAL J 37 -38.67 25.76 18.54
N ARG J 38 -37.87 25.53 17.50
CA ARG J 38 -36.43 25.31 17.69
C ARG J 38 -35.76 26.57 18.21
N LEU J 39 -36.34 27.71 17.85
CA LEU J 39 -35.80 28.99 18.28
C LEU J 39 -36.20 29.40 19.69
N ILE J 40 -37.45 29.15 20.06
CA ILE J 40 -37.91 29.45 21.42
C ILE J 40 -37.10 28.63 22.41
N ALA J 41 -36.74 27.42 22.00
CA ALA J 41 -35.93 26.53 22.83
C ALA J 41 -34.55 27.13 23.10
N GLN J 42 -33.89 27.63 22.06
CA GLN J 42 -32.54 28.20 22.20
C GLN J 42 -32.51 29.52 22.98
N GLN J 43 -33.51 30.37 22.80
CA GLN J 43 -33.54 31.66 23.48
C GLN J 43 -33.87 31.49 24.96
N ILE J 44 -34.68 30.47 25.26
CA ILE J 44 -35.01 30.19 26.66
C ILE J 44 -33.84 29.38 27.21
N GLY J 45 -33.07 28.81 26.29
CA GLY J 45 -32.09 27.77 26.57
C GLY J 45 -32.56 26.47 27.19
N TYR J 46 -33.42 25.74 26.49
CA TYR J 46 -34.00 24.51 27.02
C TYR J 46 -33.02 23.33 26.99
N GLN J 47 -32.88 22.67 28.13
CA GLN J 47 -32.12 21.43 28.23
C GLN J 47 -33.03 20.29 28.64
N PRO J 48 -33.13 19.26 27.78
CA PRO J 48 -33.99 18.10 28.03
C PRO J 48 -33.63 17.41 29.33
N ASN J 49 -34.64 17.00 30.09
CA ASN J 49 -34.41 16.37 31.37
C ASN J 49 -33.82 14.98 31.16
N ARG J 50 -32.58 14.78 31.58
CA ARG J 50 -31.89 13.51 31.35
C ARG J 50 -32.65 12.35 31.96
N ALA J 51 -33.14 12.57 33.18
CA ALA J 51 -33.87 11.55 33.92
C ALA J 51 -35.15 11.19 33.18
N GLY J 52 -35.83 12.22 32.68
CA GLY J 52 -37.06 12.02 31.96
C GLY J 52 -36.84 11.24 30.67
N VAL J 53 -35.75 11.55 29.98
CA VAL J 53 -35.45 10.87 28.72
C VAL J 53 -35.04 9.43 29.01
N ARG J 54 -34.14 9.27 29.97
CA ARG J 54 -33.55 7.97 30.30
C ARG J 54 -34.55 6.96 30.84
N LEU J 55 -35.58 7.44 31.51
CA LEU J 55 -36.62 6.55 32.01
C LEU J 55 -37.50 6.09 30.85
N ARG J 56 -37.82 7.00 29.95
CA ARG J 56 -38.76 6.76 28.86
C ARG J 56 -38.12 5.95 27.74
N THR J 57 -36.88 6.26 27.42
CA THR J 57 -36.12 5.49 26.43
C THR J 57 -34.97 4.83 27.17
N GLY J 58 -34.34 3.83 26.58
CA GLY J 58 -33.19 3.20 27.23
C GLY J 58 -32.00 4.11 27.46
N LYS J 59 -31.88 5.11 26.60
CA LYS J 59 -30.68 5.94 26.46
C LYS J 59 -30.17 6.55 27.76
N THR J 60 -28.92 6.26 28.13
CA THR J 60 -28.35 6.87 29.32
C THR J 60 -27.53 8.12 29.04
N ASN J 61 -27.15 8.32 27.77
CA ASN J 61 -26.17 9.36 27.40
C ASN J 61 -25.02 9.39 28.40
N VAL J 62 -24.53 8.22 28.76
CA VAL J 62 -23.41 8.08 29.69
C VAL J 62 -22.37 7.12 29.11
N ILE J 63 -21.12 7.52 29.15
CA ILE J 63 -20.03 6.65 28.74
C ILE J 63 -19.17 6.28 29.94
N ALA J 64 -18.95 4.99 30.13
CA ALA J 64 -18.20 4.49 31.27
C ALA J 64 -16.74 4.24 30.90
N LEU J 65 -15.86 4.85 31.67
CA LEU J 65 -14.42 4.61 31.59
C LEU J 65 -14.02 3.77 32.78
N VAL J 66 -13.55 2.55 32.55
CA VAL J 66 -13.12 1.73 33.67
C VAL J 66 -11.60 1.83 33.76
N LEU J 67 -11.10 2.03 34.96
CA LEU J 67 -9.69 2.29 35.18
C LEU J 67 -9.14 1.37 36.25
N SER J 68 -8.02 0.73 35.95
CA SER J 68 -7.31 -0.02 36.99
C SER J 68 -6.65 1.01 37.89
N VAL J 69 -6.78 0.85 39.20
CA VAL J 69 -6.09 1.73 40.13
C VAL J 69 -4.59 1.47 40.04
N ASP J 70 -4.24 0.22 39.75
CA ASP J 70 -2.86 -0.11 39.48
C ASP J 70 -2.58 0.43 38.10
N GLU J 71 -1.73 1.45 38.11
CA GLU J 71 -1.42 2.25 36.96
C GLU J 71 0.05 2.57 37.02
N GLU J 72 0.66 2.77 35.86
CA GLU J 72 2.06 3.15 35.80
C GLU J 72 2.28 4.48 36.51
N LEU J 73 3.43 4.61 37.15
CA LEU J 73 3.76 5.84 37.85
C LEU J 73 3.67 7.01 36.88
N MET J 74 4.22 6.83 35.69
CA MET J 74 4.21 7.87 34.68
C MET J 74 3.19 7.61 33.56
N GLY J 75 2.09 6.93 33.88
CA GLY J 75 1.08 6.61 32.88
C GLY J 75 0.20 7.75 32.38
N PHE J 76 0.39 8.94 32.95
CA PHE J 76 -0.42 10.14 32.68
C PHE J 76 -1.84 9.88 32.16
N THR J 77 -2.62 9.14 32.94
CA THR J 77 -3.95 8.72 32.52
C THR J 77 -4.93 9.88 32.45
N SER J 78 -4.72 10.90 33.28
CA SER J 78 -5.58 12.07 33.28
C SER J 78 -5.68 12.69 31.91
N GLN J 79 -4.57 12.64 31.17
CA GLN J 79 -4.52 13.13 29.80
C GLN J 79 -5.41 12.30 28.89
N MET J 80 -5.47 10.99 29.16
CA MET J 80 -6.37 10.12 28.40
C MET J 80 -7.81 10.59 28.66
N VAL J 81 -8.10 10.89 29.92
CA VAL J 81 -9.41 11.40 30.32
C VAL J 81 -9.74 12.72 29.63
N PHE J 82 -8.79 13.65 29.61
CA PHE J 82 -9.03 14.95 29.02
C PHE J 82 -9.32 14.82 27.53
N GLY J 83 -8.62 13.90 26.87
CA GLY J 83 -8.88 13.59 25.48
C GLY J 83 -10.30 13.16 25.26
N ILE J 84 -10.79 12.28 26.14
CA ILE J 84 -12.14 11.76 26.00
C ILE J 84 -13.19 12.84 26.25
N THR J 85 -13.09 13.52 27.38
CA THR J 85 -14.08 14.51 27.80
C THR J 85 -14.15 15.61 26.76
N GLU J 86 -12.98 15.93 26.21
CA GLU J 86 -12.84 16.90 25.13
C GLU J 86 -13.73 16.54 23.93
N VAL J 87 -13.71 15.27 23.53
CA VAL J 87 -14.53 14.82 22.41
C VAL J 87 -16.01 14.92 22.75
N LEU J 88 -16.36 14.47 23.95
CA LEU J 88 -17.75 14.43 24.39
C LEU J 88 -18.36 15.80 24.71
N ALA J 89 -17.51 16.80 24.89
CA ALA J 89 -17.98 18.15 25.24
C ALA J 89 -18.96 18.65 24.20
N THR J 90 -18.72 18.28 22.96
CA THR J 90 -19.61 18.58 21.85
C THR J 90 -20.95 17.84 21.99
N THR J 91 -20.90 16.63 22.54
CA THR J 91 -22.07 15.74 22.62
C THR J 91 -22.95 15.95 23.84
N GLN J 92 -24.00 15.13 23.95
CA GLN J 92 -24.85 15.08 25.15
C GLN J 92 -24.43 13.96 26.07
N TYR J 93 -23.30 13.33 25.76
CA TYR J 93 -22.77 12.29 26.62
C TYR J 93 -22.06 12.88 27.82
N HIS J 94 -22.18 12.17 28.93
CA HIS J 94 -21.47 12.52 30.14
C HIS J 94 -20.50 11.36 30.37
N LEU J 95 -19.42 11.59 31.09
CA LEU J 95 -18.47 10.52 31.34
C LEU J 95 -18.40 10.24 32.83
N VAL J 96 -18.72 9.01 33.18
CA VAL J 96 -18.60 8.54 34.54
C VAL J 96 -17.38 7.61 34.59
N VAL J 97 -16.66 7.64 35.71
CA VAL J 97 -15.51 6.77 35.88
C VAL J 97 -15.88 5.74 36.93
N THR J 98 -15.53 4.50 36.66
CA THR J 98 -15.80 3.42 37.57
C THR J 98 -14.52 2.64 37.68
N PRO J 99 -13.85 2.77 38.83
CA PRO J 99 -12.58 2.05 38.92
C PRO J 99 -12.77 0.70 39.56
N HIS J 100 -11.87 -0.21 39.25
CA HIS J 100 -11.84 -1.44 39.98
C HIS J 100 -10.56 -1.35 40.77
N THR J 101 -10.61 -1.76 42.03
CA THR J 101 -9.50 -1.48 42.91
C THR J 101 -8.40 -2.51 42.79
N HIS J 102 -8.70 -3.72 42.33
CA HIS J 102 -7.55 -4.55 42.02
C HIS J 102 -7.72 -5.14 40.61
N ALA J 103 -6.59 -5.27 39.91
CA ALA J 103 -6.56 -5.47 38.45
C ALA J 103 -7.25 -6.75 37.97
N LYS J 104 -7.18 -7.79 38.80
CA LYS J 104 -7.84 -9.06 38.54
C LYS J 104 -9.38 -9.00 38.64
N ASP J 105 -9.94 -8.63 39.79
CA ASP J 105 -11.39 -8.42 39.90
C ASP J 105 -11.85 -7.37 38.87
N SER J 106 -11.39 -7.56 37.65
CA SER J 106 -11.60 -6.67 36.52
C SER J 106 -13.00 -6.79 35.97
N MET J 107 -13.67 -7.89 36.29
CA MET J 107 -15.01 -8.11 35.79
C MET J 107 -16.05 -7.54 36.75
N VAL J 108 -15.62 -7.16 37.94
CA VAL J 108 -16.53 -6.57 38.93
C VAL J 108 -17.17 -5.27 38.43
N PRO J 109 -16.36 -4.34 37.87
CA PRO J 109 -17.05 -3.14 37.42
C PRO J 109 -17.90 -3.37 36.17
N ILE J 110 -17.46 -4.25 35.28
CA ILE J 110 -18.19 -4.52 34.03
C ILE J 110 -19.53 -5.17 34.31
N ARG J 111 -19.58 -6.10 35.26
CA ARG J 111 -20.86 -6.70 35.62
C ARG J 111 -21.76 -5.67 36.27
N TYR J 112 -21.20 -4.79 37.09
CA TYR J 112 -21.98 -3.70 37.66
C TYR J 112 -22.64 -2.89 36.55
N ILE J 113 -21.85 -2.54 35.54
CA ILE J 113 -22.31 -1.70 34.45
C ILE J 113 -23.44 -2.35 33.64
N LEU J 114 -23.23 -3.60 33.24
CA LEU J 114 -24.22 -4.29 32.42
C LEU J 114 -25.49 -4.61 33.21
N GLU J 115 -25.32 -5.02 34.47
CA GLU J 115 -26.45 -5.37 35.32
C GLU J 115 -27.34 -4.17 35.65
N THR J 116 -26.73 -3.04 35.99
CA THR J 116 -27.50 -1.85 36.33
C THR J 116 -27.91 -1.08 35.08
N GLY J 117 -27.31 -1.44 33.94
CA GLY J 117 -27.59 -0.78 32.67
C GLY J 117 -27.28 0.71 32.70
N SER J 118 -26.16 1.04 33.31
CA SER J 118 -25.83 2.43 33.62
C SER J 118 -24.94 3.16 32.61
N ALA J 119 -24.84 2.63 31.38
CA ALA J 119 -23.99 3.25 30.36
C ALA J 119 -24.36 2.80 28.95
N ASP J 120 -24.13 3.67 27.97
CA ASP J 120 -24.38 3.33 26.57
C ASP J 120 -23.17 2.73 25.87
N GLY J 121 -22.00 2.95 26.45
CA GLY J 121 -20.78 2.30 26.00
C GLY J 121 -19.68 2.32 27.05
N VAL J 122 -18.71 1.44 26.91
CA VAL J 122 -17.65 1.34 27.91
C VAL J 122 -16.26 1.37 27.25
N ILE J 123 -15.31 2.02 27.91
CA ILE J 123 -13.92 2.09 27.45
C ILE J 123 -13.05 1.34 28.45
N ILE J 124 -12.22 0.42 27.96
CA ILE J 124 -11.40 -0.40 28.84
C ILE J 124 -9.92 -0.46 28.39
N SER J 125 -9.03 -0.71 29.35
CA SER J 125 -7.59 -0.71 29.11
C SER J 125 -6.95 -1.96 29.70
N LYS J 126 -5.63 -2.08 29.55
CA LYS J 126 -4.88 -3.20 30.11
C LYS J 126 -5.51 -4.49 29.61
N ILE J 127 -5.58 -4.62 28.30
CA ILE J 127 -6.33 -5.71 27.71
C ILE J 127 -5.53 -6.98 27.82
N GLU J 128 -6.21 -8.07 28.14
CA GLU J 128 -5.55 -9.36 28.20
C GLU J 128 -5.71 -10.01 26.84
N PRO J 129 -4.87 -11.02 26.57
CA PRO J 129 -4.97 -11.70 25.27
C PRO J 129 -6.33 -12.36 25.18
N ASN J 130 -6.68 -13.11 26.22
CA ASN J 130 -7.97 -13.74 26.41
C ASN J 130 -9.00 -13.13 27.39
N ASP J 131 -8.92 -11.84 27.70
CA ASP J 131 -9.75 -11.26 28.78
C ASP J 131 -11.26 -11.44 28.63
N PRO J 132 -11.93 -11.78 29.75
CA PRO J 132 -13.37 -12.02 29.87
C PRO J 132 -14.24 -10.81 29.55
N ARG J 133 -13.79 -9.60 29.87
CA ARG J 133 -14.62 -8.41 29.68
C ARG J 133 -14.88 -8.15 28.19
N VAL J 134 -13.91 -8.45 27.32
CA VAL J 134 -14.13 -8.29 25.89
C VAL J 134 -15.23 -9.25 25.38
N ARG J 135 -15.18 -10.50 25.82
CA ARG J 135 -16.15 -11.47 25.36
C ARG J 135 -17.51 -11.26 26.02
N PHE J 136 -17.46 -10.83 27.28
CA PHE J 136 -18.68 -10.61 28.04
C PHE J 136 -19.55 -9.57 27.37
N MET J 137 -18.94 -8.45 27.01
CA MET J 137 -19.66 -7.34 26.43
C MET J 137 -20.07 -7.58 24.99
N THR J 138 -19.27 -8.35 24.26
CA THR J 138 -19.64 -8.71 22.90
C THR J 138 -20.88 -9.58 22.91
N GLU J 139 -20.96 -10.47 23.89
CA GLU J 139 -22.12 -11.37 23.97
C GLU J 139 -23.36 -10.72 24.56
N ARG J 140 -23.16 -9.79 25.49
CA ARG J 140 -24.29 -9.08 26.10
C ARG J 140 -24.64 -7.80 25.32
N LYS J 141 -24.03 -7.63 24.15
CA LYS J 141 -24.36 -6.55 23.19
C LYS J 141 -24.08 -5.13 23.68
N MET J 142 -23.11 -4.98 24.58
CA MET J 142 -22.72 -3.67 25.08
C MET J 142 -21.68 -3.04 24.17
N PRO J 143 -21.99 -1.87 23.61
CA PRO J 143 -20.98 -1.22 22.77
C PRO J 143 -19.73 -0.91 23.58
N PHE J 144 -18.54 -1.19 23.04
CA PHE J 144 -17.32 -0.90 23.75
C PHE J 144 -16.13 -0.77 22.80
N VAL J 145 -15.04 -0.23 23.35
CA VAL J 145 -13.80 -0.06 22.61
C VAL J 145 -12.67 -0.31 23.59
N THR J 146 -11.56 -0.85 23.10
CA THR J 146 -10.48 -1.21 23.99
C THR J 146 -9.24 -0.42 23.62
N HIS J 147 -8.52 0.09 24.60
CA HIS J 147 -7.20 0.60 24.30
C HIS J 147 -6.11 -0.45 24.51
N GLY J 148 -5.81 -1.08 23.37
CA GLY J 148 -4.92 -2.21 23.23
C GLY J 148 -5.64 -3.20 22.34
N ARG J 149 -4.98 -4.30 21.98
CA ARG J 149 -5.59 -5.31 21.12
C ARG J 149 -5.68 -6.61 21.91
N SER J 150 -6.50 -7.53 21.40
CA SER J 150 -6.80 -8.77 22.08
C SER J 150 -6.59 -9.92 21.11
N ASP J 151 -6.23 -11.08 21.63
CA ASP J 151 -5.96 -12.22 20.77
C ASP J 151 -7.05 -13.32 20.85
N MET J 152 -8.32 -12.94 20.72
CA MET J 152 -9.40 -13.89 21.03
C MET J 152 -10.27 -14.27 19.84
N GLY J 153 -9.90 -13.85 18.64
CA GLY J 153 -10.72 -14.15 17.48
C GLY J 153 -12.00 -13.31 17.44
N ILE J 154 -12.04 -12.24 18.23
CA ILE J 154 -13.18 -11.33 18.27
C ILE J 154 -12.89 -9.98 17.66
N GLU J 155 -13.78 -9.52 16.78
CA GLU J 155 -13.64 -8.19 16.23
C GLU J 155 -14.40 -7.20 17.09
N HIS J 156 -13.65 -6.22 17.58
CA HIS J 156 -14.18 -5.19 18.46
C HIS J 156 -13.44 -3.90 18.17
N ALA J 157 -14.07 -2.78 18.42
CA ALA J 157 -13.43 -1.50 18.18
C ALA J 157 -12.24 -1.34 19.10
N TYR J 158 -11.14 -0.82 18.56
CA TYR J 158 -9.96 -0.56 19.37
C TYR J 158 -9.15 0.55 18.76
N HIS J 159 -8.26 1.09 19.58
CA HIS J 159 -7.21 1.99 19.14
C HIS J 159 -5.99 1.57 19.91
N ASP J 160 -4.91 1.30 19.20
CA ASP J 160 -3.68 0.89 19.85
C ASP J 160 -2.53 1.72 19.31
N PHE J 161 -1.41 1.62 19.99
CA PHE J 161 -0.20 2.28 19.55
C PHE J 161 0.53 1.23 18.73
N ASP J 162 1.20 1.63 17.66
CA ASP J 162 1.89 0.66 16.81
C ASP J 162 3.20 0.26 17.48
N ASN J 163 3.22 -0.68 18.42
CA ASN J 163 4.50 -0.93 19.07
C ASN J 163 5.46 -1.70 18.13
N GLU J 164 4.94 -2.32 17.07
CA GLU J 164 5.86 -3.02 16.17
C GLU J 164 6.77 -2.02 15.48
N ALA J 165 6.19 -0.91 15.02
CA ALA J 165 6.96 0.18 14.41
C ALA J 165 7.93 0.84 15.38
N TYR J 166 7.49 1.10 16.60
CA TYR J 166 8.33 1.75 17.61
C TYR J 166 9.61 0.99 17.91
N ALA J 167 9.47 -0.32 18.13
CA ALA J 167 10.61 -1.15 18.45
C ALA J 167 11.60 -1.19 17.28
N TYR J 168 11.07 -1.34 16.07
CA TYR J 168 11.86 -1.38 14.85
C TYR J 168 12.63 -0.09 14.63
N GLU J 169 12.01 1.03 15.00
CA GLU J 169 12.62 2.34 14.88
C GLU J 169 13.55 2.64 16.04
N ALA J 170 13.33 1.93 17.13
CA ALA J 170 14.15 2.05 18.32
C ALA J 170 15.55 1.50 18.06
N VAL J 171 15.63 0.33 17.42
CA VAL J 171 16.92 -0.24 17.07
C VAL J 171 17.55 0.57 15.94
N GLU J 172 16.72 1.18 15.10
CA GLU J 172 17.27 1.99 14.01
C GLU J 172 17.99 3.25 14.49
N ARG J 173 17.48 3.89 15.55
CA ARG J 173 18.19 5.08 16.04
C ARG J 173 19.38 4.67 16.91
N LEU J 174 19.25 3.53 17.58
CA LEU J 174 20.38 2.95 18.29
C LEU J 174 21.43 2.47 17.28
N ALA J 175 20.97 2.08 16.11
CA ALA J 175 21.89 1.71 15.04
C ALA J 175 22.66 2.92 14.52
N GLN J 176 21.97 4.03 14.26
CA GLN J 176 22.68 5.26 13.87
C GLN J 176 23.56 5.77 15.01
N CYS J 177 23.16 5.51 16.24
CA CYS J 177 24.02 5.80 17.39
C CYS J 177 25.16 4.80 17.40
N GLY J 178 25.00 3.72 16.64
CA GLY J 178 26.03 2.71 16.48
C GLY J 178 25.82 1.42 17.26
N ARG J 179 25.43 1.57 18.51
CA ARG J 179 25.25 0.50 19.50
C ARG J 179 25.08 -0.95 18.97
N LYS J 180 25.87 -1.88 19.51
CA LYS J 180 25.95 -3.25 19.00
C LYS J 180 25.26 -4.34 19.81
N ARG J 181 24.90 -4.06 21.06
CA ARG J 181 24.11 -5.01 21.83
C ARG J 181 22.99 -4.28 22.53
N ILE J 182 21.78 -4.74 22.24
CA ILE J 182 20.58 -4.02 22.59
C ILE J 182 19.65 -4.91 23.38
N ALA J 183 19.03 -4.34 24.40
CA ALA J 183 18.08 -5.06 25.22
C ALA J 183 16.76 -4.33 25.16
N ILE J 184 15.67 -5.06 25.34
CA ILE J 184 14.36 -4.45 25.30
C ILE J 184 13.57 -4.86 26.53
N ILE J 185 13.08 -3.87 27.27
CA ILE J 185 12.19 -4.13 28.40
C ILE J 185 10.75 -4.19 27.92
N VAL J 186 10.18 -5.39 28.02
CA VAL J 186 8.90 -5.71 27.42
C VAL J 186 7.83 -6.03 28.45
N PRO J 187 6.55 -5.92 28.06
CA PRO J 187 5.43 -6.38 28.88
C PRO J 187 5.42 -7.90 28.94
N PRO J 188 4.65 -8.52 29.87
CA PRO J 188 4.64 -9.99 29.96
C PRO J 188 4.23 -10.58 28.63
N SER J 189 4.77 -11.76 28.31
CA SER J 189 4.61 -12.31 26.97
C SER J 189 3.22 -12.88 26.65
N ARG J 190 2.37 -12.99 27.66
CA ARG J 190 0.94 -13.26 27.44
C ARG J 190 0.24 -12.17 26.63
N PHE J 191 0.64 -10.92 26.83
CA PHE J 191 -0.07 -9.79 26.24
C PHE J 191 0.21 -9.58 24.76
N ALA J 192 -0.74 -8.93 24.10
CA ALA J 192 -0.74 -8.80 22.66
C ALA J 192 0.40 -7.92 22.15
N PHE J 193 0.58 -6.75 22.77
CA PHE J 193 1.65 -5.86 22.32
C PHE J 193 3.06 -6.35 22.66
N HIS J 194 3.19 -7.34 23.55
CA HIS J 194 4.48 -8.00 23.74
C HIS J 194 5.00 -8.56 22.40
N ASP J 195 4.14 -9.31 21.71
CA ASP J 195 4.51 -9.91 20.44
C ASP J 195 4.65 -8.85 19.34
N HIS J 196 3.86 -7.79 19.42
CA HIS J 196 3.99 -6.70 18.46
C HIS J 196 5.36 -6.04 18.55
N ALA J 197 5.78 -5.79 19.78
CA ALA J 197 7.06 -5.14 20.01
C ALA J 197 8.23 -6.02 19.60
N ARG J 198 8.21 -7.29 20.01
CA ARG J 198 9.36 -8.13 19.79
C ARG J 198 9.53 -8.53 18.32
N LYS J 199 8.44 -8.57 17.56
CA LYS J 199 8.54 -8.79 16.12
C LYS J 199 9.23 -7.62 15.43
N GLY J 200 8.88 -6.41 15.84
CA GLY J 200 9.50 -5.21 15.30
C GLY J 200 10.96 -5.14 15.72
N PHE J 201 11.23 -5.57 16.94
CA PHE J 201 12.57 -5.56 17.52
C PHE J 201 13.48 -6.60 16.83
N THR J 202 12.96 -7.80 16.59
CA THR J 202 13.78 -8.82 15.94
C THR J 202 13.92 -8.55 14.45
N ARG J 203 12.86 -8.03 13.83
CA ARG J 203 12.92 -7.64 12.43
C ARG J 203 13.81 -6.42 12.27
N GLY J 204 13.82 -5.56 13.29
CA GLY J 204 14.67 -4.39 13.31
C GLY J 204 16.16 -4.62 13.45
N ILE J 205 16.56 -5.46 14.39
CA ILE J 205 17.99 -5.69 14.63
C ILE J 205 18.58 -6.63 13.58
N ARG J 206 17.72 -7.43 12.96
CA ARG J 206 18.14 -8.25 11.84
C ARG J 206 18.51 -7.35 10.65
N ASP J 207 17.65 -6.38 10.36
CA ASP J 207 17.88 -5.43 9.26
C ASP J 207 18.96 -4.37 9.50
N PHE J 208 19.15 -4.00 10.76
CA PHE J 208 20.15 -3.00 11.15
C PHE J 208 21.48 -3.64 11.56
N GLY J 209 21.53 -4.98 11.49
CA GLY J 209 22.75 -5.75 11.67
C GLY J 209 23.36 -5.86 13.06
N VAL J 210 22.52 -5.66 14.07
CA VAL J 210 22.91 -5.66 15.48
C VAL J 210 22.44 -6.91 16.27
N SER J 211 23.16 -7.21 17.36
CA SER J 211 22.89 -8.33 18.27
C SER J 211 21.90 -8.00 19.38
N GLU J 212 21.22 -9.02 19.90
CA GLU J 212 20.25 -8.81 20.98
C GLU J 212 20.76 -9.31 22.33
N PHE J 213 21.03 -8.37 23.24
CA PHE J 213 21.36 -8.72 24.61
C PHE J 213 20.06 -9.20 25.24
N PRO J 214 20.03 -10.45 25.75
CA PRO J 214 18.72 -10.88 26.25
C PRO J 214 18.38 -10.33 27.62
N LEU J 215 17.09 -10.35 27.95
CA LEU J 215 16.61 -10.00 29.29
C LEU J 215 15.52 -10.98 29.75
N ASP J 216 15.73 -11.61 30.92
CA ASP J 216 14.70 -12.50 31.44
C ASP J 216 14.16 -12.03 32.79
N ALA J 217 14.92 -11.17 33.46
CA ALA J 217 14.59 -10.81 34.84
C ALA J 217 13.42 -9.88 35.03
N ILE J 218 13.19 -8.99 34.08
CA ILE J 218 12.19 -7.96 34.27
C ILE J 218 11.25 -7.72 33.10
N THR J 219 10.08 -7.21 33.45
CA THR J 219 9.08 -6.79 32.50
C THR J 219 8.75 -5.37 32.90
N ILE J 220 8.03 -4.62 32.08
CA ILE J 220 7.69 -3.25 32.46
C ILE J 220 6.89 -3.25 33.77
N GLU J 221 6.15 -4.33 33.99
CA GLU J 221 5.32 -4.50 35.17
C GLU J 221 6.10 -4.78 36.46
N THR J 222 7.42 -4.98 36.35
CA THR J 222 8.24 -5.15 37.55
C THR J 222 8.24 -3.87 38.39
N PRO J 223 8.18 -4.02 39.72
CA PRO J 223 8.20 -2.90 40.67
C PRO J 223 9.45 -2.06 40.45
N LEU J 224 9.36 -0.75 40.65
CA LEU J 224 10.47 0.12 40.26
C LEU J 224 11.69 0.03 41.16
N ASP J 225 11.49 -0.33 42.42
CA ASP J 225 12.61 -0.57 43.32
C ASP J 225 13.50 -1.72 42.81
N LYS J 226 12.88 -2.83 42.43
CA LYS J 226 13.62 -4.00 41.95
C LYS J 226 14.25 -3.80 40.58
N ILE J 227 13.61 -3.05 39.69
CA ILE J 227 14.21 -2.79 38.37
C ILE J 227 15.42 -1.87 38.52
N ARG J 228 15.33 -0.92 39.44
CA ARG J 228 16.48 -0.08 39.79
C ARG J 228 17.63 -0.97 40.18
N ASP J 229 17.35 -1.93 41.07
CA ASP J 229 18.34 -2.88 41.58
C ASP J 229 19.09 -3.56 40.48
N PHE J 230 18.29 -4.01 39.53
CA PHE J 230 18.72 -4.76 38.38
C PHE J 230 19.64 -3.93 37.51
N GLY J 231 19.30 -2.65 37.36
CA GLY J 231 20.09 -1.74 36.58
C GLY J 231 21.52 -1.65 37.09
N LYS J 232 21.68 -1.49 38.41
CA LYS J 232 23.02 -1.45 38.99
C LYS J 232 23.71 -2.80 38.94
N ARG J 233 22.96 -3.87 39.14
CA ARG J 233 23.52 -5.21 39.11
C ARG J 233 23.91 -5.59 37.69
N LEU J 234 23.19 -5.04 36.71
CA LEU J 234 23.47 -5.33 35.31
C LEU J 234 24.81 -4.78 34.85
N MET J 235 24.99 -3.47 34.98
CA MET J 235 26.21 -2.82 34.52
C MET J 235 27.41 -2.93 35.47
N GLN J 236 27.20 -3.37 36.71
CA GLN J 236 28.36 -3.68 37.55
C GLN J 236 29.04 -4.94 37.03
N SER J 237 28.46 -5.52 35.99
CA SER J 237 29.07 -6.65 35.32
C SER J 237 29.78 -6.11 34.09
N ASP J 238 30.79 -6.83 33.64
CA ASP J 238 31.56 -6.47 32.45
C ASP J 238 30.81 -6.92 31.19
N ASP J 239 29.93 -7.89 31.35
CA ASP J 239 29.06 -8.34 30.26
C ASP J 239 27.78 -7.52 30.33
N ARG J 240 27.85 -6.33 29.73
CA ARG J 240 26.79 -5.33 29.74
C ARG J 240 26.36 -4.90 28.34
N PRO J 241 25.05 -4.61 28.16
CA PRO J 241 24.52 -4.09 26.89
C PRO J 241 24.82 -2.59 26.72
N ASP J 242 25.04 -2.13 25.49
CA ASP J 242 25.26 -0.70 25.26
C ASP J 242 23.94 0.04 25.03
N GLY J 243 22.87 -0.67 24.72
CA GLY J 243 21.60 -0.01 24.44
C GLY J 243 20.37 -0.73 24.95
N ILE J 244 19.34 0.05 25.24
CA ILE J 244 18.07 -0.48 25.77
C ILE J 244 16.88 0.17 25.08
N VAL J 245 15.90 -0.66 24.71
CA VAL J 245 14.64 -0.19 24.16
C VAL J 245 13.58 -0.41 25.23
N SER J 246 12.87 0.66 25.61
CA SER J 246 11.90 0.54 26.69
C SER J 246 10.47 0.71 26.20
N ILE J 247 9.58 -0.11 26.75
CA ILE J 247 8.16 -0.06 26.41
C ILE J 247 7.36 0.76 27.43
N SER J 248 7.88 0.89 28.65
CA SER J 248 7.25 1.77 29.63
C SER J 248 8.22 2.84 30.10
N GLY J 249 7.85 4.10 29.90
CA GLY J 249 8.65 5.20 30.41
C GLY J 249 8.70 5.22 31.92
N SER J 250 7.79 4.48 32.56
CA SER J 250 7.74 4.42 34.01
C SER J 250 8.87 3.53 34.51
N SER J 251 9.15 2.47 33.76
CA SER J 251 10.22 1.56 34.12
C SER J 251 11.55 2.14 33.64
N THR J 252 11.49 3.00 32.63
CA THR J 252 12.69 3.61 32.08
C THR J 252 13.46 4.46 33.08
N ILE J 253 12.75 5.33 33.81
CA ILE J 253 13.42 6.21 34.76
C ILE J 253 14.04 5.41 35.90
N ALA J 254 13.35 4.37 36.34
CA ALA J 254 13.80 3.54 37.45
C ALA J 254 15.02 2.70 37.08
N LEU J 255 15.04 2.22 35.84
CA LEU J 255 16.19 1.48 35.35
C LEU J 255 17.41 2.40 35.22
N VAL J 256 17.17 3.62 34.80
CA VAL J 256 18.23 4.61 34.66
C VAL J 256 18.82 4.96 36.03
N ALA J 257 17.97 4.93 37.06
CA ALA J 257 18.41 5.20 38.43
C ALA J 257 19.50 4.24 38.88
N GLY J 258 19.34 2.96 38.54
CA GLY J 258 20.33 1.95 38.83
C GLY J 258 21.61 2.13 38.04
N PHE J 259 21.48 2.58 36.80
CA PHE J 259 22.63 2.80 35.93
C PHE J 259 23.58 3.85 36.49
N GLU J 260 23.01 4.92 37.03
CA GLU J 260 23.81 5.99 37.61
C GLU J 260 24.32 5.63 38.99
N ALA J 261 23.66 4.68 39.65
CA ALA J 261 24.17 4.08 40.87
C ALA J 261 25.45 3.31 40.58
N ALA J 262 25.44 2.57 39.47
CA ALA J 262 26.62 1.88 38.98
C ALA J 262 27.66 2.87 38.48
N GLY J 263 27.20 4.08 38.20
CA GLY J 263 28.09 5.14 37.79
C GLY J 263 28.23 5.16 36.29
N VAL J 264 27.15 4.77 35.60
CA VAL J 264 27.18 4.75 34.15
C VAL J 264 26.61 6.08 33.69
N ARG J 265 27.31 6.73 32.77
CA ARG J 265 26.84 8.00 32.21
C ARG J 265 25.92 7.79 31.01
N ILE J 266 24.78 8.47 31.01
CA ILE J 266 23.80 8.31 29.95
C ILE J 266 24.31 9.04 28.71
N GLY J 267 24.26 8.37 27.57
CA GLY J 267 24.83 8.91 26.35
C GLY J 267 26.32 8.64 26.25
N LYS J 268 27.05 8.94 27.32
CA LYS J 268 28.50 8.74 27.36
C LYS J 268 28.93 7.28 27.33
N ASP J 269 28.02 6.36 27.65
CA ASP J 269 28.36 4.94 27.73
C ASP J 269 27.31 4.06 27.03
N ILE J 270 26.06 4.42 27.25
CA ILE J 270 24.92 3.64 26.76
C ILE J 270 23.82 4.58 26.31
N ASP J 271 23.07 4.17 25.28
CA ASP J 271 21.94 4.98 24.84
C ASP J 271 20.62 4.24 24.95
N ILE J 272 19.60 5.02 25.29
CA ILE J 272 18.30 4.49 25.61
C ILE J 272 17.26 5.04 24.67
N VAL J 273 16.40 4.18 24.15
CA VAL J 273 15.25 4.65 23.42
C VAL J 273 14.02 4.26 24.22
N SER J 274 13.14 5.21 24.46
CA SER J 274 11.98 4.94 25.29
C SER J 274 10.74 5.66 24.79
N LYS J 275 9.61 4.98 24.90
CA LYS J 275 8.33 5.60 24.59
C LYS J 275 7.79 6.21 25.89
N GLN J 276 7.10 7.34 25.77
CA GLN J 276 6.58 8.09 26.90
C GLN J 276 5.15 8.51 26.57
N SER J 277 4.27 8.42 27.54
CA SER J 277 2.86 8.67 27.29
C SER J 277 2.57 10.17 27.34
N ALA J 278 3.57 10.93 27.76
CA ALA J 278 3.57 12.39 27.64
C ALA J 278 5.01 12.91 27.68
N GLU J 279 5.24 14.11 27.13
CA GLU J 279 6.60 14.62 27.05
C GLU J 279 7.16 15.00 28.40
N PHE J 280 7.73 14.03 29.12
CA PHE J 280 8.35 14.37 30.38
C PHE J 280 9.83 13.97 30.43
N LEU J 281 10.28 13.21 29.43
CA LEU J 281 11.52 12.45 29.60
C LEU J 281 12.79 13.22 29.28
N ASN J 282 12.66 14.41 28.72
CA ASN J 282 13.86 15.15 28.32
C ASN J 282 14.18 16.35 29.24
N TRP J 283 13.26 16.69 30.14
CA TRP J 283 13.59 17.60 31.23
C TRP J 283 14.44 16.67 32.09
N ILE J 284 13.99 15.42 32.09
CA ILE J 284 14.59 14.28 32.80
C ILE J 284 15.98 13.94 32.30
N GLN J 285 16.02 13.45 31.06
CA GLN J 285 17.24 13.04 30.40
C GLN J 285 17.14 13.42 28.93
N PRO J 286 17.69 14.60 28.58
CA PRO J 286 17.56 15.03 27.17
C PRO J 286 18.27 14.09 26.19
N GLN J 287 19.21 13.38 26.79
CA GLN J 287 20.09 12.41 26.19
C GLN J 287 19.34 11.11 25.81
N ILE J 288 18.25 10.84 26.53
CA ILE J 288 17.31 9.77 26.18
C ILE J 288 16.57 10.14 24.90
N HIS J 289 16.46 9.17 24.00
CA HIS J 289 15.76 9.34 22.74
C HIS J 289 14.32 8.91 22.95
N THR J 290 13.42 9.87 22.80
CA THR J 290 12.04 9.72 23.25
C THR J 290 11.00 9.70 22.13
N VAL J 291 10.00 8.86 22.34
CA VAL J 291 8.86 8.72 21.46
C VAL J 291 7.58 9.04 22.22
N ASN J 292 6.67 9.77 21.59
CA ASN J 292 5.46 10.14 22.29
C ASN J 292 4.30 9.28 21.88
N GLU J 293 3.77 8.58 22.87
CA GLU J 293 2.49 7.92 22.73
C GLU J 293 1.54 8.93 23.31
N ASP J 294 0.82 9.63 22.45
CA ASP J 294 0.03 10.71 22.96
C ASP J 294 -1.21 10.06 23.55
N ILE J 295 -1.25 10.00 24.88
CA ILE J 295 -2.28 9.27 25.59
C ILE J 295 -3.55 10.11 25.59
N LYS J 296 -3.37 11.43 25.51
CA LYS J 296 -4.49 12.34 25.43
C LYS J 296 -5.14 12.25 24.06
N LEU J 297 -4.36 11.96 23.04
CA LEU J 297 -4.90 11.77 21.70
C LEU J 297 -5.60 10.42 21.62
N ALA J 298 -5.05 9.44 22.33
CA ALA J 298 -5.65 8.11 22.40
C ALA J 298 -7.07 8.20 22.93
N GLY J 299 -7.25 8.99 23.99
CA GLY J 299 -8.53 9.24 24.59
C GLY J 299 -9.49 9.81 23.57
N ARG J 300 -8.97 10.67 22.70
CA ARG J 300 -9.78 11.33 21.69
C ARG J 300 -10.29 10.35 20.64
N GLU J 301 -9.49 9.33 20.36
CA GLU J 301 -9.83 8.36 19.32
C GLU J 301 -10.68 7.22 19.86
N LEU J 302 -10.51 6.92 21.14
CA LEU J 302 -11.36 5.96 21.83
C LEU J 302 -12.79 6.49 21.93
N ALA J 303 -12.90 7.77 22.28
CA ALA J 303 -14.20 8.42 22.41
C ALA J 303 -14.93 8.42 21.08
N LYS J 304 -14.28 8.91 20.04
CA LYS J 304 -14.89 9.00 18.72
C LYS J 304 -15.25 7.61 18.20
N ALA J 305 -14.43 6.62 18.53
CA ALA J 305 -14.68 5.23 18.15
C ALA J 305 -15.92 4.69 18.84
N LEU J 306 -15.94 4.84 20.16
CA LEU J 306 -16.99 4.26 20.97
C LEU J 306 -18.34 4.87 20.61
N LEU J 307 -18.31 6.17 20.32
CA LEU J 307 -19.49 6.88 19.88
C LEU J 307 -20.02 6.28 18.58
N ALA J 308 -19.11 6.09 17.64
CA ALA J 308 -19.43 5.48 16.36
C ALA J 308 -20.03 4.10 16.57
N ARG J 309 -19.49 3.37 17.54
CA ARG J 309 -19.93 2.01 17.80
C ARG J 309 -21.33 1.97 18.39
N ILE J 310 -21.64 2.98 19.21
CA ILE J 310 -22.96 3.10 19.83
C ILE J 310 -24.02 3.44 18.79
N ASN J 311 -23.64 4.27 17.83
CA ASN J 311 -24.51 4.62 16.72
C ASN J 311 -24.74 3.41 15.80
N GLY J 312 -23.80 2.46 15.84
CA GLY J 312 -24.01 1.21 15.14
C GLY J 312 -23.02 0.89 14.04
N ALA J 313 -21.84 1.50 14.08
CA ALA J 313 -20.85 1.15 13.09
C ALA J 313 -20.29 -0.21 13.47
N PRO J 314 -20.02 -1.05 12.46
CA PRO J 314 -19.48 -2.40 12.67
C PRO J 314 -18.03 -2.33 13.16
N PRO J 315 -17.61 -3.30 13.98
CA PRO J 315 -16.27 -3.32 14.61
C PRO J 315 -15.11 -3.18 13.60
N GLU J 316 -15.24 -3.75 12.41
CA GLU J 316 -14.13 -3.76 11.48
C GLU J 316 -13.82 -2.39 10.88
N THR J 317 -14.80 -1.50 10.92
CA THR J 317 -14.58 -0.11 10.53
C THR J 317 -14.07 0.73 11.70
N LEU J 318 -13.76 0.07 12.82
CA LEU J 318 -13.44 0.79 14.05
C LEU J 318 -12.11 0.43 14.70
N GLN J 319 -11.25 -0.23 13.93
CA GLN J 319 -9.93 -0.62 14.43
C GLN J 319 -8.95 0.48 14.05
N SER J 320 -8.05 0.84 14.96
CA SER J 320 -7.20 2.00 14.74
C SER J 320 -5.85 1.86 15.40
N VAL J 321 -4.82 2.39 14.75
CA VAL J 321 -3.45 2.25 15.21
C VAL J 321 -2.64 3.54 15.05
N SER J 322 -2.03 4.00 16.13
CA SER J 322 -1.23 5.21 16.14
C SER J 322 0.22 4.92 15.78
N ARG J 323 0.81 5.76 14.93
CA ARG J 323 2.20 5.60 14.54
C ARG J 323 3.11 6.36 15.50
N PRO J 324 4.33 5.86 15.72
CA PRO J 324 5.24 6.55 16.66
C PRO J 324 5.72 7.86 16.08
N VAL J 325 5.95 8.85 16.95
CA VAL J 325 6.52 10.12 16.50
C VAL J 325 7.64 10.46 17.47
N TRP J 326 8.61 11.22 16.98
CA TRP J 326 9.79 11.47 17.80
C TRP J 326 9.70 12.84 18.43
N SER J 327 9.83 12.83 19.76
CA SER J 327 9.70 14.04 20.57
C SER J 327 10.60 15.16 20.11
N SER J 328 10.05 16.38 20.19
CA SER J 328 10.77 17.62 19.94
C SER J 328 12.07 17.69 20.72
N MET J 329 12.01 17.26 21.97
CA MET J 329 13.10 17.43 22.91
C MET J 329 14.23 16.39 22.75
N ALA J 330 13.93 15.31 22.04
CA ALA J 330 14.90 14.24 21.79
C ALA J 330 15.88 14.61 20.67
N PRO J 331 17.16 14.27 20.84
CA PRO J 331 18.18 14.49 19.81
C PRO J 331 17.83 13.79 18.50
N GLU M 1 60.28 -8.77 0.12
CA GLU M 1 59.22 -8.06 0.82
C GLU M 1 57.89 -8.73 0.53
N ARG M 2 57.92 -10.06 0.39
CA ARG M 2 56.71 -10.82 0.15
C ARG M 2 55.81 -10.72 1.36
N PRO M 3 54.52 -10.41 1.15
CA PRO M 3 53.62 -10.16 2.27
C PRO M 3 53.28 -11.41 3.09
N THR M 4 53.16 -11.22 4.40
CA THR M 4 52.87 -12.29 5.34
C THR M 4 51.73 -11.85 6.26
N LEU M 5 51.22 -12.78 7.06
CA LEU M 5 50.20 -12.46 8.05
C LEU M 5 50.72 -11.42 9.05
N LYS M 6 51.99 -11.55 9.41
CA LYS M 6 52.65 -10.59 10.28
C LYS M 6 52.63 -9.18 9.68
N THR M 7 52.93 -9.11 8.38
CA THR M 7 52.98 -7.84 7.66
C THR M 7 51.62 -7.14 7.63
N ILE M 8 50.58 -7.90 7.35
CA ILE M 8 49.21 -7.37 7.35
C ILE M 8 48.85 -6.84 8.72
N ALA M 9 49.15 -7.63 9.74
CA ALA M 9 48.89 -7.27 11.12
C ALA M 9 49.63 -5.97 11.47
N TYR M 10 50.83 -5.80 10.91
CA TYR M 10 51.56 -4.57 11.16
C TYR M 10 50.80 -3.41 10.53
N MET M 11 50.38 -3.57 9.29
CA MET M 11 49.68 -2.53 8.53
C MET M 11 48.32 -2.18 9.11
N THR M 12 47.59 -3.21 9.52
CA THR M 12 46.22 -3.05 10.00
C THR M 12 46.21 -2.59 11.45
N GLY M 13 47.39 -2.61 12.07
CA GLY M 13 47.52 -2.69 13.51
C GLY M 13 46.60 -3.66 14.21
N LEU M 14 46.53 -4.89 13.72
CA LEU M 14 45.75 -5.93 14.37
C LEU M 14 46.69 -7.04 14.84
N GLY M 15 46.14 -8.03 15.53
CA GLY M 15 46.89 -9.19 15.99
C GLY M 15 46.94 -10.23 14.89
N ILE M 16 48.14 -10.70 14.54
CA ILE M 16 48.32 -11.75 13.53
C ILE M 16 47.22 -12.81 13.52
N THR M 17 46.85 -13.27 14.71
CA THR M 17 45.85 -14.32 14.85
C THR M 17 44.47 -13.90 14.33
N THR M 18 44.11 -12.64 14.55
CA THR M 18 42.86 -12.11 13.99
C THR M 18 42.93 -12.11 12.49
N VAL M 19 44.09 -11.69 11.97
CA VAL M 19 44.28 -11.58 10.55
C VAL M 19 44.12 -12.95 9.90
N SER M 20 44.79 -13.96 10.46
CA SER M 20 44.70 -15.30 9.93
C SER M 20 43.26 -15.79 9.94
N ARG M 21 42.60 -15.61 11.08
CA ARG M 21 41.24 -16.10 11.26
C ARG M 21 40.24 -15.28 10.46
N ALA M 22 40.62 -14.08 10.04
CA ALA M 22 39.77 -13.22 9.23
C ALA M 22 39.64 -13.76 7.80
N LEU M 23 40.75 -14.22 7.24
CA LEU M 23 40.75 -14.76 5.87
C LEU M 23 39.94 -16.05 5.81
N LYS M 24 39.89 -16.77 6.92
CA LYS M 24 38.93 -17.86 7.06
C LYS M 24 37.62 -17.17 7.36
N ASP M 25 36.53 -17.54 6.71
CA ASP M 25 35.28 -16.88 7.06
C ASP M 25 34.90 -17.32 8.49
N ALA M 26 35.43 -16.63 9.49
CA ALA M 26 35.20 -17.06 10.86
C ALA M 26 34.13 -16.22 11.54
N PRO M 27 33.32 -16.87 12.40
CA PRO M 27 32.31 -16.22 13.22
C PRO M 27 32.91 -15.30 14.28
N ASP M 28 34.12 -15.60 14.73
CA ASP M 28 34.79 -14.81 15.75
C ASP M 28 34.96 -13.37 15.27
N ILE M 29 35.30 -13.20 14.01
CA ILE M 29 35.68 -11.88 13.51
C ILE M 29 34.50 -11.08 12.96
N GLY M 30 34.52 -9.78 13.29
CA GLY M 30 33.47 -8.85 12.93
C GLY M 30 33.48 -8.55 11.45
N ALA M 31 32.29 -8.50 10.85
CA ALA M 31 32.17 -8.29 9.41
C ALA M 31 33.11 -7.20 8.90
N GLU M 32 33.13 -6.06 9.57
CA GLU M 32 33.89 -4.92 9.09
C GLU M 32 35.40 -5.15 9.15
N THR M 33 35.85 -5.85 10.20
CA THR M 33 37.26 -6.23 10.29
C THR M 33 37.59 -7.22 9.19
N LYS M 34 36.64 -8.08 8.85
CA LYS M 34 36.89 -9.11 7.84
C LYS M 34 37.17 -8.60 6.40
N GLU M 35 36.34 -7.72 5.84
CA GLU M 35 36.64 -7.16 4.50
C GLU M 35 37.83 -6.18 4.59
N ARG M 36 38.03 -5.57 5.76
CA ARG M 36 39.23 -4.75 5.93
C ARG M 36 40.45 -5.60 5.61
N VAL M 37 40.47 -6.78 6.21
CA VAL M 37 41.58 -7.70 6.05
C VAL M 37 41.50 -8.36 4.67
N ARG M 38 40.29 -8.64 4.20
CA ARG M 38 40.13 -9.32 2.92
C ARG M 38 40.59 -8.48 1.73
N LEU M 39 40.39 -7.16 1.83
CA LEU M 39 40.81 -6.27 0.76
C LEU M 39 42.28 -5.89 0.81
N ILE M 40 42.82 -5.69 2.02
CA ILE M 40 44.25 -5.45 2.13
C ILE M 40 45.00 -6.70 1.68
N ALA M 41 44.44 -7.87 1.95
CA ALA M 41 45.09 -9.12 1.57
C ALA M 41 45.23 -9.24 0.05
N GLN M 42 44.12 -9.06 -0.66
CA GLN M 42 44.12 -9.16 -2.12
C GLN M 42 44.83 -7.98 -2.78
N GLN M 43 44.79 -6.80 -2.15
CA GLN M 43 45.48 -5.64 -2.72
C GLN M 43 47.00 -5.77 -2.64
N ILE M 44 47.51 -6.40 -1.59
CA ILE M 44 48.96 -6.56 -1.51
C ILE M 44 49.41 -7.78 -2.29
N GLY M 45 48.51 -8.74 -2.48
CA GLY M 45 48.81 -9.89 -3.30
C GLY M 45 49.18 -11.09 -2.45
N TYR M 46 48.64 -11.15 -1.24
CA TYR M 46 49.10 -12.14 -0.26
C TYR M 46 48.68 -13.56 -0.61
N GLN M 47 49.67 -14.44 -0.61
CA GLN M 47 49.47 -15.87 -0.81
C GLN M 47 49.96 -16.57 0.45
N PRO M 48 49.09 -17.37 1.10
CA PRO M 48 49.50 -18.05 2.34
C PRO M 48 50.74 -18.92 2.12
N ASN M 49 51.68 -18.90 3.06
CA ASN M 49 52.88 -19.70 2.90
C ASN M 49 52.52 -21.15 3.05
N ARG M 50 52.67 -21.86 1.94
CA ARG M 50 52.27 -23.25 1.82
C ARG M 50 53.03 -24.11 2.83
N ALA M 51 54.31 -23.82 2.98
CA ALA M 51 55.17 -24.54 3.91
C ALA M 51 54.72 -24.30 5.34
N GLY M 52 54.37 -23.05 5.63
CA GLY M 52 53.94 -22.67 6.96
C GLY M 52 52.66 -23.39 7.33
N VAL M 53 51.78 -23.56 6.37
CA VAL M 53 50.50 -24.23 6.60
C VAL M 53 50.59 -25.75 6.84
N ARG M 54 51.26 -26.48 5.95
CA ARG M 54 51.29 -27.94 6.06
C ARG M 54 52.15 -28.40 7.24
N LEU M 55 53.06 -27.56 7.72
CA LEU M 55 53.80 -27.92 8.91
C LEU M 55 52.86 -27.83 10.12
N ARG M 56 52.03 -26.79 10.15
CA ARG M 56 51.12 -26.55 11.28
C ARG M 56 49.85 -27.39 11.21
N THR M 57 49.28 -27.54 10.01
CA THR M 57 48.12 -28.39 9.81
C THR M 57 48.51 -29.53 8.88
N GLY M 58 47.72 -30.60 8.81
CA GLY M 58 48.05 -31.68 7.90
C GLY M 58 48.00 -31.31 6.43
N LYS M 59 47.13 -30.36 6.11
CA LYS M 59 46.76 -30.04 4.73
C LYS M 59 47.97 -29.64 3.88
N THR M 60 48.20 -30.40 2.81
CA THR M 60 49.33 -30.12 1.91
C THR M 60 48.97 -29.25 0.74
N ASN M 61 47.67 -29.03 0.54
CA ASN M 61 47.17 -28.36 -0.66
C ASN M 61 47.84 -28.92 -1.91
N VAL M 62 47.94 -30.24 -1.95
CA VAL M 62 48.53 -30.96 -3.06
C VAL M 62 47.60 -32.09 -3.49
N ILE M 63 47.42 -32.23 -4.80
CA ILE M 63 46.69 -33.36 -5.35
C ILE M 63 47.70 -34.20 -6.11
N ALA M 64 47.75 -35.49 -5.79
CA ALA M 64 48.72 -36.40 -6.40
C ALA M 64 48.11 -37.19 -7.55
N LEU M 65 48.75 -37.12 -8.71
CA LEU M 65 48.38 -37.95 -9.83
C LEU M 65 49.43 -39.05 -9.97
N VAL M 66 49.03 -40.30 -9.77
CA VAL M 66 49.96 -41.40 -9.94
C VAL M 66 49.72 -42.02 -11.30
N LEU M 67 50.82 -42.22 -12.03
CA LEU M 67 50.74 -42.61 -13.43
C LEU M 67 51.68 -43.75 -13.78
N SER M 68 51.21 -44.77 -14.48
CA SER M 68 52.14 -45.76 -15.00
C SER M 68 52.87 -45.16 -16.19
N VAL M 69 54.19 -45.31 -16.21
CA VAL M 69 55.01 -44.91 -17.36
C VAL M 69 54.62 -45.82 -18.52
N ASP M 70 54.12 -47.01 -18.16
CA ASP M 70 53.54 -47.90 -19.13
C ASP M 70 52.21 -47.32 -19.55
N GLU M 71 52.14 -46.85 -20.79
CA GLU M 71 50.93 -46.22 -21.27
C GLU M 71 50.68 -46.53 -22.74
N GLU M 72 49.41 -46.42 -23.11
CA GLU M 72 48.95 -46.60 -24.47
C GLU M 72 49.70 -45.58 -25.33
N LEU M 73 50.06 -45.94 -26.57
CA LEU M 73 50.83 -45.01 -27.42
C LEU M 73 50.10 -43.69 -27.61
N MET M 74 48.80 -43.76 -27.87
CA MET M 74 48.00 -42.57 -28.07
C MET M 74 46.84 -42.49 -27.08
N GLY M 75 47.19 -42.43 -25.79
CA GLY M 75 46.23 -42.24 -24.71
C GLY M 75 45.90 -40.79 -24.49
N PHE M 76 46.59 -39.91 -25.24
CA PHE M 76 46.61 -38.46 -25.04
C PHE M 76 46.37 -38.16 -23.57
N THR M 77 47.25 -38.67 -22.71
CA THR M 77 47.05 -38.60 -21.27
C THR M 77 47.11 -37.15 -20.79
N SER M 78 47.85 -36.33 -21.54
CA SER M 78 47.97 -34.90 -21.24
C SER M 78 46.62 -34.21 -21.17
N GLN M 79 45.69 -34.66 -22.00
CA GLN M 79 44.35 -34.08 -22.01
C GLN M 79 43.71 -34.30 -20.66
N MET M 80 44.00 -35.43 -20.03
CA MET M 80 43.51 -35.65 -18.69
C MET M 80 44.14 -34.64 -17.73
N VAL M 81 45.45 -34.38 -17.85
CA VAL M 81 46.10 -33.38 -16.99
C VAL M 81 45.44 -32.01 -17.17
N PHE M 82 45.28 -31.61 -18.42
CA PHE M 82 44.65 -30.33 -18.73
C PHE M 82 43.23 -30.39 -18.25
N GLY M 83 42.60 -31.56 -18.35
CA GLY M 83 41.28 -31.68 -17.79
C GLY M 83 41.32 -31.37 -16.31
N ILE M 84 42.23 -32.02 -15.60
CA ILE M 84 42.31 -31.90 -14.15
C ILE M 84 42.73 -30.49 -13.71
N THR M 85 43.79 -29.97 -14.31
CA THR M 85 44.35 -28.69 -13.92
C THR M 85 43.42 -27.46 -14.09
N GLU M 86 42.57 -27.60 -15.09
CA GLU M 86 41.59 -26.63 -15.44
C GLU M 86 40.81 -26.34 -14.19
N VAL M 87 40.33 -27.40 -13.56
CA VAL M 87 39.58 -27.26 -12.35
C VAL M 87 40.29 -26.74 -11.11
N LEU M 88 41.49 -27.20 -10.83
CA LEU M 88 42.15 -26.80 -9.61
C LEU M 88 42.51 -25.35 -9.58
N ALA M 89 42.66 -24.80 -10.76
CA ALA M 89 43.01 -23.42 -11.01
C ALA M 89 42.23 -22.47 -10.11
N THR M 90 40.96 -22.77 -9.86
CA THR M 90 40.16 -21.97 -8.93
C THR M 90 40.68 -22.12 -7.51
N THR M 91 41.16 -23.32 -7.21
CA THR M 91 41.59 -23.69 -5.87
C THR M 91 43.04 -23.37 -5.56
N GLN M 92 43.48 -23.73 -4.36
CA GLN M 92 44.86 -23.58 -3.93
C GLN M 92 45.62 -24.90 -4.10
N TYR M 93 44.99 -25.85 -4.77
CA TYR M 93 45.65 -27.12 -5.02
C TYR M 93 46.68 -27.01 -6.13
N HIS M 94 47.79 -27.71 -5.93
CA HIS M 94 48.83 -27.85 -6.92
C HIS M 94 48.79 -29.29 -7.36
N LEU M 95 49.33 -29.59 -8.53
CA LEU M 95 49.32 -30.95 -9.01
C LEU M 95 50.73 -31.48 -9.07
N VAL M 96 51.03 -32.50 -8.28
CA VAL M 96 52.33 -33.12 -8.36
C VAL M 96 52.13 -34.40 -9.13
N VAL M 97 53.11 -34.77 -9.93
CA VAL M 97 52.99 -36.00 -10.66
C VAL M 97 54.02 -36.93 -10.07
N THR M 98 53.56 -38.13 -9.73
CA THR M 98 54.44 -39.14 -9.21
C THR M 98 54.05 -40.38 -9.98
N PRO M 99 54.87 -40.72 -10.96
CA PRO M 99 54.57 -41.88 -11.78
C PRO M 99 55.32 -43.10 -11.25
N HIS M 100 54.80 -44.28 -11.52
CA HIS M 100 55.55 -45.48 -11.23
C HIS M 100 55.88 -46.04 -12.60
N THR M 101 57.00 -46.74 -12.71
CA THR M 101 57.52 -47.10 -14.02
C THR M 101 57.19 -48.49 -14.59
N HIS M 102 56.83 -49.43 -13.72
CA HIS M 102 56.30 -50.73 -14.16
C HIS M 102 55.05 -50.94 -13.33
N ALA M 103 54.14 -51.81 -13.80
CA ALA M 103 52.90 -52.08 -13.09
C ALA M 103 53.00 -52.70 -11.69
N LYS M 104 54.00 -53.54 -11.39
CA LYS M 104 54.09 -54.04 -10.02
C LYS M 104 54.76 -53.04 -9.06
N ASP M 105 55.42 -52.00 -9.61
CA ASP M 105 55.95 -50.95 -8.72
C ASP M 105 54.75 -50.07 -8.42
N SER M 106 53.54 -50.54 -8.68
CA SER M 106 52.39 -49.65 -8.65
C SER M 106 51.98 -49.12 -7.29
N MET M 107 52.32 -49.81 -6.21
CA MET M 107 51.95 -49.29 -4.90
C MET M 107 53.05 -48.52 -4.18
N VAL M 108 54.28 -48.61 -4.66
CA VAL M 108 55.36 -47.92 -3.95
C VAL M 108 55.10 -46.40 -3.89
N PRO M 109 54.58 -45.76 -4.98
CA PRO M 109 54.36 -44.34 -4.76
C PRO M 109 53.22 -44.07 -3.78
N ILE M 110 52.24 -44.96 -3.68
CA ILE M 110 51.09 -44.69 -2.83
C ILE M 110 51.40 -44.59 -1.32
N ARG M 111 52.12 -45.54 -0.73
CA ARG M 111 52.52 -45.41 0.68
C ARG M 111 53.61 -44.35 0.86
N TYR M 112 54.35 -44.08 -0.21
CA TYR M 112 55.34 -43.00 -0.25
C TYR M 112 54.60 -41.76 0.25
N ILE M 113 53.41 -41.57 -0.30
CA ILE M 113 52.51 -40.47 0.02
C ILE M 113 52.00 -40.55 1.46
N LEU M 114 51.53 -41.73 1.86
CA LEU M 114 50.93 -41.91 3.18
C LEU M 114 51.94 -41.75 4.31
N GLU M 115 53.15 -42.26 4.10
CA GLU M 115 54.21 -42.14 5.09
C GLU M 115 54.66 -40.70 5.25
N THR M 116 54.86 -40.02 4.13
CA THR M 116 55.32 -38.64 4.15
C THR M 116 54.19 -37.64 4.33
N GLY M 117 52.96 -38.10 4.17
CA GLY M 117 51.80 -37.23 4.28
C GLY M 117 51.86 -36.12 3.25
N SER M 118 52.29 -36.45 2.04
CA SER M 118 52.60 -35.47 1.02
C SER M 118 51.50 -35.17 -0.01
N ALA M 119 50.25 -35.52 0.31
CA ALA M 119 49.13 -35.25 -0.59
C ALA M 119 47.80 -35.29 0.15
N ASP M 120 46.85 -34.46 -0.27
CA ASP M 120 45.52 -34.41 0.32
C ASP M 120 44.50 -35.26 -0.41
N GLY M 121 44.83 -35.63 -1.64
CA GLY M 121 44.03 -36.57 -2.39
C GLY M 121 44.85 -37.21 -3.48
N VAL M 122 44.39 -38.36 -3.95
CA VAL M 122 45.15 -39.14 -4.93
C VAL M 122 44.28 -39.56 -6.10
N ILE M 123 44.84 -39.54 -7.30
CA ILE M 123 44.15 -40.06 -8.48
C ILE M 123 44.96 -41.23 -9.02
N ILE M 124 44.27 -42.35 -9.27
CA ILE M 124 44.93 -43.57 -9.71
C ILE M 124 44.26 -44.14 -10.96
N SER M 125 45.00 -44.93 -11.72
CA SER M 125 44.52 -45.48 -12.98
C SER M 125 44.75 -46.99 -13.02
N LYS M 126 44.36 -47.63 -14.12
CA LYS M 126 44.57 -49.06 -14.31
C LYS M 126 43.97 -49.90 -13.19
N ILE M 127 42.68 -49.71 -12.92
CA ILE M 127 42.05 -50.36 -11.80
C ILE M 127 41.61 -51.78 -12.16
N GLU M 128 41.85 -52.72 -11.26
CA GLU M 128 41.31 -54.07 -11.43
C GLU M 128 40.38 -54.33 -10.23
N PRO M 129 39.53 -55.38 -10.30
CA PRO M 129 38.61 -55.54 -9.18
C PRO M 129 39.27 -55.87 -7.83
N ASN M 130 40.34 -56.66 -7.83
CA ASN M 130 41.10 -56.81 -6.60
C ASN M 130 42.37 -55.98 -6.61
N ASP M 131 42.22 -54.66 -6.51
CA ASP M 131 43.34 -53.75 -6.59
C ASP M 131 43.75 -53.42 -5.17
N PRO M 132 45.01 -53.67 -4.82
CA PRO M 132 45.43 -53.40 -3.44
C PRO M 132 45.37 -51.92 -3.05
N ARG M 133 45.58 -51.02 -4.02
CA ARG M 133 45.67 -49.58 -3.74
C ARG M 133 44.39 -48.93 -3.23
N VAL M 134 43.25 -49.36 -3.74
CA VAL M 134 41.98 -48.82 -3.30
C VAL M 134 41.72 -49.15 -1.84
N ARG M 135 42.07 -50.37 -1.42
CA ARG M 135 41.80 -50.77 -0.05
C ARG M 135 42.75 -50.09 0.93
N PHE M 136 43.99 -49.85 0.51
CA PHE M 136 44.95 -49.20 1.40
C PHE M 136 44.55 -47.75 1.74
N MET M 137 44.19 -46.98 0.72
CA MET M 137 43.85 -45.57 0.92
C MET M 137 42.48 -45.42 1.58
N THR M 138 41.56 -46.35 1.32
CA THR M 138 40.29 -46.35 2.04
C THR M 138 40.52 -46.69 3.50
N GLU M 139 41.43 -47.64 3.75
CA GLU M 139 41.70 -48.08 5.12
C GLU M 139 42.62 -47.12 5.88
N ARG M 140 43.50 -46.41 5.17
CA ARG M 140 44.30 -45.37 5.80
C ARG M 140 43.58 -44.02 5.70
N LYS M 141 42.35 -44.06 5.20
CA LYS M 141 41.46 -42.91 5.19
C LYS M 141 41.98 -41.79 4.28
N MET M 142 42.74 -42.16 3.26
CA MET M 142 43.28 -41.18 2.32
C MET M 142 42.26 -40.91 1.23
N PRO M 143 41.84 -39.65 1.09
CA PRO M 143 40.90 -39.32 0.02
C PRO M 143 41.54 -39.62 -1.34
N PHE M 144 40.79 -40.27 -2.21
CA PHE M 144 41.29 -40.66 -3.52
C PHE M 144 40.16 -40.87 -4.51
N VAL M 145 40.52 -40.96 -5.78
CA VAL M 145 39.54 -41.21 -6.83
C VAL M 145 40.21 -42.07 -7.91
N THR M 146 39.41 -42.90 -8.58
CA THR M 146 39.96 -43.88 -9.52
C THR M 146 39.47 -43.63 -10.94
N HIS M 147 40.35 -43.79 -11.92
CA HIS M 147 39.92 -43.81 -13.31
C HIS M 147 39.52 -45.24 -13.63
N GLY M 148 38.25 -45.55 -13.41
CA GLY M 148 37.76 -46.90 -13.56
C GLY M 148 36.99 -47.32 -12.32
N ARG M 149 36.39 -48.50 -12.37
CA ARG M 149 35.59 -48.99 -11.24
C ARG M 149 36.20 -50.26 -10.68
N SER M 150 35.92 -50.53 -9.41
CA SER M 150 36.46 -51.70 -8.75
C SER M 150 35.35 -52.37 -7.96
N ASP M 151 35.31 -53.70 -8.01
CA ASP M 151 34.26 -54.42 -7.30
C ASP M 151 34.79 -55.26 -6.14
N MET M 152 35.13 -54.61 -5.04
CA MET M 152 35.54 -55.36 -3.86
C MET M 152 34.48 -55.18 -2.82
N GLY M 153 33.41 -54.51 -3.20
CA GLY M 153 32.40 -54.15 -2.24
C GLY M 153 32.85 -52.94 -1.44
N ILE M 154 33.83 -52.20 -1.97
CA ILE M 154 34.31 -50.98 -1.30
C ILE M 154 33.83 -49.75 -2.04
N GLU M 155 33.23 -48.80 -1.31
CA GLU M 155 32.76 -47.56 -1.92
C GLU M 155 33.71 -46.39 -1.90
N HIS M 156 33.97 -45.90 -3.10
CA HIS M 156 34.93 -44.84 -3.39
C HIS M 156 34.50 -44.03 -4.63
N ALA M 157 34.91 -42.78 -4.71
CA ALA M 157 34.62 -41.91 -5.85
C ALA M 157 35.32 -42.39 -7.14
N TYR M 158 34.62 -42.35 -8.27
CA TYR M 158 35.21 -42.80 -9.53
C TYR M 158 34.60 -42.14 -10.77
N HIS M 159 35.31 -42.28 -11.89
CA HIS M 159 34.78 -41.97 -13.22
C HIS M 159 35.29 -43.01 -14.19
N ASP M 160 34.38 -43.65 -14.93
CA ASP M 160 34.81 -44.61 -15.93
C ASP M 160 34.05 -44.44 -17.24
N PHE M 161 34.56 -45.08 -18.29
CA PHE M 161 33.91 -45.10 -19.59
C PHE M 161 33.12 -46.40 -19.63
N ASP M 162 31.93 -46.40 -20.20
CA ASP M 162 31.12 -47.61 -20.23
C ASP M 162 31.63 -48.51 -21.34
N ASN M 163 32.60 -49.35 -21.00
CA ASN M 163 33.18 -50.26 -21.97
C ASN M 163 32.18 -51.35 -22.33
N GLU M 164 31.22 -51.58 -21.45
CA GLU M 164 30.16 -52.57 -21.72
C GLU M 164 29.22 -52.08 -22.81
N ALA M 165 28.82 -50.81 -22.72
CA ALA M 165 27.98 -50.22 -23.76
C ALA M 165 28.71 -50.15 -25.09
N TYR M 166 29.97 -49.72 -25.07
CA TYR M 166 30.74 -49.59 -26.30
C TYR M 166 30.90 -50.92 -27.04
N ALA M 167 31.23 -51.98 -26.32
CA ALA M 167 31.43 -53.27 -26.96
C ALA M 167 30.13 -53.77 -27.59
N TYR M 168 29.04 -53.66 -26.84
CA TYR M 168 27.71 -54.00 -27.34
C TYR M 168 27.26 -53.05 -28.45
N GLU M 169 27.65 -51.78 -28.34
CA GLU M 169 27.29 -50.81 -29.36
C GLU M 169 28.21 -50.92 -30.55
N ALA M 170 29.40 -51.45 -30.33
CA ALA M 170 30.34 -51.65 -31.42
C ALA M 170 29.86 -52.77 -32.34
N VAL M 171 29.49 -53.90 -31.74
CA VAL M 171 29.02 -55.05 -32.49
C VAL M 171 27.66 -54.78 -33.13
N GLU M 172 26.90 -53.87 -32.52
CA GLU M 172 25.64 -53.46 -33.10
C GLU M 172 25.89 -52.80 -34.46
N ARG M 173 26.99 -52.08 -34.59
CA ARG M 173 27.33 -51.47 -35.89
C ARG M 173 27.98 -52.37 -36.94
N LEU M 174 28.77 -53.35 -36.53
CA LEU M 174 29.32 -54.28 -37.51
C LEU M 174 28.20 -55.14 -38.09
N ALA M 175 27.17 -55.38 -37.29
CA ALA M 175 25.98 -56.07 -37.75
C ALA M 175 25.21 -55.22 -38.76
N GLN M 176 25.11 -53.92 -38.49
CA GLN M 176 24.45 -53.00 -39.42
C GLN M 176 25.15 -52.95 -40.77
N CYS M 177 26.47 -53.10 -40.78
CA CYS M 177 27.19 -53.21 -42.04
C CYS M 177 27.01 -54.59 -42.66
N GLY M 178 26.55 -55.55 -41.86
CA GLY M 178 26.33 -56.88 -42.39
C GLY M 178 27.39 -57.89 -42.04
N ARG M 179 28.45 -57.47 -41.36
CA ARG M 179 29.54 -58.37 -41.02
C ARG M 179 29.13 -59.54 -40.14
N LYS M 180 29.12 -60.74 -40.70
CA LYS M 180 28.75 -61.95 -39.98
C LYS M 180 29.66 -62.41 -38.83
N ARG M 181 30.97 -62.34 -39.03
CA ARG M 181 31.93 -62.79 -38.02
C ARG M 181 32.88 -61.68 -37.60
N ILE M 182 33.09 -61.51 -36.28
CA ILE M 182 33.95 -60.46 -35.75
C ILE M 182 34.91 -60.90 -34.66
N ALA M 183 35.92 -60.08 -34.37
CA ALA M 183 36.83 -60.38 -33.28
C ALA M 183 37.02 -59.14 -32.42
N ILE M 184 37.43 -59.36 -31.18
CA ILE M 184 37.65 -58.27 -30.26
C ILE M 184 39.04 -58.37 -29.64
N ILE M 185 39.79 -57.29 -29.78
CA ILE M 185 41.08 -57.16 -29.12
C ILE M 185 40.81 -56.58 -27.73
N VAL M 186 41.16 -57.35 -26.72
CA VAL M 186 40.74 -57.05 -25.35
C VAL M 186 41.91 -56.60 -24.47
N PRO M 187 41.60 -55.84 -23.42
CA PRO M 187 42.59 -55.46 -22.42
C PRO M 187 43.02 -56.68 -21.61
N PRO M 188 44.16 -56.60 -20.91
CA PRO M 188 44.60 -57.77 -20.15
C PRO M 188 43.57 -58.14 -19.10
N SER M 189 43.44 -59.44 -18.81
CA SER M 189 42.40 -59.92 -17.91
C SER M 189 42.75 -59.57 -16.49
N ARG M 190 43.95 -59.03 -16.34
CA ARG M 190 44.43 -58.47 -15.10
C ARG M 190 43.50 -57.37 -14.60
N PHE M 191 43.12 -56.47 -15.52
CA PHE M 191 42.33 -55.27 -15.24
C PHE M 191 40.81 -55.40 -15.25
N ALA M 192 40.16 -54.48 -14.55
CA ALA M 192 38.72 -54.56 -14.30
C ALA M 192 37.85 -54.36 -15.54
N PHE M 193 38.16 -53.35 -16.35
CA PHE M 193 37.34 -53.08 -17.53
C PHE M 193 37.45 -54.18 -18.59
N HIS M 194 38.41 -55.09 -18.42
CA HIS M 194 38.40 -56.34 -19.17
C HIS M 194 37.06 -57.04 -19.01
N ASP M 195 36.58 -57.14 -17.76
CA ASP M 195 35.31 -57.81 -17.52
C ASP M 195 34.15 -57.06 -18.16
N HIS M 196 34.24 -55.75 -18.12
CA HIS M 196 33.23 -54.86 -18.68
C HIS M 196 33.11 -55.03 -20.18
N ALA M 197 34.27 -55.08 -20.84
CA ALA M 197 34.35 -55.19 -22.28
C ALA M 197 33.81 -56.54 -22.76
N ARG M 198 34.22 -57.62 -22.10
CA ARG M 198 33.83 -58.95 -22.52
C ARG M 198 32.36 -59.21 -22.22
N LYS M 199 31.82 -58.55 -21.21
CA LYS M 199 30.39 -58.64 -20.90
C LYS M 199 29.49 -58.04 -21.98
N GLY M 200 29.85 -56.85 -22.45
CA GLY M 200 29.12 -56.18 -23.52
C GLY M 200 29.25 -56.89 -24.85
N PHE M 201 30.43 -57.44 -25.09
CA PHE M 201 30.72 -58.12 -26.34
C PHE M 201 29.91 -59.40 -26.49
N THR M 202 29.89 -60.25 -25.48
CA THR M 202 29.16 -61.50 -25.61
C THR M 202 27.65 -61.28 -25.54
N ARG M 203 27.23 -60.27 -24.77
CA ARG M 203 25.82 -59.88 -24.73
C ARG M 203 25.42 -59.19 -26.04
N GLY M 204 26.36 -58.42 -26.58
CA GLY M 204 26.19 -57.77 -27.86
C GLY M 204 26.12 -58.83 -28.94
N ILE M 205 26.93 -59.88 -28.83
CA ILE M 205 26.94 -60.88 -29.89
C ILE M 205 25.74 -61.84 -29.94
N ARG M 206 25.13 -62.13 -28.80
CA ARG M 206 23.91 -62.95 -28.76
C ARG M 206 22.67 -62.25 -29.32
N ASP M 207 22.50 -60.99 -28.93
CA ASP M 207 21.33 -60.19 -29.28
C ASP M 207 21.19 -59.86 -30.76
N PHE M 208 22.31 -59.79 -31.46
CA PHE M 208 22.25 -59.54 -32.90
C PHE M 208 22.37 -60.82 -33.73
N GLY M 209 22.54 -61.96 -33.06
CA GLY M 209 22.42 -63.26 -33.73
C GLY M 209 23.49 -63.72 -34.70
N VAL M 210 24.69 -63.20 -34.50
CA VAL M 210 25.79 -63.48 -35.39
C VAL M 210 26.74 -64.42 -34.59
N SER M 211 27.97 -64.74 -35.06
CA SER M 211 28.91 -65.70 -34.36
C SER M 211 30.35 -65.27 -33.97
N GLU M 212 30.69 -65.09 -32.69
CA GLU M 212 32.03 -64.56 -32.27
C GLU M 212 33.37 -65.28 -32.65
N PHE M 213 34.16 -64.62 -33.52
CA PHE M 213 35.50 -65.05 -33.92
C PHE M 213 36.44 -64.99 -32.74
N PRO M 214 37.16 -66.09 -32.50
CA PRO M 214 38.01 -66.23 -31.33
C PRO M 214 39.33 -65.46 -31.46
N LEU M 215 39.57 -64.62 -30.45
CA LEU M 215 40.81 -63.90 -30.32
C LEU M 215 41.30 -63.91 -28.87
N ASP M 216 42.23 -64.81 -28.58
CA ASP M 216 42.85 -64.91 -27.26
C ASP M 216 44.35 -64.71 -27.34
N ALA M 217 44.87 -64.70 -28.57
CA ALA M 217 46.31 -64.69 -28.79
C ALA M 217 46.97 -63.36 -28.41
N ILE M 218 46.25 -62.26 -28.54
CA ILE M 218 46.86 -60.96 -28.29
C ILE M 218 45.93 -60.07 -27.44
N THR M 219 46.54 -59.14 -26.74
CA THR M 219 45.83 -58.17 -25.92
C THR M 219 46.35 -56.80 -26.37
N ILE M 220 45.65 -55.73 -26.00
CA ILE M 220 46.08 -54.38 -26.38
C ILE M 220 47.48 -54.07 -25.84
N GLU M 221 47.83 -54.61 -24.68
CA GLU M 221 49.16 -54.37 -24.11
C GLU M 221 50.27 -55.14 -24.82
N THR M 222 49.91 -56.04 -25.73
CA THR M 222 50.92 -56.66 -26.56
C THR M 222 51.48 -55.54 -27.44
N PRO M 223 52.81 -55.51 -27.61
CA PRO M 223 53.55 -54.51 -28.39
C PRO M 223 53.04 -54.34 -29.83
N LEU M 224 53.13 -53.11 -30.35
CA LEU M 224 52.48 -52.73 -31.62
C LEU M 224 53.13 -53.26 -32.89
N ASP M 225 54.46 -53.36 -32.89
CA ASP M 225 55.17 -54.01 -33.98
C ASP M 225 54.60 -55.39 -33.98
N LYS M 226 54.46 -55.97 -32.79
CA LYS M 226 53.92 -57.29 -32.81
C LYS M 226 52.48 -57.23 -33.25
N ILE M 227 51.67 -56.24 -32.93
CA ILE M 227 50.29 -56.40 -33.39
C ILE M 227 50.18 -56.41 -34.92
N ARG M 228 51.02 -55.65 -35.61
CA ARG M 228 51.07 -55.68 -37.06
C ARG M 228 51.31 -57.12 -37.58
N ASP M 229 52.24 -57.86 -36.96
CA ASP M 229 52.45 -59.26 -37.34
C ASP M 229 51.18 -60.07 -37.67
N PHE M 230 50.12 -59.83 -36.90
CA PHE M 230 48.97 -60.71 -36.69
C PHE M 230 47.96 -60.29 -37.68
N GLY M 231 47.87 -58.96 -37.78
CA GLY M 231 46.94 -58.30 -38.66
C GLY M 231 47.11 -58.93 -40.01
N LYS M 232 48.36 -59.25 -40.31
CA LYS M 232 48.70 -59.79 -41.60
C LYS M 232 48.66 -61.30 -41.83
N ARG M 233 49.23 -62.10 -40.93
CA ARG M 233 49.25 -63.52 -41.23
C ARG M 233 47.81 -63.99 -41.17
N LEU M 234 46.98 -63.34 -40.35
CA LEU M 234 45.58 -63.72 -40.28
C LEU M 234 44.80 -63.33 -41.53
N MET M 235 45.12 -62.18 -42.13
CA MET M 235 44.39 -61.83 -43.34
C MET M 235 44.96 -62.59 -44.53
N GLN M 236 46.26 -62.89 -44.49
CA GLN M 236 46.89 -63.80 -45.47
C GLN M 236 46.55 -65.25 -45.18
N SER M 237 45.82 -65.50 -44.11
CA SER M 237 45.46 -66.88 -43.80
C SER M 237 44.10 -67.13 -44.41
N ASP M 238 43.74 -68.40 -44.52
CA ASP M 238 42.50 -68.75 -45.18
C ASP M 238 41.26 -68.38 -44.37
N ASP M 239 41.38 -68.46 -43.05
CA ASP M 239 40.29 -68.06 -42.18
C ASP M 239 40.44 -66.65 -41.58
N ARG M 240 39.52 -65.79 -41.97
CA ARG M 240 39.51 -64.40 -41.51
C ARG M 240 38.15 -63.99 -40.96
N PRO M 241 38.14 -63.18 -39.90
CA PRO M 241 36.89 -62.57 -39.45
C PRO M 241 36.60 -61.37 -40.35
N ASP M 242 35.32 -61.07 -40.54
CA ASP M 242 34.91 -59.95 -41.37
C ASP M 242 34.69 -58.69 -40.56
N GLY M 243 34.98 -58.73 -39.27
CA GLY M 243 34.88 -57.56 -38.41
C GLY M 243 35.73 -57.55 -37.15
N ILE M 244 36.06 -56.34 -36.68
CA ILE M 244 36.90 -56.16 -35.49
C ILE M 244 36.37 -55.05 -34.56
N VAL M 245 36.33 -55.35 -33.27
CA VAL M 245 36.00 -54.37 -32.24
C VAL M 245 37.25 -54.08 -31.40
N SER M 246 37.59 -52.80 -31.27
CA SER M 246 38.81 -52.43 -30.56
C SER M 246 38.59 -51.67 -29.25
N ILE M 247 39.36 -52.03 -28.23
CA ILE M 247 39.28 -51.37 -26.93
C ILE M 247 40.34 -50.28 -26.85
N SER M 248 41.41 -50.44 -27.63
CA SER M 248 42.41 -49.39 -27.74
C SER M 248 42.57 -48.95 -29.18
N GLY M 249 42.30 -47.68 -29.45
CA GLY M 249 42.47 -47.14 -30.79
C GLY M 249 43.92 -47.07 -31.24
N SER M 250 44.85 -47.16 -30.30
CA SER M 250 46.28 -47.10 -30.62
C SER M 250 46.74 -48.41 -31.20
N SER M 251 46.15 -49.49 -30.71
CA SER M 251 46.47 -50.83 -31.17
C SER M 251 45.76 -51.09 -32.49
N THR M 252 44.66 -50.37 -32.70
CA THR M 252 43.89 -50.44 -33.93
C THR M 252 44.77 -50.03 -35.09
N ILE M 253 45.58 -49.01 -34.84
CA ILE M 253 46.48 -48.42 -35.81
C ILE M 253 47.52 -49.42 -36.32
N ALA M 254 48.05 -50.24 -35.43
CA ALA M 254 49.06 -51.22 -35.78
C ALA M 254 48.49 -52.36 -36.63
N LEU M 255 47.25 -52.74 -36.32
CA LEU M 255 46.59 -53.84 -37.02
C LEU M 255 46.24 -53.51 -38.48
N VAL M 256 45.85 -52.27 -38.78
CA VAL M 256 45.53 -51.88 -40.15
C VAL M 256 46.78 -51.84 -41.03
N ALA M 257 47.87 -51.36 -40.43
CA ALA M 257 49.17 -51.45 -41.07
C ALA M 257 49.40 -52.93 -41.23
N GLY M 258 48.98 -53.69 -40.22
CA GLY M 258 49.07 -55.12 -40.37
C GLY M 258 48.09 -55.41 -41.49
N PHE M 259 46.88 -54.88 -41.38
CA PHE M 259 45.85 -55.11 -42.40
C PHE M 259 46.10 -54.50 -43.81
N GLU M 260 47.23 -53.88 -44.02
CA GLU M 260 47.50 -53.43 -45.36
C GLU M 260 48.82 -54.00 -45.83
N ALA M 261 49.49 -54.73 -44.96
CA ALA M 261 50.67 -55.44 -45.39
C ALA M 261 50.09 -56.54 -46.27
N ALA M 262 49.01 -57.15 -45.78
CA ALA M 262 48.26 -58.19 -46.44
C ALA M 262 47.58 -57.73 -47.72
N GLY M 263 47.19 -56.46 -47.76
CA GLY M 263 46.54 -55.93 -48.94
C GLY M 263 45.03 -55.84 -48.78
N VAL M 264 44.56 -55.99 -47.56
CA VAL M 264 43.13 -55.90 -47.31
C VAL M 264 42.65 -54.48 -47.44
N ARG M 265 41.40 -54.30 -47.84
CA ARG M 265 40.86 -52.97 -47.94
C ARG M 265 39.87 -52.79 -46.83
N ILE M 266 40.14 -51.83 -45.96
CA ILE M 266 39.28 -51.52 -44.82
C ILE M 266 38.00 -50.89 -45.35
N GLY M 267 36.89 -51.11 -44.68
CA GLY M 267 35.63 -50.63 -45.20
C GLY M 267 35.08 -51.68 -46.14
N LYS M 268 35.71 -51.82 -47.31
CA LYS M 268 35.27 -52.78 -48.32
C LYS M 268 35.42 -54.27 -47.97
N ASP M 269 36.63 -54.69 -47.56
CA ASP M 269 36.88 -56.10 -47.28
C ASP M 269 36.45 -56.49 -45.88
N ILE M 270 36.75 -55.59 -44.94
CA ILE M 270 36.54 -55.84 -43.52
C ILE M 270 36.12 -54.52 -42.88
N ASP M 271 35.26 -54.56 -41.87
CA ASP M 271 34.87 -53.32 -41.21
C ASP M 271 35.24 -53.25 -39.73
N ILE M 272 35.65 -52.06 -39.29
CA ILE M 272 36.24 -51.86 -37.97
C ILE M 272 35.53 -50.83 -37.09
N VAL M 273 35.32 -51.15 -35.82
CA VAL M 273 34.93 -50.15 -34.83
C VAL M 273 36.03 -50.01 -33.78
N SER M 274 36.38 -48.77 -33.45
CA SER M 274 37.48 -48.53 -32.52
C SER M 274 37.14 -47.39 -31.57
N LYS M 275 37.55 -47.53 -30.30
CA LYS M 275 37.34 -46.46 -29.32
C LYS M 275 38.54 -45.52 -29.41
N GLN M 276 38.30 -44.24 -29.13
CA GLN M 276 39.31 -43.22 -29.39
C GLN M 276 39.45 -42.15 -28.29
N SER M 277 40.68 -41.84 -27.89
CA SER M 277 40.92 -40.86 -26.82
C SER M 277 41.06 -39.43 -27.31
N ALA M 278 41.24 -39.26 -28.61
CA ALA M 278 41.11 -37.96 -29.26
C ALA M 278 40.85 -38.19 -30.73
N GLU M 279 40.15 -37.28 -31.39
CA GLU M 279 39.69 -37.52 -32.75
C GLU M 279 40.83 -37.53 -33.77
N PHE M 280 41.47 -38.69 -33.92
CA PHE M 280 42.55 -38.81 -34.90
C PHE M 280 42.39 -39.89 -35.98
N LEU M 281 41.41 -40.79 -35.84
CA LEU M 281 41.53 -42.05 -36.56
C LEU M 281 40.99 -41.92 -37.98
N ASN M 282 40.20 -40.88 -38.20
CA ASN M 282 39.55 -40.65 -39.49
C ASN M 282 40.33 -39.78 -40.46
N TRP M 283 41.43 -39.19 -40.02
CA TRP M 283 42.21 -38.41 -40.96
C TRP M 283 42.78 -39.28 -42.06
N ILE M 284 43.24 -40.47 -41.72
CA ILE M 284 43.73 -41.34 -42.76
C ILE M 284 42.75 -42.48 -43.09
N GLN M 285 42.04 -42.98 -42.10
CA GLN M 285 41.07 -44.02 -42.38
C GLN M 285 39.69 -43.48 -42.04
N PRO M 286 39.05 -42.82 -43.02
CA PRO M 286 37.75 -42.18 -42.76
C PRO M 286 36.59 -43.12 -42.48
N GLN M 287 36.69 -44.29 -43.09
CA GLN M 287 35.69 -45.33 -43.05
C GLN M 287 35.63 -46.18 -41.76
N ILE M 288 36.70 -46.08 -40.96
CA ILE M 288 36.70 -46.66 -39.61
C ILE M 288 35.59 -45.98 -38.83
N HIS M 289 34.84 -46.80 -38.08
CA HIS M 289 33.74 -46.33 -37.27
C HIS M 289 34.28 -46.07 -35.87
N THR M 290 34.27 -44.81 -35.46
CA THR M 290 35.00 -44.38 -34.28
C THR M 290 34.09 -43.92 -33.13
N VAL M 291 34.53 -44.25 -31.92
CA VAL M 291 33.84 -43.89 -30.69
C VAL M 291 34.76 -43.06 -29.81
N ASN M 292 34.25 -41.99 -29.20
CA ASN M 292 35.07 -41.07 -28.42
C ASN M 292 34.98 -41.23 -26.90
N GLU M 293 36.15 -41.49 -26.32
CA GLU M 293 36.36 -41.47 -24.88
C GLU M 293 36.93 -40.10 -24.52
N ASP M 294 36.13 -39.21 -23.96
CA ASP M 294 36.64 -37.87 -23.71
C ASP M 294 37.53 -37.90 -22.48
N ILE M 295 38.83 -37.81 -22.72
CA ILE M 295 39.82 -37.96 -21.67
C ILE M 295 39.94 -36.65 -20.91
N LYS M 296 39.66 -35.54 -21.58
CA LYS M 296 39.69 -34.26 -20.89
C LYS M 296 38.46 -34.11 -20.00
N LEU M 297 37.36 -34.77 -20.37
CA LEU M 297 36.18 -34.78 -19.51
C LEU M 297 36.42 -35.64 -18.29
N ALA M 298 37.06 -36.78 -18.52
CA ALA M 298 37.43 -37.71 -17.46
C ALA M 298 38.39 -37.03 -16.51
N GLY M 299 39.33 -36.28 -17.07
CA GLY M 299 40.30 -35.55 -16.28
C GLY M 299 39.56 -34.68 -15.28
N ARG M 300 38.44 -34.13 -15.69
CA ARG M 300 37.76 -33.30 -14.77
C ARG M 300 36.86 -34.01 -13.82
N GLU M 301 36.19 -35.04 -14.29
CA GLU M 301 35.17 -35.63 -13.49
C GLU M 301 35.83 -36.33 -12.36
N LEU M 302 37.09 -36.71 -12.58
CA LEU M 302 37.94 -37.17 -11.52
C LEU M 302 38.30 -36.06 -10.55
N ALA M 303 38.67 -34.90 -11.09
CA ALA M 303 39.09 -33.76 -10.29
C ALA M 303 38.00 -33.26 -9.34
N LYS M 304 36.82 -32.99 -9.89
CA LYS M 304 35.71 -32.49 -9.09
C LYS M 304 35.30 -33.50 -8.01
N ALA M 305 35.46 -34.78 -8.34
CA ALA M 305 35.17 -35.85 -7.41
C ALA M 305 36.12 -35.83 -6.22
N LEU M 306 37.42 -35.76 -6.49
CA LEU M 306 38.41 -35.87 -5.44
C LEU M 306 38.35 -34.72 -4.45
N LEU M 307 38.11 -33.51 -4.94
CA LEU M 307 37.94 -32.35 -4.06
C LEU M 307 36.74 -32.50 -3.14
N ALA M 308 35.61 -32.87 -3.72
CA ALA M 308 34.38 -33.11 -2.97
C ALA M 308 34.60 -34.19 -1.91
N ARG M 309 35.38 -35.21 -2.26
CA ARG M 309 35.65 -36.28 -1.30
C ARG M 309 36.55 -35.77 -0.19
N ILE M 310 37.44 -34.84 -0.53
CA ILE M 310 38.31 -34.23 0.45
C ILE M 310 37.52 -33.33 1.41
N ASN M 311 36.53 -32.62 0.87
CA ASN M 311 35.64 -31.82 1.71
C ASN M 311 34.76 -32.69 2.58
N GLY M 312 34.53 -33.93 2.15
CA GLY M 312 33.84 -34.87 3.00
C GLY M 312 32.52 -35.37 2.46
N ALA M 313 32.33 -35.26 1.15
CA ALA M 313 31.10 -35.74 0.54
C ALA M 313 31.08 -37.27 0.52
N PRO M 314 29.89 -37.86 0.66
CA PRO M 314 29.77 -39.32 0.66
C PRO M 314 30.13 -39.90 -0.71
N PRO M 315 30.72 -41.10 -0.72
CA PRO M 315 31.25 -41.78 -1.92
C PRO M 315 30.26 -41.99 -3.08
N GLU M 316 29.01 -42.35 -2.81
CA GLU M 316 28.12 -42.72 -3.92
C GLU M 316 27.62 -41.51 -4.73
N THR M 317 27.60 -40.33 -4.12
CA THR M 317 27.32 -39.11 -4.85
C THR M 317 28.38 -38.96 -5.93
N LEU M 318 29.64 -39.04 -5.48
CA LEU M 318 30.80 -38.80 -6.33
C LEU M 318 31.12 -39.86 -7.37
N GLN M 319 30.11 -40.50 -7.94
CA GLN M 319 30.37 -41.55 -8.93
C GLN M 319 29.68 -41.29 -10.26
N SER M 320 30.40 -41.53 -11.34
CA SER M 320 29.91 -41.21 -12.68
C SER M 320 30.54 -42.09 -13.75
N VAL M 321 29.79 -42.34 -14.81
CA VAL M 321 30.23 -43.18 -15.93
C VAL M 321 29.80 -42.51 -17.23
N SER M 322 30.76 -42.31 -18.13
CA SER M 322 30.52 -41.62 -19.40
C SER M 322 30.02 -42.54 -20.51
N ARG M 323 29.07 -42.05 -21.30
CA ARG M 323 28.48 -42.83 -22.38
C ARG M 323 29.27 -42.76 -23.68
N PRO M 324 29.27 -43.85 -24.46
CA PRO M 324 30.00 -43.84 -25.72
C PRO M 324 29.30 -42.94 -26.73
N VAL M 325 30.08 -42.22 -27.52
CA VAL M 325 29.53 -41.39 -28.58
C VAL M 325 30.37 -41.59 -29.83
N TRP M 326 29.78 -41.31 -30.98
CA TRP M 326 30.46 -41.56 -32.24
C TRP M 326 30.99 -40.21 -32.66
N SER M 327 32.27 -40.13 -33.02
CA SER M 327 32.77 -38.85 -33.48
C SER M 327 31.86 -38.53 -34.66
N SER M 328 31.49 -37.25 -34.77
CA SER M 328 30.69 -36.77 -35.88
C SER M 328 31.20 -37.26 -37.22
N MET M 329 32.52 -37.27 -37.36
CA MET M 329 33.16 -37.56 -38.64
C MET M 329 33.12 -39.02 -39.02
N ALA M 330 32.67 -39.90 -38.13
CA ALA M 330 32.57 -41.30 -38.48
C ALA M 330 31.38 -41.49 -39.41
N PRO M 331 31.56 -42.25 -40.50
CA PRO M 331 30.48 -42.56 -41.43
C PRO M 331 30.24 -44.05 -41.49
N LYS M 332 28.99 -44.48 -41.47
CA LYS M 332 28.69 -45.89 -41.49
C LYS M 332 27.46 -46.25 -42.30
N PRO M 333 27.45 -47.46 -42.87
CA PRO M 333 26.20 -48.06 -43.31
C PRO M 333 25.57 -48.87 -42.18
N GLU N 1 52.52 -41.28 13.40
CA GLU N 1 53.72 -41.86 13.99
C GLU N 1 54.87 -41.89 12.98
N ARG N 2 54.92 -40.87 12.13
CA ARG N 2 55.98 -40.74 11.14
C ARG N 2 57.34 -40.50 11.80
N PRO N 3 58.38 -41.21 11.35
CA PRO N 3 59.67 -41.03 12.03
C PRO N 3 60.24 -39.63 11.77
N THR N 4 60.87 -39.04 12.78
CA THR N 4 61.40 -37.67 12.70
C THR N 4 62.84 -37.62 13.22
N LEU N 5 63.56 -36.53 12.98
CA LEU N 5 64.90 -36.37 13.57
C LEU N 5 64.81 -36.32 15.10
N LYS N 6 63.74 -35.72 15.59
CA LYS N 6 63.51 -35.65 17.02
C LYS N 6 63.53 -37.05 17.59
N THR N 7 62.82 -37.96 16.93
CA THR N 7 62.78 -39.35 17.34
C THR N 7 64.15 -40.02 17.25
N ILE N 8 64.91 -39.73 16.20
CA ILE N 8 66.26 -40.30 16.08
C ILE N 8 67.13 -39.94 17.27
N ALA N 9 67.17 -38.65 17.61
CA ALA N 9 67.93 -38.18 18.78
C ALA N 9 67.38 -38.77 20.08
N TYR N 10 66.06 -38.91 20.14
CA TYR N 10 65.40 -39.48 21.31
C TYR N 10 65.76 -40.96 21.43
N MET N 11 65.68 -41.66 20.31
CA MET N 11 65.93 -43.10 20.25
C MET N 11 67.38 -43.45 20.57
N THR N 12 68.33 -42.66 20.06
CA THR N 12 69.75 -42.95 20.22
C THR N 12 70.44 -42.12 21.31
N GLY N 13 69.81 -41.00 21.68
CA GLY N 13 70.28 -40.16 22.77
C GLY N 13 71.40 -39.21 22.37
N LEU N 14 71.22 -38.56 21.22
CA LEU N 14 72.14 -37.55 20.72
C LEU N 14 71.43 -36.20 20.61
N GLY N 15 72.17 -35.19 20.16
CA GLY N 15 71.67 -33.83 19.97
C GLY N 15 70.94 -33.66 18.64
N ILE N 16 69.73 -33.13 18.69
CA ILE N 16 68.96 -32.82 17.48
C ILE N 16 69.78 -32.25 16.32
N THR N 17 70.62 -31.22 16.48
CA THR N 17 71.39 -30.84 15.26
C THR N 17 72.53 -31.72 15.02
N THR N 18 72.97 -32.41 16.06
CA THR N 18 73.97 -33.41 15.75
C THR N 18 73.45 -34.35 14.67
N VAL N 19 72.19 -34.76 14.79
CA VAL N 19 71.61 -35.67 13.81
C VAL N 19 71.51 -35.03 12.42
N SER N 20 70.95 -33.83 12.36
CA SER N 20 70.78 -33.14 11.09
C SER N 20 72.08 -32.91 10.32
N ARG N 21 73.08 -32.35 10.99
CA ARG N 21 74.32 -32.00 10.32
C ARG N 21 75.17 -33.25 10.01
N ALA N 22 74.87 -34.37 10.68
CA ALA N 22 75.58 -35.62 10.41
C ALA N 22 75.18 -36.19 9.04
N LEU N 23 73.89 -36.18 8.74
CA LEU N 23 73.38 -36.69 7.46
C LEU N 23 73.85 -35.79 6.32
N LYS N 24 74.07 -34.51 6.64
CA LYS N 24 74.75 -33.59 5.72
C LYS N 24 76.27 -33.78 5.71
N ASP N 25 76.73 -34.93 6.22
CA ASP N 25 78.16 -35.27 6.37
C ASP N 25 79.07 -34.05 6.37
N ALA N 26 79.26 -33.50 7.55
CA ALA N 26 79.99 -32.25 7.72
C ALA N 26 81.41 -32.50 8.22
N PRO N 27 82.24 -31.44 8.29
CA PRO N 27 83.53 -31.69 8.95
C PRO N 27 83.34 -32.03 10.41
N ASP N 28 82.26 -31.53 11.03
CA ASP N 28 81.95 -31.81 12.42
C ASP N 28 81.74 -33.27 12.73
N ILE N 29 81.15 -34.03 11.82
CA ILE N 29 80.78 -35.39 12.19
C ILE N 29 82.02 -36.25 12.11
N GLY N 30 82.18 -37.11 13.11
CA GLY N 30 83.34 -37.95 13.23
C GLY N 30 83.30 -39.00 12.13
N ALA N 31 82.12 -39.11 11.51
CA ALA N 31 81.81 -40.12 10.49
C ALA N 31 81.49 -41.46 11.15
N GLU N 32 82.16 -41.76 12.26
CA GLU N 32 81.95 -43.04 12.93
C GLU N 32 80.52 -43.02 13.47
N THR N 33 80.12 -41.86 13.99
CA THR N 33 78.73 -41.63 14.37
C THR N 33 77.84 -41.49 13.12
N LYS N 34 78.40 -40.89 12.06
CA LYS N 34 77.64 -40.68 10.81
C LYS N 34 77.21 -42.00 10.15
N GLU N 35 78.10 -42.98 10.09
CA GLU N 35 77.70 -44.25 9.50
C GLU N 35 76.66 -44.87 10.41
N ARG N 36 76.82 -44.60 11.70
CA ARG N 36 75.85 -44.99 12.71
C ARG N 36 74.52 -44.28 12.45
N VAL N 37 74.57 -42.97 12.18
CA VAL N 37 73.34 -42.22 11.97
C VAL N 37 72.72 -42.60 10.63
N ARG N 38 73.53 -42.90 9.62
CA ARG N 38 72.99 -43.12 8.29
C ARG N 38 72.04 -44.32 8.15
N LEU N 39 72.35 -45.42 8.84
CA LEU N 39 71.43 -46.57 8.88
C LEU N 39 70.44 -46.57 10.03
N ILE N 40 70.77 -45.99 11.19
CA ILE N 40 69.73 -45.86 12.22
C ILE N 40 68.60 -45.07 11.58
N ALA N 41 68.98 -44.08 10.77
CA ALA N 41 68.02 -43.33 9.99
C ALA N 41 67.38 -44.23 8.94
N GLN N 42 68.21 -44.98 8.23
CA GLN N 42 67.76 -45.88 7.16
C GLN N 42 66.88 -47.02 7.68
N GLN N 43 67.14 -47.47 8.91
CA GLN N 43 66.43 -48.58 9.53
C GLN N 43 64.99 -48.32 9.96
N ILE N 44 64.69 -47.09 10.38
CA ILE N 44 63.36 -46.81 10.94
C ILE N 44 62.14 -46.53 10.00
N GLY N 45 62.28 -46.07 8.76
CA GLY N 45 63.43 -45.40 8.22
C GLY N 45 63.05 -43.93 8.17
N TYR N 46 63.97 -43.07 8.59
CA TYR N 46 63.66 -41.66 8.72
C TYR N 46 63.49 -40.96 7.39
N GLN N 47 62.40 -40.20 7.27
CA GLN N 47 62.16 -39.36 6.11
C GLN N 47 62.15 -37.87 6.45
N PRO N 48 63.05 -37.08 5.82
CA PRO N 48 63.03 -35.65 6.15
C PRO N 48 61.69 -35.02 5.80
N ASN N 49 61.11 -34.30 6.74
CA ASN N 49 59.82 -33.67 6.51
C ASN N 49 60.03 -32.48 5.60
N ARG N 50 59.43 -32.56 4.41
CA ARG N 50 59.62 -31.56 3.38
C ARG N 50 59.18 -30.18 3.84
N ALA N 51 58.10 -30.12 4.61
CA ALA N 51 57.57 -28.85 5.10
C ALA N 51 58.60 -28.15 5.98
N GLY N 52 59.23 -28.91 6.86
CA GLY N 52 60.22 -28.37 7.78
C GLY N 52 61.42 -27.80 7.04
N VAL N 53 61.86 -28.49 6.00
CA VAL N 53 63.01 -28.03 5.24
C VAL N 53 62.61 -26.79 4.46
N ARG N 54 61.46 -26.87 3.79
CA ARG N 54 60.99 -25.79 2.94
C ARG N 54 60.67 -24.52 3.73
N LEU N 55 60.24 -24.69 4.98
CA LEU N 55 59.92 -23.53 5.79
C LEU N 55 61.16 -22.82 6.40
N ARG N 56 62.16 -23.56 6.91
CA ARG N 56 63.31 -22.89 7.54
C ARG N 56 64.33 -22.39 6.52
N THR N 57 64.58 -23.18 5.49
CA THR N 57 65.47 -22.72 4.44
C THR N 57 64.56 -22.48 3.27
N GLY N 58 65.05 -21.73 2.28
CA GLY N 58 64.25 -21.45 1.11
C GLY N 58 63.88 -22.67 0.29
N LYS N 59 64.72 -23.69 0.36
CA LYS N 59 64.65 -24.83 -0.55
C LYS N 59 63.26 -25.44 -0.58
N THR N 60 62.59 -25.39 -1.73
CA THR N 60 61.27 -26.00 -1.81
C THR N 60 61.39 -27.40 -2.41
N ASN N 61 62.56 -27.68 -2.97
CA ASN N 61 62.78 -28.92 -3.70
C ASN N 61 61.64 -29.24 -4.67
N VAL N 62 61.20 -28.23 -5.41
CA VAL N 62 60.12 -28.40 -6.37
C VAL N 62 60.49 -27.83 -7.74
N ILE N 63 60.20 -28.60 -8.79
CA ILE N 63 60.36 -28.12 -10.16
C ILE N 63 58.98 -27.96 -10.78
N ALA N 64 58.74 -26.77 -11.31
CA ALA N 64 57.45 -26.45 -11.94
C ALA N 64 57.56 -26.61 -13.44
N LEU N 65 56.68 -27.42 -14.01
CA LEU N 65 56.58 -27.54 -15.46
C LEU N 65 55.37 -26.79 -15.97
N VAL N 66 55.61 -25.74 -16.76
CA VAL N 66 54.49 -24.99 -17.32
C VAL N 66 54.23 -25.43 -18.76
N LEU N 67 52.95 -25.71 -19.01
CA LEU N 67 52.53 -26.34 -20.25
C LEU N 67 51.34 -25.59 -20.86
N SER N 68 51.39 -25.26 -22.14
CA SER N 68 50.20 -24.69 -22.78
C SER N 68 49.14 -25.77 -23.02
N VAL N 69 47.90 -25.48 -22.67
CA VAL N 69 46.79 -26.37 -22.98
C VAL N 69 46.64 -26.41 -24.49
N ASP N 70 47.01 -25.30 -25.12
CA ASP N 70 47.08 -25.24 -26.55
C ASP N 70 48.31 -25.95 -27.06
N GLU N 71 48.08 -27.10 -27.68
CA GLU N 71 49.17 -27.91 -28.21
C GLU N 71 48.71 -28.64 -29.46
N GLU N 72 49.66 -28.94 -30.32
CA GLU N 72 49.40 -29.76 -31.50
C GLU N 72 48.90 -31.13 -31.04
N LEU N 73 47.99 -31.71 -31.82
CA LEU N 73 47.37 -32.99 -31.48
C LEU N 73 48.31 -34.16 -31.19
N MET N 74 49.34 -34.33 -32.04
CA MET N 74 50.27 -35.46 -31.89
C MET N 74 51.58 -35.13 -31.18
N GLY N 75 51.56 -34.19 -30.26
CA GLY N 75 52.77 -33.82 -29.55
C GLY N 75 53.29 -34.82 -28.53
N PHE N 76 52.56 -35.92 -28.32
CA PHE N 76 52.81 -36.91 -27.27
C PHE N 76 53.55 -36.28 -26.10
N THR N 77 52.91 -35.27 -25.55
CA THR N 77 53.49 -34.42 -24.52
C THR N 77 53.72 -35.20 -23.23
N SER N 78 52.91 -36.22 -23.00
CA SER N 78 53.04 -37.06 -21.81
C SER N 78 54.43 -37.69 -21.63
N GLN N 79 55.07 -38.05 -22.74
CA GLN N 79 56.41 -38.65 -22.69
C GLN N 79 57.45 -37.70 -22.13
N MET N 80 57.30 -36.40 -22.38
CA MET N 80 58.20 -35.41 -21.83
C MET N 80 58.20 -35.40 -20.31
N VAL N 81 57.00 -35.48 -19.72
CA VAL N 81 56.86 -35.50 -18.27
C VAL N 81 57.62 -36.66 -17.67
N PHE N 82 57.43 -37.84 -18.24
CA PHE N 82 58.08 -39.05 -17.76
C PHE N 82 59.58 -38.94 -17.90
N GLY N 83 60.02 -38.30 -18.98
CA GLY N 83 61.43 -38.00 -19.16
C GLY N 83 61.95 -37.19 -17.99
N ILE N 84 61.18 -36.19 -17.59
CA ILE N 84 61.55 -35.32 -16.47
C ILE N 84 61.52 -36.08 -15.14
N THR N 85 60.42 -36.77 -14.85
CA THR N 85 60.27 -37.47 -13.58
C THR N 85 61.33 -38.55 -13.40
N GLU N 86 61.70 -39.19 -14.50
CA GLU N 86 62.71 -40.24 -14.52
C GLU N 86 64.03 -39.71 -13.90
N VAL N 87 64.45 -38.50 -14.26
CA VAL N 87 65.63 -37.88 -13.64
C VAL N 87 65.40 -37.57 -12.17
N LEU N 88 64.24 -37.03 -11.90
CA LEU N 88 63.95 -36.47 -10.60
C LEU N 88 63.86 -37.55 -9.53
N ALA N 89 63.66 -38.79 -9.95
CA ALA N 89 63.54 -39.91 -9.02
C ALA N 89 64.77 -40.10 -8.12
N THR N 90 65.97 -39.89 -8.66
CA THR N 90 67.18 -40.00 -7.84
C THR N 90 67.27 -38.92 -6.76
N THR N 91 66.86 -37.70 -7.11
CA THR N 91 66.94 -36.59 -6.17
C THR N 91 65.66 -36.51 -5.36
N GLN N 92 65.55 -35.51 -4.49
CA GLN N 92 64.35 -35.33 -3.69
C GLN N 92 63.35 -34.33 -4.27
N TYR N 93 63.53 -33.94 -5.52
CA TYR N 93 62.62 -32.99 -6.15
C TYR N 93 61.29 -33.61 -6.53
N HIS N 94 60.21 -32.83 -6.42
CA HIS N 94 58.89 -33.24 -6.87
C HIS N 94 58.52 -32.40 -8.09
N LEU N 95 57.59 -32.88 -8.89
CA LEU N 95 57.21 -32.17 -10.11
C LEU N 95 55.78 -31.67 -10.09
N VAL N 96 55.62 -30.36 -10.16
CA VAL N 96 54.28 -29.77 -10.24
C VAL N 96 53.95 -29.23 -11.63
N VAL N 97 52.69 -29.35 -12.01
CA VAL N 97 52.24 -28.83 -13.30
C VAL N 97 51.27 -27.66 -13.10
N THR N 98 51.54 -26.56 -13.80
CA THR N 98 50.66 -25.41 -13.80
C THR N 98 50.58 -24.92 -15.25
N PRO N 99 49.43 -25.15 -15.89
CA PRO N 99 49.21 -24.81 -17.30
C PRO N 99 48.56 -23.44 -17.50
N HIS N 100 48.77 -22.84 -18.67
CA HIS N 100 48.05 -21.61 -19.00
C HIS N 100 47.14 -21.89 -20.18
N THR N 101 46.00 -21.21 -20.22
CA THR N 101 45.04 -21.47 -21.29
C THR N 101 45.12 -20.49 -22.45
N HIS N 102 45.71 -19.32 -22.23
CA HIS N 102 45.90 -18.41 -23.34
C HIS N 102 47.34 -17.92 -23.46
N ALA N 103 47.75 -17.70 -24.71
CA ALA N 103 49.07 -17.18 -25.04
C ALA N 103 49.23 -15.77 -24.49
N LYS N 104 48.12 -15.06 -24.42
CA LYS N 104 48.07 -13.72 -23.88
C LYS N 104 48.38 -13.69 -22.39
N ASP N 105 48.27 -14.87 -21.80
CA ASP N 105 48.53 -15.06 -20.38
C ASP N 105 49.68 -16.05 -20.17
N SER N 106 50.63 -16.07 -21.09
CA SER N 106 51.73 -17.02 -21.01
C SER N 106 52.65 -16.63 -19.86
N MET N 107 52.51 -15.39 -19.41
CA MET N 107 53.34 -14.86 -18.35
C MET N 107 52.70 -15.01 -16.95
N VAL N 108 51.41 -15.32 -16.91
CA VAL N 108 50.73 -15.45 -15.62
C VAL N 108 51.24 -16.61 -14.73
N PRO N 109 51.51 -17.81 -15.30
CA PRO N 109 51.92 -18.79 -14.30
C PRO N 109 53.29 -18.47 -13.72
N ILE N 110 54.17 -17.90 -14.54
CA ILE N 110 55.53 -17.61 -14.10
C ILE N 110 55.61 -16.60 -12.96
N ARG N 111 54.83 -15.54 -12.99
CA ARG N 111 54.85 -14.61 -11.87
C ARG N 111 54.21 -15.29 -10.67
N TYR N 112 53.21 -16.12 -10.92
CA TYR N 112 52.61 -16.93 -9.84
C TYR N 112 53.71 -17.71 -9.13
N ILE N 113 54.60 -18.35 -9.89
CA ILE N 113 55.70 -19.10 -9.27
C ILE N 113 56.63 -18.18 -8.48
N LEU N 114 57.07 -17.09 -9.10
CA LEU N 114 58.03 -16.20 -8.44
C LEU N 114 57.45 -15.47 -7.24
N GLU N 115 56.21 -15.02 -7.37
CA GLU N 115 55.53 -14.32 -6.27
C GLU N 115 55.29 -15.28 -5.11
N THR N 116 54.84 -16.49 -5.42
CA THR N 116 54.52 -17.47 -4.41
C THR N 116 55.77 -18.23 -3.98
N GLY N 117 56.85 -18.10 -4.74
CA GLY N 117 58.06 -18.84 -4.43
C GLY N 117 57.74 -20.31 -4.52
N SER N 118 56.98 -20.68 -5.55
CA SER N 118 56.38 -22.01 -5.59
C SER N 118 57.18 -23.07 -6.32
N ALA N 119 58.43 -22.77 -6.60
CA ALA N 119 59.35 -23.70 -7.25
C ALA N 119 60.78 -23.19 -7.09
N ASP N 120 61.73 -24.11 -7.08
CA ASP N 120 63.15 -23.81 -7.06
C ASP N 120 63.71 -23.79 -8.49
N GLY N 121 62.95 -24.39 -9.42
CA GLY N 121 63.28 -24.30 -10.83
C GLY N 121 62.03 -24.48 -11.69
N VAL N 122 62.12 -23.98 -12.91
CA VAL N 122 61.00 -23.98 -13.85
C VAL N 122 61.39 -24.47 -15.24
N ILE N 123 60.47 -25.21 -15.86
CA ILE N 123 60.61 -25.68 -17.23
C ILE N 123 59.52 -25.03 -18.09
N ILE N 124 59.95 -24.47 -19.22
CA ILE N 124 59.08 -23.69 -20.11
C ILE N 124 59.21 -24.12 -21.58
N SER N 125 58.16 -23.90 -22.38
CA SER N 125 58.18 -24.28 -23.80
C SER N 125 57.67 -23.16 -24.71
N LYS N 126 57.70 -23.40 -26.02
CA LYS N 126 57.18 -22.48 -27.03
C LYS N 126 57.80 -21.08 -26.93
N ILE N 127 59.13 -21.03 -27.05
CA ILE N 127 59.89 -19.81 -26.83
C ILE N 127 59.88 -18.93 -28.08
N GLU N 128 59.73 -17.63 -27.88
CA GLU N 128 59.80 -16.68 -28.98
C GLU N 128 61.23 -16.08 -28.95
N PRO N 129 61.67 -15.34 -29.99
CA PRO N 129 63.05 -14.82 -29.98
C PRO N 129 63.14 -13.94 -28.77
N ASN N 130 62.18 -13.03 -28.76
CA ASN N 130 61.84 -12.33 -27.56
C ASN N 130 61.10 -13.30 -26.62
N ASP N 131 61.39 -13.20 -25.33
CA ASP N 131 60.63 -13.94 -24.33
C ASP N 131 60.74 -13.27 -22.99
N PRO N 132 59.60 -12.74 -22.53
CA PRO N 132 59.50 -12.06 -21.25
C PRO N 132 59.81 -13.05 -20.14
N ARG N 133 59.38 -14.30 -20.32
CA ARG N 133 59.60 -15.33 -19.33
C ARG N 133 61.09 -15.65 -19.27
N VAL N 134 61.78 -15.56 -20.41
CA VAL N 134 63.22 -15.81 -20.38
C VAL N 134 63.99 -14.80 -19.53
N ARG N 135 63.81 -13.50 -19.76
CA ARG N 135 64.58 -12.55 -18.95
C ARG N 135 63.98 -12.18 -17.59
N PHE N 136 62.66 -12.28 -17.42
CA PHE N 136 62.07 -12.00 -16.12
C PHE N 136 62.73 -12.86 -15.06
N MET N 137 62.90 -14.13 -15.42
CA MET N 137 63.46 -15.11 -14.53
C MET N 137 64.98 -14.94 -14.43
N THR N 138 65.64 -14.53 -15.51
CA THR N 138 67.08 -14.26 -15.45
C THR N 138 67.34 -13.01 -14.63
N GLU N 139 66.43 -12.04 -14.69
CA GLU N 139 66.66 -10.77 -14.01
C GLU N 139 66.47 -10.92 -12.51
N ARG N 140 65.55 -11.79 -12.12
CA ARG N 140 65.31 -12.11 -10.72
C ARG N 140 66.09 -13.33 -10.24
N LYS N 141 66.97 -13.82 -11.12
CA LYS N 141 67.89 -14.90 -10.78
C LYS N 141 67.13 -16.19 -10.48
N MET N 142 65.94 -16.34 -11.06
CA MET N 142 65.17 -17.56 -10.86
C MET N 142 65.68 -18.55 -11.92
N PRO N 143 66.40 -19.61 -11.48
CA PRO N 143 66.90 -20.60 -12.45
C PRO N 143 65.80 -21.37 -13.14
N PHE N 144 66.00 -21.57 -14.44
CA PHE N 144 65.02 -22.19 -15.32
C PHE N 144 65.72 -22.79 -16.52
N VAL N 145 64.99 -23.57 -17.29
CA VAL N 145 65.51 -24.16 -18.51
C VAL N 145 64.40 -24.13 -19.55
N THR N 146 64.77 -24.01 -20.82
CA THR N 146 63.79 -23.86 -21.88
C THR N 146 63.85 -25.04 -22.84
N HIS N 147 62.68 -25.50 -23.28
CA HIS N 147 62.63 -26.45 -24.37
C HIS N 147 62.63 -25.68 -25.66
N GLY N 148 63.82 -25.41 -26.18
CA GLY N 148 63.96 -24.59 -27.35
C GLY N 148 65.00 -23.51 -27.08
N ARG N 149 65.31 -22.75 -28.12
CA ARG N 149 66.34 -21.72 -28.01
C ARG N 149 65.74 -20.33 -28.16
N SER N 150 66.51 -19.32 -27.77
CA SER N 150 66.04 -17.95 -27.78
C SER N 150 67.02 -17.03 -28.46
N ASP N 151 66.46 -16.01 -29.09
CA ASP N 151 67.24 -15.03 -29.83
C ASP N 151 67.30 -13.72 -29.06
N MET N 152 67.22 -13.78 -27.73
CA MET N 152 66.88 -12.57 -26.99
C MET N 152 68.16 -11.88 -26.54
N GLY N 153 69.28 -12.45 -26.96
CA GLY N 153 70.60 -11.94 -26.62
C GLY N 153 71.01 -12.25 -25.19
N ILE N 154 70.19 -13.02 -24.48
CA ILE N 154 70.54 -13.48 -23.15
C ILE N 154 70.71 -14.99 -23.24
N GLU N 155 71.82 -15.50 -22.71
CA GLU N 155 72.08 -16.92 -22.74
C GLU N 155 71.52 -17.64 -21.53
N HIS N 156 70.79 -18.72 -21.81
CA HIS N 156 70.05 -19.45 -20.80
C HIS N 156 70.16 -20.94 -21.05
N ALA N 157 70.00 -21.73 -20.00
CA ALA N 157 70.07 -23.18 -20.15
C ALA N 157 68.92 -23.65 -21.04
N TYR N 158 69.24 -24.53 -21.98
CA TYR N 158 68.25 -25.01 -22.92
C TYR N 158 68.55 -26.40 -23.47
N HIS N 159 67.53 -26.98 -24.08
CA HIS N 159 67.66 -28.19 -24.90
C HIS N 159 66.75 -28.03 -26.09
N ASP N 160 67.30 -28.20 -27.28
CA ASP N 160 66.51 -28.09 -28.48
C ASP N 160 66.76 -29.26 -29.43
N PHE N 161 65.90 -29.35 -30.42
CA PHE N 161 66.01 -30.29 -31.52
C PHE N 161 66.68 -29.56 -32.68
N ASP N 162 67.55 -30.25 -33.42
CA ASP N 162 68.26 -29.58 -34.50
C ASP N 162 67.38 -29.49 -35.75
N ASN N 163 66.57 -28.45 -35.71
CA ASN N 163 65.59 -28.09 -36.70
C ASN N 163 66.23 -27.65 -37.99
N GLU N 164 67.48 -27.21 -37.81
CA GLU N 164 68.39 -26.88 -38.89
C GLU N 164 68.88 -28.10 -39.63
N ALA N 165 69.35 -29.09 -38.87
CA ALA N 165 69.82 -30.34 -39.45
C ALA N 165 68.68 -31.10 -40.10
N TYR N 166 67.54 -31.14 -39.43
CA TYR N 166 66.37 -31.83 -39.95
C TYR N 166 65.93 -31.31 -41.30
N ALA N 167 65.86 -29.99 -41.41
CA ALA N 167 65.45 -29.36 -42.64
C ALA N 167 66.46 -29.71 -43.73
N TYR N 168 67.73 -29.70 -43.36
CA TYR N 168 68.81 -30.04 -44.27
C TYR N 168 68.79 -31.48 -44.79
N GLU N 169 68.46 -32.43 -43.91
CA GLU N 169 68.40 -33.84 -44.29
C GLU N 169 67.08 -34.18 -44.98
N ALA N 170 66.04 -33.42 -44.69
CA ALA N 170 64.73 -33.62 -45.29
C ALA N 170 64.77 -33.27 -46.76
N VAL N 171 65.40 -32.14 -47.07
CA VAL N 171 65.57 -31.75 -48.46
C VAL N 171 66.52 -32.71 -49.12
N GLU N 172 67.44 -33.27 -48.34
CA GLU N 172 68.37 -34.18 -49.00
C GLU N 172 67.68 -35.41 -49.54
N ARG N 173 66.74 -35.98 -48.79
CA ARG N 173 66.02 -37.18 -49.24
C ARG N 173 65.00 -36.91 -50.34
N LEU N 174 64.53 -35.67 -50.43
CA LEU N 174 63.66 -35.29 -51.53
C LEU N 174 64.42 -35.37 -52.87
N ALA N 175 65.73 -35.15 -52.83
CA ALA N 175 66.58 -35.32 -54.00
C ALA N 175 66.68 -36.80 -54.36
N GLN N 176 66.83 -37.65 -53.36
CA GLN N 176 66.86 -39.09 -53.53
C GLN N 176 65.60 -39.67 -54.17
N CYS N 177 64.48 -39.03 -53.87
CA CYS N 177 63.20 -39.42 -54.43
C CYS N 177 63.14 -38.89 -55.86
N GLY N 178 63.90 -37.83 -56.13
CA GLY N 178 63.91 -37.27 -57.47
C GLY N 178 63.06 -36.04 -57.68
N ARG N 179 62.31 -35.66 -56.65
CA ARG N 179 61.41 -34.52 -56.73
C ARG N 179 62.04 -33.26 -57.28
N LYS N 180 61.31 -32.57 -58.14
CA LYS N 180 61.83 -31.38 -58.81
C LYS N 180 61.32 -30.06 -58.25
N ARG N 181 60.28 -30.10 -57.42
CA ARG N 181 59.80 -28.92 -56.71
C ARG N 181 59.42 -29.31 -55.27
N ILE N 182 59.87 -28.54 -54.30
CA ILE N 182 59.77 -28.96 -52.90
C ILE N 182 59.03 -27.90 -52.11
N ALA N 183 58.24 -28.33 -51.14
CA ALA N 183 57.52 -27.39 -50.31
C ALA N 183 57.88 -27.57 -48.83
N ILE N 184 57.79 -26.49 -48.07
CA ILE N 184 58.14 -26.52 -46.64
C ILE N 184 57.08 -25.85 -45.75
N ILE N 185 56.51 -26.65 -44.84
CA ILE N 185 55.60 -26.16 -43.80
C ILE N 185 56.33 -25.83 -42.51
N VAL N 186 56.36 -24.54 -42.16
CA VAL N 186 57.23 -24.03 -41.10
C VAL N 186 56.41 -23.50 -39.92
N PRO N 187 57.00 -23.44 -38.71
CA PRO N 187 56.29 -22.66 -37.69
C PRO N 187 56.33 -21.17 -38.03
N PRO N 188 55.47 -20.36 -37.40
CA PRO N 188 55.43 -18.92 -37.69
C PRO N 188 56.78 -18.26 -37.45
N SER N 189 57.05 -17.21 -38.22
CA SER N 189 58.33 -16.56 -38.20
C SER N 189 58.53 -15.85 -36.87
N ARG N 190 57.47 -15.81 -36.08
CA ARG N 190 57.55 -15.35 -34.71
C ARG N 190 58.59 -16.10 -33.92
N PHE N 191 58.61 -17.42 -34.07
CA PHE N 191 59.48 -18.29 -33.30
C PHE N 191 60.90 -18.49 -33.81
N ALA N 192 61.78 -18.83 -32.88
CA ALA N 192 63.19 -18.95 -33.15
C ALA N 192 63.44 -20.17 -34.03
N PHE N 193 62.82 -21.31 -33.70
CA PHE N 193 63.09 -22.53 -34.46
C PHE N 193 62.54 -22.47 -35.90
N HIS N 194 61.78 -21.43 -36.19
CA HIS N 194 61.27 -21.25 -37.52
C HIS N 194 62.47 -21.04 -38.41
N ASP N 195 63.26 -20.07 -38.04
CA ASP N 195 64.45 -19.65 -38.77
C ASP N 195 65.52 -20.71 -38.87
N HIS N 196 65.61 -21.56 -37.85
CA HIS N 196 66.54 -22.67 -37.87
C HIS N 196 66.17 -23.58 -39.03
N ALA N 197 64.87 -23.80 -39.17
CA ALA N 197 64.32 -24.64 -40.22
C ALA N 197 64.56 -24.01 -41.58
N ARG N 198 64.28 -22.72 -41.71
CA ARG N 198 64.40 -22.09 -43.01
C ARG N 198 65.86 -21.97 -43.44
N LYS N 199 66.77 -21.86 -42.47
CA LYS N 199 68.20 -21.87 -42.75
C LYS N 199 68.70 -23.25 -43.16
N GLY N 200 68.26 -24.26 -42.40
CA GLY N 200 68.60 -25.64 -42.67
C GLY N 200 67.98 -26.07 -43.98
N PHE N 201 66.79 -25.57 -44.24
CA PHE N 201 66.09 -25.89 -45.48
C PHE N 201 66.79 -25.30 -46.68
N THR N 202 67.17 -24.03 -46.59
CA THR N 202 67.79 -23.34 -47.73
C THR N 202 69.23 -23.79 -47.97
N ARG N 203 69.93 -24.10 -46.89
CA ARG N 203 71.28 -24.62 -47.01
C ARG N 203 71.22 -25.99 -47.69
N GLY N 204 70.14 -26.72 -47.43
CA GLY N 204 69.85 -27.94 -48.14
C GLY N 204 69.33 -27.84 -49.57
N ILE N 205 68.34 -26.98 -49.78
CA ILE N 205 67.64 -26.94 -51.08
C ILE N 205 68.43 -26.19 -52.16
N ARG N 206 69.16 -25.16 -51.75
CA ARG N 206 70.02 -24.44 -52.68
C ARG N 206 71.16 -25.34 -53.14
N ASP N 207 71.79 -26.02 -52.17
CA ASP N 207 72.92 -26.89 -52.45
C ASP N 207 72.52 -28.12 -53.25
N PHE N 208 71.23 -28.42 -53.33
CA PHE N 208 70.78 -29.54 -54.16
C PHE N 208 70.21 -29.19 -55.56
N GLY N 209 70.22 -27.91 -55.92
CA GLY N 209 69.92 -27.46 -57.28
C GLY N 209 68.49 -27.64 -57.77
N VAL N 210 67.57 -27.79 -56.82
CA VAL N 210 66.15 -27.97 -57.09
C VAL N 210 65.31 -26.75 -56.61
N SER N 211 64.13 -26.55 -57.22
CA SER N 211 63.23 -25.44 -56.88
C SER N 211 62.25 -25.73 -55.74
N GLU N 212 61.83 -24.66 -55.05
CA GLU N 212 60.87 -24.76 -53.95
C GLU N 212 59.52 -24.15 -54.35
N PHE N 213 58.46 -24.95 -54.39
CA PHE N 213 57.13 -24.40 -54.64
C PHE N 213 56.74 -23.49 -53.50
N PRO N 214 56.34 -22.26 -53.81
CA PRO N 214 56.14 -21.38 -52.67
C PRO N 214 54.88 -21.67 -51.89
N LEU N 215 55.00 -21.72 -50.57
CA LEU N 215 53.85 -21.81 -49.70
C LEU N 215 54.05 -20.85 -48.55
N ASP N 216 53.13 -19.90 -48.43
CA ASP N 216 53.15 -18.93 -47.36
C ASP N 216 51.84 -19.01 -46.59
N ALA N 217 50.89 -19.73 -47.17
CA ALA N 217 49.52 -19.82 -46.67
C ALA N 217 49.37 -20.64 -45.40
N ILE N 218 50.25 -21.60 -45.16
CA ILE N 218 50.04 -22.54 -44.06
C ILE N 218 51.26 -22.73 -43.17
N THR N 219 51.01 -22.97 -41.89
CA THR N 219 52.05 -23.27 -40.90
C THR N 219 51.63 -24.48 -40.10
N ILE N 220 52.54 -25.00 -39.28
CA ILE N 220 52.20 -26.11 -38.39
C ILE N 220 51.06 -25.71 -37.44
N GLU N 221 51.00 -24.43 -37.05
CA GLU N 221 49.93 -23.96 -36.18
C GLU N 221 48.58 -23.80 -36.87
N THR N 222 48.56 -24.00 -38.19
CA THR N 222 47.29 -23.94 -38.94
C THR N 222 46.33 -25.04 -38.49
N PRO N 223 45.03 -24.71 -38.36
CA PRO N 223 44.01 -25.69 -37.98
C PRO N 223 44.02 -26.88 -38.94
N LEU N 224 43.78 -28.08 -38.42
CA LEU N 224 44.00 -29.28 -39.21
C LEU N 224 42.92 -29.44 -40.29
N ASP N 225 41.73 -28.93 -40.01
CA ASP N 225 40.70 -28.85 -41.03
C ASP N 225 41.13 -27.91 -42.17
N LYS N 226 41.64 -26.73 -41.81
CA LYS N 226 42.04 -25.75 -42.81
C LYS N 226 43.29 -26.13 -43.60
N ILE N 227 44.24 -26.78 -42.94
CA ILE N 227 45.45 -27.24 -43.62
C ILE N 227 45.10 -28.38 -44.58
N ARG N 228 44.17 -29.24 -44.17
CA ARG N 228 43.67 -30.33 -44.99
C ARG N 228 43.06 -29.83 -46.30
N ASP N 229 42.17 -28.84 -46.19
CA ASP N 229 41.49 -28.23 -47.33
C ASP N 229 42.50 -27.57 -48.25
N PHE N 230 43.55 -27.01 -47.67
CA PHE N 230 44.62 -26.40 -48.45
C PHE N 230 45.25 -27.45 -49.33
N GLY N 231 45.46 -28.63 -48.77
CA GLY N 231 46.02 -29.76 -49.49
C GLY N 231 45.20 -30.24 -50.67
N LYS N 232 43.89 -30.36 -50.48
CA LYS N 232 43.04 -30.84 -51.57
C LYS N 232 42.98 -29.86 -52.74
N ARG N 233 42.89 -28.56 -52.49
CA ARG N 233 42.92 -27.63 -53.62
C ARG N 233 44.31 -27.47 -54.21
N LEU N 234 45.35 -27.62 -53.38
CA LEU N 234 46.71 -27.50 -53.90
C LEU N 234 47.08 -28.72 -54.77
N MET N 235 46.61 -29.90 -54.39
CA MET N 235 46.84 -31.12 -55.18
C MET N 235 45.92 -31.27 -56.38
N GLN N 236 44.73 -30.69 -56.29
CA GLN N 236 43.82 -30.60 -57.43
C GLN N 236 44.30 -29.57 -58.44
N SER N 237 45.41 -28.89 -58.13
CA SER N 237 45.87 -27.81 -58.97
C SER N 237 46.93 -28.21 -59.99
N ASP N 238 47.12 -27.33 -60.97
CA ASP N 238 48.02 -27.54 -62.09
C ASP N 238 49.52 -27.48 -61.78
N ASP N 239 49.94 -26.48 -61.01
CA ASP N 239 51.32 -26.46 -60.54
C ASP N 239 51.29 -26.94 -59.10
N ARG N 240 51.90 -28.09 -58.89
CA ARG N 240 51.96 -28.74 -57.59
C ARG N 240 53.42 -28.98 -57.24
N PRO N 241 53.75 -28.86 -55.95
CA PRO N 241 55.09 -29.24 -55.52
C PRO N 241 55.07 -30.76 -55.49
N ASP N 242 56.15 -31.48 -55.78
CA ASP N 242 56.04 -32.92 -55.58
C ASP N 242 56.90 -33.42 -54.44
N GLY N 243 57.31 -32.51 -53.55
CA GLY N 243 58.02 -32.90 -52.35
C GLY N 243 57.64 -31.97 -51.22
N ILE N 244 57.57 -32.49 -50.00
CA ILE N 244 57.16 -31.70 -48.83
C ILE N 244 57.96 -32.02 -47.57
N VAL N 245 58.43 -30.96 -46.91
CA VAL N 245 59.08 -31.08 -45.61
C VAL N 245 58.22 -30.42 -44.52
N SER N 246 57.86 -31.18 -43.48
CA SER N 246 57.03 -30.65 -42.40
C SER N 246 57.68 -30.70 -41.01
N ILE N 247 57.40 -29.71 -40.17
CA ILE N 247 57.95 -29.66 -38.82
C ILE N 247 57.03 -30.29 -37.76
N SER N 248 55.73 -30.37 -38.01
CA SER N 248 54.85 -31.07 -37.07
C SER N 248 54.17 -32.23 -37.77
N GLY N 249 54.41 -33.45 -37.25
CA GLY N 249 53.77 -34.63 -37.81
C GLY N 249 52.27 -34.65 -37.64
N SER N 250 51.78 -33.79 -36.76
CA SER N 250 50.35 -33.66 -36.51
C SER N 250 49.69 -32.90 -37.65
N SER N 251 50.42 -31.95 -38.22
CA SER N 251 49.92 -31.17 -39.33
C SER N 251 50.05 -31.95 -40.64
N THR N 252 51.00 -32.88 -40.68
CA THR N 252 51.22 -33.70 -41.87
C THR N 252 50.06 -34.60 -42.25
N ILE N 253 49.51 -35.28 -41.25
CA ILE N 253 48.44 -36.25 -41.48
C ILE N 253 47.23 -35.52 -42.05
N ALA N 254 47.00 -34.31 -41.58
CA ALA N 254 45.89 -33.51 -42.09
C ALA N 254 46.20 -33.12 -43.52
N LEU N 255 47.48 -32.85 -43.78
CA LEU N 255 47.93 -32.53 -45.13
C LEU N 255 47.89 -33.79 -45.99
N VAL N 256 48.24 -34.93 -45.41
CA VAL N 256 48.16 -36.21 -46.11
C VAL N 256 46.71 -36.56 -46.40
N ALA N 257 45.84 -36.24 -45.44
CA ALA N 257 44.41 -36.45 -45.58
C ALA N 257 43.83 -35.65 -46.73
N GLY N 258 44.29 -34.41 -46.84
CA GLY N 258 43.87 -33.55 -47.93
C GLY N 258 44.38 -34.07 -49.25
N PHE N 259 45.58 -34.65 -49.23
CA PHE N 259 46.17 -35.18 -50.46
C PHE N 259 45.47 -36.37 -51.12
N GLU N 260 45.11 -37.41 -50.36
CA GLU N 260 44.41 -38.54 -50.99
C GLU N 260 42.93 -38.24 -51.19
N ALA N 261 42.45 -37.24 -50.48
CA ALA N 261 41.12 -36.69 -50.75
C ALA N 261 41.13 -36.16 -52.18
N ALA N 262 42.25 -35.54 -52.55
CA ALA N 262 42.51 -35.08 -53.91
C ALA N 262 42.73 -36.23 -54.91
N GLY N 263 43.03 -37.42 -54.38
CA GLY N 263 43.21 -38.59 -55.23
C GLY N 263 44.67 -38.78 -55.58
N VAL N 264 45.53 -38.41 -54.63
CA VAL N 264 46.98 -38.55 -54.79
C VAL N 264 47.50 -39.83 -54.13
N ARG N 265 48.39 -40.53 -54.83
CA ARG N 265 49.07 -41.67 -54.24
C ARG N 265 50.31 -41.16 -53.52
N ILE N 266 50.46 -41.54 -52.25
CA ILE N 266 51.60 -41.09 -51.47
C ILE N 266 52.79 -41.95 -51.90
N GLY N 267 53.75 -41.33 -52.60
CA GLY N 267 54.87 -42.09 -53.13
C GLY N 267 55.09 -41.84 -54.61
N LYS N 268 54.19 -42.37 -55.43
CA LYS N 268 54.30 -42.21 -56.88
C LYS N 268 54.14 -40.74 -57.23
N ASP N 269 53.11 -40.10 -56.70
CA ASP N 269 52.90 -38.68 -56.97
C ASP N 269 53.66 -37.77 -56.02
N ILE N 270 53.62 -38.06 -54.72
CA ILE N 270 54.23 -37.16 -53.76
C ILE N 270 54.92 -37.93 -52.65
N ASP N 271 56.07 -37.43 -52.22
CA ASP N 271 56.80 -38.02 -51.11
C ASP N 271 56.97 -36.97 -50.02
N ILE N 272 56.85 -37.41 -48.76
CA ILE N 272 56.78 -36.52 -47.61
C ILE N 272 57.89 -36.84 -46.60
N VAL N 273 58.55 -35.82 -46.07
CA VAL N 273 59.42 -36.03 -44.93
C VAL N 273 58.81 -35.26 -43.76
N SER N 274 58.73 -35.90 -42.61
CA SER N 274 58.04 -35.31 -41.47
C SER N 274 58.73 -35.55 -40.14
N LYS N 275 58.60 -34.57 -39.26
CA LYS N 275 59.09 -34.66 -37.91
C LYS N 275 58.04 -35.44 -37.14
N GLN N 276 58.48 -36.23 -36.17
CA GLN N 276 57.56 -37.07 -35.43
C GLN N 276 57.96 -37.09 -33.94
N SER N 277 57.01 -36.91 -33.03
CA SER N 277 57.37 -36.82 -31.61
C SER N 277 57.38 -38.17 -30.88
N ALA N 278 56.80 -39.18 -31.50
CA ALA N 278 56.98 -40.56 -31.09
C ALA N 278 56.62 -41.34 -32.33
N GLU N 279 57.20 -42.52 -32.54
CA GLU N 279 57.02 -43.15 -33.83
C GLU N 279 55.61 -43.63 -34.02
N PHE N 280 54.77 -42.78 -34.56
CA PHE N 280 53.42 -43.22 -34.80
C PHE N 280 53.16 -43.28 -36.29
N LEU N 281 53.92 -42.56 -37.12
CA LEU N 281 53.42 -42.19 -38.45
C LEU N 281 53.55 -43.27 -39.51
N ASN N 282 54.34 -44.30 -39.23
CA ASN N 282 54.66 -45.33 -40.23
C ASN N 282 53.64 -46.46 -40.28
N TRP N 283 52.81 -46.51 -39.26
CA TRP N 283 51.69 -47.43 -39.20
C TRP N 283 50.63 -46.97 -40.16
N ILE N 284 50.53 -45.65 -40.21
CA ILE N 284 49.54 -44.96 -41.01
C ILE N 284 50.01 -44.70 -42.43
N GLN N 285 51.27 -44.32 -42.55
CA GLN N 285 51.86 -44.19 -43.87
C GLN N 285 53.31 -44.60 -43.78
N PRO N 286 53.57 -45.88 -44.01
CA PRO N 286 54.95 -46.36 -43.92
C PRO N 286 55.78 -45.76 -45.04
N GLN N 287 55.07 -45.35 -46.08
CA GLN N 287 55.65 -44.73 -47.25
C GLN N 287 56.23 -43.38 -46.90
N ILE N 288 55.63 -42.73 -45.93
CA ILE N 288 56.11 -41.41 -45.49
C ILE N 288 57.48 -41.61 -44.86
N HIS N 289 58.40 -40.72 -45.23
CA HIS N 289 59.75 -40.79 -44.73
C HIS N 289 59.83 -40.01 -43.44
N THR N 290 60.08 -40.76 -42.36
CA THR N 290 59.93 -40.22 -41.03
C THR N 290 61.20 -40.13 -40.21
N VAL N 291 61.31 -39.01 -39.51
CA VAL N 291 62.36 -38.72 -38.56
C VAL N 291 61.74 -38.42 -37.21
N ASN N 292 62.25 -39.05 -36.18
CA ASN N 292 61.66 -38.88 -34.86
C ASN N 292 62.51 -38.07 -33.89
N GLU N 293 61.84 -37.08 -33.35
CA GLU N 293 62.32 -36.21 -32.30
C GLU N 293 61.98 -36.90 -31.00
N ASP N 294 62.99 -37.48 -30.35
CA ASP N 294 62.75 -38.25 -29.14
C ASP N 294 62.51 -37.27 -28.00
N ILE N 295 61.26 -37.16 -27.58
CA ILE N 295 60.85 -36.16 -26.61
C ILE N 295 61.10 -36.53 -25.14
N LYS N 296 61.09 -37.81 -24.81
CA LYS N 296 61.42 -38.13 -23.42
C LYS N 296 62.92 -37.93 -23.16
N LEU N 297 63.75 -38.02 -24.20
CA LEU N 297 65.14 -37.65 -23.97
C LEU N 297 65.21 -36.15 -23.80
N ALA N 298 64.37 -35.42 -24.52
CA ALA N 298 64.29 -33.98 -24.33
C ALA N 298 63.89 -33.70 -22.88
N GLY N 299 62.87 -34.42 -22.42
CA GLY N 299 62.39 -34.28 -21.05
C GLY N 299 63.51 -34.54 -20.06
N ARG N 300 64.32 -35.56 -20.34
CA ARG N 300 65.42 -35.92 -19.47
C ARG N 300 66.57 -34.89 -19.50
N GLU N 301 66.72 -34.19 -20.61
CA GLU N 301 67.82 -33.22 -20.78
C GLU N 301 67.55 -31.85 -20.16
N LEU N 302 66.29 -31.46 -20.11
CA LEU N 302 65.88 -30.27 -19.36
C LEU N 302 66.05 -30.46 -17.88
N ALA N 303 65.68 -31.64 -17.39
CA ALA N 303 65.81 -31.97 -15.98
C ALA N 303 67.28 -31.89 -15.60
N LYS N 304 68.13 -32.58 -16.36
CA LYS N 304 69.56 -32.58 -16.11
C LYS N 304 70.15 -31.18 -16.27
N ALA N 305 69.59 -30.40 -17.19
CA ALA N 305 70.04 -29.01 -17.37
C ALA N 305 69.70 -28.19 -16.15
N LEU N 306 68.43 -28.27 -15.73
CA LEU N 306 67.92 -27.43 -14.66
C LEU N 306 68.51 -27.74 -13.29
N LEU N 307 68.78 -29.02 -13.01
CA LEU N 307 69.38 -29.38 -11.73
C LEU N 307 70.76 -28.79 -11.54
N ALA N 308 71.63 -28.98 -12.52
CA ALA N 308 72.95 -28.38 -12.45
C ALA N 308 72.78 -26.86 -12.33
N ARG N 309 71.78 -26.30 -13.00
CA ARG N 309 71.58 -24.85 -13.00
C ARG N 309 71.18 -24.20 -11.66
N ILE N 310 70.29 -24.83 -10.88
CA ILE N 310 69.97 -24.38 -9.50
C ILE N 310 71.16 -24.62 -8.54
N ASN N 311 71.98 -25.66 -8.77
CA ASN N 311 73.22 -25.81 -7.97
C ASN N 311 74.16 -24.62 -8.20
N GLY N 312 73.99 -23.95 -9.32
CA GLY N 312 74.70 -22.71 -9.60
C GLY N 312 75.62 -22.85 -10.79
N ALA N 313 75.32 -23.83 -11.64
CA ALA N 313 76.11 -24.07 -12.85
C ALA N 313 75.85 -23.01 -13.90
N PRO N 314 76.85 -22.71 -14.72
CA PRO N 314 76.72 -21.65 -15.73
C PRO N 314 75.71 -21.97 -16.83
N PRO N 315 75.00 -20.95 -17.32
CA PRO N 315 73.97 -21.12 -18.35
C PRO N 315 74.51 -21.79 -19.62
N GLU N 316 75.71 -21.40 -20.02
CA GLU N 316 76.26 -21.88 -21.29
C GLU N 316 76.81 -23.31 -21.27
N THR N 317 77.20 -23.81 -20.10
CA THR N 317 77.60 -25.21 -20.02
C THR N 317 76.40 -26.12 -20.29
N LEU N 318 75.22 -25.64 -19.94
CA LEU N 318 74.02 -26.47 -20.03
C LEU N 318 73.20 -26.29 -21.30
N GLN N 319 73.91 -26.04 -22.41
CA GLN N 319 73.29 -25.90 -23.70
C GLN N 319 73.41 -27.23 -24.44
N SER N 320 72.33 -27.69 -25.08
CA SER N 320 72.36 -28.99 -25.72
C SER N 320 71.37 -29.10 -26.87
N VAL N 321 71.71 -29.91 -27.86
CA VAL N 321 70.88 -30.07 -29.05
C VAL N 321 70.79 -31.51 -29.48
N SER N 322 69.56 -31.99 -29.66
CA SER N 322 69.37 -33.37 -30.10
C SER N 322 69.40 -33.40 -31.63
N ARG N 323 70.14 -34.35 -32.18
CA ARG N 323 70.25 -34.48 -33.62
C ARG N 323 69.16 -35.39 -34.15
N PRO N 324 68.68 -35.12 -35.38
CA PRO N 324 67.62 -35.97 -35.94
C PRO N 324 68.15 -37.37 -36.25
N VAL N 325 67.28 -38.36 -36.16
CA VAL N 325 67.63 -39.72 -36.49
C VAL N 325 66.53 -40.21 -37.42
N TRP N 326 66.54 -41.46 -37.82
CA TRP N 326 65.54 -41.90 -38.80
C TRP N 326 64.78 -43.12 -38.30
N SER N 327 63.45 -43.00 -38.31
CA SER N 327 62.58 -44.09 -37.84
C SER N 327 62.96 -45.39 -38.52
N SER N 328 62.96 -46.47 -37.75
CA SER N 328 63.13 -47.80 -38.30
C SER N 328 62.12 -48.03 -39.41
N MET N 329 60.88 -47.68 -39.10
CA MET N 329 59.75 -47.89 -39.99
C MET N 329 59.63 -46.76 -41.01
N GLU Q 1 -3.03 -19.41 -31.70
CA GLU Q 1 -3.91 -18.26 -31.86
C GLU Q 1 -4.89 -18.47 -33.00
N ARG Q 2 -4.37 -18.35 -34.22
CA ARG Q 2 -5.20 -18.51 -35.40
C ARG Q 2 -5.72 -19.93 -35.41
N PRO Q 3 -7.05 -20.07 -35.48
CA PRO Q 3 -7.74 -21.36 -35.35
C PRO Q 3 -7.60 -22.29 -36.54
N THR Q 4 -7.52 -23.57 -36.23
CA THR Q 4 -7.36 -24.63 -37.23
C THR Q 4 -8.38 -25.71 -36.94
N LEU Q 5 -8.44 -26.70 -37.82
CA LEU Q 5 -9.31 -27.86 -37.63
C LEU Q 5 -9.01 -28.57 -36.32
N LYS Q 6 -7.71 -28.66 -35.98
CA LYS Q 6 -7.27 -29.27 -34.73
C LYS Q 6 -7.79 -28.53 -33.49
N THR Q 7 -7.71 -27.19 -33.50
CA THR Q 7 -8.18 -26.39 -32.37
C THR Q 7 -9.67 -26.61 -32.16
N ILE Q 8 -10.41 -26.61 -33.27
CA ILE Q 8 -11.83 -26.90 -33.25
C ILE Q 8 -12.11 -28.30 -32.73
N ALA Q 9 -11.37 -29.26 -33.25
CA ALA Q 9 -11.49 -30.65 -32.79
C ALA Q 9 -11.20 -30.71 -31.30
N TYR Q 10 -10.27 -29.88 -30.85
CA TYR Q 10 -9.93 -29.84 -29.44
C TYR Q 10 -11.08 -29.31 -28.59
N MET Q 11 -11.63 -28.16 -28.99
CA MET Q 11 -12.71 -27.54 -28.23
C MET Q 11 -14.00 -28.35 -28.25
N THR Q 12 -14.31 -28.93 -29.41
CA THR Q 12 -15.58 -29.62 -29.58
C THR Q 12 -15.46 -31.02 -28.99
N GLY Q 13 -14.22 -31.45 -28.73
CA GLY Q 13 -13.85 -32.85 -28.62
C GLY Q 13 -14.33 -33.88 -29.63
N LEU Q 14 -14.15 -33.59 -30.92
CA LEU Q 14 -14.47 -34.54 -31.97
C LEU Q 14 -13.19 -34.94 -32.71
N GLY Q 15 -13.32 -35.82 -33.69
CA GLY Q 15 -12.22 -36.25 -34.53
C GLY Q 15 -11.99 -35.24 -35.63
N ILE Q 16 -10.76 -34.75 -35.74
CA ILE Q 16 -10.35 -33.80 -36.79
C ILE Q 16 -11.00 -34.09 -38.13
N THR Q 17 -11.03 -35.36 -38.52
CA THR Q 17 -11.63 -35.70 -39.79
C THR Q 17 -13.11 -35.33 -39.78
N THR Q 18 -13.79 -35.59 -38.66
CA THR Q 18 -15.21 -35.28 -38.53
C THR Q 18 -15.44 -33.79 -38.72
N VAL Q 19 -14.58 -32.99 -38.12
CA VAL Q 19 -14.68 -31.53 -38.21
C VAL Q 19 -14.54 -30.99 -39.63
N SER Q 20 -13.50 -31.44 -40.34
CA SER Q 20 -13.25 -30.94 -41.70
C SER Q 20 -14.41 -31.21 -42.64
N ARG Q 21 -14.85 -32.47 -42.67
CA ARG Q 21 -15.95 -32.90 -43.53
C ARG Q 21 -17.28 -32.39 -42.99
N ALA Q 22 -17.27 -31.93 -41.75
CA ALA Q 22 -18.47 -31.30 -41.19
C ALA Q 22 -18.66 -29.96 -41.88
N LEU Q 23 -17.57 -29.25 -42.10
CA LEU Q 23 -17.63 -27.94 -42.73
C LEU Q 23 -18.04 -28.05 -44.20
N LYS Q 24 -17.63 -29.14 -44.84
CA LYS Q 24 -18.24 -29.49 -46.12
C LYS Q 24 -19.53 -30.15 -45.69
N ASP Q 25 -20.60 -30.01 -46.46
CA ASP Q 25 -21.83 -30.62 -46.00
C ASP Q 25 -21.85 -32.09 -46.39
N ALA Q 26 -21.40 -32.95 -45.49
CA ALA Q 26 -21.29 -34.35 -45.85
C ALA Q 26 -22.59 -35.01 -45.44
N PRO Q 27 -23.06 -35.98 -46.24
CA PRO Q 27 -24.24 -36.76 -45.88
C PRO Q 27 -23.94 -37.59 -44.66
N ASP Q 28 -22.65 -37.89 -44.52
CA ASP Q 28 -22.09 -38.72 -43.47
C ASP Q 28 -22.33 -38.17 -42.05
N ILE Q 29 -22.22 -36.86 -41.89
CA ILE Q 29 -22.18 -36.27 -40.56
C ILE Q 29 -23.57 -35.95 -39.99
N GLY Q 30 -23.71 -36.19 -38.69
CA GLY Q 30 -24.98 -36.04 -37.99
C GLY Q 30 -25.43 -34.59 -37.85
N ALA Q 31 -26.71 -34.38 -38.14
CA ALA Q 31 -27.32 -33.07 -38.20
C ALA Q 31 -26.94 -32.10 -37.07
N GLU Q 32 -26.99 -32.56 -35.82
CA GLU Q 32 -26.73 -31.66 -34.71
C GLU Q 32 -25.24 -31.35 -34.63
N THR Q 33 -24.42 -32.35 -34.96
CA THR Q 33 -22.97 -32.19 -34.99
C THR Q 33 -22.53 -31.22 -36.08
N LYS Q 34 -23.20 -31.26 -37.23
CA LYS Q 34 -22.87 -30.34 -38.31
C LYS Q 34 -23.15 -28.90 -37.91
N GLU Q 35 -24.32 -28.66 -37.33
CA GLU Q 35 -24.68 -27.31 -36.88
C GLU Q 35 -23.83 -26.91 -35.67
N ARG Q 36 -23.43 -27.90 -34.87
CA ARG Q 36 -22.54 -27.67 -33.74
C ARG Q 36 -21.19 -27.15 -34.24
N VAL Q 37 -20.65 -27.84 -35.24
CA VAL Q 37 -19.36 -27.50 -35.83
C VAL Q 37 -19.46 -26.23 -36.66
N ARG Q 38 -20.59 -26.05 -37.33
CA ARG Q 38 -20.78 -24.89 -38.19
C ARG Q 38 -20.80 -23.61 -37.37
N LEU Q 39 -21.27 -23.71 -36.13
CA LEU Q 39 -21.32 -22.55 -35.25
C LEU Q 39 -20.03 -22.23 -34.49
N ILE Q 40 -19.34 -23.26 -33.98
CA ILE Q 40 -18.06 -23.02 -33.30
C ILE Q 40 -17.01 -22.47 -34.27
N ALA Q 41 -17.02 -22.99 -35.50
CA ALA Q 41 -16.11 -22.54 -36.52
C ALA Q 41 -16.38 -21.08 -36.86
N GLN Q 42 -17.64 -20.76 -37.03
CA GLN Q 42 -18.04 -19.43 -37.45
C GLN Q 42 -17.72 -18.29 -36.47
N GLN Q 43 -17.91 -18.54 -35.17
CA GLN Q 43 -17.69 -17.47 -34.20
C GLN Q 43 -16.23 -17.30 -33.72
N ILE Q 44 -15.41 -18.34 -33.76
CA ILE Q 44 -14.01 -18.14 -33.36
C ILE Q 44 -13.28 -17.48 -34.53
N GLY Q 45 -13.78 -17.70 -35.74
CA GLY Q 45 -13.38 -16.97 -36.92
C GLY Q 45 -12.38 -17.81 -37.69
N TYR Q 46 -12.77 -19.03 -38.02
CA TYR Q 46 -11.84 -19.97 -38.62
C TYR Q 46 -11.66 -19.66 -40.10
N GLN Q 47 -10.40 -19.57 -40.53
CA GLN Q 47 -10.06 -19.41 -41.93
C GLN Q 47 -9.28 -20.64 -42.36
N PRO Q 48 -9.81 -21.39 -43.34
CA PRO Q 48 -9.09 -22.57 -43.83
C PRO Q 48 -7.72 -22.15 -44.35
N ASN Q 49 -6.70 -22.91 -44.01
CA ASN Q 49 -5.34 -22.58 -44.41
C ASN Q 49 -5.13 -22.79 -45.91
N ARG Q 50 -4.84 -21.70 -46.63
CA ARG Q 50 -4.66 -21.77 -48.08
C ARG Q 50 -3.56 -22.76 -48.45
N ALA Q 51 -2.50 -22.77 -47.66
CA ALA Q 51 -1.37 -23.65 -47.90
C ALA Q 51 -1.74 -25.12 -47.77
N GLY Q 52 -2.47 -25.44 -46.70
CA GLY Q 52 -2.84 -26.82 -46.43
C GLY Q 52 -3.72 -27.43 -47.49
N VAL Q 53 -4.69 -26.65 -47.99
CA VAL Q 53 -5.58 -27.11 -49.03
C VAL Q 53 -4.80 -27.20 -50.35
N ARG Q 54 -4.00 -26.18 -50.64
CA ARG Q 54 -3.23 -26.13 -51.88
C ARG Q 54 -2.21 -27.26 -51.97
N LEU Q 55 -1.68 -27.67 -50.84
CA LEU Q 55 -0.73 -28.78 -50.84
C LEU Q 55 -1.43 -30.10 -51.10
N ARG Q 56 -2.59 -30.27 -50.48
CA ARG Q 56 -3.33 -31.53 -50.53
C ARG Q 56 -4.15 -31.72 -51.80
N THR Q 57 -4.83 -30.66 -52.24
CA THR Q 57 -5.60 -30.67 -53.48
C THR Q 57 -5.09 -29.66 -54.49
N GLY Q 58 -5.64 -29.75 -55.69
CA GLY Q 58 -5.32 -28.81 -56.75
C GLY Q 58 -5.71 -27.38 -56.38
N LYS Q 59 -6.67 -27.20 -55.49
CA LYS Q 59 -7.26 -25.88 -55.27
C LYS Q 59 -6.20 -24.85 -54.93
N THR Q 60 -6.01 -23.91 -55.85
CA THR Q 60 -5.10 -22.80 -55.63
C THR Q 60 -5.92 -21.63 -55.18
N ASN Q 61 -7.21 -21.66 -55.56
CA ASN Q 61 -8.10 -20.52 -55.40
C ASN Q 61 -7.37 -19.25 -55.81
N VAL Q 62 -6.68 -19.35 -56.94
CA VAL Q 62 -5.95 -18.25 -57.52
C VAL Q 62 -6.35 -18.10 -58.96
N ILE Q 63 -6.63 -16.87 -59.35
CA ILE Q 63 -6.92 -16.54 -60.73
C ILE Q 63 -5.77 -15.70 -61.23
N ALA Q 64 -5.18 -16.11 -62.35
CA ALA Q 64 -4.05 -15.38 -62.88
C ALA Q 64 -4.53 -14.43 -63.95
N LEU Q 65 -4.24 -13.15 -63.78
CA LEU Q 65 -4.53 -12.16 -64.80
C LEU Q 65 -3.25 -11.79 -65.51
N VAL Q 66 -3.17 -12.15 -66.78
CA VAL Q 66 -1.98 -11.84 -67.56
C VAL Q 66 -2.18 -10.65 -68.51
N LEU Q 67 -1.26 -9.70 -68.39
CA LEU Q 67 -1.37 -8.43 -69.11
C LEU Q 67 -0.02 -8.03 -69.72
N SER Q 68 -0.03 -7.56 -70.95
CA SER Q 68 1.19 -6.98 -71.52
C SER Q 68 1.45 -5.66 -70.81
N VAL Q 69 2.69 -5.44 -70.38
CA VAL Q 69 3.04 -4.17 -69.76
C VAL Q 69 2.88 -3.08 -70.81
N ASP Q 70 3.15 -3.47 -72.06
CA ASP Q 70 2.85 -2.59 -73.18
C ASP Q 70 1.36 -2.68 -73.51
N GLU Q 71 0.60 -1.63 -73.19
CA GLU Q 71 -0.85 -1.61 -73.39
C GLU Q 71 -1.22 -0.15 -73.74
N GLU Q 72 -2.37 0.06 -74.39
CA GLU Q 72 -2.82 1.41 -74.76
C GLU Q 72 -2.87 2.34 -73.53
N LEU Q 73 -2.51 3.60 -73.72
CA LEU Q 73 -2.38 4.54 -72.60
C LEU Q 73 -3.62 4.79 -71.72
N MET Q 74 -4.79 5.02 -72.32
CA MET Q 74 -6.03 5.25 -71.56
C MET Q 74 -6.91 3.99 -71.53
N GLY Q 75 -6.32 2.80 -71.48
CA GLY Q 75 -7.13 1.58 -71.42
C GLY Q 75 -7.82 1.47 -70.08
N PHE Q 76 -7.52 2.43 -69.19
CA PHE Q 76 -7.97 2.46 -67.79
C PHE Q 76 -8.18 1.04 -67.31
N THR Q 77 -7.07 0.29 -67.35
CA THR Q 77 -7.06 -1.14 -67.12
C THR Q 77 -7.45 -1.51 -65.70
N SER Q 78 -7.17 -0.61 -64.76
CA SER Q 78 -7.51 -0.84 -63.37
C SER Q 78 -8.98 -1.18 -63.17
N GLN Q 79 -9.82 -0.58 -64.00
CA GLN Q 79 -11.26 -0.80 -63.93
C GLN Q 79 -11.59 -2.25 -64.31
N MET Q 80 -10.80 -2.81 -65.22
CA MET Q 80 -10.91 -4.22 -65.58
C MET Q 80 -10.58 -5.08 -64.37
N VAL Q 81 -9.51 -4.69 -63.67
CA VAL Q 81 -9.09 -5.37 -62.44
C VAL Q 81 -10.21 -5.33 -61.42
N PHE Q 82 -10.80 -4.15 -61.25
CA PHE Q 82 -11.88 -3.98 -60.30
C PHE Q 82 -13.04 -4.84 -60.73
N GLY Q 83 -13.26 -4.93 -62.04
CA GLY Q 83 -14.25 -5.82 -62.62
C GLY Q 83 -13.98 -7.22 -62.12
N ILE Q 84 -12.70 -7.60 -62.11
CA ILE Q 84 -12.36 -8.94 -61.64
C ILE Q 84 -12.63 -9.04 -60.15
N THR Q 85 -12.06 -8.12 -59.38
CA THR Q 85 -12.14 -8.17 -57.93
C THR Q 85 -13.54 -8.04 -57.39
N GLU Q 86 -14.35 -7.18 -58.02
CA GLU Q 86 -15.73 -6.97 -57.61
C GLU Q 86 -16.47 -8.30 -57.61
N VAL Q 87 -16.29 -9.06 -58.69
CA VAL Q 87 -16.92 -10.36 -58.80
C VAL Q 87 -16.26 -11.32 -57.81
N LEU Q 88 -14.93 -11.27 -57.73
CA LEU Q 88 -14.18 -12.16 -56.83
C LEU Q 88 -14.30 -11.74 -55.36
N ALA Q 89 -14.73 -10.50 -55.10
CA ALA Q 89 -14.87 -10.03 -53.73
C ALA Q 89 -15.84 -10.89 -52.94
N THR Q 90 -16.88 -11.36 -53.64
CA THR Q 90 -17.83 -12.29 -53.07
C THR Q 90 -17.18 -13.64 -52.81
N THR Q 91 -16.25 -14.01 -53.68
CA THR Q 91 -15.65 -15.33 -53.61
C THR Q 91 -14.43 -15.41 -52.69
N GLN Q 92 -13.88 -16.61 -52.58
CA GLN Q 92 -12.68 -16.89 -51.79
C GLN Q 92 -11.42 -16.94 -52.65
N TYR Q 93 -11.55 -16.60 -53.93
CA TYR Q 93 -10.43 -16.60 -54.86
C TYR Q 93 -9.54 -15.37 -54.68
N HIS Q 94 -8.24 -15.55 -54.91
CA HIS Q 94 -7.32 -14.42 -54.88
C HIS Q 94 -6.90 -14.14 -56.31
N LEU Q 95 -6.46 -12.92 -56.56
CA LEU Q 95 -6.07 -12.52 -57.91
C LEU Q 95 -4.59 -12.19 -57.94
N VAL Q 96 -3.84 -12.96 -58.71
CA VAL Q 96 -2.42 -12.70 -58.89
C VAL Q 96 -2.16 -12.08 -60.25
N VAL Q 97 -1.14 -11.24 -60.29
CA VAL Q 97 -0.77 -10.55 -61.51
C VAL Q 97 0.56 -11.08 -62.03
N THR Q 98 0.60 -11.37 -63.32
CA THR Q 98 1.81 -11.83 -63.98
C THR Q 98 1.95 -11.09 -65.30
N PRO Q 99 2.91 -10.16 -65.39
CA PRO Q 99 3.01 -9.41 -66.64
C PRO Q 99 4.03 -9.96 -67.64
N HIS Q 100 3.78 -9.68 -68.91
CA HIS Q 100 4.74 -9.94 -69.97
C HIS Q 100 5.11 -8.55 -70.48
N THR Q 101 6.33 -8.37 -70.95
CA THR Q 101 6.81 -7.03 -71.27
C THR Q 101 6.69 -6.59 -72.72
N HIS Q 102 6.54 -7.54 -73.62
CA HIS Q 102 6.33 -7.21 -75.02
C HIS Q 102 5.53 -8.28 -75.73
N ALA Q 103 4.98 -7.92 -76.88
CA ALA Q 103 4.30 -8.88 -77.75
C ALA Q 103 5.33 -9.97 -78.06
N LYS Q 104 6.60 -9.59 -77.93
CA LYS Q 104 7.74 -10.49 -78.13
C LYS Q 104 7.78 -11.66 -77.13
N ASP Q 105 7.85 -11.40 -75.82
CA ASP Q 105 7.84 -12.49 -74.82
C ASP Q 105 6.52 -13.25 -74.74
N SER Q 106 5.40 -12.54 -74.90
CA SER Q 106 4.14 -13.15 -75.34
C SER Q 106 3.50 -14.27 -74.50
N MET Q 107 4.01 -15.49 -74.69
CA MET Q 107 3.46 -16.70 -74.09
C MET Q 107 4.12 -17.16 -72.80
N VAL Q 108 5.22 -16.50 -72.44
CA VAL Q 108 6.02 -16.92 -71.29
C VAL Q 108 5.30 -17.07 -69.94
N PRO Q 109 4.46 -16.09 -69.55
CA PRO Q 109 3.79 -16.27 -68.25
C PRO Q 109 2.76 -17.40 -68.28
N ILE Q 110 2.13 -17.61 -69.42
CA ILE Q 110 1.12 -18.66 -69.55
C ILE Q 110 1.78 -20.02 -69.30
N ARG Q 111 3.00 -20.18 -69.78
CA ARG Q 111 3.74 -21.42 -69.53
C ARG Q 111 4.17 -21.56 -68.07
N TYR Q 112 4.57 -20.45 -67.45
CA TYR Q 112 4.92 -20.43 -66.02
C TYR Q 112 3.78 -20.96 -65.16
N ILE Q 113 2.57 -20.48 -65.46
CA ILE Q 113 1.38 -20.81 -64.70
C ILE Q 113 1.09 -22.30 -64.82
N LEU Q 114 1.13 -22.81 -66.04
CA LEU Q 114 0.86 -24.23 -66.29
C LEU Q 114 2.00 -25.09 -65.73
N GLU Q 115 3.23 -24.60 -65.79
CA GLU Q 115 4.35 -25.35 -65.22
C GLU Q 115 4.22 -25.50 -63.71
N THR Q 116 3.96 -24.39 -63.04
CA THR Q 116 3.89 -24.38 -61.58
C THR Q 116 2.52 -24.72 -60.97
N GLY Q 117 1.48 -24.74 -61.78
CA GLY Q 117 0.14 -25.02 -61.28
C GLY Q 117 -0.33 -24.01 -60.24
N SER Q 118 -0.02 -22.74 -60.49
CA SER Q 118 -0.23 -21.69 -59.50
C SER Q 118 -1.54 -20.93 -59.67
N ALA Q 119 -2.49 -21.51 -60.40
CA ALA Q 119 -3.77 -20.84 -60.63
C ALA Q 119 -4.86 -21.81 -61.05
N ASP Q 120 -6.10 -21.51 -60.67
CA ASP Q 120 -7.26 -22.30 -61.06
C ASP Q 120 -7.90 -21.73 -62.33
N GLY Q 121 -7.57 -20.48 -62.65
CA GLY Q 121 -7.98 -19.91 -63.93
C GLY Q 121 -7.11 -18.76 -64.38
N VAL Q 122 -7.15 -18.48 -65.69
CA VAL Q 122 -6.31 -17.46 -66.28
C VAL Q 122 -7.11 -16.50 -67.17
N ILE Q 123 -6.76 -15.22 -67.11
CA ILE Q 123 -7.35 -14.18 -67.96
C ILE Q 123 -6.28 -13.55 -68.86
N ILE Q 124 -6.55 -13.46 -70.16
CA ILE Q 124 -5.59 -12.88 -71.10
C ILE Q 124 -6.24 -11.84 -72.01
N SER Q 125 -5.40 -10.95 -72.54
CA SER Q 125 -5.81 -9.84 -73.40
C SER Q 125 -4.91 -9.83 -74.63
N LYS Q 126 -5.06 -8.86 -75.51
CA LYS Q 126 -4.19 -8.73 -76.68
C LYS Q 126 -4.18 -9.98 -77.57
N ILE Q 127 -5.36 -10.34 -78.05
CA ILE Q 127 -5.59 -11.57 -78.80
C ILE Q 127 -5.21 -11.51 -80.29
N GLU Q 128 -4.61 -12.59 -80.77
CA GLU Q 128 -4.28 -12.76 -82.19
C GLU Q 128 -5.36 -13.60 -82.85
N PRO Q 129 -5.37 -13.68 -84.19
CA PRO Q 129 -6.43 -14.48 -84.83
C PRO Q 129 -6.45 -15.89 -84.23
N ASN Q 130 -5.38 -16.68 -84.30
CA ASN Q 130 -5.35 -17.78 -83.34
C ASN Q 130 -4.05 -17.76 -82.55
N ASP Q 131 -4.19 -17.37 -81.29
CA ASP Q 131 -3.09 -17.09 -80.39
C ASP Q 131 -2.77 -18.42 -79.74
N PRO Q 132 -1.47 -18.75 -79.66
CA PRO Q 132 -1.03 -20.05 -79.12
C PRO Q 132 -1.51 -20.24 -77.69
N ARG Q 133 -1.62 -19.15 -76.95
CA ARG Q 133 -2.02 -19.22 -75.55
C ARG Q 133 -3.46 -19.71 -75.49
N VAL Q 134 -4.27 -19.29 -76.46
CA VAL Q 134 -5.65 -19.75 -76.53
C VAL Q 134 -5.70 -21.23 -76.86
N ARG Q 135 -4.86 -21.66 -77.80
CA ARG Q 135 -4.85 -23.06 -78.18
C ARG Q 135 -4.15 -23.93 -77.13
N PHE Q 136 -3.13 -23.38 -76.48
CA PHE Q 136 -2.36 -24.11 -75.47
C PHE Q 136 -3.16 -24.55 -74.27
N MET Q 137 -3.89 -23.61 -73.69
CA MET Q 137 -4.56 -23.80 -72.42
C MET Q 137 -5.78 -24.71 -72.60
N THR Q 138 -6.38 -24.64 -73.78
CA THR Q 138 -7.43 -25.58 -74.16
C THR Q 138 -6.83 -26.97 -74.31
N GLU Q 139 -5.62 -27.04 -74.89
CA GLU Q 139 -4.97 -28.33 -75.08
C GLU Q 139 -4.39 -28.76 -73.76
N ARG Q 140 -4.11 -27.78 -72.91
CA ARG Q 140 -3.62 -28.05 -71.56
C ARG Q 140 -4.75 -28.15 -70.55
N LYS Q 141 -6.00 -28.22 -71.04
CA LYS Q 141 -7.15 -28.54 -70.21
C LYS Q 141 -7.27 -27.45 -69.13
N MET Q 142 -6.64 -26.30 -69.39
CA MET Q 142 -6.58 -25.18 -68.44
C MET Q 142 -7.73 -24.18 -68.63
N PRO Q 143 -8.58 -24.01 -67.61
CA PRO Q 143 -9.72 -23.07 -67.66
C PRO Q 143 -9.32 -21.61 -67.86
N PHE Q 144 -10.01 -20.91 -68.74
CA PHE Q 144 -9.67 -19.52 -69.05
C PHE Q 144 -10.78 -18.70 -69.69
N VAL Q 145 -10.56 -17.40 -69.76
CA VAL Q 145 -11.46 -16.48 -70.43
C VAL Q 145 -10.62 -15.39 -71.08
N THR Q 146 -11.07 -14.90 -72.22
CA THR Q 146 -10.29 -13.93 -72.99
C THR Q 146 -11.04 -12.63 -73.20
N HIS Q 147 -10.31 -11.52 -73.15
CA HIS Q 147 -10.87 -10.24 -73.53
C HIS Q 147 -10.72 -10.06 -75.05
N GLY Q 148 -11.74 -10.50 -75.79
CA GLY Q 148 -11.68 -10.48 -77.25
C GLY Q 148 -12.04 -11.84 -77.82
N ARG Q 149 -12.13 -11.96 -79.13
CA ARG Q 149 -12.47 -13.26 -79.70
C ARG Q 149 -11.29 -13.80 -80.49
N SER Q 150 -11.28 -15.11 -80.69
CA SER Q 150 -10.18 -15.69 -81.43
C SER Q 150 -10.82 -16.56 -82.50
N ASP Q 151 -10.23 -16.51 -83.69
CA ASP Q 151 -10.81 -17.12 -84.87
C ASP Q 151 -10.07 -18.36 -85.38
N MET Q 152 -10.27 -19.48 -84.68
CA MET Q 152 -9.46 -20.67 -84.93
C MET Q 152 -10.23 -21.98 -84.90
N GLY Q 153 -11.55 -21.88 -84.85
CA GLY Q 153 -12.37 -23.07 -84.74
C GLY Q 153 -12.38 -23.61 -83.32
N ILE Q 154 -11.91 -22.80 -82.37
CA ILE Q 154 -11.95 -23.17 -80.95
C ILE Q 154 -12.94 -22.31 -80.18
N GLU Q 155 -13.89 -22.96 -79.55
CA GLU Q 155 -14.82 -22.20 -78.75
C GLU Q 155 -14.52 -22.35 -77.27
N HIS Q 156 -14.44 -21.18 -76.65
CA HIS Q 156 -13.96 -21.00 -75.30
C HIS Q 156 -14.80 -19.88 -74.71
N ALA Q 157 -14.32 -19.24 -73.66
CA ALA Q 157 -15.08 -18.14 -73.07
C ALA Q 157 -14.47 -16.79 -73.39
N TYR Q 158 -15.31 -15.82 -73.76
CA TYR Q 158 -14.82 -14.48 -74.06
C TYR Q 158 -15.81 -13.35 -73.85
N HIS Q 159 -15.28 -12.14 -73.79
CA HIS Q 159 -16.09 -10.93 -73.83
C HIS Q 159 -15.36 -9.83 -74.64
N ASP Q 160 -15.99 -9.31 -75.69
CA ASP Q 160 -15.38 -8.23 -76.47
C ASP Q 160 -16.37 -7.11 -76.78
N PHE Q 161 -15.81 -6.01 -77.30
CA PHE Q 161 -16.52 -4.82 -77.74
C PHE Q 161 -16.83 -5.04 -79.22
N ASP Q 162 -18.00 -4.61 -79.67
CA ASP Q 162 -18.38 -4.88 -81.05
C ASP Q 162 -17.70 -3.87 -81.97
N ASN Q 163 -16.46 -4.15 -82.34
CA ASN Q 163 -15.69 -3.22 -83.16
C ASN Q 163 -16.21 -3.11 -84.58
N GLU Q 164 -16.86 -4.16 -85.06
CA GLU Q 164 -17.47 -4.11 -86.39
C GLU Q 164 -18.71 -3.20 -86.35
N ALA Q 165 -19.47 -3.25 -85.26
CA ALA Q 165 -20.58 -2.32 -85.06
C ALA Q 165 -20.12 -0.87 -84.93
N TYR Q 166 -19.06 -0.64 -84.15
CA TYR Q 166 -18.56 0.71 -83.91
C TYR Q 166 -18.16 1.47 -85.15
N ALA Q 167 -17.39 0.83 -86.03
CA ALA Q 167 -16.93 1.47 -87.24
C ALA Q 167 -18.10 1.78 -88.18
N TYR Q 168 -19.03 0.84 -88.33
CA TYR Q 168 -20.23 1.03 -89.15
C TYR Q 168 -21.10 2.18 -88.62
N GLU Q 169 -21.18 2.28 -87.30
CA GLU Q 169 -21.92 3.32 -86.60
C GLU Q 169 -21.12 4.60 -86.48
N ALA Q 170 -19.80 4.48 -86.55
CA ALA Q 170 -18.98 5.67 -86.53
C ALA Q 170 -19.07 6.48 -87.83
N VAL Q 171 -18.99 5.85 -88.99
CA VAL Q 171 -19.10 6.63 -90.22
C VAL Q 171 -20.61 7.02 -90.38
N GLU Q 172 -21.49 6.22 -89.78
CA GLU Q 172 -22.90 6.61 -89.58
C GLU Q 172 -23.01 8.09 -89.23
N ARG Q 173 -22.36 8.51 -88.15
CA ARG Q 173 -22.41 9.90 -87.69
C ARG Q 173 -21.55 10.91 -88.47
N LEU Q 174 -20.42 10.49 -89.05
CA LEU Q 174 -19.68 11.45 -89.86
C LEU Q 174 -20.49 11.85 -91.09
N ALA Q 175 -21.17 10.87 -91.68
CA ALA Q 175 -22.08 11.16 -92.79
C ALA Q 175 -23.39 11.84 -92.36
N GLN Q 176 -24.06 11.15 -91.45
CA GLN Q 176 -25.30 11.65 -90.92
C GLN Q 176 -24.96 13.11 -90.79
N CYS Q 177 -23.76 13.34 -90.24
CA CYS Q 177 -23.14 14.65 -90.09
C CYS Q 177 -22.82 15.33 -91.43
N GLY Q 178 -22.37 14.55 -92.41
CA GLY Q 178 -22.03 15.06 -93.74
C GLY Q 178 -20.63 15.16 -94.36
N ARG Q 179 -19.62 14.85 -93.55
CA ARG Q 179 -18.27 14.89 -94.04
C ARG Q 179 -18.24 13.82 -95.09
N LYS Q 180 -18.05 14.23 -96.34
CA LYS Q 180 -18.01 13.28 -97.44
C LYS Q 180 -16.84 12.33 -97.28
N ARG Q 181 -15.70 12.86 -96.87
CA ARG Q 181 -14.55 12.00 -96.72
C ARG Q 181 -14.21 11.70 -95.28
N ILE Q 182 -14.13 10.41 -95.01
CA ILE Q 182 -13.82 9.89 -93.71
C ILE Q 182 -12.55 9.06 -93.80
N ILE Q 185 -7.20 5.13 -89.38
CA ILE Q 185 -6.46 4.72 -88.20
C ILE Q 185 -7.04 3.44 -87.68
N VAL Q 186 -6.23 2.39 -87.64
CA VAL Q 186 -6.73 1.13 -87.16
C VAL Q 186 -5.62 0.38 -86.48
N PRO Q 187 -5.97 -0.69 -85.80
CA PRO Q 187 -4.90 -1.46 -85.14
C PRO Q 187 -4.23 -2.44 -86.09
N PRO Q 188 -3.14 -3.06 -85.65
CA PRO Q 188 -2.40 -4.02 -86.46
C PRO Q 188 -3.27 -5.25 -86.75
N SER Q 189 -3.01 -5.87 -87.90
CA SER Q 189 -3.73 -7.04 -88.34
C SER Q 189 -3.39 -8.25 -87.50
N ARG Q 190 -2.40 -8.12 -86.64
CA ARG Q 190 -1.99 -9.23 -85.81
C ARG Q 190 -3.11 -9.62 -84.88
N PHE Q 191 -3.59 -8.59 -84.22
CA PHE Q 191 -4.63 -8.75 -83.24
C PHE Q 191 -5.87 -8.79 -84.06
N ALA Q 192 -6.70 -9.75 -83.72
CA ALA Q 192 -7.91 -9.95 -84.46
C ALA Q 192 -8.75 -8.74 -84.67
N PHE Q 193 -9.09 -8.00 -83.61
CA PHE Q 193 -10.05 -6.91 -83.74
C PHE Q 193 -9.67 -5.89 -84.82
N HIS Q 194 -8.43 -5.95 -85.29
CA HIS Q 194 -7.99 -5.10 -86.40
C HIS Q 194 -8.93 -5.21 -87.58
N ASP Q 195 -9.16 -6.47 -87.97
CA ASP Q 195 -10.06 -6.88 -89.05
C ASP Q 195 -11.54 -6.83 -88.67
N HIS Q 196 -11.84 -7.03 -87.38
CA HIS Q 196 -13.22 -6.83 -86.90
C HIS Q 196 -13.59 -5.39 -87.22
N ALA Q 197 -12.65 -4.49 -86.95
CA ALA Q 197 -12.82 -3.07 -87.21
C ALA Q 197 -12.91 -2.76 -88.71
N ARG Q 198 -12.05 -3.39 -89.51
CA ARG Q 198 -11.97 -3.08 -90.93
C ARG Q 198 -13.22 -3.53 -91.68
N LYS Q 199 -13.90 -4.53 -91.14
CA LYS Q 199 -15.18 -4.96 -91.69
C LYS Q 199 -16.20 -3.83 -91.53
N GLY Q 200 -16.24 -3.25 -90.33
CA GLY Q 200 -17.13 -2.15 -90.04
C GLY Q 200 -16.86 -0.83 -90.75
N PHE Q 201 -15.58 -0.52 -90.96
CA PHE Q 201 -15.20 0.78 -91.51
C PHE Q 201 -15.69 1.03 -92.94
N THR Q 202 -15.65 0.00 -93.79
CA THR Q 202 -16.07 0.09 -95.20
C THR Q 202 -17.37 -0.65 -95.50
N ARG Q 203 -17.77 -1.55 -94.62
CA ARG Q 203 -19.10 -2.14 -94.76
C ARG Q 203 -20.11 -1.03 -94.52
N GLY Q 204 -19.62 0.02 -93.89
CA GLY Q 204 -20.44 1.19 -93.64
C GLY Q 204 -20.37 2.23 -94.75
N ILE Q 205 -19.24 2.30 -95.45
CA ILE Q 205 -19.11 3.30 -96.51
C ILE Q 205 -20.16 3.06 -97.57
N ARG Q 206 -20.30 1.79 -97.96
CA ARG Q 206 -21.31 1.45 -98.92
C ARG Q 206 -22.65 1.70 -98.27
N ASP Q 207 -22.79 1.27 -97.02
CA ASP Q 207 -24.01 1.46 -96.28
C ASP Q 207 -24.38 2.92 -96.25
N PHE Q 208 -23.45 3.80 -96.58
CA PHE Q 208 -23.82 5.24 -96.60
C PHE Q 208 -23.32 6.03 -97.86
N GLY Q 209 -22.62 5.37 -98.78
CA GLY Q 209 -22.29 5.95 -100.07
C GLY Q 209 -21.28 7.09 -100.09
N VAL Q 210 -20.46 7.13 -99.04
CA VAL Q 210 -19.44 8.14 -98.82
C VAL Q 210 -18.07 7.50 -99.13
N SER Q 211 -17.09 8.33 -99.45
CA SER Q 211 -15.68 7.96 -99.66
C SER Q 211 -14.73 8.06 -98.44
N GLU Q 212 -13.74 7.17 -98.36
CA GLU Q 212 -12.75 7.15 -97.27
C GLU Q 212 -11.31 7.31 -97.74
N PHE Q 213 -10.61 8.36 -97.29
CA PHE Q 213 -9.20 8.46 -97.61
C PHE Q 213 -8.54 7.28 -96.90
N PRO Q 214 -7.85 6.40 -97.66
CA PRO Q 214 -7.32 5.21 -97.01
C PRO Q 214 -6.03 5.53 -96.28
N LEU Q 215 -5.66 4.74 -95.29
CA LEU Q 215 -4.37 4.98 -94.70
C LEU Q 215 -3.64 3.70 -94.27
N ASP Q 216 -2.42 3.51 -94.76
CA ASP Q 216 -1.63 2.36 -94.34
C ASP Q 216 -0.39 2.85 -93.61
N ALA Q 217 -0.17 4.16 -93.68
CA ALA Q 217 0.99 4.80 -93.10
C ALA Q 217 0.92 4.83 -91.58
N ILE Q 218 -0.29 4.73 -91.02
CA ILE Q 218 -0.45 4.92 -89.58
C ILE Q 218 -1.26 3.79 -88.92
N THR Q 219 -0.93 3.51 -87.66
CA THR Q 219 -1.62 2.50 -86.86
C THR Q 219 -1.93 3.07 -85.47
N ILE Q 220 -2.82 2.42 -84.72
CA ILE Q 220 -3.05 2.81 -83.32
C ILE Q 220 -1.81 2.56 -82.47
N GLU Q 221 -1.05 1.52 -82.81
CA GLU Q 221 0.17 1.17 -82.09
C GLU Q 221 1.33 2.10 -82.43
N THR Q 222 1.11 3.01 -83.36
CA THR Q 222 2.10 4.02 -83.74
C THR Q 222 2.45 4.95 -82.58
N PRO Q 223 3.75 5.28 -82.42
CA PRO Q 223 4.16 6.22 -81.36
C PRO Q 223 3.42 7.53 -81.53
N LEU Q 224 3.03 8.13 -80.42
CA LEU Q 224 2.16 9.30 -80.45
C LEU Q 224 2.91 10.56 -80.84
N ASP Q 225 4.22 10.54 -80.62
CA ASP Q 225 5.13 11.58 -81.07
C ASP Q 225 5.01 11.74 -82.58
N LYS Q 226 5.04 10.58 -83.25
CA LYS Q 226 5.01 10.51 -84.70
C LYS Q 226 3.64 10.86 -85.29
N ILE Q 227 2.59 10.52 -84.55
CA ILE Q 227 1.24 10.84 -85.00
C ILE Q 227 0.95 12.35 -84.99
N ARG Q 228 1.46 13.04 -83.98
CA ARG Q 228 1.38 14.51 -83.92
C ARG Q 228 1.98 15.07 -85.20
N ASP Q 229 3.15 14.57 -85.54
CA ASP Q 229 3.84 14.94 -86.77
C ASP Q 229 3.05 14.52 -87.99
N PHE Q 230 2.45 13.35 -87.89
CA PHE Q 230 1.68 12.82 -89.00
C PHE Q 230 0.46 13.71 -89.28
N GLY Q 231 -0.20 14.14 -88.21
CA GLY Q 231 -1.37 15.00 -88.28
C GLY Q 231 -1.15 16.37 -88.90
N LYS Q 232 -0.09 17.04 -88.49
CA LYS Q 232 0.23 18.37 -89.01
C LYS Q 232 0.64 18.31 -90.47
N ARG Q 233 1.37 17.27 -90.85
CA ARG Q 233 1.80 17.11 -92.24
C ARG Q 233 0.59 16.78 -93.11
N LEU Q 234 -0.41 16.12 -92.54
CA LEU Q 234 -1.60 15.75 -93.28
C LEU Q 234 -2.47 16.96 -93.61
N MET Q 235 -2.39 18.01 -92.80
CA MET Q 235 -3.20 19.19 -93.06
C MET Q 235 -2.54 19.96 -94.20
N GLN Q 236 -1.22 19.85 -94.29
CA GLN Q 236 -0.44 20.33 -95.42
C GLN Q 236 -0.43 19.39 -96.65
N SER Q 237 -1.55 18.76 -97.01
CA SER Q 237 -1.57 17.90 -98.22
C SER Q 237 -2.69 18.37 -99.20
N ASP Q 238 -2.62 17.98 -100.47
CA ASP Q 238 -3.59 18.46 -101.48
C ASP Q 238 -5.02 17.95 -101.32
N ASP Q 239 -5.17 16.69 -100.92
CA ASP Q 239 -6.48 16.22 -100.56
C ASP Q 239 -6.60 16.17 -99.04
N ARG Q 240 -7.42 17.06 -98.49
CA ARG Q 240 -7.67 17.10 -97.05
C ARG Q 240 -8.39 15.79 -96.79
N PRO Q 241 -8.18 15.17 -95.62
CA PRO Q 241 -8.91 13.91 -95.47
C PRO Q 241 -10.39 14.13 -95.34
N ILE Q 244 -12.67 11.73 -89.61
CA ILE Q 244 -11.77 10.70 -89.10
C ILE Q 244 -12.45 9.82 -88.06
N VAL Q 245 -12.32 8.51 -88.26
CA VAL Q 245 -12.77 7.52 -87.29
C VAL Q 245 -11.58 6.75 -86.73
N SER Q 246 -11.46 6.74 -85.41
CA SER Q 246 -10.34 6.06 -84.75
C SER Q 246 -10.76 4.90 -83.85
N ILE Q 247 -9.91 3.89 -83.77
CA ILE Q 247 -10.17 2.72 -82.92
C ILE Q 247 -9.57 2.92 -81.53
N SER Q 248 -8.56 3.78 -81.39
CA SER Q 248 -8.04 4.06 -80.06
C SER Q 248 -8.19 5.53 -79.72
N GLY Q 249 -8.91 5.82 -78.64
CA GLY Q 249 -9.05 7.18 -78.18
C GLY Q 249 -7.74 7.77 -77.70
N SER Q 250 -6.76 6.91 -77.46
CA SER Q 250 -5.44 7.34 -77.02
C SER Q 250 -4.61 7.89 -78.18
N SER Q 251 -4.79 7.30 -79.36
CA SER Q 251 -4.08 7.77 -80.55
C SER Q 251 -4.81 9.00 -81.09
N THR Q 252 -6.09 9.10 -80.74
CA THR Q 252 -6.95 10.20 -81.14
C THR Q 252 -6.45 11.57 -80.68
N ILE Q 253 -5.99 11.62 -79.44
CA ILE Q 253 -5.55 12.85 -78.81
C ILE Q 253 -4.34 13.47 -79.54
N ALA Q 254 -3.43 12.63 -80.02
CA ALA Q 254 -2.24 13.10 -80.71
C ALA Q 254 -2.57 13.70 -82.07
N LEU Q 255 -3.57 13.15 -82.76
CA LEU Q 255 -3.98 13.68 -84.06
C LEU Q 255 -4.64 15.05 -83.99
N VAL Q 256 -5.48 15.26 -82.99
CA VAL Q 256 -6.09 16.57 -82.81
C VAL Q 256 -5.01 17.57 -82.42
N ALA Q 257 -3.98 17.09 -81.71
CA ALA Q 257 -2.85 17.92 -81.35
C ALA Q 257 -2.13 18.42 -82.60
N GLY Q 258 -1.94 17.54 -83.58
CA GLY Q 258 -1.37 17.92 -84.86
C GLY Q 258 -2.31 18.78 -85.68
N PHE Q 259 -3.60 18.44 -85.60
CA PHE Q 259 -4.63 19.18 -86.31
C PHE Q 259 -4.72 20.62 -85.80
N GLU Q 260 -4.66 20.79 -84.48
CA GLU Q 260 -4.71 22.13 -83.92
C GLU Q 260 -3.36 22.85 -84.04
N ALA Q 261 -2.27 22.09 -84.13
CA ALA Q 261 -0.95 22.65 -84.45
C ALA Q 261 -0.92 23.21 -85.86
N ALA Q 262 -1.53 22.45 -86.78
CA ALA Q 262 -1.67 22.86 -88.16
C ALA Q 262 -2.67 24.00 -88.31
N GLY Q 263 -3.52 24.19 -87.31
CA GLY Q 263 -4.47 25.30 -87.30
C GLY Q 263 -5.80 24.91 -87.90
N VAL Q 264 -6.18 23.64 -87.71
CA VAL Q 264 -7.42 23.10 -88.23
C VAL Q 264 -8.55 23.14 -87.20
N ARG Q 265 -9.75 23.51 -87.63
CA ARG Q 265 -10.90 23.48 -86.74
C ARG Q 265 -11.53 22.10 -86.69
N ILE Q 266 -11.67 21.56 -85.48
CA ILE Q 266 -12.23 20.24 -85.28
C ILE Q 266 -13.76 20.26 -85.31
N GLY Q 267 -14.38 19.13 -85.61
CA GLY Q 267 -15.82 19.03 -85.69
C GLY Q 267 -16.41 19.61 -86.97
N LYS Q 268 -16.45 20.93 -87.05
CA LYS Q 268 -17.00 21.63 -88.22
C LYS Q 268 -16.14 21.52 -89.49
N ASP Q 269 -14.85 21.81 -89.36
CA ASP Q 269 -13.93 21.83 -90.51
C ASP Q 269 -13.49 20.41 -90.79
N ILE Q 270 -13.26 19.64 -89.74
CA ILE Q 270 -12.87 18.26 -89.89
C ILE Q 270 -13.63 17.48 -88.83
N ASP Q 271 -14.18 16.34 -89.24
CA ASP Q 271 -14.85 15.45 -88.32
C ASP Q 271 -14.26 14.06 -88.45
N SER Q 274 -14.14 8.94 -81.66
CA SER Q 274 -13.15 7.98 -81.19
C SER Q 274 -13.72 7.06 -80.13
N LYS Q 275 -13.26 5.82 -80.13
CA LYS Q 275 -13.67 4.94 -79.05
C LYS Q 275 -12.72 5.18 -77.87
N GLN Q 276 -13.36 5.28 -76.71
CA GLN Q 276 -12.73 5.58 -75.44
C GLN Q 276 -13.29 4.77 -74.27
N SER Q 277 -12.36 4.31 -73.41
CA SER Q 277 -12.72 3.49 -72.26
C SER Q 277 -13.18 4.32 -71.07
N ALA Q 278 -12.94 5.63 -71.12
CA ALA Q 278 -13.52 6.55 -70.19
C ALA Q 278 -13.58 7.94 -70.77
N GLU Q 279 -14.41 8.76 -70.15
CA GLU Q 279 -14.69 10.09 -70.62
C GLU Q 279 -13.43 10.98 -70.43
N PHE Q 280 -12.58 10.90 -71.44
CA PHE Q 280 -11.32 11.61 -71.50
C PHE Q 280 -11.62 12.64 -72.57
N LEU Q 281 -12.07 12.15 -73.71
CA LEU Q 281 -11.93 12.90 -74.95
C LEU Q 281 -13.08 13.88 -75.17
N ASN Q 282 -14.21 13.72 -74.49
CA ASN Q 282 -15.32 14.63 -74.75
C ASN Q 282 -15.23 15.85 -73.86
N TRP Q 283 -14.18 15.85 -73.06
CA TRP Q 283 -13.92 16.97 -72.19
C TRP Q 283 -13.22 18.10 -72.93
N ILE Q 284 -11.99 17.89 -73.37
CA ILE Q 284 -11.24 18.94 -74.06
C ILE Q 284 -11.76 19.47 -75.41
N GLN Q 285 -12.25 18.60 -76.29
CA GLN Q 285 -12.75 19.02 -77.60
C GLN Q 285 -14.04 18.29 -77.83
N PRO Q 286 -15.11 18.89 -77.35
CA PRO Q 286 -16.46 18.34 -77.34
C PRO Q 286 -17.07 18.18 -78.73
N GLN Q 287 -16.56 18.93 -79.72
CA GLN Q 287 -17.08 18.80 -81.08
C GLN Q 287 -16.75 17.42 -81.63
N ILE Q 288 -15.72 16.80 -81.04
CA ILE Q 288 -15.33 15.43 -81.37
C ILE Q 288 -16.48 14.50 -80.98
N HIS Q 289 -16.76 13.50 -81.80
CA HIS Q 289 -17.87 12.60 -81.51
C HIS Q 289 -17.38 11.42 -80.68
N THR Q 290 -17.89 11.34 -79.46
CA THR Q 290 -17.31 10.42 -78.49
C THR Q 290 -18.24 9.27 -78.13
N VAL Q 291 -17.65 8.09 -78.12
CA VAL Q 291 -18.32 6.85 -77.77
C VAL Q 291 -17.50 6.17 -76.69
N ASN Q 292 -18.15 5.72 -75.61
CA ASN Q 292 -17.31 5.13 -74.58
C ASN Q 292 -17.38 3.62 -74.39
N GLU Q 293 -16.19 3.07 -74.52
CA GLU Q 293 -15.80 1.70 -74.20
C GLU Q 293 -15.81 1.47 -72.67
N ASP Q 294 -16.79 0.84 -72.06
CA ASP Q 294 -16.58 0.76 -70.61
C ASP Q 294 -16.12 -0.60 -70.16
N ILE Q 295 -14.85 -0.58 -69.75
CA ILE Q 295 -14.01 -1.73 -69.43
C ILE Q 295 -14.35 -2.39 -68.10
N LYS Q 296 -14.92 -1.63 -67.18
CA LYS Q 296 -15.28 -2.21 -65.90
C LYS Q 296 -16.46 -3.17 -66.04
N LEU Q 297 -17.34 -2.94 -67.01
CA LEU Q 297 -18.44 -3.88 -67.26
C LEU Q 297 -17.90 -5.14 -67.93
N ALA Q 298 -16.92 -4.94 -68.82
CA ALA Q 298 -16.23 -6.03 -69.48
C ALA Q 298 -15.50 -6.90 -68.48
N GLY Q 299 -14.83 -6.26 -67.53
CA GLY Q 299 -14.09 -6.95 -66.49
C GLY Q 299 -14.91 -7.88 -65.62
N ARG Q 300 -16.10 -7.46 -65.19
CA ARG Q 300 -16.89 -8.29 -64.29
C ARG Q 300 -17.44 -9.54 -64.97
N GLU Q 301 -17.75 -9.43 -66.26
CA GLU Q 301 -18.28 -10.58 -66.98
C GLU Q 301 -17.12 -11.43 -67.52
N LEU Q 302 -15.95 -10.82 -67.64
CA LEU Q 302 -14.74 -11.62 -67.79
C LEU Q 302 -14.53 -12.41 -66.52
N ALA Q 303 -14.70 -11.73 -65.39
CA ALA Q 303 -14.54 -12.37 -64.10
C ALA Q 303 -15.61 -13.45 -63.93
N LYS Q 304 -16.87 -13.05 -64.07
CA LYS Q 304 -17.99 -13.96 -63.84
C LYS Q 304 -17.93 -15.17 -64.76
N ALA Q 305 -17.38 -15.00 -65.96
CA ALA Q 305 -17.20 -16.10 -66.89
C ALA Q 305 -16.21 -17.14 -66.37
N LEU Q 306 -15.04 -16.68 -65.95
CA LEU Q 306 -13.96 -17.58 -65.56
C LEU Q 306 -14.34 -18.39 -64.31
N LEU Q 307 -15.14 -17.80 -63.42
CA LEU Q 307 -15.65 -18.55 -62.28
C LEU Q 307 -16.42 -19.77 -62.79
N ALA Q 308 -17.33 -19.50 -63.69
CA ALA Q 308 -18.16 -20.53 -64.30
C ALA Q 308 -17.38 -21.63 -65.05
N ARG Q 309 -16.28 -21.27 -65.71
CA ARG Q 309 -15.54 -22.25 -66.49
C ARG Q 309 -14.84 -23.33 -65.66
N ILE Q 310 -14.33 -22.99 -64.48
CA ILE Q 310 -13.76 -24.03 -63.63
C ILE Q 310 -14.84 -24.89 -62.97
N ASN Q 311 -15.93 -24.24 -62.58
CA ASN Q 311 -17.09 -24.94 -62.02
C ASN Q 311 -17.83 -25.76 -63.06
N PRO Q 314 -19.67 -25.27 -69.68
CA PRO Q 314 -19.46 -25.26 -71.14
C PRO Q 314 -18.97 -23.90 -71.63
N PRO Q 315 -18.08 -23.89 -72.65
CA PRO Q 315 -17.46 -22.70 -73.21
C PRO Q 315 -18.42 -21.63 -73.76
N GLU Q 316 -19.45 -22.08 -74.48
CA GLU Q 316 -20.37 -21.20 -75.19
C GLU Q 316 -21.37 -20.50 -74.29
N THR Q 317 -21.57 -21.07 -73.11
CA THR Q 317 -22.39 -20.45 -72.08
C THR Q 317 -21.84 -19.08 -71.68
N LEU Q 318 -20.54 -19.07 -71.40
CA LEU Q 318 -19.86 -17.91 -70.80
C LEU Q 318 -19.68 -16.71 -71.72
N GLN Q 319 -19.79 -16.94 -73.02
CA GLN Q 319 -19.58 -15.89 -74.04
C GLN Q 319 -20.60 -14.76 -74.03
N SER Q 320 -20.12 -13.50 -74.11
CA SER Q 320 -20.98 -12.35 -74.50
C SER Q 320 -20.18 -11.12 -75.03
N VAL Q 321 -20.90 -10.22 -75.71
CA VAL Q 321 -20.31 -9.07 -76.42
C VAL Q 321 -21.00 -7.71 -76.17
N SER Q 322 -20.21 -6.65 -75.93
CA SER Q 322 -20.77 -5.32 -75.68
C SER Q 322 -21.00 -4.50 -76.95
N ARG Q 323 -22.17 -3.84 -77.02
CA ARG Q 323 -22.52 -2.95 -78.12
C ARG Q 323 -22.08 -1.53 -77.78
N PRO Q 324 -21.67 -0.74 -78.80
CA PRO Q 324 -21.19 0.62 -78.51
C PRO Q 324 -22.27 1.61 -78.06
N VAL Q 325 -21.89 2.54 -77.20
CA VAL Q 325 -22.77 3.62 -76.73
C VAL Q 325 -22.02 4.95 -76.74
N TRP Q 326 -22.71 6.07 -76.90
CA TRP Q 326 -22.03 7.36 -77.04
C TRP Q 326 -21.98 8.07 -75.70
N SER Q 327 -21.35 9.24 -75.65
CA SER Q 327 -21.23 9.94 -74.37
C SER Q 327 -21.33 11.46 -74.45
N SER Q 328 -21.13 12.08 -73.28
CA SER Q 328 -21.20 13.53 -73.08
C SER Q 328 -22.64 14.01 -73.26
N GLU R 1 4.10 -36.31 -63.50
CA GLU R 1 5.12 -35.74 -64.38
C GLU R 1 6.02 -34.66 -63.76
N ARG R 2 5.42 -33.69 -63.07
CA ARG R 2 6.16 -32.57 -62.52
C ARG R 2 7.19 -32.95 -61.45
N PRO R 3 8.38 -32.31 -61.52
CA PRO R 3 9.53 -32.59 -60.66
C PRO R 3 9.35 -32.15 -59.20
N THR R 4 9.94 -32.92 -58.31
CA THR R 4 9.83 -32.70 -56.87
C THR R 4 11.25 -32.75 -56.33
N LEU R 5 11.47 -32.36 -55.08
CA LEU R 5 12.76 -32.59 -54.45
C LEU R 5 12.91 -34.11 -54.44
N LYS R 6 11.77 -34.77 -54.23
CA LYS R 6 11.65 -36.22 -54.28
C LYS R 6 12.06 -36.80 -55.63
N THR R 7 11.57 -36.18 -56.71
CA THR R 7 11.84 -36.70 -58.05
C THR R 7 13.33 -36.69 -58.33
N ILE R 8 13.98 -35.58 -58.00
CA ILE R 8 15.42 -35.41 -58.13
C ILE R 8 16.20 -36.39 -57.24
N ALA R 9 15.79 -36.49 -55.98
CA ALA R 9 16.40 -37.39 -55.02
C ALA R 9 16.35 -38.82 -55.54
N TYR R 10 15.29 -39.14 -56.28
CA TYR R 10 15.17 -40.44 -56.90
C TYR R 10 16.23 -40.64 -57.98
N MET R 11 16.33 -39.65 -58.88
CA MET R 11 17.28 -39.72 -59.99
C MET R 11 18.76 -39.67 -59.61
N THR R 12 19.10 -38.91 -58.58
CA THR R 12 20.52 -38.60 -58.34
C THR R 12 21.47 -39.65 -57.70
N GLY R 13 21.01 -40.65 -56.93
CA GLY R 13 19.77 -40.64 -56.18
C GLY R 13 20.24 -40.34 -54.78
N LEU R 14 19.91 -39.14 -54.28
CA LEU R 14 20.39 -38.71 -52.98
C LEU R 14 19.28 -38.57 -51.93
N GLY R 15 19.66 -38.14 -50.72
CA GLY R 15 18.73 -38.07 -49.60
C GLY R 15 17.76 -36.92 -49.42
N ILE R 16 17.15 -36.46 -50.51
CA ILE R 16 16.09 -35.43 -50.49
C ILE R 16 16.42 -34.14 -49.74
N THR R 17 16.95 -34.26 -48.52
CA THR R 17 17.40 -33.10 -47.77
C THR R 17 18.64 -32.48 -48.41
N THR R 18 19.50 -33.35 -48.95
CA THR R 18 20.70 -32.89 -49.66
C THR R 18 20.34 -32.01 -50.83
N VAL R 19 19.33 -32.44 -51.59
CA VAL R 19 18.93 -31.69 -52.77
C VAL R 19 18.46 -30.30 -52.34
N SER R 20 17.62 -30.19 -51.31
CA SER R 20 17.20 -28.88 -50.83
C SER R 20 18.41 -28.06 -50.39
N ARG R 21 19.30 -28.71 -49.63
CA ARG R 21 20.47 -28.05 -49.07
C ARG R 21 21.47 -27.68 -50.16
N ALA R 22 21.40 -28.38 -51.30
CA ALA R 22 22.26 -28.08 -52.43
C ALA R 22 21.82 -26.81 -53.14
N LEU R 23 20.52 -26.69 -53.34
CA LEU R 23 19.92 -25.55 -54.00
C LEU R 23 20.03 -24.26 -53.19
N LYS R 24 20.04 -24.38 -51.87
CA LYS R 24 20.35 -23.24 -51.02
C LYS R 24 21.85 -22.95 -50.91
N ASP R 25 22.67 -23.72 -51.60
CA ASP R 25 24.13 -23.61 -51.53
C ASP R 25 24.58 -23.57 -50.07
N ALA R 26 24.59 -24.72 -49.42
CA ALA R 26 24.94 -24.77 -48.01
C ALA R 26 26.35 -25.28 -47.88
N PRO R 27 27.09 -24.78 -46.89
CA PRO R 27 28.44 -25.28 -46.63
C PRO R 27 28.39 -26.77 -46.29
N ASP R 28 27.23 -27.21 -45.84
CA ASP R 28 27.02 -28.59 -45.45
C ASP R 28 27.29 -29.52 -46.65
N ILE R 29 26.81 -29.15 -47.84
CA ILE R 29 26.94 -30.06 -48.98
C ILE R 29 28.22 -29.80 -49.78
N GLY R 30 28.86 -30.89 -50.19
CA GLY R 30 30.12 -30.87 -50.92
C GLY R 30 29.94 -30.37 -52.34
N ALA R 31 30.85 -29.49 -52.75
CA ALA R 31 30.80 -28.80 -54.04
C ALA R 31 30.42 -29.67 -55.25
N GLU R 32 30.97 -30.88 -55.34
CA GLU R 32 30.72 -31.70 -56.53
C GLU R 32 29.29 -32.22 -56.57
N THR R 33 28.73 -32.61 -55.44
CA THR R 33 27.32 -33.00 -55.39
C THR R 33 26.42 -31.80 -55.61
N LYS R 34 26.83 -30.63 -55.15
CA LYS R 34 26.01 -29.46 -55.39
C LYS R 34 25.89 -29.20 -56.88
N GLU R 35 27.04 -29.08 -57.54
CA GLU R 35 27.06 -28.73 -58.96
C GLU R 35 26.37 -29.81 -59.76
N ARG R 36 26.45 -31.03 -59.26
CA ARG R 36 25.70 -32.14 -59.81
C ARG R 36 24.21 -31.90 -59.65
N VAL R 37 23.79 -31.51 -58.45
CA VAL R 37 22.38 -31.26 -58.17
C VAL R 37 21.89 -29.94 -58.79
N ARG R 38 22.74 -28.91 -58.82
CA ARG R 38 22.27 -27.62 -59.29
C ARG R 38 21.88 -27.59 -60.78
N LEU R 39 22.60 -28.33 -61.64
CA LEU R 39 22.24 -28.37 -63.06
C LEU R 39 21.21 -29.46 -63.36
N ILE R 40 21.19 -30.58 -62.63
CA ILE R 40 20.11 -31.55 -62.87
C ILE R 40 18.82 -30.78 -62.62
N ALA R 41 18.84 -29.89 -61.64
CA ALA R 41 17.70 -29.03 -61.35
C ALA R 41 17.41 -28.15 -62.57
N GLN R 42 18.47 -27.62 -63.18
CA GLN R 42 18.32 -26.72 -64.32
C GLN R 42 17.66 -27.37 -65.54
N GLN R 43 18.06 -28.59 -65.83
CA GLN R 43 17.52 -29.30 -66.98
C GLN R 43 16.15 -29.95 -66.71
N ILE R 44 15.86 -30.24 -65.44
CA ILE R 44 14.53 -30.72 -65.08
C ILE R 44 13.64 -29.47 -65.06
N GLY R 45 14.27 -28.32 -64.89
CA GLY R 45 13.58 -27.09 -64.52
C GLY R 45 12.71 -27.14 -63.28
N TYR R 46 13.30 -27.41 -62.13
CA TYR R 46 12.53 -27.53 -60.92
C TYR R 46 12.08 -26.21 -60.35
N GLN R 47 10.81 -26.12 -60.02
CA GLN R 47 10.24 -24.93 -59.44
C GLN R 47 9.63 -25.40 -58.14
N PRO R 48 10.06 -24.80 -57.03
CA PRO R 48 9.63 -25.17 -55.69
C PRO R 48 8.13 -25.11 -55.55
N ASN R 49 7.53 -26.11 -54.93
CA ASN R 49 6.09 -26.07 -54.76
C ASN R 49 5.85 -25.00 -53.72
N ARG R 50 5.27 -23.87 -54.13
CA ARG R 50 5.10 -22.75 -53.21
C ARG R 50 4.22 -23.19 -52.05
N ALA R 51 3.24 -24.04 -52.33
CA ALA R 51 2.37 -24.55 -51.29
C ALA R 51 3.19 -25.32 -50.27
N GLY R 52 4.10 -26.14 -50.78
CA GLY R 52 4.95 -26.97 -49.94
C GLY R 52 5.86 -26.16 -49.04
N VAL R 53 6.40 -25.06 -49.57
CA VAL R 53 7.33 -24.25 -48.81
C VAL R 53 6.64 -23.51 -47.67
N ARG R 54 5.55 -22.83 -47.99
CA ARG R 54 4.82 -22.00 -47.03
C ARG R 54 4.10 -22.80 -45.93
N LEU R 55 3.75 -24.05 -46.20
CA LEU R 55 3.12 -24.83 -45.14
C LEU R 55 4.22 -25.11 -44.11
N ARG R 56 5.41 -25.43 -44.60
CA ARG R 56 6.54 -25.75 -43.73
C ARG R 56 7.23 -24.51 -43.15
N THR R 57 7.39 -23.47 -43.94
CA THR R 57 7.98 -22.21 -43.45
C THR R 57 6.96 -21.07 -43.48
N GLY R 58 7.25 -19.98 -42.77
CA GLY R 58 6.35 -18.83 -42.77
C GLY R 58 6.15 -18.14 -44.11
N LYS R 59 7.17 -18.20 -44.96
CA LYS R 59 7.22 -17.40 -46.18
C LYS R 59 6.00 -17.62 -47.08
N THR R 60 5.24 -16.56 -47.33
CA THR R 60 4.11 -16.66 -48.25
C THR R 60 4.44 -16.20 -49.64
N ASN R 61 5.61 -15.57 -49.76
CA ASN R 61 6.07 -15.01 -51.01
C ASN R 61 5.00 -14.28 -51.83
N VAL R 62 4.16 -13.50 -51.15
CA VAL R 62 3.13 -12.74 -51.83
C VAL R 62 3.07 -11.32 -51.26
N ILE R 63 2.92 -10.33 -52.14
CA ILE R 63 2.75 -8.97 -51.68
C ILE R 63 1.31 -8.57 -51.96
N ALA R 64 0.63 -8.05 -50.94
CA ALA R 64 -0.76 -7.70 -51.10
C ALA R 64 -0.88 -6.22 -51.44
N LEU R 65 -1.54 -5.93 -52.55
CA LEU R 65 -1.82 -4.56 -52.94
C LEU R 65 -3.29 -4.25 -52.70
N VAL R 66 -3.56 -3.36 -51.76
CA VAL R 66 -4.93 -2.94 -51.53
C VAL R 66 -5.21 -1.60 -52.17
N LEU R 67 -6.29 -1.56 -52.93
CA LEU R 67 -6.67 -0.34 -53.63
C LEU R 67 -8.14 -0.06 -53.45
N SER R 68 -8.44 1.18 -53.09
CA SER R 68 -9.79 1.67 -53.11
C SER R 68 -10.11 1.78 -54.58
N VAL R 69 -11.33 1.45 -55.01
CA VAL R 69 -11.77 1.70 -56.39
C VAL R 69 -11.90 3.22 -56.62
N ASP R 70 -11.62 4.00 -55.58
CA ASP R 70 -11.53 5.44 -55.68
C ASP R 70 -10.23 5.82 -56.37
N GLU R 71 -10.32 6.33 -57.61
CA GLU R 71 -9.13 6.77 -58.34
C GLU R 71 -9.46 8.03 -59.07
N GLU R 72 -8.41 8.80 -59.27
CA GLU R 72 -8.46 9.92 -60.18
C GLU R 72 -8.70 9.34 -61.57
N LEU R 73 -9.55 9.97 -62.39
CA LEU R 73 -9.74 9.48 -63.75
C LEU R 73 -8.43 9.57 -64.52
N MET R 74 -7.76 10.70 -64.37
CA MET R 74 -6.53 10.97 -65.08
C MET R 74 -5.41 10.19 -64.44
N GLY R 75 -5.58 9.84 -63.17
CA GLY R 75 -4.64 8.97 -62.52
C GLY R 75 -4.89 7.55 -63.00
N PHE R 76 -3.91 6.95 -63.67
CA PHE R 76 -4.11 5.57 -64.13
C PHE R 76 -3.18 4.69 -63.30
N THR R 77 -3.81 3.89 -62.45
CA THR R 77 -3.17 3.06 -61.42
C THR R 77 -2.31 1.86 -61.87
N SER R 78 -2.64 1.24 -63.02
CA SER R 78 -1.90 0.08 -63.54
C SER R 78 -0.40 0.35 -63.71
N GLN R 79 0.00 1.57 -64.05
CA GLN R 79 1.43 1.86 -64.14
C GLN R 79 2.12 1.67 -62.78
N MET R 80 1.40 1.91 -61.69
CA MET R 80 1.95 1.59 -60.38
C MET R 80 2.18 0.09 -60.31
N VAL R 81 1.19 -0.67 -60.75
CA VAL R 81 1.26 -2.13 -60.77
C VAL R 81 2.41 -2.63 -61.63
N PHE R 82 2.51 -2.10 -62.85
CA PHE R 82 3.58 -2.49 -63.75
C PHE R 82 4.91 -2.04 -63.16
N GLY R 83 4.89 -0.88 -62.53
CA GLY R 83 6.03 -0.41 -61.77
C GLY R 83 6.41 -1.40 -60.68
N ILE R 84 5.40 -1.89 -59.96
CA ILE R 84 5.61 -2.85 -58.89
C ILE R 84 6.08 -4.23 -59.38
N THR R 85 5.35 -4.79 -60.33
CA THR R 85 5.63 -6.14 -60.84
C THR R 85 7.01 -6.26 -61.46
N GLU R 86 7.51 -5.15 -62.02
CA GLU R 86 8.85 -5.11 -62.61
C GLU R 86 9.93 -5.61 -61.68
N VAL R 87 9.90 -5.12 -60.45
CA VAL R 87 10.90 -5.44 -59.43
C VAL R 87 10.86 -6.91 -59.00
N LEU R 88 9.65 -7.44 -58.83
CA LEU R 88 9.45 -8.80 -58.31
C LEU R 88 9.79 -9.93 -59.28
N ALA R 89 9.90 -9.63 -60.58
CA ALA R 89 10.17 -10.67 -61.58
C ALA R 89 11.49 -11.40 -61.31
N THR R 90 12.47 -10.65 -60.82
CA THR R 90 13.76 -11.20 -60.41
C THR R 90 13.57 -12.15 -59.23
N THR R 91 12.58 -11.80 -58.42
CA THR R 91 12.30 -12.43 -57.14
C THR R 91 11.31 -13.63 -57.24
N GLN R 92 11.04 -14.33 -56.12
CA GLN R 92 10.06 -15.42 -56.09
C GLN R 92 8.66 -15.04 -55.57
N TYR R 93 8.45 -13.74 -55.36
CA TYR R 93 7.18 -13.21 -54.85
C TYR R 93 6.09 -13.09 -55.92
N HIS R 94 4.82 -13.31 -55.60
CA HIS R 94 3.83 -12.93 -56.61
C HIS R 94 3.14 -11.72 -56.01
N LEU R 95 2.39 -11.01 -56.85
CA LEU R 95 1.72 -9.80 -56.44
C LEU R 95 0.21 -10.04 -56.49
N VAL R 96 -0.45 -9.98 -55.32
CA VAL R 96 -1.91 -10.14 -55.19
C VAL R 96 -2.63 -8.84 -54.81
N VAL R 97 -3.88 -8.69 -55.28
CA VAL R 97 -4.71 -7.52 -54.96
C VAL R 97 -6.03 -7.80 -54.18
N THR R 98 -6.33 -6.98 -53.18
CA THR R 98 -7.63 -7.02 -52.49
C THR R 98 -8.13 -5.60 -52.27
N PRO R 99 -9.19 -5.20 -52.98
CA PRO R 99 -9.64 -3.82 -52.90
C PRO R 99 -10.73 -3.57 -51.87
N HIS R 100 -11.52 -2.54 -52.14
CA HIS R 100 -12.75 -2.21 -51.44
C HIS R 100 -13.90 -2.40 -52.39
N LYS R 104 -17.01 2.89 -47.04
CA LYS R 104 -15.58 3.04 -47.22
C LYS R 104 -14.90 1.78 -46.71
N ASP R 105 -15.13 1.51 -45.44
CA ASP R 105 -14.69 0.30 -44.81
C ASP R 105 -13.19 0.12 -44.98
N SER R 106 -12.54 1.26 -45.15
CA SER R 106 -11.12 1.41 -45.46
C SER R 106 -10.19 0.33 -44.92
N MET R 107 -10.62 -0.41 -43.91
CA MET R 107 -9.71 -1.38 -43.36
C MET R 107 -10.11 -2.83 -43.42
N VAL R 108 -11.27 -3.14 -43.95
CA VAL R 108 -11.70 -4.54 -43.97
C VAL R 108 -10.75 -5.42 -44.75
N PRO R 109 -10.31 -4.95 -45.91
CA PRO R 109 -9.37 -5.78 -46.64
C PRO R 109 -8.07 -5.94 -45.89
N ILE R 110 -7.52 -4.85 -45.35
CA ILE R 110 -6.26 -4.97 -44.68
C ILE R 110 -6.36 -5.86 -43.48
N ARG R 111 -7.44 -5.72 -42.72
CA ARG R 111 -7.63 -6.64 -41.61
C ARG R 111 -7.69 -8.04 -42.23
N TYR R 112 -8.34 -8.13 -43.39
CA TYR R 112 -8.43 -9.37 -44.19
C TYR R 112 -7.00 -9.79 -44.62
N ILE R 113 -6.01 -8.96 -44.40
CA ILE R 113 -4.66 -9.35 -44.81
C ILE R 113 -3.81 -9.74 -43.64
N LEU R 114 -4.19 -9.28 -42.47
CA LEU R 114 -3.44 -9.68 -41.31
C LEU R 114 -4.04 -10.90 -40.66
N GLU R 115 -5.15 -11.37 -41.22
CA GLU R 115 -5.83 -12.53 -40.69
C GLU R 115 -5.02 -13.79 -40.83
N THR R 116 -3.71 -13.62 -40.99
CA THR R 116 -2.67 -14.65 -41.13
C THR R 116 -2.66 -15.43 -42.41
N GLY R 117 -1.48 -16.01 -42.67
CA GLY R 117 -1.25 -16.84 -43.82
C GLY R 117 -1.58 -16.18 -45.13
N SER R 118 -1.22 -14.91 -45.29
CA SER R 118 -1.55 -14.31 -46.56
C SER R 118 -0.54 -13.44 -47.24
N ALA R 119 0.40 -12.86 -46.51
CA ALA R 119 1.36 -11.96 -47.15
C ALA R 119 2.63 -11.73 -46.34
N ASP R 120 3.74 -11.57 -47.05
CA ASP R 120 5.01 -11.19 -46.46
C ASP R 120 5.14 -9.66 -46.48
N GLY R 121 4.15 -8.98 -47.06
CA GLY R 121 4.10 -7.53 -46.96
C GLY R 121 2.86 -6.91 -47.57
N VAL R 122 2.56 -5.66 -47.22
CA VAL R 122 1.38 -4.98 -47.76
C VAL R 122 1.73 -3.59 -48.30
N ILE R 123 1.09 -3.21 -49.40
CA ILE R 123 1.22 -1.87 -49.96
C ILE R 123 -0.14 -1.18 -49.89
N ILE R 124 -0.19 0.02 -49.34
CA ILE R 124 -1.48 0.68 -49.20
C ILE R 124 -1.39 2.11 -49.74
N SER R 125 -2.55 2.63 -50.16
CA SER R 125 -2.60 3.93 -50.81
C SER R 125 -3.65 4.76 -50.11
N LYS R 126 -3.81 6.01 -50.57
CA LYS R 126 -4.86 6.90 -50.09
C LYS R 126 -4.92 6.88 -48.58
N ILE R 127 -3.78 7.11 -47.94
CA ILE R 127 -3.75 6.98 -46.50
C ILE R 127 -4.33 8.28 -45.97
N GLU R 128 -5.14 8.15 -44.92
CA GLU R 128 -5.81 9.29 -44.30
C GLU R 128 -4.76 9.95 -43.37
N PRO R 129 -5.03 11.16 -42.83
CA PRO R 129 -3.95 11.81 -42.07
C PRO R 129 -3.60 10.93 -40.88
N ASN R 130 -4.62 10.67 -40.08
CA ASN R 130 -4.60 9.65 -39.07
C ASN R 130 -5.41 8.45 -39.54
N ASP R 131 -4.76 7.55 -40.27
CA ASP R 131 -5.48 6.38 -40.77
C ASP R 131 -5.07 5.21 -39.90
N PRO R 132 -6.09 4.52 -39.37
CA PRO R 132 -5.95 3.40 -38.44
C PRO R 132 -5.20 2.23 -39.07
N ARG R 133 -5.25 2.02 -40.38
CA ARG R 133 -4.52 0.91 -41.00
C ARG R 133 -3.00 1.03 -40.84
N VAL R 134 -2.47 2.26 -40.90
CA VAL R 134 -1.03 2.47 -40.70
C VAL R 134 -0.60 2.15 -39.26
N ARG R 135 -1.37 2.61 -38.29
CA ARG R 135 -1.03 2.38 -36.88
C ARG R 135 -1.31 0.94 -36.54
N PHE R 136 -2.34 0.42 -37.19
CA PHE R 136 -2.73 -0.96 -37.02
C PHE R 136 -1.62 -1.92 -37.45
N MET R 137 -1.02 -1.66 -38.60
CA MET R 137 -0.07 -2.60 -39.20
C MET R 137 1.31 -2.71 -38.51
N THR R 138 1.82 -1.59 -37.99
CA THR R 138 3.04 -1.62 -37.16
C THR R 138 2.80 -2.28 -35.81
N GLU R 139 1.59 -2.15 -35.27
CA GLU R 139 1.31 -2.73 -33.96
C GLU R 139 1.18 -4.25 -34.04
N ARG R 140 0.70 -4.75 -35.18
CA ARG R 140 0.64 -6.19 -35.38
C ARG R 140 1.89 -6.68 -36.07
N LYS R 141 2.84 -5.76 -36.25
CA LYS R 141 4.18 -6.07 -36.75
C LYS R 141 4.07 -6.60 -38.23
N MET R 142 3.10 -6.11 -38.99
CA MET R 142 3.03 -6.50 -40.41
C MET R 142 3.89 -5.58 -41.25
N PRO R 143 4.88 -6.14 -41.95
CA PRO R 143 5.71 -5.30 -42.83
C PRO R 143 4.86 -4.70 -43.95
N PHE R 144 5.01 -3.40 -44.17
CA PHE R 144 4.21 -2.74 -45.19
C PHE R 144 4.82 -1.42 -45.63
N VAL R 145 4.27 -0.85 -46.70
CA VAL R 145 4.72 0.43 -47.23
C VAL R 145 3.50 1.20 -47.75
N THR R 146 3.56 2.53 -47.69
CA THR R 146 2.40 3.35 -48.07
C THR R 146 2.69 4.28 -49.24
N HIS R 147 1.71 4.43 -50.14
CA HIS R 147 1.78 5.46 -51.16
C HIS R 147 1.20 6.76 -50.60
N GLY R 148 2.09 7.57 -50.03
CA GLY R 148 1.74 8.82 -49.38
C GLY R 148 2.38 8.86 -48.01
N ARG R 149 2.37 10.04 -47.37
CA ARG R 149 3.01 10.18 -46.07
C ARG R 149 2.12 10.71 -44.94
N SER R 150 2.54 10.45 -43.71
CA SER R 150 1.86 10.92 -42.50
C SER R 150 2.67 10.59 -41.25
N ASP R 151 2.70 11.54 -40.32
CA ASP R 151 3.37 11.39 -39.03
C ASP R 151 2.38 11.42 -37.85
N MET R 152 2.15 10.26 -37.27
CA MET R 152 1.27 10.06 -36.12
C MET R 152 2.12 9.58 -34.94
N GLY R 153 3.41 9.85 -35.04
CA GLY R 153 4.37 9.35 -34.08
C GLY R 153 4.89 8.01 -34.59
N ILE R 154 4.61 7.75 -35.86
CA ILE R 154 5.16 6.60 -36.58
C ILE R 154 6.16 6.93 -37.65
N GLU R 155 7.29 6.22 -37.59
CA GLU R 155 8.16 6.16 -38.72
C GLU R 155 7.88 4.87 -39.51
N HIS R 156 7.59 5.03 -40.80
CA HIS R 156 7.30 3.94 -41.75
C HIS R 156 7.96 4.17 -43.08
N ALA R 157 8.20 3.05 -43.76
CA ALA R 157 8.68 3.08 -45.12
C ALA R 157 7.54 3.60 -45.99
N TYR R 158 7.83 4.56 -46.85
CA TYR R 158 6.82 5.10 -47.75
C TYR R 158 7.46 5.70 -48.98
N HIS R 159 6.64 6.00 -49.97
CA HIS R 159 7.08 6.82 -51.08
C HIS R 159 5.95 7.79 -51.39
N ASP R 160 6.28 9.06 -51.37
CA ASP R 160 5.32 10.11 -51.68
C ASP R 160 5.93 11.09 -52.68
N PHE R 161 5.08 11.96 -53.21
CA PHE R 161 5.49 13.03 -54.10
C PHE R 161 5.68 14.30 -53.29
N ASP R 162 6.67 15.10 -53.64
CA ASP R 162 6.90 16.32 -52.88
C ASP R 162 5.90 17.37 -53.35
N ASN R 163 4.69 17.30 -52.81
CA ASN R 163 3.62 18.21 -53.22
C ASN R 163 3.80 19.64 -52.72
N GLU R 164 4.60 19.83 -51.68
CA GLU R 164 4.91 21.17 -51.22
C GLU R 164 5.82 21.90 -52.21
N ALA R 165 6.78 21.17 -52.77
CA ALA R 165 7.68 21.71 -53.79
C ALA R 165 6.93 22.14 -55.04
N TYR R 166 6.00 21.32 -55.49
CA TYR R 166 5.21 21.61 -56.69
C TYR R 166 4.39 22.90 -56.61
N ALA R 167 3.72 23.13 -55.49
CA ALA R 167 2.88 24.32 -55.34
C ALA R 167 3.71 25.60 -55.42
N TYR R 168 4.85 25.61 -54.74
CA TYR R 168 5.79 26.72 -54.81
C TYR R 168 6.33 26.82 -56.24
N GLU R 169 6.49 25.67 -56.88
CA GLU R 169 6.97 25.60 -58.25
C GLU R 169 5.85 25.89 -59.25
N ALA R 170 4.61 25.65 -58.85
CA ALA R 170 3.46 25.93 -59.71
C ALA R 170 3.30 27.45 -59.89
N VAL R 171 3.36 28.16 -58.78
CA VAL R 171 3.32 29.62 -58.78
C VAL R 171 4.62 30.22 -59.31
N GLU R 172 5.72 29.48 -59.18
CA GLU R 172 7.00 29.95 -59.72
C GLU R 172 6.91 30.11 -61.23
N ARG R 173 6.17 29.23 -61.88
CA ARG R 173 5.99 29.36 -63.31
C ARG R 173 4.98 30.45 -63.61
N LEU R 174 4.00 30.59 -62.73
CA LEU R 174 3.01 31.66 -62.81
C LEU R 174 3.46 33.08 -62.41
N ALA R 175 4.34 33.19 -61.41
CA ALA R 175 4.84 34.50 -60.99
C ALA R 175 5.81 35.16 -61.96
N GLN R 176 6.80 34.40 -62.42
CA GLN R 176 7.75 34.85 -63.43
C GLN R 176 7.00 35.16 -64.72
N CYS R 177 5.92 34.39 -64.93
CA CYS R 177 5.02 34.64 -66.05
C CYS R 177 4.21 35.91 -65.90
N GLY R 178 4.10 36.44 -64.67
CA GLY R 178 3.46 37.73 -64.49
C GLY R 178 2.00 37.70 -64.05
N ARG R 179 1.39 36.52 -64.00
CA ARG R 179 -0.03 36.41 -63.76
C ARG R 179 -0.40 36.89 -62.34
N LYS R 180 -1.49 37.65 -62.25
CA LYS R 180 -1.67 38.60 -61.14
C LYS R 180 -2.43 38.17 -59.87
N ARG R 181 -3.18 37.07 -59.91
CA ARG R 181 -3.79 36.50 -58.71
C ARG R 181 -4.17 35.05 -58.95
N ILE R 182 -3.82 34.15 -58.05
CA ILE R 182 -3.93 32.73 -58.38
C ILE R 182 -4.77 31.97 -57.34
N ALA R 183 -5.57 31.03 -57.81
CA ALA R 183 -6.43 30.20 -56.97
C ALA R 183 -6.03 28.74 -57.16
N ILE R 184 -6.29 27.90 -56.16
CA ILE R 184 -5.83 26.52 -56.20
C ILE R 184 -6.89 25.43 -55.94
N ILE R 185 -6.97 24.45 -56.84
CA ILE R 185 -7.80 23.29 -56.60
C ILE R 185 -7.01 22.27 -55.78
N VAL R 186 -7.48 22.06 -54.56
CA VAL R 186 -6.73 21.31 -53.57
C VAL R 186 -7.50 20.03 -53.25
N PRO R 187 -6.81 18.97 -52.78
CA PRO R 187 -7.49 17.75 -52.31
C PRO R 187 -8.26 17.96 -51.02
N PRO R 188 -9.16 17.01 -50.68
CA PRO R 188 -9.88 17.24 -49.43
C PRO R 188 -8.86 17.27 -48.31
N SER R 189 -9.06 18.14 -47.31
CA SER R 189 -8.04 18.27 -46.28
C SER R 189 -8.12 17.10 -45.35
N ARG R 190 -9.11 16.25 -45.59
CA ARG R 190 -9.19 14.98 -44.93
C ARG R 190 -7.91 14.22 -45.18
N PHE R 191 -7.37 14.32 -46.39
CA PHE R 191 -6.16 13.60 -46.76
C PHE R 191 -4.92 14.36 -46.37
N ALA R 192 -3.81 13.62 -46.24
CA ALA R 192 -2.58 14.13 -45.68
C ALA R 192 -1.87 15.17 -46.57
N PHE R 193 -1.77 14.90 -47.87
CA PHE R 193 -1.08 15.81 -48.78
C PHE R 193 -1.77 17.17 -49.04
N HIS R 194 -3.03 17.30 -48.65
CA HIS R 194 -3.69 18.62 -48.67
C HIS R 194 -2.87 19.66 -47.91
N ASP R 195 -2.48 19.30 -46.69
CA ASP R 195 -1.73 20.19 -45.83
C ASP R 195 -0.33 20.41 -46.39
N HIS R 196 0.18 19.41 -47.13
CA HIS R 196 1.43 19.59 -47.85
C HIS R 196 1.35 20.69 -48.88
N ALA R 197 0.27 20.65 -49.65
CA ALA R 197 0.10 21.54 -50.80
C ALA R 197 -0.04 23.02 -50.49
N ARG R 198 -0.90 23.37 -49.53
CA ARG R 198 -1.18 24.78 -49.33
C ARG R 198 -0.02 25.51 -48.62
N LYS R 199 0.80 24.78 -47.87
CA LYS R 199 1.98 25.40 -47.29
C LYS R 199 2.89 25.90 -48.40
N GLY R 200 3.04 25.09 -49.45
CA GLY R 200 3.85 25.50 -50.58
C GLY R 200 3.28 26.67 -51.36
N PHE R 201 1.98 26.68 -51.58
CA PHE R 201 1.32 27.76 -52.31
C PHE R 201 1.27 29.04 -51.48
N THR R 202 0.97 28.90 -50.19
CA THR R 202 0.86 30.06 -49.32
C THR R 202 2.24 30.63 -49.02
N ARG R 203 3.24 29.77 -48.93
CA ARG R 203 4.61 30.26 -48.79
C ARG R 203 5.01 30.89 -50.11
N GLY R 204 4.50 30.31 -51.19
CA GLY R 204 4.78 30.76 -52.55
C GLY R 204 4.33 32.17 -52.87
N ILE R 205 3.13 32.54 -52.45
CA ILE R 205 2.64 33.87 -52.77
C ILE R 205 3.40 34.87 -51.90
N ARG R 206 3.87 34.39 -50.76
CA ARG R 206 4.69 35.19 -49.85
C ARG R 206 6.06 35.51 -50.44
N ASP R 207 6.75 34.52 -51.00
CA ASP R 207 8.10 34.76 -51.52
C ASP R 207 8.14 35.59 -52.81
N PHE R 208 7.12 35.42 -53.66
CA PHE R 208 7.05 36.13 -54.94
C PHE R 208 6.12 37.33 -54.94
N GLY R 209 5.41 37.53 -53.84
CA GLY R 209 4.56 38.70 -53.67
C GLY R 209 3.29 38.78 -54.50
N VAL R 210 2.76 37.64 -54.96
CA VAL R 210 1.54 37.69 -55.77
C VAL R 210 0.36 37.33 -54.84
N SER R 211 -0.81 37.85 -55.14
CA SER R 211 -1.98 37.58 -54.28
C SER R 211 -2.72 36.33 -54.69
N GLU R 212 -3.43 35.74 -53.73
CA GLU R 212 -4.17 34.53 -54.03
C GLU R 212 -5.69 34.70 -54.07
N PHE R 213 -6.26 34.39 -55.23
CA PHE R 213 -7.70 34.36 -55.40
C PHE R 213 -8.34 33.23 -54.57
N PRO R 214 -9.33 33.56 -53.72
CA PRO R 214 -9.92 32.49 -52.90
C PRO R 214 -11.05 31.78 -53.67
N LEU R 215 -11.37 30.55 -53.28
CA LEU R 215 -12.56 29.82 -53.72
C LEU R 215 -12.60 28.57 -52.85
N ASP R 216 -13.74 28.32 -52.20
CA ASP R 216 -13.90 27.12 -51.36
C ASP R 216 -14.99 26.19 -51.89
N ALA R 217 -15.50 26.52 -53.07
CA ALA R 217 -16.62 25.78 -53.63
C ALA R 217 -16.24 24.36 -54.09
N ILE R 218 -15.00 24.16 -54.56
CA ILE R 218 -14.64 22.85 -55.14
C ILE R 218 -13.31 22.26 -54.69
N THR R 219 -13.27 20.93 -54.73
CA THR R 219 -12.11 20.11 -54.40
C THR R 219 -11.87 19.08 -55.50
N ILE R 220 -10.78 18.34 -55.37
CA ILE R 220 -10.49 17.25 -56.30
C ILE R 220 -11.63 16.23 -56.34
N GLU R 221 -12.28 16.03 -55.20
CA GLU R 221 -13.34 15.03 -55.08
C GLU R 221 -14.70 15.40 -55.71
N THR R 222 -14.89 16.68 -56.04
CA THR R 222 -16.13 17.07 -56.72
C THR R 222 -16.22 16.50 -58.12
N PRO R 223 -17.42 16.04 -58.52
CA PRO R 223 -17.64 15.53 -59.87
C PRO R 223 -17.30 16.57 -60.92
N LEU R 224 -16.78 16.11 -62.06
CA LEU R 224 -16.27 17.00 -63.09
C LEU R 224 -17.44 17.67 -63.79
N ASP R 225 -18.61 17.07 -63.64
CA ASP R 225 -19.85 17.59 -64.19
C ASP R 225 -20.02 19.02 -63.71
N LYS R 226 -19.95 19.15 -62.40
CA LYS R 226 -20.11 20.41 -61.71
C LYS R 226 -18.89 21.31 -61.83
N ILE R 227 -17.70 20.71 -61.87
CA ILE R 227 -16.47 21.50 -61.98
C ILE R 227 -16.42 22.24 -63.31
N ARG R 228 -16.81 21.55 -64.37
CA ARG R 228 -16.95 22.14 -65.70
C ARG R 228 -17.92 23.30 -65.65
N ASP R 229 -19.10 23.01 -65.10
CA ASP R 229 -20.14 24.01 -64.95
C ASP R 229 -19.69 25.12 -64.01
N PHE R 230 -18.95 24.77 -62.96
CA PHE R 230 -18.41 25.76 -62.02
C PHE R 230 -17.44 26.74 -62.65
N GLY R 231 -16.57 26.23 -63.53
CA GLY R 231 -15.58 27.05 -64.21
C GLY R 231 -16.16 28.19 -65.03
N LYS R 232 -17.23 27.90 -65.76
CA LYS R 232 -17.91 28.90 -66.59
C LYS R 232 -18.54 30.00 -65.75
N ARG R 233 -18.98 29.65 -64.54
CA ARG R 233 -19.59 30.61 -63.63
C ARG R 233 -18.57 31.64 -63.19
N LEU R 234 -17.31 31.23 -63.16
CA LEU R 234 -16.23 32.09 -62.75
C LEU R 234 -15.89 33.19 -63.74
N MET R 235 -15.58 32.78 -64.97
CA MET R 235 -15.10 33.73 -65.96
C MET R 235 -16.22 34.54 -66.63
N GLN R 236 -17.42 33.99 -66.72
CA GLN R 236 -18.57 34.77 -67.19
C GLN R 236 -19.06 35.75 -66.11
N SER R 237 -18.55 35.62 -64.90
CA SER R 237 -18.98 36.49 -63.81
C SER R 237 -17.98 37.61 -63.57
N ASP R 238 -18.38 38.56 -62.74
CA ASP R 238 -17.61 39.77 -62.49
C ASP R 238 -16.30 39.53 -61.74
N ASP R 239 -16.31 38.59 -60.81
CA ASP R 239 -15.08 38.24 -60.11
C ASP R 239 -14.20 37.41 -61.04
N ARG R 240 -13.00 37.91 -61.30
CA ARG R 240 -12.15 37.18 -62.23
C ARG R 240 -10.86 36.74 -61.57
N PRO R 241 -10.59 35.43 -61.67
CA PRO R 241 -9.33 34.83 -61.23
C PRO R 241 -8.25 35.11 -62.25
N ASP R 242 -7.02 35.33 -61.81
CA ASP R 242 -5.98 35.49 -62.81
C ASP R 242 -5.35 34.16 -63.16
N GLY R 243 -5.22 33.25 -62.20
CA GLY R 243 -4.50 31.99 -62.42
C GLY R 243 -5.01 30.75 -61.71
N ILE R 244 -4.58 29.56 -62.16
CA ILE R 244 -5.01 28.32 -61.55
C ILE R 244 -3.87 27.32 -61.28
N VAL R 245 -3.79 26.82 -60.06
CA VAL R 245 -2.87 25.73 -59.72
C VAL R 245 -3.67 24.49 -59.30
N SER R 246 -3.47 23.36 -59.98
CA SER R 246 -4.22 22.16 -59.65
C SER R 246 -3.35 20.99 -59.18
N ILE R 247 -3.87 20.22 -58.23
CA ILE R 247 -3.16 19.07 -57.67
C ILE R 247 -3.51 17.74 -58.36
N SER R 248 -4.69 17.66 -58.98
CA SER R 248 -5.07 16.48 -59.75
C SER R 248 -5.43 16.88 -61.17
N GLY R 249 -4.83 16.22 -62.15
CA GLY R 249 -5.13 16.52 -63.54
C GLY R 249 -6.57 16.30 -63.99
N SER R 250 -7.22 15.25 -63.50
CA SER R 250 -8.59 14.92 -63.93
C SER R 250 -9.57 16.08 -63.84
N SER R 251 -9.41 16.92 -62.82
CA SER R 251 -10.29 18.07 -62.66
C SER R 251 -9.87 19.25 -63.53
N THR R 252 -8.59 19.31 -63.87
CA THR R 252 -8.07 20.40 -64.69
C THR R 252 -8.75 20.45 -66.05
N ILE R 253 -8.89 19.28 -66.66
CA ILE R 253 -9.49 19.21 -68.00
C ILE R 253 -10.93 19.69 -67.91
N ALA R 254 -11.62 19.35 -66.82
CA ALA R 254 -13.00 19.76 -66.63
C ALA R 254 -13.08 21.25 -66.35
N LEU R 255 -12.11 21.76 -65.60
CA LEU R 255 -12.08 23.18 -65.27
C LEU R 255 -11.75 24.02 -66.50
N VAL R 256 -10.86 23.51 -67.33
CA VAL R 256 -10.51 24.19 -68.56
C VAL R 256 -11.71 24.22 -69.49
N ALA R 257 -12.53 23.18 -69.40
CA ALA R 257 -13.78 23.10 -70.16
C ALA R 257 -14.66 24.30 -69.83
N GLY R 258 -14.70 24.66 -68.56
CA GLY R 258 -15.40 25.85 -68.14
C GLY R 258 -14.75 27.14 -68.63
N PHE R 259 -13.43 27.19 -68.69
CA PHE R 259 -12.74 28.42 -69.09
C PHE R 259 -12.97 28.95 -70.52
N GLU R 260 -12.84 28.09 -71.54
CA GLU R 260 -13.17 28.48 -72.91
C GLU R 260 -14.66 28.29 -73.24
N ALA R 261 -15.41 27.62 -72.37
CA ALA R 261 -16.86 27.68 -72.48
C ALA R 261 -17.23 29.16 -72.33
N ALA R 262 -16.60 29.80 -71.35
CA ALA R 262 -16.71 31.23 -71.17
C ALA R 262 -15.92 32.01 -72.25
N GLY R 263 -14.94 31.35 -72.90
CA GLY R 263 -14.21 32.00 -73.98
C GLY R 263 -12.92 32.70 -73.58
N VAL R 264 -12.21 32.10 -72.64
CA VAL R 264 -11.00 32.71 -72.09
C VAL R 264 -9.70 32.30 -72.80
N ARG R 265 -8.79 33.24 -72.99
CA ARG R 265 -7.52 32.93 -73.64
C ARG R 265 -6.58 32.20 -72.69
N ILE R 266 -6.35 30.94 -73.02
CA ILE R 266 -5.49 30.03 -72.27
C ILE R 266 -4.04 30.24 -72.67
N GLY R 267 -3.16 30.41 -71.69
CA GLY R 267 -1.79 30.75 -72.02
C GLY R 267 -1.77 32.24 -72.31
N LYS R 268 -2.38 32.61 -73.44
CA LYS R 268 -2.48 34.00 -73.84
C LYS R 268 -3.32 34.79 -72.84
N ILE R 270 -5.26 34.33 -68.56
CA ILE R 270 -5.19 33.46 -67.38
C ILE R 270 -4.30 32.28 -67.70
N ASP R 271 -3.44 31.92 -66.75
CA ASP R 271 -2.57 30.77 -66.91
C ASP R 271 -2.68 29.72 -65.82
N ILE R 272 -2.54 28.47 -66.22
CA ILE R 272 -2.78 27.33 -65.36
C ILE R 272 -1.58 26.39 -65.27
N VAL R 273 -1.25 25.95 -64.05
CA VAL R 273 -0.26 24.89 -63.86
C VAL R 273 -0.92 23.64 -63.27
N SER R 274 -0.57 22.47 -63.82
CA SER R 274 -1.18 21.22 -63.39
C SER R 274 -0.19 20.07 -63.34
N LYS R 275 -0.36 19.19 -62.36
CA LYS R 275 0.43 17.97 -62.30
C LYS R 275 -0.25 16.91 -63.16
N GLN R 276 0.54 15.98 -63.67
CA GLN R 276 0.06 14.94 -64.58
C GLN R 276 0.64 13.63 -64.05
N SER R 277 -0.17 12.59 -64.05
CA SER R 277 0.27 11.32 -63.49
C SER R 277 1.07 10.59 -64.54
N ALA R 278 1.02 11.12 -65.77
CA ALA R 278 1.96 10.83 -66.83
C ALA R 278 1.78 11.82 -67.97
N GLU R 279 2.73 11.85 -68.89
CA GLU R 279 2.72 12.85 -69.95
C GLU R 279 1.58 12.60 -70.91
N PHE R 280 0.41 13.10 -70.52
CA PHE R 280 -0.77 13.04 -71.36
C PHE R 280 -1.22 14.46 -71.67
N LEU R 281 -0.60 15.47 -71.03
CA LEU R 281 -1.28 16.73 -70.82
C LEU R 281 -1.19 17.68 -72.01
N ASN R 282 0.02 17.87 -72.55
CA ASN R 282 0.25 18.88 -73.60
C ASN R 282 -0.17 18.36 -74.99
N TRP R 283 -0.57 17.09 -75.05
CA TRP R 283 -1.30 16.64 -76.24
C TRP R 283 -2.62 17.38 -76.29
N ILE R 284 -3.14 17.70 -75.12
CA ILE R 284 -4.41 18.38 -75.11
C ILE R 284 -4.14 19.92 -75.31
N GLN R 285 -3.58 20.51 -74.27
CA GLN R 285 -3.23 21.92 -74.24
C GLN R 285 -1.81 22.04 -73.73
N PRO R 286 -0.88 22.28 -74.65
CA PRO R 286 0.56 22.46 -74.43
C PRO R 286 0.82 23.68 -73.56
N GLN R 287 0.02 24.72 -73.76
CA GLN R 287 0.15 25.95 -72.99
C GLN R 287 0.34 25.75 -71.49
N ILE R 288 -0.38 24.79 -70.93
CA ILE R 288 -0.28 24.50 -69.50
C ILE R 288 1.16 24.23 -69.07
N HIS R 289 1.58 24.75 -67.92
CA HIS R 289 2.93 24.49 -67.42
C HIS R 289 2.89 23.19 -66.68
N THR R 290 3.59 22.20 -67.22
CA THR R 290 3.40 20.86 -66.75
C THR R 290 4.63 20.25 -66.08
N VAL R 291 4.36 19.53 -65.01
CA VAL R 291 5.34 18.77 -64.27
C VAL R 291 4.84 17.34 -64.26
N ASN R 292 5.70 16.36 -64.53
CA ASN R 292 5.20 15.01 -64.61
C ASN R 292 5.56 14.21 -63.39
N GLU R 293 4.54 13.71 -62.73
CA GLU R 293 4.73 12.78 -61.66
C GLU R 293 4.65 11.37 -62.18
N ASP R 294 5.81 10.75 -62.33
CA ASP R 294 5.85 9.40 -62.86
C ASP R 294 5.54 8.43 -61.74
N ILE R 295 4.35 7.85 -61.81
CA ILE R 295 3.86 6.94 -60.77
C ILE R 295 4.45 5.54 -60.97
N LYS R 296 4.94 5.25 -62.18
CA LYS R 296 5.57 3.96 -62.44
C LYS R 296 6.90 3.80 -61.70
N LEU R 297 7.60 4.91 -61.47
CA LEU R 297 8.83 4.85 -60.69
C LEU R 297 8.49 4.62 -59.23
N ALA R 298 7.38 5.23 -58.80
CA ALA R 298 6.86 5.08 -57.45
C ALA R 298 6.53 3.62 -57.16
N GLY R 299 5.89 2.98 -58.12
CA GLY R 299 5.55 1.57 -58.02
C GLY R 299 6.81 0.74 -57.85
N ARG R 300 7.85 1.08 -58.62
CA ARG R 300 9.11 0.36 -58.54
C ARG R 300 9.84 0.68 -57.23
N GLU R 301 9.64 1.89 -56.71
CA GLU R 301 10.31 2.31 -55.49
C GLU R 301 9.59 1.87 -54.23
N LEU R 302 8.27 1.69 -54.31
CA LEU R 302 7.54 1.04 -53.24
C LEU R 302 7.95 -0.42 -53.16
N ALA R 303 8.06 -1.03 -54.34
CA ALA R 303 8.44 -2.43 -54.47
C ALA R 303 9.84 -2.67 -53.91
N LYS R 304 10.77 -1.85 -54.33
CA LYS R 304 12.12 -1.95 -53.85
C LYS R 304 12.06 -1.69 -52.38
N ALA R 305 11.27 -0.70 -52.02
CA ALA R 305 11.15 -0.36 -50.62
C ALA R 305 10.58 -1.47 -49.80
N LEU R 306 9.52 -2.10 -50.28
CA LEU R 306 8.91 -3.16 -49.49
C LEU R 306 9.83 -4.31 -49.27
N LEU R 307 10.57 -4.67 -50.30
CA LEU R 307 11.50 -5.74 -50.14
C LEU R 307 12.54 -5.33 -49.12
N ALA R 308 13.03 -4.10 -49.21
CA ALA R 308 14.10 -3.67 -48.34
C ALA R 308 13.77 -3.78 -46.87
N ARG R 309 12.56 -3.46 -46.45
CA ARG R 309 12.32 -3.59 -45.03
C ARG R 309 12.34 -5.00 -44.53
N ILE R 310 11.73 -5.95 -45.25
CA ILE R 310 11.73 -7.29 -44.66
C ILE R 310 13.09 -8.00 -44.62
N ASN R 311 13.90 -7.84 -45.66
CA ASN R 311 15.23 -8.46 -45.61
C ASN R 311 16.15 -7.85 -44.56
N GLY R 312 15.67 -6.82 -43.87
CA GLY R 312 16.41 -6.27 -42.75
C GLY R 312 16.81 -4.83 -42.96
N ALA R 313 15.86 -3.91 -42.83
CA ALA R 313 16.16 -2.50 -42.98
C ALA R 313 15.40 -1.66 -41.97
N PRO R 314 16.02 -0.56 -41.52
CA PRO R 314 15.31 0.27 -40.55
C PRO R 314 14.11 1.01 -41.16
N PRO R 315 13.04 1.17 -40.36
CA PRO R 315 11.75 1.78 -40.76
C PRO R 315 11.94 3.19 -41.31
N GLU R 316 12.85 3.93 -40.68
CA GLU R 316 13.10 5.33 -41.00
C GLU R 316 13.91 5.58 -42.27
N THR R 317 14.69 4.60 -42.70
CA THR R 317 15.30 4.76 -44.01
C THR R 317 14.37 4.05 -44.97
N LEU R 318 14.71 4.12 -46.26
CA LEU R 318 13.93 3.55 -47.35
C LEU R 318 12.68 4.36 -47.67
N GLN R 319 12.44 5.44 -46.91
CA GLN R 319 11.30 6.27 -47.22
C GLN R 319 11.91 7.24 -48.21
N SER R 320 11.20 7.51 -49.28
CA SER R 320 11.75 8.26 -50.38
C SER R 320 10.69 9.06 -51.08
N VAL R 321 11.09 10.19 -51.64
CA VAL R 321 10.16 11.10 -52.27
C VAL R 321 10.73 11.59 -53.58
N SER R 322 9.93 11.45 -54.63
CA SER R 322 10.39 11.92 -55.92
C SER R 322 10.02 13.39 -56.01
N ARG R 323 10.97 14.17 -56.51
CA ARG R 323 10.82 15.60 -56.66
C ARG R 323 10.21 15.92 -58.02
N PRO R 324 9.48 17.03 -58.10
CA PRO R 324 8.83 17.37 -59.37
C PRO R 324 9.87 17.70 -60.45
N VAL R 325 9.58 17.38 -61.71
CA VAL R 325 10.47 17.70 -62.82
C VAL R 325 9.61 18.31 -63.94
N TRP R 326 10.16 19.19 -64.79
CA TRP R 326 9.33 19.90 -65.77
C TRP R 326 9.37 19.25 -67.15
N SER R 327 8.18 19.03 -67.71
CA SER R 327 7.95 17.91 -68.63
C SER R 327 7.32 18.23 -69.98
N SER R 328 8.02 18.94 -70.86
CA SER R 328 7.35 19.28 -72.09
C SER R 328 8.19 19.22 -73.35
N GLU U 1 -29.85 37.35 16.33
CA GLU U 1 -30.40 37.08 17.65
C GLU U 1 -30.50 38.37 18.48
N ARG U 2 -31.06 38.21 19.69
CA ARG U 2 -31.43 39.23 20.67
C ARG U 2 -32.91 39.43 20.47
N PRO U 3 -33.69 39.30 21.54
CA PRO U 3 -35.15 39.34 21.44
C PRO U 3 -35.73 40.73 21.17
N THR U 4 -36.79 40.76 20.39
CA THR U 4 -37.51 41.98 20.06
C THR U 4 -38.99 41.69 20.30
N LEU U 5 -39.85 42.72 20.28
CA LEU U 5 -41.29 42.49 20.40
C LEU U 5 -41.75 41.57 19.27
N LYS U 6 -41.14 41.75 18.10
CA LYS U 6 -41.40 40.91 16.94
C LYS U 6 -41.12 39.43 17.17
N THR U 7 -39.94 39.13 17.69
CA THR U 7 -39.50 37.75 17.90
C THR U 7 -40.40 37.01 18.88
N ILE U 8 -40.78 37.69 19.96
CA ILE U 8 -41.70 37.12 20.93
C ILE U 8 -43.01 36.73 20.27
N ALA U 9 -43.56 37.67 19.48
CA ALA U 9 -44.79 37.42 18.76
C ALA U 9 -44.65 36.24 17.81
N TYR U 10 -43.47 36.10 17.21
CA TYR U 10 -43.22 34.99 16.29
C TYR U 10 -43.28 33.66 17.04
N MET U 11 -42.63 33.60 18.20
CA MET U 11 -42.63 32.39 19.04
C MET U 11 -44.03 32.08 19.59
N THR U 12 -44.73 33.11 20.03
CA THR U 12 -46.00 32.97 20.72
C THR U 12 -47.18 32.80 19.76
N GLY U 13 -46.98 33.15 18.49
CA GLY U 13 -48.07 33.54 17.61
C GLY U 13 -49.12 34.52 18.12
N LEU U 14 -48.67 35.63 18.67
CA LEU U 14 -49.57 36.71 19.10
C LEU U 14 -49.36 37.93 18.22
N GLY U 15 -50.16 38.97 18.41
CA GLY U 15 -50.01 40.21 17.67
C GLY U 15 -48.96 41.08 18.35
N ILE U 16 -47.94 41.52 17.62
CA ILE U 16 -46.91 42.42 18.17
C ILE U 16 -47.52 43.47 19.10
N THR U 17 -48.63 44.05 18.68
CA THR U 17 -49.32 45.06 19.47
C THR U 17 -49.90 44.47 20.77
N THR U 18 -50.40 43.23 20.68
CA THR U 18 -50.93 42.54 21.86
C THR U 18 -49.85 42.36 22.91
N VAL U 19 -48.65 41.98 22.45
CA VAL U 19 -47.53 41.69 23.34
C VAL U 19 -47.12 42.89 24.19
N SER U 20 -46.90 44.03 23.55
CA SER U 20 -46.53 45.26 24.25
C SER U 20 -47.63 45.64 25.22
N ARG U 21 -48.86 45.57 24.75
CA ARG U 21 -50.01 45.94 25.56
C ARG U 21 -50.21 44.95 26.69
N ALA U 22 -49.65 43.77 26.54
CA ALA U 22 -49.65 42.77 27.60
C ALA U 22 -48.59 43.02 28.68
N LEU U 23 -47.38 43.38 28.25
CA LEU U 23 -46.27 43.57 29.21
C LEU U 23 -46.57 44.76 30.10
N LYS U 24 -47.21 45.75 29.49
CA LYS U 24 -47.85 46.82 30.21
C LYS U 24 -49.18 46.21 30.58
N ASP U 25 -49.36 45.77 31.83
CA ASP U 25 -50.59 45.05 32.17
C ASP U 25 -51.82 45.93 31.96
N ALA U 26 -52.77 45.39 31.20
CA ALA U 26 -53.97 46.13 30.85
C ALA U 26 -55.19 45.25 30.95
N PRO U 27 -56.33 45.83 31.33
CA PRO U 27 -57.62 45.14 31.27
C PRO U 27 -57.89 44.83 29.80
N ASP U 28 -57.22 45.60 28.93
CA ASP U 28 -57.30 45.45 27.49
C ASP U 28 -56.94 44.03 27.10
N ILE U 29 -55.82 43.55 27.62
CA ILE U 29 -55.30 42.24 27.27
C ILE U 29 -55.72 41.21 28.32
N GLY U 30 -56.04 40.00 27.86
CA GLY U 30 -56.57 38.93 28.68
C GLY U 30 -55.65 38.33 29.73
N ALA U 31 -56.23 38.07 30.90
CA ALA U 31 -55.49 37.56 32.05
C ALA U 31 -54.50 36.42 31.75
N GLU U 32 -54.91 35.42 30.97
CA GLU U 32 -54.03 34.29 30.72
C GLU U 32 -52.91 34.60 29.72
N THR U 33 -53.22 35.35 28.68
CA THR U 33 -52.20 35.65 27.68
C THR U 33 -51.04 36.56 28.15
N LYS U 34 -51.31 37.56 28.98
CA LYS U 34 -50.21 38.38 29.48
C LYS U 34 -49.29 37.60 30.45
N GLU U 35 -49.82 36.71 31.29
CA GLU U 35 -48.90 35.91 32.11
C GLU U 35 -48.07 35.01 31.19
N ARG U 36 -48.67 34.60 30.09
CA ARG U 36 -47.97 33.83 29.08
C ARG U 36 -46.81 34.65 28.52
N VAL U 37 -47.07 35.92 28.18
CA VAL U 37 -46.03 36.78 27.60
C VAL U 37 -45.01 37.28 28.63
N ARG U 38 -45.46 37.54 29.86
CA ARG U 38 -44.59 38.06 30.90
C ARG U 38 -43.55 37.01 31.22
N LEU U 39 -43.94 35.74 31.01
CA LEU U 39 -43.05 34.63 31.30
C LEU U 39 -42.03 34.37 30.19
N ILE U 40 -42.49 34.37 28.94
CA ILE U 40 -41.60 34.19 27.81
C ILE U 40 -40.57 35.32 27.73
N ALA U 41 -41.00 36.53 28.07
CA ALA U 41 -40.13 37.69 28.11
C ALA U 41 -39.04 37.47 29.14
N GLN U 42 -39.45 36.97 30.30
CA GLN U 42 -38.55 36.77 31.42
C GLN U 42 -37.44 35.78 31.14
N GLN U 43 -37.81 34.70 30.45
CA GLN U 43 -36.89 33.60 30.15
C GLN U 43 -35.94 33.84 28.95
N ILE U 44 -36.38 34.61 27.97
CA ILE U 44 -35.51 34.96 26.84
C ILE U 44 -34.63 36.10 27.32
N GLY U 45 -35.08 36.74 28.40
CA GLY U 45 -34.54 37.99 28.88
C GLY U 45 -34.64 39.17 27.94
N TYR U 46 -35.87 39.55 27.60
CA TYR U 46 -36.09 40.63 26.65
C TYR U 46 -35.84 41.96 27.33
N GLN U 47 -34.98 42.76 26.71
CA GLN U 47 -34.78 44.13 27.17
C GLN U 47 -35.17 45.02 26.01
N PRO U 48 -36.15 45.91 26.24
CA PRO U 48 -36.69 46.81 25.22
C PRO U 48 -35.59 47.63 24.57
N ASN U 49 -35.65 47.81 23.26
CA ASN U 49 -34.63 48.59 22.56
C ASN U 49 -34.76 50.03 22.98
N ARG U 50 -33.73 50.53 23.65
CA ARG U 50 -33.76 51.87 24.24
C ARG U 50 -34.02 52.96 23.20
N ALA U 51 -33.39 52.81 22.03
CA ALA U 51 -33.52 53.77 20.95
C ALA U 51 -34.94 53.86 20.42
N GLY U 52 -35.58 52.70 20.27
CA GLY U 52 -36.92 52.62 19.73
C GLY U 52 -37.99 53.32 20.54
N VAL U 53 -37.86 53.27 21.85
CA VAL U 53 -38.86 53.86 22.73
C VAL U 53 -38.83 55.40 22.67
N ARG U 54 -37.64 55.97 22.73
CA ARG U 54 -37.47 57.43 22.74
C ARG U 54 -37.91 58.02 21.41
N LEU U 55 -37.79 57.23 20.35
CA LEU U 55 -38.23 57.70 19.05
C LEU U 55 -39.75 57.76 18.99
N ARG U 56 -40.41 56.76 19.54
CA ARG U 56 -41.88 56.69 19.48
C ARG U 56 -42.52 57.52 20.62
N THR U 57 -41.93 57.46 21.82
CA THR U 57 -42.41 58.29 22.93
C THR U 57 -41.37 59.29 23.40
N GLY U 58 -41.80 60.30 24.17
CA GLY U 58 -40.90 61.32 24.71
C GLY U 58 -39.83 60.74 25.62
N LYS U 59 -40.16 59.60 26.23
CA LYS U 59 -39.34 59.01 27.28
C LYS U 59 -37.88 58.74 26.89
N THR U 60 -36.96 59.41 27.55
CA THR U 60 -35.55 59.06 27.44
C THR U 60 -35.14 58.66 28.84
N ASN U 61 -35.22 57.37 29.15
CA ASN U 61 -34.87 56.87 30.49
C ASN U 61 -33.43 57.23 30.85
N VAL U 62 -33.15 58.52 30.76
CA VAL U 62 -31.86 59.10 31.06
C VAL U 62 -32.07 60.25 32.03
N ILE U 63 -31.24 60.29 33.07
CA ILE U 63 -31.25 61.36 34.06
C ILE U 63 -29.97 62.19 33.97
N ALA U 64 -30.10 63.51 33.90
CA ALA U 64 -28.96 64.41 33.68
C ALA U 64 -28.36 65.00 34.96
N LEU U 65 -27.06 64.80 35.14
CA LEU U 65 -26.36 65.41 36.26
C LEU U 65 -25.41 66.56 35.94
N VAL U 66 -25.70 67.73 36.47
CA VAL U 66 -24.81 68.88 36.38
C VAL U 66 -23.62 68.61 37.31
N LEU U 67 -22.41 68.97 36.86
CA LEU U 67 -21.22 69.18 37.70
C LEU U 67 -20.16 70.06 37.01
N SER U 68 -19.76 71.13 37.70
CA SER U 68 -18.67 72.00 37.32
C SER U 68 -17.32 71.33 37.55
N VAL U 69 -16.38 71.61 36.65
CA VAL U 69 -15.01 71.13 36.75
C VAL U 69 -14.37 71.62 38.05
N ASP U 70 -14.82 72.76 38.55
CA ASP U 70 -14.43 73.25 39.87
C ASP U 70 -15.17 72.57 41.02
N GLU U 71 -14.43 71.84 41.86
CA GLU U 71 -15.02 71.13 43.00
C GLU U 71 -14.09 71.19 44.20
N GLU U 72 -14.68 71.13 45.39
CA GLU U 72 -13.95 71.17 46.66
C GLU U 72 -12.95 70.01 46.86
N LEU U 73 -11.84 70.33 47.52
CA LEU U 73 -10.82 69.34 47.86
C LEU U 73 -11.48 68.26 48.70
N MET U 74 -12.34 68.72 49.60
CA MET U 74 -13.10 67.85 50.49
C MET U 74 -14.52 67.63 49.95
N GLY U 75 -14.66 67.68 48.62
CA GLY U 75 -15.97 67.53 48.00
C GLY U 75 -16.62 66.16 48.01
N PHE U 76 -15.83 65.14 47.68
CA PHE U 76 -16.30 63.76 47.61
C PHE U 76 -17.55 63.64 46.78
N THR U 77 -17.42 63.98 45.51
CA THR U 77 -18.51 63.94 44.56
C THR U 77 -19.02 62.54 44.34
N SER U 78 -18.10 61.59 44.32
CA SER U 78 -18.49 60.23 44.03
C SER U 78 -19.49 59.66 45.00
N GLN U 79 -19.31 59.96 46.28
CA GLN U 79 -20.21 59.49 47.33
C GLN U 79 -21.61 59.87 46.97
N MET U 80 -21.75 61.04 46.37
CA MET U 80 -23.06 61.46 45.91
C MET U 80 -23.51 60.66 44.68
N VAL U 81 -22.58 60.44 43.76
CA VAL U 81 -22.85 59.68 42.54
C VAL U 81 -23.36 58.29 42.88
N PHE U 82 -22.68 57.63 43.82
CA PHE U 82 -23.06 56.29 44.24
C PHE U 82 -24.45 56.31 44.82
N GLY U 83 -24.77 57.37 45.56
CA GLY U 83 -26.11 57.54 46.07
C GLY U 83 -27.21 57.61 45.04
N ILE U 84 -26.97 58.40 44.00
CA ILE U 84 -27.93 58.58 42.92
C ILE U 84 -28.04 57.27 42.13
N THR U 85 -26.90 56.70 41.76
CA THR U 85 -26.88 55.47 40.99
C THR U 85 -27.49 54.31 41.76
N GLU U 86 -27.30 54.29 43.08
CA GLU U 86 -27.85 53.22 43.92
C GLU U 86 -29.37 53.06 43.77
N VAL U 87 -30.10 54.16 43.86
CA VAL U 87 -31.56 54.12 43.74
C VAL U 87 -31.93 53.80 42.28
N LEU U 88 -31.10 54.28 41.35
CA LEU U 88 -31.38 54.10 39.93
C LEU U 88 -31.19 52.66 39.45
N ALA U 89 -30.48 51.84 40.24
CA ALA U 89 -30.32 50.43 39.92
C ALA U 89 -31.68 49.72 39.84
N THR U 90 -32.65 50.21 40.63
CA THR U 90 -33.98 49.63 40.63
C THR U 90 -34.65 49.71 39.26
N THR U 91 -34.58 50.88 38.66
CA THR U 91 -35.26 51.16 37.40
C THR U 91 -34.43 50.92 36.15
N GLN U 92 -35.03 51.25 35.02
CA GLN U 92 -34.35 51.24 33.73
C GLN U 92 -33.86 52.66 33.42
N TYR U 93 -33.92 53.56 34.41
CA TYR U 93 -33.39 54.91 34.20
C TYR U 93 -31.88 54.80 34.19
N HIS U 94 -31.24 55.64 33.38
CA HIS U 94 -29.78 55.70 33.35
C HIS U 94 -29.32 57.03 33.94
N LEU U 95 -28.09 57.41 33.66
CA LEU U 95 -27.55 58.65 34.22
C LEU U 95 -26.42 59.20 33.36
N VAL U 96 -26.62 60.39 32.81
CA VAL U 96 -25.55 61.06 32.08
C VAL U 96 -25.03 62.24 32.89
N VAL U 97 -23.73 62.51 32.75
CA VAL U 97 -23.07 63.59 33.45
C VAL U 97 -22.71 64.68 32.46
N THR U 98 -22.97 65.92 32.83
CA THR U 98 -22.70 67.06 31.95
C THR U 98 -21.99 68.18 32.69
N PRO U 99 -20.73 68.43 32.33
CA PRO U 99 -20.05 69.48 33.07
C PRO U 99 -20.11 70.83 32.37
N HIS U 100 -20.06 71.90 33.15
CA HIS U 100 -19.83 73.20 32.55
C HIS U 100 -18.49 73.67 33.09
N THR U 101 -17.62 74.05 32.17
CA THR U 101 -16.26 74.43 32.49
C THR U 101 -16.12 75.87 32.87
N HIS U 102 -17.17 76.63 32.61
CA HIS U 102 -17.12 78.03 32.93
C HIS U 102 -18.05 78.26 34.08
N ALA U 103 -17.59 78.99 35.08
CA ALA U 103 -18.42 79.30 36.22
C ALA U 103 -19.60 80.14 35.76
N LYS U 104 -19.32 81.12 34.89
CA LYS U 104 -20.35 81.99 34.37
C LYS U 104 -21.39 81.18 33.60
N ASP U 105 -20.94 80.23 32.80
CA ASP U 105 -21.89 79.44 32.02
C ASP U 105 -22.45 78.27 32.80
N SER U 106 -23.27 78.56 33.79
CA SER U 106 -23.86 77.52 34.60
C SER U 106 -25.16 77.11 33.96
N MET U 107 -25.42 77.66 32.79
CA MET U 107 -26.66 77.34 32.08
C MET U 107 -26.50 76.79 30.68
N VAL U 108 -25.28 76.84 30.19
CA VAL U 108 -24.95 76.34 28.88
C VAL U 108 -25.30 74.85 28.75
N PRO U 109 -24.96 74.02 29.77
CA PRO U 109 -25.33 72.62 29.59
C PRO U 109 -26.85 72.42 29.66
N ILE U 110 -27.51 73.20 30.49
CA ILE U 110 -28.95 73.11 30.68
C ILE U 110 -29.69 73.48 29.41
N ARG U 111 -29.15 74.45 28.68
CA ARG U 111 -29.76 74.80 27.42
C ARG U 111 -29.57 73.62 26.47
N TYR U 112 -28.42 72.96 26.54
CA TYR U 112 -28.18 71.76 25.73
C TYR U 112 -29.25 70.69 25.98
N ILE U 113 -29.56 70.42 27.24
CA ILE U 113 -30.49 69.34 27.59
C ILE U 113 -31.90 69.51 27.03
N LEU U 114 -32.52 70.65 27.28
CA LEU U 114 -33.87 70.87 26.81
C LEU U 114 -33.90 71.08 25.30
N GLU U 115 -32.84 71.70 24.77
CA GLU U 115 -32.75 71.94 23.33
C GLU U 115 -32.70 70.63 22.54
N THR U 116 -31.87 69.67 22.97
CA THR U 116 -31.81 68.39 22.28
C THR U 116 -32.84 67.40 22.80
N GLY U 117 -33.43 67.74 23.96
CA GLY U 117 -34.36 66.87 24.66
C GLY U 117 -33.73 65.54 25.06
N SER U 118 -32.47 65.58 25.46
CA SER U 118 -31.66 64.35 25.69
C SER U 118 -31.72 63.98 27.13
N ALA U 119 -32.83 64.32 27.72
CA ALA U 119 -32.92 64.01 29.09
C ALA U 119 -34.33 64.00 29.51
N ASP U 120 -34.57 63.15 30.48
CA ASP U 120 -35.87 63.00 31.08
C ASP U 120 -35.90 63.77 32.39
N GLY U 121 -34.74 63.92 33.03
CA GLY U 121 -34.62 64.64 34.29
C GLY U 121 -33.22 65.19 34.51
N VAL U 122 -33.08 66.22 35.35
CA VAL U 122 -31.77 66.82 35.62
C VAL U 122 -31.54 67.02 37.10
N ILE U 123 -30.31 66.92 37.57
CA ILE U 123 -30.11 67.19 39.03
C ILE U 123 -29.11 68.36 39.17
N ILE U 124 -29.43 69.39 39.96
CA ILE U 124 -28.52 70.53 39.97
C ILE U 124 -27.99 70.97 41.36
N SER U 125 -26.80 71.55 41.34
CA SER U 125 -26.05 71.95 42.53
C SER U 125 -25.68 73.41 42.36
N LYS U 126 -24.94 73.95 43.33
CA LYS U 126 -24.52 75.35 43.30
C LYS U 126 -25.75 76.22 43.16
N ILE U 127 -26.70 76.04 44.07
CA ILE U 127 -27.97 76.75 43.97
C ILE U 127 -27.90 78.15 44.56
N GLU U 128 -28.41 79.11 43.80
CA GLU U 128 -28.52 80.48 44.24
C GLU U 128 -29.96 80.85 44.62
N PRO U 129 -30.15 81.92 45.41
CA PRO U 129 -31.53 82.41 45.60
C PRO U 129 -31.95 82.97 44.26
N ASN U 130 -33.15 82.67 43.78
CA ASN U 130 -33.59 83.19 42.48
C ASN U 130 -32.51 82.76 41.50
N ASP U 131 -32.44 81.46 41.27
CA ASP U 131 -31.34 80.88 40.52
C ASP U 131 -31.78 80.77 39.07
N PRO U 132 -30.88 81.10 38.14
CA PRO U 132 -31.30 81.13 36.74
C PRO U 132 -31.81 79.77 36.25
N ARG U 133 -31.21 78.69 36.66
CA ARG U 133 -31.69 77.42 36.16
C ARG U 133 -32.93 76.91 36.84
N VAL U 134 -33.16 77.28 38.10
CA VAL U 134 -34.35 76.77 38.75
C VAL U 134 -35.69 77.06 38.04
N ARG U 135 -35.95 78.28 37.62
CA ARG U 135 -37.25 78.48 36.96
C ARG U 135 -37.29 78.13 35.46
N PHE U 136 -36.15 78.19 34.75
CA PHE U 136 -36.07 77.82 33.34
C PHE U 136 -36.68 76.46 33.10
N MET U 137 -36.36 75.52 33.96
CA MET U 137 -36.87 74.18 33.80
C MET U 137 -38.29 74.00 34.25
N THR U 138 -38.61 74.52 35.42
CA THR U 138 -39.94 74.28 35.93
C THR U 138 -41.04 74.80 35.05
N GLU U 139 -40.87 75.98 34.48
CA GLU U 139 -41.94 76.47 33.66
C GLU U 139 -41.81 75.89 32.27
N ARG U 140 -40.83 75.02 32.10
CA ARG U 140 -40.71 74.36 30.81
C ARG U 140 -41.18 72.91 30.92
N LYS U 141 -41.83 72.59 32.03
CA LYS U 141 -42.37 71.27 32.36
C LYS U 141 -41.31 70.20 32.40
N MET U 142 -40.14 70.55 32.89
CA MET U 142 -39.05 69.62 32.99
C MET U 142 -38.82 69.38 34.47
N PRO U 143 -39.34 68.27 34.98
CA PRO U 143 -39.22 67.95 36.40
C PRO U 143 -37.75 67.66 36.75
N PHE U 144 -37.24 68.26 37.81
CA PHE U 144 -35.85 68.07 38.24
C PHE U 144 -35.69 68.40 39.72
N VAL U 145 -34.53 68.09 40.29
CA VAL U 145 -34.30 68.35 41.71
C VAL U 145 -33.03 69.19 41.94
N THR U 146 -32.91 69.81 43.11
CA THR U 146 -31.77 70.69 43.39
C THR U 146 -30.97 70.34 44.65
N HIS U 147 -29.66 70.52 44.56
CA HIS U 147 -28.72 70.40 45.68
C HIS U 147 -28.69 71.68 46.50
N GLY U 148 -29.62 71.82 47.44
CA GLY U 148 -29.72 73.05 48.18
C GLY U 148 -31.15 73.53 48.11
N ARG U 149 -31.45 74.61 48.81
CA ARG U 149 -32.81 75.12 48.82
C ARG U 149 -32.85 76.38 47.98
N SER U 150 -34.03 76.78 47.53
CA SER U 150 -34.09 77.93 46.65
C SER U 150 -35.10 78.91 47.18
N ASP U 151 -34.72 80.18 47.09
CA ASP U 151 -35.54 81.27 47.56
C ASP U 151 -36.03 81.99 46.34
N MET U 152 -36.43 81.22 45.33
CA MET U 152 -36.58 81.75 44.00
C MET U 152 -38.06 82.07 43.90
N GLY U 153 -38.80 81.41 44.78
CA GLY U 153 -40.24 81.56 44.84
C GLY U 153 -41.00 80.31 44.44
N ILE U 154 -40.28 79.34 43.86
CA ILE U 154 -40.91 78.09 43.41
C ILE U 154 -40.75 77.01 44.46
N GLU U 155 -41.85 76.33 44.78
CA GLU U 155 -41.75 75.21 45.72
C GLU U 155 -41.53 73.99 44.88
N HIS U 156 -40.40 73.34 45.08
CA HIS U 156 -40.01 72.33 44.15
C HIS U 156 -39.10 71.43 45.00
N ALA U 157 -38.96 70.14 44.71
CA ALA U 157 -38.13 69.30 45.58
C ALA U 157 -36.65 69.67 45.61
N TYR U 158 -36.08 69.68 46.82
CA TYR U 158 -34.68 70.02 46.99
C TYR U 158 -34.11 69.35 48.23
N HIS U 159 -32.79 69.18 48.30
CA HIS U 159 -32.21 68.69 49.55
C HIS U 159 -30.78 69.12 49.85
N ASP U 160 -30.59 69.86 50.94
CA ASP U 160 -29.28 70.10 51.52
C ASP U 160 -29.58 69.97 53.00
N PHE U 161 -28.56 69.90 53.84
CA PHE U 161 -28.87 69.78 55.25
C PHE U 161 -28.91 71.18 55.87
N ASP U 162 -29.39 71.24 57.11
CA ASP U 162 -29.68 72.49 57.79
C ASP U 162 -28.37 73.15 58.21
N ASN U 163 -27.75 73.84 57.25
CA ASN U 163 -26.49 74.56 57.44
C ASN U 163 -26.64 75.83 58.24
N GLU U 164 -27.90 76.28 58.33
CA GLU U 164 -28.24 77.36 59.22
C GLU U 164 -28.03 76.89 60.66
N ALA U 165 -28.39 75.64 60.93
CA ALA U 165 -28.20 75.02 62.26
C ALA U 165 -26.74 74.91 62.70
N TYR U 166 -25.89 74.43 61.79
CA TYR U 166 -24.46 74.19 62.07
C TYR U 166 -23.76 75.44 62.56
N ALA U 167 -24.10 76.56 61.96
CA ALA U 167 -23.49 77.80 62.32
C ALA U 167 -23.77 78.24 63.78
N TYR U 168 -25.03 78.13 64.25
CA TYR U 168 -25.34 78.42 65.66
C TYR U 168 -24.73 77.40 66.62
N GLU U 169 -24.10 76.39 66.02
CA GLU U 169 -23.40 75.33 66.72
C GLU U 169 -21.95 75.19 66.22
N ILE U 185 -13.77 81.56 58.13
CA ILE U 185 -14.02 81.60 56.69
C ILE U 185 -15.49 81.44 56.35
N VAL U 186 -15.93 82.16 55.33
CA VAL U 186 -17.34 82.22 54.96
C VAL U 186 -17.54 81.62 53.58
N PRO U 187 -18.73 81.06 53.29
CA PRO U 187 -18.81 80.73 51.86
C PRO U 187 -19.08 81.97 50.99
N PRO U 188 -18.74 81.93 49.68
CA PRO U 188 -19.05 83.11 48.86
C PRO U 188 -20.56 83.19 48.81
N SER U 189 -21.15 84.38 48.93
CA SER U 189 -22.61 84.55 48.97
C SER U 189 -23.32 84.75 47.62
N ARG U 190 -22.64 84.49 46.51
CA ARG U 190 -23.33 84.39 45.24
C ARG U 190 -24.43 83.33 45.41
N PHE U 191 -24.04 82.32 46.20
CA PHE U 191 -24.85 81.15 46.52
C PHE U 191 -25.75 81.40 47.74
N ALA U 192 -26.83 80.64 47.81
CA ALA U 192 -27.86 80.81 48.84
C ALA U 192 -27.47 80.36 50.26
N PHE U 193 -26.85 79.19 50.38
CA PHE U 193 -26.51 78.65 51.70
C PHE U 193 -25.46 79.49 52.42
N HIS U 194 -24.75 80.30 51.65
CA HIS U 194 -23.78 81.24 52.19
C HIS U 194 -24.33 82.18 53.25
N ASP U 195 -25.42 82.87 52.92
CA ASP U 195 -26.08 83.72 53.91
C ASP U 195 -27.04 82.92 54.79
N HIS U 196 -27.54 81.81 54.26
CA HIS U 196 -28.38 80.89 55.02
C HIS U 196 -27.57 80.43 56.22
N ALA U 197 -26.28 80.20 56.00
CA ALA U 197 -25.36 79.85 57.06
C ALA U 197 -25.25 81.03 58.03
N ARG U 198 -25.17 82.25 57.50
CA ARG U 198 -24.97 83.46 58.30
C ARG U 198 -26.18 83.79 59.15
N LYS U 199 -27.34 83.32 58.70
CA LYS U 199 -28.54 83.42 59.52
C LYS U 199 -28.20 82.61 60.75
N GLY U 200 -27.57 81.47 60.55
CA GLY U 200 -27.12 80.66 61.68
C GLY U 200 -25.90 81.12 62.51
N PHE U 201 -25.44 82.36 62.47
CA PHE U 201 -24.21 82.76 63.18
C PHE U 201 -24.37 83.89 64.21
N THR U 202 -25.31 84.78 63.91
CA THR U 202 -25.58 86.02 64.65
C THR U 202 -26.20 85.95 66.06
N ARG U 203 -26.99 84.91 66.33
CA ARG U 203 -27.54 84.65 67.65
C ARG U 203 -26.58 83.72 68.39
N GLY U 204 -25.68 83.10 67.63
CA GLY U 204 -24.61 82.26 68.14
C GLY U 204 -23.71 83.14 68.96
N ILE U 205 -23.42 84.32 68.43
CA ILE U 205 -22.69 85.35 69.11
C ILE U 205 -23.67 86.12 70.03
N ARG U 206 -24.95 86.24 69.67
CA ARG U 206 -25.91 86.87 70.59
C ARG U 206 -26.19 85.97 71.82
N ASP U 207 -26.51 84.69 71.59
CA ASP U 207 -26.82 83.81 72.71
C ASP U 207 -25.59 83.46 73.55
N PHE U 208 -24.41 83.40 72.94
CA PHE U 208 -23.22 83.13 73.73
C PHE U 208 -22.51 84.42 74.11
N GLY U 209 -23.02 85.55 73.61
CA GLY U 209 -22.54 86.83 74.07
C GLY U 209 -21.11 87.07 73.65
N VAL U 210 -20.69 86.35 72.62
CA VAL U 210 -19.32 86.44 72.17
C VAL U 210 -19.35 87.34 70.97
N SER U 211 -18.52 88.36 70.97
CA SER U 211 -18.48 89.21 69.80
C SER U 211 -17.49 88.51 68.91
N GLU U 212 -17.94 88.13 67.72
CA GLU U 212 -17.07 87.39 66.84
C GLU U 212 -16.57 88.21 65.66
N PHE U 213 -15.24 88.31 65.62
CA PHE U 213 -14.46 88.93 64.56
C PHE U 213 -15.17 89.07 63.22
N THR U 219 -12.76 81.90 53.04
CA THR U 219 -13.76 81.49 52.05
C THR U 219 -13.20 80.36 51.17
N ILE U 220 -14.10 79.59 50.53
CA ILE U 220 -13.73 78.50 49.63
C ILE U 220 -13.24 78.94 48.24
N GLU U 221 -13.81 80.02 47.73
CA GLU U 221 -13.50 80.46 46.38
C GLU U 221 -12.13 81.10 46.25
N THR U 222 -11.51 81.41 47.37
CA THR U 222 -10.12 81.85 47.33
C THR U 222 -9.22 80.65 47.01
N PRO U 223 -8.30 80.81 46.03
CA PRO U 223 -7.31 79.77 45.76
C PRO U 223 -6.58 79.72 47.06
N LEU U 224 -6.44 78.51 47.57
CA LEU U 224 -5.87 78.17 48.84
C LEU U 224 -4.45 78.61 49.03
N ASP U 225 -3.81 78.94 47.92
CA ASP U 225 -2.43 79.33 48.00
C ASP U 225 -2.33 80.56 48.89
N LYS U 226 -3.21 81.53 48.66
CA LYS U 226 -3.24 82.71 49.47
C LYS U 226 -3.63 82.37 50.90
N ILE U 227 -4.63 81.50 51.02
CA ILE U 227 -5.16 81.08 52.31
C ILE U 227 -4.02 80.55 53.12
N ARG U 228 -3.21 79.73 52.49
CA ARG U 228 -1.96 79.31 53.12
C ARG U 228 -1.15 80.55 53.52
N ASP U 229 -1.01 81.48 52.58
CA ASP U 229 -0.26 82.73 52.83
C ASP U 229 -0.91 83.65 53.86
N PHE U 230 -2.22 83.78 53.83
CA PHE U 230 -2.92 84.61 54.81
C PHE U 230 -2.78 84.04 56.22
N SER U 248 -17.25 74.16 55.89
CA SER U 248 -16.62 73.65 54.68
C SER U 248 -15.38 72.87 55.06
N GLY U 249 -15.28 71.60 54.69
CA GLY U 249 -14.15 70.78 55.11
C GLY U 249 -12.69 71.03 54.73
N SER U 250 -12.42 71.81 53.68
CA SER U 250 -11.05 72.08 53.23
C SER U 250 -10.77 73.57 53.03
N SER U 251 -11.67 74.41 53.54
CA SER U 251 -11.26 75.75 53.92
C SER U 251 -10.62 75.55 55.29
N THR U 252 -11.09 74.52 56.00
CA THR U 252 -10.54 74.16 57.31
C THR U 252 -9.12 73.60 57.31
N ILE U 253 -8.85 72.60 56.46
CA ILE U 253 -7.55 71.89 56.41
C ILE U 253 -6.40 72.82 56.07
N ALA U 254 -6.81 73.77 55.24
CA ALA U 254 -6.07 74.79 54.54
C ALA U 254 -5.51 75.98 55.34
N LEU U 255 -6.38 76.49 56.19
CA LEU U 255 -6.09 77.60 57.07
C LEU U 255 -5.11 77.16 58.13
N VAL U 256 -5.28 75.92 58.58
CA VAL U 256 -4.39 75.34 59.59
C VAL U 256 -2.98 75.19 59.01
N ALA U 257 -2.85 75.02 57.70
CA ALA U 257 -1.53 74.98 57.08
C ALA U 257 -0.80 76.28 57.36
N GLY U 258 -1.53 77.39 57.29
CA GLY U 258 -0.98 78.68 57.67
C GLY U 258 -0.72 78.72 59.16
N PHE U 259 -1.63 78.11 59.92
CA PHE U 259 -1.52 78.02 61.37
C PHE U 259 -0.34 77.17 61.83
N GLU U 260 -0.10 76.03 61.15
CA GLU U 260 1.00 75.15 61.54
C GLU U 260 2.36 75.67 61.09
N ALA U 261 2.39 76.50 60.05
CA ALA U 261 3.62 77.21 59.70
C ALA U 261 3.94 78.17 60.84
N ALA U 262 2.91 78.85 61.34
CA ALA U 262 3.07 79.68 62.52
C ALA U 262 3.25 78.80 63.76
N GLY U 263 2.71 77.58 63.73
CA GLY U 263 2.97 76.62 64.78
C GLY U 263 2.08 76.69 66.01
N VAL U 264 0.81 77.06 65.85
CA VAL U 264 -0.05 77.23 67.01
C VAL U 264 -0.89 76.00 67.36
N ARG U 265 -1.01 75.72 68.66
CA ARG U 265 -1.87 74.65 69.13
C ARG U 265 -3.29 75.20 69.21
N ILE U 266 -4.21 74.51 68.55
CA ILE U 266 -5.60 74.96 68.46
C ILE U 266 -6.34 74.66 69.76
N GLY U 267 -5.92 73.60 70.44
CA GLY U 267 -6.56 73.17 71.67
C GLY U 267 -6.60 74.32 72.65
N LYS U 268 -7.75 74.49 73.33
CA LYS U 268 -7.96 75.58 74.28
C LYS U 268 -7.89 76.93 73.57
N GLU U 293 -21.74 65.70 57.34
CA GLU U 293 -22.67 65.69 56.22
C GLU U 293 -22.55 64.39 55.43
N ASP U 294 -23.55 63.52 55.55
CA ASP U 294 -23.56 62.26 54.81
C ASP U 294 -24.07 62.58 53.42
N ILE U 295 -23.14 62.71 52.47
CA ILE U 295 -23.47 63.19 51.13
C ILE U 295 -23.94 62.05 50.22
N LYS U 296 -23.57 60.82 50.56
CA LYS U 296 -23.94 59.70 49.71
C LYS U 296 -25.43 59.37 49.66
N LEU U 297 -26.19 59.63 50.72
CA LEU U 297 -27.63 59.37 50.68
C LEU U 297 -28.35 60.69 50.53
N ALA U 298 -27.62 61.77 50.77
CA ALA U 298 -28.09 63.09 50.43
C ALA U 298 -28.33 63.00 48.93
N GLY U 299 -27.33 62.41 48.27
CA GLY U 299 -27.38 62.09 46.87
C GLY U 299 -28.51 61.12 46.59
N ARG U 300 -28.69 60.13 47.46
CA ARG U 300 -29.75 59.14 47.28
C ARG U 300 -31.14 59.71 47.51
N GLU U 301 -31.26 60.72 48.37
CA GLU U 301 -32.59 61.26 48.68
C GLU U 301 -33.07 62.32 47.69
N LEU U 302 -32.15 63.04 47.06
CA LEU U 302 -32.49 63.87 45.92
C LEU U 302 -32.84 63.07 44.66
N ALA U 303 -32.09 62.00 44.40
CA ALA U 303 -32.34 61.14 43.25
C ALA U 303 -33.74 60.54 43.32
N LYS U 304 -34.06 59.91 44.45
CA LYS U 304 -35.36 59.25 44.64
C LYS U 304 -36.56 60.20 44.60
N ALA U 305 -36.35 61.45 45.02
CA ALA U 305 -37.39 62.49 45.04
C ALA U 305 -37.88 62.66 43.65
N LEU U 306 -36.89 62.73 42.80
CA LEU U 306 -37.04 63.02 41.43
C LEU U 306 -37.93 62.10 40.66
N LEU U 307 -37.76 60.81 40.93
CA LEU U 307 -38.47 59.77 40.24
C LEU U 307 -39.94 60.09 40.46
N ALA U 308 -40.26 60.40 41.72
CA ALA U 308 -41.61 60.78 42.12
C ALA U 308 -42.21 61.99 41.39
N ARG U 309 -41.44 63.06 41.16
CA ARG U 309 -42.04 64.21 40.45
C ARG U 309 -42.18 63.80 38.97
N ILE U 310 -41.27 62.95 38.50
CA ILE U 310 -41.45 62.42 37.16
C ILE U 310 -42.67 61.50 37.25
N ASN U 311 -42.83 60.80 38.37
CA ASN U 311 -44.04 60.04 38.61
C ASN U 311 -45.25 60.94 38.84
N GLY U 312 -45.00 62.15 39.34
CA GLY U 312 -46.06 63.15 39.47
C GLY U 312 -46.41 63.54 40.88
N ALA U 313 -45.50 63.30 41.81
CA ALA U 313 -45.74 63.65 43.21
C ALA U 313 -45.65 65.15 43.44
N PRO U 314 -46.42 65.68 44.41
CA PRO U 314 -46.45 67.13 44.62
C PRO U 314 -45.10 67.63 45.10
N PRO U 315 -44.49 68.57 44.36
CA PRO U 315 -43.12 69.05 44.57
C PRO U 315 -42.81 69.38 46.02
N GLU U 316 -43.78 69.93 46.75
CA GLU U 316 -43.53 70.31 48.13
C GLU U 316 -43.46 69.10 49.07
N THR U 317 -44.06 68.00 48.68
CA THR U 317 -43.96 66.74 49.42
C THR U 317 -42.53 66.26 49.52
N LEU U 318 -41.90 66.19 48.35
CA LEU U 318 -40.60 65.58 48.14
C LEU U 318 -39.41 66.36 48.71
N GLN U 319 -39.65 67.55 49.24
CA GLN U 319 -38.52 68.28 49.84
C GLN U 319 -38.57 67.98 51.34
N SER U 320 -37.41 67.59 51.87
CA SER U 320 -37.28 67.13 53.25
C SER U 320 -35.86 66.60 53.46
N GLU V 1 -40.95 74.55 17.74
CA GLU V 1 -40.75 73.18 17.28
C GLU V 1 -39.28 72.89 17.02
N ARG V 2 -38.83 71.73 17.47
CA ARG V 2 -37.46 71.34 17.23
C ARG V 2 -37.25 71.17 15.74
N PRO V 3 -36.16 71.72 15.21
CA PRO V 3 -35.91 71.66 13.77
C PRO V 3 -35.69 70.21 13.40
N THR V 4 -36.01 69.78 12.19
CA THR V 4 -35.81 68.38 11.84
C THR V 4 -35.09 68.32 10.49
N LEU V 5 -34.58 67.16 10.11
CA LEU V 5 -33.98 66.99 8.78
C LEU V 5 -35.06 67.32 7.77
N LYS V 6 -36.29 66.93 8.09
CA LYS V 6 -37.46 67.26 7.30
C LYS V 6 -37.67 68.76 7.19
N THR V 7 -37.57 69.47 8.32
CA THR V 7 -37.75 70.92 8.32
C THR V 7 -36.71 71.55 7.42
N ILE V 8 -35.47 71.07 7.51
CA ILE V 8 -34.45 71.54 6.58
C ILE V 8 -34.91 71.28 5.14
N ALA V 9 -35.38 70.07 4.86
CA ALA V 9 -35.86 69.73 3.53
C ALA V 9 -37.04 70.61 3.08
N TYR V 10 -37.93 70.93 4.02
CA TYR V 10 -39.09 71.77 3.73
C TYR V 10 -38.69 73.20 3.38
N MET V 11 -37.80 73.79 4.18
CA MET V 11 -37.37 75.16 3.97
C MET V 11 -36.67 75.29 2.63
N THR V 12 -35.84 74.31 2.34
CA THR V 12 -35.00 74.34 1.15
C THR V 12 -35.79 73.88 -0.08
N GLY V 13 -36.92 73.22 0.16
CA GLY V 13 -37.54 72.33 -0.81
C GLY V 13 -36.66 71.34 -1.56
N LEU V 14 -35.84 70.61 -0.83
CA LEU V 14 -35.01 69.55 -1.41
C LEU V 14 -35.45 68.20 -0.87
N GLY V 15 -34.84 67.12 -1.37
CA GLY V 15 -35.16 65.78 -0.92
C GLY V 15 -34.42 65.45 0.36
N ILE V 16 -35.16 65.05 1.40
CA ILE V 16 -34.58 64.64 2.68
C ILE V 16 -33.24 63.90 2.55
N THR V 17 -33.17 62.97 1.61
CA THR V 17 -31.93 62.22 1.41
C THR V 17 -30.76 63.09 0.94
N THR V 18 -31.04 64.08 0.09
CA THR V 18 -29.98 64.95 -0.38
C THR V 18 -29.32 65.71 0.75
N VAL V 19 -30.13 66.30 1.62
CA VAL V 19 -29.60 67.12 2.71
C VAL V 19 -28.77 66.30 3.72
N SER V 20 -29.26 65.15 4.16
CA SER V 20 -28.56 64.35 5.16
C SER V 20 -27.15 63.94 4.76
N ARG V 21 -27.03 63.37 3.55
CA ARG V 21 -25.74 62.89 3.05
C ARG V 21 -24.89 64.09 2.63
N ALA V 22 -25.55 65.23 2.41
CA ALA V 22 -24.87 66.45 2.06
C ALA V 22 -24.08 67.00 3.25
N LEU V 23 -24.66 66.95 4.45
CA LEU V 23 -23.98 67.47 5.63
C LEU V 23 -22.74 66.63 5.90
N LYS V 24 -22.86 65.35 5.57
CA LYS V 24 -21.76 64.40 5.59
C LYS V 24 -20.87 64.51 4.36
N ASP V 25 -20.75 65.73 3.82
CA ASP V 25 -20.02 66.00 2.59
C ASP V 25 -20.54 65.16 1.43
N ALA V 26 -19.92 64.00 1.24
CA ALA V 26 -20.20 63.05 0.15
C ALA V 26 -19.84 63.57 -1.24
N PRO V 27 -19.36 62.66 -2.10
CA PRO V 27 -19.09 62.93 -3.52
C PRO V 27 -20.37 63.16 -4.30
N ASP V 28 -21.45 62.57 -3.80
CA ASP V 28 -22.72 62.52 -4.51
C ASP V 28 -23.37 63.87 -4.84
N ILE V 29 -23.39 64.76 -3.86
CA ILE V 29 -24.13 66.02 -4.00
C ILE V 29 -23.27 67.20 -4.45
N GLY V 30 -23.87 68.07 -5.27
CA GLY V 30 -23.19 69.21 -5.87
C GLY V 30 -22.77 70.31 -4.92
N ALA V 31 -21.55 70.80 -5.13
CA ALA V 31 -20.90 71.80 -4.28
C ALA V 31 -21.80 72.95 -3.82
N GLU V 32 -22.60 73.50 -4.71
CA GLU V 32 -23.42 74.65 -4.36
C GLU V 32 -24.55 74.26 -3.41
N THR V 33 -25.10 73.07 -3.60
CA THR V 33 -26.15 72.55 -2.74
C THR V 33 -25.67 72.32 -1.30
N LYS V 34 -24.41 71.88 -1.17
CA LYS V 34 -23.81 71.64 0.15
C LYS V 34 -23.68 72.89 1.00
N GLU V 35 -23.21 73.99 0.39
CA GLU V 35 -23.05 75.23 1.14
C GLU V 35 -24.42 75.76 1.58
N ARG V 36 -25.43 75.49 0.76
CA ARG V 36 -26.80 75.84 1.11
C ARG V 36 -27.25 75.09 2.35
N VAL V 37 -26.90 73.82 2.36
CA VAL V 37 -27.22 72.90 3.42
C VAL V 37 -26.38 73.10 4.66
N ARG V 38 -25.08 73.25 4.49
CA ARG V 38 -24.25 73.41 5.64
C ARG V 38 -24.60 74.65 6.41
N LEU V 39 -24.80 75.74 5.70
CA LEU V 39 -25.13 77.00 6.35
C LEU V 39 -26.49 77.07 7.04
N ILE V 40 -27.53 76.50 6.45
CA ILE V 40 -28.83 76.58 7.10
C ILE V 40 -28.83 75.89 8.45
N ALA V 41 -28.16 74.75 8.55
CA ALA V 41 -28.14 74.03 9.77
C ALA V 41 -27.54 74.86 10.88
N GLN V 42 -26.44 75.54 10.61
CA GLN V 42 -25.87 76.31 11.69
C GLN V 42 -26.77 77.43 12.15
N GLN V 43 -27.49 78.06 11.23
CA GLN V 43 -28.34 79.14 11.69
C GLN V 43 -29.57 78.65 12.48
N ILE V 44 -30.14 77.52 12.08
CA ILE V 44 -31.27 76.96 12.82
C ILE V 44 -30.72 76.12 13.97
N GLY V 45 -29.45 75.75 13.85
CA GLY V 45 -28.74 74.94 14.83
C GLY V 45 -29.39 73.62 15.17
N TYR V 46 -29.58 72.79 14.14
CA TYR V 46 -30.27 71.52 14.30
C TYR V 46 -29.31 70.44 14.81
N GLN V 47 -29.73 69.68 15.82
CA GLN V 47 -28.91 68.55 16.24
C GLN V 47 -29.73 67.30 15.97
N PRO V 48 -29.18 66.40 15.15
CA PRO V 48 -29.86 65.17 14.72
C PRO V 48 -30.31 64.36 15.91
N ASN V 49 -31.53 63.80 15.81
CA ASN V 49 -32.06 63.03 16.92
C ASN V 49 -31.29 61.73 17.09
N ARG V 50 -30.61 61.62 18.21
CA ARG V 50 -29.79 60.46 18.50
C ARG V 50 -30.64 59.21 18.50
N ALA V 51 -31.88 59.35 18.97
CA ALA V 51 -32.81 58.23 19.04
C ALA V 51 -33.01 57.69 17.63
N GLY V 52 -33.15 58.58 16.66
CA GLY V 52 -33.32 58.18 15.27
C GLY V 52 -32.10 57.50 14.67
N VAL V 53 -30.93 58.05 14.97
CA VAL V 53 -29.67 57.54 14.45
C VAL V 53 -29.34 56.19 15.10
N ARG V 54 -29.51 56.10 16.42
CA ARG V 54 -29.18 54.90 17.18
C ARG V 54 -30.06 53.71 16.81
N LEU V 55 -31.30 53.99 16.42
CA LEU V 55 -32.20 52.93 15.97
C LEU V 55 -31.90 52.42 14.56
N ARG V 56 -31.61 53.34 13.65
CA ARG V 56 -31.37 52.99 12.26
C ARG V 56 -29.98 52.41 12.06
N THR V 57 -29.02 52.99 12.75
CA THR V 57 -27.66 52.49 12.70
C THR V 57 -27.33 51.97 14.08
N GLY V 58 -26.27 51.17 14.19
CA GLY V 58 -25.82 50.65 15.47
C GLY V 58 -25.37 51.75 16.41
N LYS V 59 -24.93 52.87 15.82
CA LYS V 59 -24.21 53.91 16.57
C LYS V 59 -24.98 54.35 17.79
N THR V 60 -24.37 54.13 18.95
CA THR V 60 -24.98 54.53 20.21
C THR V 60 -24.43 55.88 20.62
N ASN V 61 -23.36 56.29 19.95
CA ASN V 61 -22.62 57.53 20.23
C ASN V 61 -22.53 57.82 21.73
N VAL V 62 -22.27 56.78 22.51
CA VAL V 62 -22.13 56.91 23.96
C VAL V 62 -20.91 56.14 24.44
N ILE V 63 -20.17 56.72 25.38
CA ILE V 63 -19.08 55.99 26.00
C ILE V 63 -19.49 55.69 27.45
N ALA V 64 -19.46 54.41 27.82
CA ALA V 64 -19.85 53.98 29.18
C ALA V 64 -18.66 53.66 30.09
N LEU V 65 -18.60 54.31 31.25
CA LEU V 65 -17.59 53.96 32.25
C LEU V 65 -18.17 53.23 33.48
N VAL V 66 -17.66 52.04 33.74
CA VAL V 66 -18.07 51.26 34.90
C VAL V 66 -17.12 51.49 36.08
N LEU V 67 -17.71 51.72 37.25
CA LEU V 67 -16.96 52.15 38.42
C LEU V 67 -17.26 51.27 39.61
N SER V 68 -16.21 50.82 40.31
CA SER V 68 -16.41 50.12 41.57
C SER V 68 -16.81 51.09 42.68
N VAL V 69 -17.82 50.70 43.45
CA VAL V 69 -18.25 51.51 44.60
C VAL V 69 -17.12 51.56 45.62
N ASP V 70 -16.29 50.52 45.65
CA ASP V 70 -15.08 50.58 46.43
C ASP V 70 -14.00 51.37 45.66
N GLU V 71 -13.60 52.49 46.25
CA GLU V 71 -12.59 53.33 45.63
C GLU V 71 -11.73 53.96 46.71
N GLU V 72 -10.46 54.22 46.37
CA GLU V 72 -9.60 54.91 47.31
C GLU V 72 -10.19 56.28 47.56
N LEU V 73 -10.39 56.60 48.82
CA LEU V 73 -10.90 57.90 49.23
C LEU V 73 -9.92 59.01 48.82
N MET V 74 -8.63 58.70 48.91
CA MET V 74 -7.59 59.68 48.65
C MET V 74 -7.23 59.85 47.18
N GLY V 75 -7.66 58.90 46.35
CA GLY V 75 -7.45 58.97 44.91
C GLY V 75 -8.35 59.98 44.22
N PHE V 76 -9.26 60.60 44.99
CA PHE V 76 -10.32 61.49 44.49
C PHE V 76 -10.81 61.15 43.08
N THR V 77 -11.75 60.20 42.98
CA THR V 77 -12.20 59.64 41.68
C THR V 77 -12.91 60.57 40.72
N SER V 78 -13.68 61.51 41.25
CA SER V 78 -14.42 62.38 40.36
C SER V 78 -13.51 63.02 39.35
N GLN V 79 -12.27 63.33 39.75
CA GLN V 79 -11.37 63.92 38.78
C GLN V 79 -10.90 62.93 37.68
N MET V 80 -11.26 61.66 37.72
CA MET V 80 -10.92 60.90 36.51
C MET V 80 -11.80 61.38 35.35
N VAL V 81 -13.07 61.57 35.72
CA VAL V 81 -14.17 61.99 34.85
C VAL V 81 -14.21 63.32 34.10
N PHE V 82 -13.93 64.45 34.74
CA PHE V 82 -14.08 65.73 34.02
C PHE V 82 -13.03 65.68 32.92
N GLY V 83 -11.94 64.99 33.22
CA GLY V 83 -10.86 64.70 32.29
C GLY V 83 -11.29 63.96 31.04
N ILE V 84 -12.07 62.90 31.20
CA ILE V 84 -12.58 62.16 30.03
C ILE V 84 -13.56 63.10 29.32
N THR V 85 -14.46 63.71 30.09
CA THR V 85 -15.51 64.56 29.51
C THR V 85 -14.89 65.73 28.77
N GLU V 86 -13.75 66.24 29.27
CA GLU V 86 -13.05 67.34 28.60
C GLU V 86 -12.76 66.97 27.17
N VAL V 87 -12.27 65.75 26.98
CA VAL V 87 -11.94 65.25 25.65
C VAL V 87 -13.14 65.04 24.73
N LEU V 88 -14.14 64.29 25.23
CA LEU V 88 -15.29 63.92 24.41
C LEU V 88 -16.39 64.96 24.23
N ALA V 89 -16.46 65.94 25.12
CA ALA V 89 -17.52 66.95 25.05
C ALA V 89 -17.50 67.69 23.71
N THR V 90 -16.30 67.86 23.17
CA THR V 90 -16.09 68.47 21.87
C THR V 90 -16.67 67.63 20.75
N THR V 91 -16.52 66.32 20.87
CA THR V 91 -17.04 65.42 19.87
C THR V 91 -18.45 65.23 20.43
N GLN V 92 -19.34 64.50 19.76
CA GLN V 92 -20.63 64.35 20.41
C GLN V 92 -20.95 63.00 21.06
N TYR V 93 -19.93 62.30 21.55
CA TYR V 93 -20.19 61.11 22.34
C TYR V 93 -20.65 61.56 23.72
N HIS V 94 -21.53 60.79 24.33
CA HIS V 94 -22.00 61.11 25.67
C HIS V 94 -21.46 60.09 26.67
N LEU V 95 -21.52 60.45 27.95
CA LEU V 95 -20.95 59.63 29.01
C LEU V 95 -21.98 59.06 30.00
N VAL V 96 -22.07 57.73 30.07
CA VAL V 96 -22.93 57.05 31.04
C VAL V 96 -22.13 56.31 32.14
N VAL V 97 -22.65 56.30 33.37
CA VAL V 97 -22.01 55.60 34.50
C VAL V 97 -22.84 54.44 35.09
N THR V 98 -22.18 53.31 35.34
CA THR V 98 -22.79 52.12 35.96
C THR V 98 -21.91 51.43 37.01
N PRO V 99 -22.31 51.47 38.29
CA PRO V 99 -21.59 50.87 39.43
C PRO V 99 -22.13 49.49 39.84
N HIS V 100 -21.39 48.67 40.60
CA HIS V 100 -22.08 47.49 41.19
C HIS V 100 -21.51 46.86 42.49
N THR V 101 -22.42 46.28 43.26
CA THR V 101 -22.23 45.55 44.51
C THR V 101 -21.04 45.82 45.42
N HIS V 102 -20.22 44.78 45.47
CA HIS V 102 -18.91 44.72 46.07
C HIS V 102 -18.08 44.14 44.94
N ALA V 103 -16.98 43.48 45.30
CA ALA V 103 -16.14 42.79 44.34
C ALA V 103 -16.91 41.68 43.62
N LYS V 104 -17.88 41.08 44.31
CA LYS V 104 -18.72 40.05 43.70
C LYS V 104 -19.55 40.71 42.63
N ASP V 105 -19.71 40.00 41.51
CA ASP V 105 -20.49 40.50 40.37
C ASP V 105 -19.76 41.67 39.72
N SER V 106 -18.45 41.50 39.56
CA SER V 106 -17.61 42.52 38.96
C SER V 106 -17.88 42.51 37.46
N MET V 107 -18.42 41.39 36.98
CA MET V 107 -18.70 41.22 35.56
C MET V 107 -20.15 41.50 35.12
N VAL V 108 -21.09 41.54 36.06
CA VAL V 108 -22.49 41.76 35.69
C VAL V 108 -22.82 43.13 35.04
N PRO V 109 -22.27 44.27 35.53
CA PRO V 109 -22.71 45.48 34.82
C PRO V 109 -22.16 45.50 33.41
N ILE V 110 -20.97 44.95 33.25
CA ILE V 110 -20.30 44.85 31.97
C ILE V 110 -21.13 43.94 31.06
N ARG V 111 -21.72 42.89 31.64
CA ARG V 111 -22.57 41.99 30.88
C ARG V 111 -23.88 42.64 30.48
N TYR V 112 -24.43 43.45 31.37
CA TYR V 112 -25.63 44.22 31.07
C TYR V 112 -25.48 45.10 29.83
N ILE V 113 -24.38 45.85 29.77
CA ILE V 113 -24.21 46.84 28.71
C ILE V 113 -24.14 46.24 27.28
N LEU V 114 -23.32 45.21 27.05
CA LEU V 114 -23.23 44.66 25.70
C LEU V 114 -24.50 43.85 25.36
N GLU V 115 -25.09 43.21 26.36
CA GLU V 115 -26.32 42.46 26.14
C GLU V 115 -27.39 43.44 25.65
N THR V 116 -27.48 44.59 26.31
CA THR V 116 -28.44 45.61 25.94
C THR V 116 -27.89 46.46 24.79
N GLY V 117 -26.61 46.25 24.45
CA GLY V 117 -25.97 46.97 23.36
C GLY V 117 -25.88 48.48 23.51
N SER V 118 -25.54 48.92 24.72
CA SER V 118 -25.62 50.34 25.09
C SER V 118 -24.36 51.18 24.95
N ALA V 119 -23.39 50.79 24.13
CA ALA V 119 -22.18 51.61 24.04
C ALA V 119 -21.32 51.41 22.80
N ASP V 120 -20.69 52.49 22.37
CA ASP V 120 -19.71 52.41 21.30
C ASP V 120 -18.33 52.22 21.94
N GLY V 121 -18.20 52.60 23.21
CA GLY V 121 -17.00 52.27 23.94
C GLY V 121 -17.14 52.25 25.44
N VAL V 122 -16.23 51.53 26.09
CA VAL V 122 -16.31 51.27 27.52
C VAL V 122 -14.98 51.48 28.25
N ILE V 123 -15.04 52.13 29.41
CA ILE V 123 -13.89 52.30 30.28
C ILE V 123 -14.25 51.57 31.57
N ILE V 124 -13.26 50.90 32.15
CA ILE V 124 -13.43 50.13 33.38
C ILE V 124 -12.19 50.36 34.24
N SER V 125 -12.22 50.10 35.53
CA SER V 125 -11.03 50.25 36.37
C SER V 125 -10.99 49.11 37.38
N LYS V 126 -10.08 49.19 38.36
CA LYS V 126 -9.97 48.20 39.43
C LYS V 126 -9.85 46.83 38.79
N ILE V 127 -8.93 46.72 37.84
CA ILE V 127 -8.81 45.51 37.07
C ILE V 127 -7.91 44.51 37.79
N GLU V 128 -8.22 43.25 37.56
CA GLU V 128 -7.53 42.17 38.19
C GLU V 128 -6.40 41.65 37.32
N PRO V 129 -5.53 40.76 37.86
CA PRO V 129 -4.41 40.29 37.04
C PRO V 129 -4.90 39.67 35.71
N ASN V 130 -5.71 38.60 35.73
CA ASN V 130 -6.53 38.27 34.57
C ASN V 130 -7.99 38.58 34.94
N ASP V 131 -8.52 39.66 34.38
CA ASP V 131 -9.85 40.14 34.68
C ASP V 131 -10.78 39.55 33.63
N PRO V 132 -11.89 38.95 34.06
CA PRO V 132 -12.89 38.37 33.14
C PRO V 132 -13.47 39.48 32.27
N ARG V 133 -13.47 40.68 32.83
CA ARG V 133 -14.00 41.87 32.18
C ARG V 133 -13.20 42.25 30.95
N VAL V 134 -11.89 42.03 31.01
CA VAL V 134 -11.01 42.32 29.89
C VAL V 134 -11.30 41.42 28.69
N ARG V 135 -11.50 40.12 28.94
CA ARG V 135 -11.66 39.18 27.84
C ARG V 135 -13.00 39.11 27.09
N PHE V 136 -14.12 39.26 27.77
CA PHE V 136 -15.40 39.14 27.07
C PHE V 136 -15.56 40.19 25.96
N MET V 137 -15.28 41.42 26.30
CA MET V 137 -15.42 42.51 25.34
C MET V 137 -14.30 42.46 24.32
N THR V 138 -13.17 41.86 24.68
CA THR V 138 -12.12 41.68 23.68
C THR V 138 -12.56 40.73 22.56
N GLU V 139 -13.13 39.57 22.91
CA GLU V 139 -13.58 38.61 21.90
C GLU V 139 -15.00 38.91 21.41
N ARG V 140 -15.77 39.65 22.20
CA ARG V 140 -17.05 40.13 21.70
C ARG V 140 -16.72 41.41 20.95
N LYS V 141 -15.43 41.70 20.90
CA LYS V 141 -14.83 42.62 19.96
C LYS V 141 -15.28 44.07 20.06
N MET V 142 -15.69 44.48 21.25
CA MET V 142 -16.10 45.85 21.50
C MET V 142 -14.93 46.74 21.88
N PRO V 143 -14.76 47.87 21.18
CA PRO V 143 -13.71 48.85 21.49
C PRO V 143 -13.84 49.31 22.93
N PHE V 144 -12.68 49.39 23.59
CA PHE V 144 -12.60 49.52 25.03
C PHE V 144 -11.27 50.08 25.54
N VAL V 145 -11.25 50.52 26.79
CA VAL V 145 -10.02 51.00 27.41
C VAL V 145 -10.05 50.74 28.91
N THR V 146 -8.95 50.37 29.58
CA THR V 146 -9.03 50.35 31.04
C THR V 146 -7.89 51.13 31.72
N HIS V 147 -7.99 51.26 33.03
CA HIS V 147 -6.95 51.88 33.81
C HIS V 147 -6.00 50.80 34.26
N GLY V 148 -4.96 50.58 33.48
CA GLY V 148 -3.94 49.60 33.79
C GLY V 148 -4.09 48.29 33.05
N ARG V 149 -3.14 48.00 32.16
CA ARG V 149 -3.16 46.76 31.38
C ARG V 149 -2.81 45.56 32.28
N SER V 150 -3.37 44.38 31.97
CA SER V 150 -3.14 43.16 32.75
C SER V 150 -2.31 42.16 31.96
N ASP V 151 -2.03 40.98 32.52
CA ASP V 151 -1.20 40.05 31.75
C ASP V 151 -1.91 38.73 31.44
N MET V 152 -2.84 38.80 30.51
CA MET V 152 -3.52 37.61 30.04
C MET V 152 -3.03 37.36 28.62
N GLY V 153 -1.97 38.08 28.32
CA GLY V 153 -1.27 37.96 27.06
C GLY V 153 -2.08 38.59 25.97
N ILE V 154 -3.15 39.29 26.33
CA ILE V 154 -3.88 39.95 25.29
C ILE V 154 -3.49 41.37 25.54
N GLU V 155 -3.13 41.96 24.43
CA GLU V 155 -2.74 43.32 24.36
C GLU V 155 -3.99 44.24 24.04
N HIS V 156 -4.12 45.29 24.87
CA HIS V 156 -5.35 45.97 25.29
C HIS V 156 -5.04 47.47 25.52
N ALA V 157 -5.89 48.38 25.06
CA ALA V 157 -5.65 49.79 25.32
C ALA V 157 -5.55 49.91 26.82
N TYR V 158 -4.32 49.97 27.31
CA TYR V 158 -4.12 50.03 28.74
C TYR V 158 -3.51 51.35 29.15
N HIS V 159 -4.11 51.98 30.16
CA HIS V 159 -3.55 53.21 30.69
C HIS V 159 -3.25 53.17 32.18
N ASP V 160 -2.01 53.43 32.56
CA ASP V 160 -1.64 53.49 33.96
C ASP V 160 -0.35 54.28 34.15
N ASP V 162 4.47 55.26 36.47
CA ASP V 162 5.05 53.92 36.43
C ASP V 162 5.21 53.44 37.88
N ASN V 163 4.23 52.69 38.39
CA ASN V 163 4.28 52.19 39.77
C ASN V 163 5.56 51.29 39.87
N GLU V 164 6.07 50.92 38.69
CA GLU V 164 7.34 50.23 38.49
C GLU V 164 8.52 51.11 38.91
N ALA V 165 8.65 52.24 38.20
CA ALA V 165 9.62 53.30 38.45
C ALA V 165 9.45 53.98 39.80
N TYR V 166 8.20 54.19 40.16
CA TYR V 166 7.84 54.86 41.40
C TYR V 166 8.45 54.16 42.61
N ALA V 167 8.33 52.84 42.65
CA ALA V 167 8.88 52.05 43.75
C ALA V 167 10.42 52.13 43.77
N TYR V 168 11.02 52.05 42.59
CA TYR V 168 12.48 52.19 42.45
C TYR V 168 12.94 53.58 42.85
N GLU V 169 12.11 54.57 42.54
CA GLU V 169 12.39 55.93 42.92
C GLU V 169 12.02 56.15 44.37
N ALA V 170 11.18 55.28 44.90
CA ALA V 170 10.72 55.48 46.27
C ALA V 170 11.81 55.38 47.33
N VAL V 171 12.60 54.30 47.33
CA VAL V 171 13.67 54.13 48.29
C VAL V 171 15.04 54.84 48.04
N GLU V 172 15.49 55.09 46.80
CA GLU V 172 16.73 55.89 46.67
C GLU V 172 16.40 57.32 47.11
N ARG V 173 15.11 57.66 47.11
CA ARG V 173 14.69 58.90 47.73
C ARG V 173 14.77 58.64 49.24
N LEU V 174 14.47 57.40 49.62
CA LEU V 174 14.70 56.99 50.99
C LEU V 174 16.22 56.80 51.26
N ALA V 175 17.02 56.58 50.22
CA ALA V 175 18.48 56.53 50.34
C ALA V 175 18.98 57.91 50.71
N GLN V 176 18.47 58.91 50.01
CA GLN V 176 18.74 60.31 50.30
C GLN V 176 18.22 60.66 51.68
N CYS V 177 17.11 60.03 52.05
CA CYS V 177 16.55 60.16 53.39
C CYS V 177 17.29 59.42 54.54
N GLY V 178 17.90 58.27 54.28
CA GLY V 178 18.67 57.58 55.30
C GLY V 178 17.97 56.42 56.00
N ARG V 179 16.71 56.20 55.64
CA ARG V 179 15.86 55.21 56.30
C ARG V 179 16.30 53.76 56.14
N LYS V 180 16.23 53.00 57.23
CA LYS V 180 16.65 51.60 57.26
C LYS V 180 15.83 50.79 56.29
N VAL V 186 0.79 47.90 51.30
CA VAL V 186 0.96 47.16 50.05
C VAL V 186 -0.41 47.15 49.36
N PRO V 187 -0.43 47.07 48.03
CA PRO V 187 -1.74 46.91 47.40
C PRO V 187 -2.39 45.53 47.63
N PRO V 188 -3.71 45.40 47.46
CA PRO V 188 -4.41 44.10 47.57
C PRO V 188 -4.00 43.24 46.39
N SER V 189 -3.85 41.94 46.54
CA SER V 189 -3.37 41.05 45.46
C SER V 189 -4.39 40.61 44.35
N ARG V 190 -5.68 40.96 44.45
CA ARG V 190 -6.57 40.63 43.32
C ARG V 190 -6.56 41.79 42.33
N PHE V 191 -5.80 42.81 42.69
CA PHE V 191 -5.57 43.92 41.80
C PHE V 191 -4.36 43.49 40.97
N ALA V 192 -4.30 43.92 39.71
CA ALA V 192 -3.25 43.42 38.80
C ALA V 192 -1.86 43.98 39.04
N PHE V 193 -1.80 45.30 39.18
CA PHE V 193 -0.57 46.05 39.38
C PHE V 193 0.11 45.80 40.73
N HIS V 194 -0.55 45.02 41.59
CA HIS V 194 0.02 44.63 42.88
C HIS V 194 1.46 44.10 42.76
N ASP V 195 1.72 43.19 41.82
CA ASP V 195 3.07 42.66 41.66
C ASP V 195 4.01 43.72 41.10
N HIS V 196 3.46 44.63 40.30
CA HIS V 196 4.22 45.78 39.81
C HIS V 196 4.75 46.63 40.95
N ALA V 197 3.93 46.79 41.99
CA ALA V 197 4.29 47.66 43.10
C ALA V 197 5.54 47.18 43.85
N ARG V 198 5.57 45.90 44.23
CA ARG V 198 6.68 45.32 44.98
C ARG V 198 7.85 44.89 44.08
N LYS V 199 7.55 44.57 42.82
CA LYS V 199 8.59 44.24 41.86
C LYS V 199 9.51 45.45 41.83
N GLY V 200 8.90 46.62 41.86
CA GLY V 200 9.66 47.85 41.92
C GLY V 200 10.45 48.07 43.21
N PHE V 201 9.90 47.72 44.39
CA PHE V 201 10.62 47.92 45.66
C PHE V 201 11.37 46.64 46.11
N THR V 202 11.17 45.48 45.47
CA THR V 202 12.17 44.43 45.67
C THR V 202 13.37 44.92 44.90
N ARG V 203 13.08 45.45 43.71
CA ARG V 203 14.08 46.04 42.84
C ARG V 203 14.55 47.33 43.48
N GLY V 204 13.59 48.00 44.10
CA GLY V 204 13.85 49.28 44.73
C GLY V 204 14.88 49.06 45.79
N ILE V 205 14.79 47.99 46.54
CA ILE V 205 15.79 47.94 47.57
C ILE V 205 16.82 46.82 47.35
N ARG V 206 16.62 46.01 46.31
CA ARG V 206 17.64 45.06 45.97
C ARG V 206 18.88 45.85 45.58
N ASP V 207 18.71 46.88 44.74
CA ASP V 207 19.86 47.68 44.32
C ASP V 207 20.47 48.58 45.43
N PHE V 208 19.69 49.06 46.43
CA PHE V 208 20.32 49.85 47.52
C PHE V 208 20.54 49.03 48.81
N GLY V 209 20.04 47.79 48.83
CA GLY V 209 20.36 46.84 49.88
C GLY V 209 19.88 47.02 51.32
N VAL V 210 18.80 47.74 51.57
CA VAL V 210 18.41 48.00 52.96
C VAL V 210 17.27 47.06 53.28
N SER V 211 16.92 46.96 54.55
CA SER V 211 15.86 46.04 54.95
C SER V 211 14.42 46.59 54.82
N GLU V 212 13.50 45.69 54.53
CA GLU V 212 12.08 46.02 54.44
C GLU V 212 11.37 45.34 55.60
N PHE V 213 10.80 46.13 56.50
CA PHE V 213 10.04 45.57 57.61
C PHE V 213 8.79 44.85 57.10
N THR V 219 -2.60 46.02 54.26
CA THR V 219 -2.75 46.54 52.91
C THR V 219 -3.66 47.76 52.86
N ILE V 220 -3.78 48.34 51.68
CA ILE V 220 -4.64 49.49 51.51
C ILE V 220 -6.08 49.04 51.60
N GLU V 221 -6.34 47.79 51.27
CA GLU V 221 -7.69 47.28 51.30
C GLU V 221 -8.22 47.19 52.72
N THR V 222 -7.34 47.22 53.69
CA THR V 222 -7.75 47.12 55.07
C THR V 222 -8.46 48.34 55.58
N PRO V 223 -9.43 48.13 56.47
CA PRO V 223 -10.25 49.17 57.09
C PRO V 223 -9.34 49.99 57.93
N LEU V 224 -9.35 51.30 57.75
CA LEU V 224 -8.41 52.17 58.43
C LEU V 224 -8.39 52.21 59.94
N ASP V 225 -9.53 52.11 60.61
CA ASP V 225 -9.54 52.19 62.08
C ASP V 225 -8.68 51.09 62.69
N LYS V 226 -8.77 49.88 62.16
CA LYS V 226 -7.96 48.79 62.64
C LYS V 226 -6.51 49.12 62.34
N ILE V 227 -6.23 49.65 61.15
CA ILE V 227 -4.85 49.97 60.87
C ILE V 227 -4.40 51.05 61.81
N ARG V 228 -5.25 52.06 62.01
CA ARG V 228 -4.99 53.21 62.90
C ARG V 228 -4.38 52.70 64.22
N ASP V 229 -4.97 51.66 64.82
CA ASP V 229 -4.39 51.03 66.01
C ASP V 229 -3.11 50.22 65.76
N PHE V 230 -3.05 49.59 64.58
CA PHE V 230 -1.93 48.74 64.21
C PHE V 230 -0.57 49.41 64.33
N GLY V 231 -0.48 50.61 63.78
CA GLY V 231 0.70 51.42 63.84
C GLY V 231 1.21 51.85 65.21
N LYS V 232 0.30 52.25 66.11
CA LYS V 232 0.70 52.72 67.44
C LYS V 232 1.52 51.70 68.25
N ARG V 233 1.14 50.43 68.09
CA ARG V 233 1.79 49.28 68.74
C ARG V 233 3.11 48.88 68.06
N LEU V 234 3.23 49.14 66.75
CA LEU V 234 4.52 48.90 66.08
C LEU V 234 5.45 50.01 66.60
N MET V 235 4.84 51.16 66.87
CA MET V 235 5.51 52.31 67.47
C MET V 235 5.65 52.17 68.99
N GLN V 236 4.70 51.50 69.64
CA GLN V 236 4.79 51.23 71.08
C GLN V 236 5.77 50.12 71.44
N SER V 237 6.32 49.47 70.43
CA SER V 237 7.29 48.40 70.64
C SER V 237 8.71 48.92 70.41
N ASP V 238 9.72 48.13 70.78
CA ASP V 238 11.09 48.62 70.73
C ASP V 238 11.68 48.83 69.32
N ASP V 239 11.45 47.90 68.39
CA ASP V 239 11.90 48.15 67.00
C ASP V 239 10.83 48.38 65.93
N ARG V 240 10.92 49.54 65.29
CA ARG V 240 10.06 49.92 64.19
C ARG V 240 11.02 50.19 63.03
N PRO V 241 10.57 50.05 61.78
CA PRO V 241 11.50 50.34 60.68
C PRO V 241 11.82 51.82 60.60
N ASP V 242 13.04 52.14 60.21
CA ASP V 242 13.48 53.54 60.11
C ASP V 242 13.09 54.16 58.78
N GLY V 249 0.27 57.88 48.87
CA GLY V 249 -0.32 56.86 49.71
C GLY V 249 -1.77 57.19 50.01
N SER V 250 -2.64 56.24 49.71
CA SER V 250 -4.07 56.41 49.91
C SER V 250 -4.50 56.31 51.37
N SER V 251 -3.79 55.47 52.11
CA SER V 251 -4.22 55.06 53.45
C SER V 251 -3.21 55.54 54.52
N THR V 252 -2.31 56.41 54.12
CA THR V 252 -1.29 56.97 55.02
C THR V 252 -1.79 57.86 56.15
N ILE V 253 -2.72 58.77 55.85
CA ILE V 253 -3.16 59.77 56.83
C ILE V 253 -3.83 59.26 58.09
N ALA V 254 -4.70 58.25 58.00
CA ALA V 254 -5.44 57.80 59.19
C ALA V 254 -4.53 57.03 60.18
N LEU V 255 -3.35 56.66 59.72
CA LEU V 255 -2.43 55.91 60.54
C LEU V 255 -1.36 56.80 61.12
N VAL V 256 -1.06 57.89 60.43
CA VAL V 256 -0.01 58.79 60.88
C VAL V 256 -0.35 59.36 62.24
N ALA V 257 -1.61 59.73 62.44
CA ALA V 257 -2.04 60.23 63.73
C ALA V 257 -1.88 59.13 64.77
N GLY V 258 -2.25 57.90 64.39
CA GLY V 258 -2.12 56.74 65.25
C GLY V 258 -0.72 56.66 65.78
N PHE V 259 0.26 56.80 64.88
CA PHE V 259 1.66 56.78 65.32
C PHE V 259 1.86 57.87 66.36
N GLU V 260 1.18 59.00 66.13
CA GLU V 260 1.32 60.18 66.96
C GLU V 260 0.73 59.97 68.35
N ALA V 261 -0.20 59.03 68.45
CA ALA V 261 -0.74 58.59 69.74
C ALA V 261 0.30 57.91 70.63
N ALA V 262 1.16 57.09 70.00
CA ALA V 262 2.26 56.42 70.67
C ALA V 262 3.32 57.41 71.14
N GLY V 263 3.20 58.64 70.64
CA GLY V 263 4.04 59.73 71.08
C GLY V 263 5.26 59.79 70.20
N VAL V 264 5.09 59.34 68.97
CA VAL V 264 6.21 59.38 68.07
C VAL V 264 6.10 60.59 67.14
N ARG V 265 7.25 61.23 66.96
CA ARG V 265 7.43 62.30 66.00
C ARG V 265 7.87 61.71 64.66
N ILE V 266 7.20 62.09 63.58
CA ILE V 266 7.49 61.62 62.23
C ILE V 266 8.96 61.71 61.83
N GLY V 267 9.50 62.92 61.88
CA GLY V 267 10.87 63.15 61.46
C GLY V 267 11.01 63.26 59.96
N GLU V 279 1.02 68.91 42.97
CA GLU V 279 0.95 68.03 44.13
C GLU V 279 -0.21 68.42 45.02
N PHE V 280 -0.69 67.47 45.81
CA PHE V 280 -1.78 67.76 46.73
C PHE V 280 -1.70 66.91 47.97
N LEU V 281 -2.22 67.48 49.06
CA LEU V 281 -2.38 66.91 50.41
C LEU V 281 -1.28 66.82 51.49
N ASN V 282 0.00 67.06 51.23
CA ASN V 282 0.93 66.96 52.35
C ASN V 282 0.61 68.00 53.40
N TRP V 283 -0.54 68.66 53.24
CA TRP V 283 -0.94 69.69 54.17
C TRP V 283 -0.96 69.21 55.61
N ILE V 284 -1.26 67.93 55.81
CA ILE V 284 -1.31 67.41 57.16
C ILE V 284 0.14 67.22 57.61
N GLN V 285 1.03 66.91 56.67
CA GLN V 285 2.45 66.84 56.98
C GLN V 285 3.31 67.27 55.79
N PRO V 286 3.84 68.50 55.83
CA PRO V 286 4.62 69.05 54.73
C PRO V 286 5.91 68.27 54.48
N GLN V 287 6.40 67.56 55.47
CA GLN V 287 7.63 66.82 55.29
C GLN V 287 7.39 65.65 54.32
N ILE V 288 6.18 65.10 54.38
CA ILE V 288 5.78 63.96 53.55
C ILE V 288 5.72 64.25 52.06
N HIS V 289 6.27 63.31 51.29
CA HIS V 289 6.27 63.36 49.83
C HIS V 289 6.77 62.02 49.31
N VAL V 291 5.97 61.98 45.00
CA VAL V 291 4.86 61.14 44.56
C VAL V 291 3.51 61.83 44.46
N ASN V 292 2.79 61.57 43.35
CA ASN V 292 1.45 62.09 42.95
C ASN V 292 1.04 61.78 41.51
N GLU V 293 -0.11 61.11 41.44
CA GLU V 293 -0.79 60.72 40.21
C GLU V 293 -1.86 61.68 39.72
N ASP V 294 -1.59 62.38 38.63
CA ASP V 294 -2.56 63.32 38.09
C ASP V 294 -3.62 62.48 37.37
N ILE V 295 -4.79 62.29 37.97
CA ILE V 295 -5.75 61.30 37.44
C ILE V 295 -6.66 61.79 36.28
N LYS V 296 -6.95 63.11 36.19
CA LYS V 296 -7.64 63.66 35.00
C LYS V 296 -6.66 63.71 33.85
N LEU V 297 -5.38 63.80 34.17
CA LEU V 297 -4.40 63.74 33.11
C LEU V 297 -4.50 62.33 32.60
N ALA V 298 -4.65 61.40 33.54
CA ALA V 298 -4.92 60.00 33.23
C ALA V 298 -6.31 59.82 32.60
N GLY V 299 -7.34 60.42 33.20
CA GLY V 299 -8.69 60.33 32.66
C GLY V 299 -8.78 60.88 31.26
N ARG V 300 -8.16 62.05 31.06
CA ARG V 300 -8.16 62.70 29.76
C ARG V 300 -7.31 61.92 28.77
N GLU V 301 -6.31 61.20 29.28
CA GLU V 301 -5.40 60.52 28.36
C GLU V 301 -5.88 59.14 27.91
N LEU V 302 -6.62 58.44 28.76
CA LEU V 302 -7.33 57.24 28.33
C LEU V 302 -8.45 57.63 27.38
N ALA V 303 -9.08 58.77 27.65
CA ALA V 303 -10.17 59.28 26.84
C ALA V 303 -9.71 59.44 25.39
N LYS V 304 -8.55 60.07 25.21
CA LYS V 304 -8.00 60.29 23.88
C LYS V 304 -7.77 58.95 23.19
N ALA V 305 -7.49 57.91 23.97
CA ALA V 305 -7.30 56.55 23.46
C ALA V 305 -8.55 55.86 22.87
N LEU V 306 -9.65 55.84 23.61
CA LEU V 306 -10.83 55.06 23.24
C LEU V 306 -11.46 55.58 21.95
N LEU V 307 -11.38 56.89 21.76
CA LEU V 307 -11.87 57.55 20.57
C LEU V 307 -11.18 57.00 19.35
N ALA V 308 -9.85 56.99 19.46
CA ALA V 308 -8.96 56.45 18.47
C ALA V 308 -9.27 54.97 18.20
N ARG V 309 -9.60 54.24 19.25
CA ARG V 309 -9.93 52.82 19.10
C ARG V 309 -11.27 52.67 18.39
N ILE V 310 -12.16 53.64 18.62
CA ILE V 310 -13.44 53.73 17.91
C ILE V 310 -13.20 54.10 16.46
N ASN V 311 -12.18 54.93 16.27
CA ASN V 311 -11.74 55.32 14.94
C ASN V 311 -11.18 54.09 14.21
N GLY V 312 -10.80 53.08 14.98
CA GLY V 312 -10.37 51.83 14.41
C GLY V 312 -8.94 51.46 14.76
N ALA V 313 -8.43 51.98 15.88
CA ALA V 313 -7.07 51.68 16.24
C ALA V 313 -6.92 50.23 16.70
N PRO V 314 -5.79 49.61 16.34
CA PRO V 314 -5.43 48.23 16.69
C PRO V 314 -5.21 48.19 18.20
N PRO V 315 -5.19 47.01 18.83
CA PRO V 315 -5.16 47.02 20.30
C PRO V 315 -4.05 47.86 21.04
N GLU V 316 -2.75 47.88 20.62
CA GLU V 316 -1.61 48.56 21.38
C GLU V 316 -1.18 49.98 21.07
N THR V 317 -1.64 50.52 19.96
CA THR V 317 -1.35 51.90 19.61
C THR V 317 -1.50 52.95 20.75
N LEU V 318 -2.21 52.53 21.80
CA LEU V 318 -2.41 53.36 22.98
C LEU V 318 -1.17 53.32 23.83
N GLN V 319 -1.10 52.29 24.67
CA GLN V 319 0.03 52.06 25.57
C GLN V 319 0.33 53.24 26.50
N SER V 320 -0.70 53.86 27.03
CA SER V 320 -0.48 54.97 27.92
C SER V 320 0.01 54.54 29.30
N VAL V 321 0.98 55.29 29.83
CA VAL V 321 1.58 55.08 31.13
C VAL V 321 2.45 56.30 31.44
#